data_9C36
#
_entry.id   9C36
#
_cell.length_a   100.870
_cell.length_b   101.820
_cell.length_c   126.030
_cell.angle_alpha   90.00
_cell.angle_beta   106.53
_cell.angle_gamma   90.00
#
_symmetry.space_group_name_H-M   'P 1 21 1'
#
loop_
_entity.id
_entity.type
_entity.pdbx_description
1 polymer 'Bifunctional protein PutA'
2 non-polymer NICOTINAMIDE-ADENINE-DINUCLEOTIDE
3 non-polymer 'DIHYDROFLAVINE-ADENINE DINUCLEOTIDE'
4 non-polymer 'TRIETHYLENE GLYCOL'
5 non-polymer DI(HYDROXYETHYL)ETHER
6 non-polymer 5-oxo-L-norvaline
7 non-polymer 'FORMIC ACID'
8 non-polymer 'MAGNESIUM ION'
9 non-polymer 'SULFATE ION'
10 water water
#
_entity_poly.entity_id   1
_entity_poly.type   'polypeptide(L)'
_entity_poly.pdbx_seq_one_letter_code
;SMMSPNPLQKPAIDAAPAPFADFAPPVRPQSTLRRAITAAYRRPETECLPPLVEAATQSKEIRDAAASTARKLIEALRGK
HSGSGVEGLVQEYSLSSQEGVALMCLAEALLRIPDTATRDALIRDKIADGNWKSHLGGSRSLFVNAATWGLVVTGKLTST
VNDRSLAAALTRLISRCGEPVIRRGVDMAMRMMGEQFVTGETIREALKRSKELEEKGFSYSYDMLGEAATTAADAERYYR
DYESAIHAIGKASAGRGIYEGPGISIKLSALHPRYSRAQAARVMGELLPRVKALALLAKNYDIGLNIDAEEADRLELSLD
LLEVLCLDGDLSGWNGMGFVVQAYGKRCPFVLDFIIDLARRSGRRIMVRLVKGAYWDAEIKRAQLDGLADFPVFTRKIHT
DVSYIACAAKLLAATDVVFPQFATHNAQTLAAIYHMAGKDFHVGKYEFQCLHGMGEPLYEEVVGRGKLDRPCRIYAPVGT
HETLLAYLVRRLLENGANSSFVHRINDPKVSIDELIADPVEVVRAMPVVGAKHDRIALPAELFGDARTNSAGLDLSNEET
LASLTEALRESAAMKWTALPQLATGPAAGETRTVLNPGDHRDVVGSVTETSEEDARRAVRLAADAAPDWAAVPPSERAAC
LDRAAELMQARMPTLLGLIIREAGKSALNAIAEVREAIDFLRYYAEQTRRTLGPGHGPLGPIVCISPWNFPLAIFTGQIA
AALVAGNPVLAKPAEETPLIAAEGVRILREAGIPASALQLLPGDGRVGAALVAAAETAGVMFTGSTEVARLIQAQLADRL
SPAGRPIPLIAETGGQNAMIVDSSALAEQVVGDVITSAFDSAGQRSSALRVLCLQEDVADRILTMLKGALHELHIGRTDR
LSVDVGPVITSEAKDNIEKHIERMRGLGRKVEQIGLASETGVGTFVPPTIIELEKLSDLQREVFGPVLHVIRYRRDDLDR
LVDDVNATGYGLTFGLHTRLDETIAHVTSRIKAGNLYINRNIIGAVVGVQPFGGRGLSGTGPKAGGPLYLGRLVTTAPVP
PQHSSVHTDPVLLDFAKWLDGKGARAEAEAARNAGSSSALGLDLELPGPVGERNLYTLHARGRILLVPATESGLYHQLAA
ALATGNSVAIDAASGLQASLKNLPQTVGLRVSWSKDWAADGPFAGALVEGDAERIRAVNKAIAALPGPLLLVQAASSGEI
ARNPDAYCLNWLVEEVSASINTAAAGGNASLMAIG
;
_entity_poly.pdbx_strand_id   A,B
#
loop_
_chem_comp.id
_chem_comp.type
_chem_comp.name
_chem_comp.formula
A1AUG non-polymer 5-oxo-L-norvaline 'C5 H9 N O3'
FDA non-polymer 'DIHYDROFLAVINE-ADENINE DINUCLEOTIDE' 'C27 H35 N9 O15 P2'
FMT non-polymer 'FORMIC ACID' 'C H2 O2'
MG non-polymer 'MAGNESIUM ION' 'Mg 2'
NAD non-polymer NICOTINAMIDE-ADENINE-DINUCLEOTIDE 'C21 H27 N7 O14 P2'
PEG non-polymer DI(HYDROXYETHYL)ETHER 'C4 H10 O3'
PGE non-polymer 'TRIETHYLENE GLYCOL' 'C6 H14 O4'
SO4 non-polymer 'SULFATE ION' 'O4 S -2'
#
# COMPACT_ATOMS: atom_id res chain seq x y z
N ALA A 16 -58.12 -3.82 -18.23
CA ALA A 16 -56.83 -3.14 -18.27
C ALA A 16 -56.42 -2.62 -16.87
N PRO A 17 -55.43 -3.24 -16.24
CA PRO A 17 -55.19 -2.98 -14.80
C PRO A 17 -54.70 -1.56 -14.56
N ALA A 18 -55.24 -0.93 -13.51
CA ALA A 18 -54.85 0.43 -13.21
C ALA A 18 -53.37 0.47 -12.79
N PRO A 19 -52.66 1.54 -13.15
CA PRO A 19 -51.23 1.61 -12.84
C PRO A 19 -51.00 1.59 -11.33
N PHE A 20 -50.13 0.68 -10.91
CA PHE A 20 -49.64 0.55 -9.55
C PHE A 20 -50.71 0.10 -8.58
N ALA A 21 -51.86 -0.35 -9.07
CA ALA A 21 -52.92 -0.80 -8.19
C ALA A 21 -52.52 -2.04 -7.39
N ASP A 22 -51.53 -2.79 -7.86
CA ASP A 22 -51.07 -3.99 -7.21
C ASP A 22 -49.58 -3.93 -6.97
N PHE A 23 -49.05 -2.75 -6.64
CA PHE A 23 -47.61 -2.57 -6.68
C PHE A 23 -46.91 -3.49 -5.67
N ALA A 24 -47.29 -3.39 -4.39
CA ALA A 24 -46.53 -4.10 -3.37
C ALA A 24 -47.40 -4.34 -2.15
N PRO A 25 -48.58 -4.89 -2.32
CA PRO A 25 -49.45 -5.06 -1.17
C PRO A 25 -48.80 -5.99 -0.15
N PRO A 26 -48.92 -5.68 1.13
CA PRO A 26 -48.30 -6.54 2.15
C PRO A 26 -49.01 -7.88 2.27
N VAL A 27 -48.27 -8.85 2.81
CA VAL A 27 -48.84 -10.17 3.03
C VAL A 27 -50.08 -10.06 3.89
N ARG A 28 -50.06 -9.17 4.87
CA ARG A 28 -51.19 -9.02 5.76
C ARG A 28 -51.21 -7.59 6.26
N PRO A 29 -52.35 -7.11 6.72
CA PRO A 29 -52.37 -5.78 7.34
C PRO A 29 -51.41 -5.77 8.50
N GLN A 30 -50.71 -4.65 8.67
CA GLN A 30 -49.61 -4.56 9.63
C GLN A 30 -50.19 -4.15 10.98
N SER A 31 -50.09 -5.04 11.94
CA SER A 31 -50.55 -4.77 13.30
C SER A 31 -49.69 -3.71 13.96
N THR A 32 -50.12 -3.26 15.14
CA THR A 32 -49.33 -2.28 15.88
C THR A 32 -47.95 -2.84 16.19
N LEU A 33 -47.88 -4.10 16.59
CA LEU A 33 -46.59 -4.71 16.88
C LEU A 33 -45.73 -4.79 15.63
N ARG A 34 -46.32 -5.16 14.49
CA ARG A 34 -45.53 -5.20 13.26
C ARG A 34 -45.06 -3.80 12.87
N ARG A 35 -45.91 -2.78 13.02
CA ARG A 35 -45.46 -1.46 12.57
C ARG A 35 -44.36 -0.92 13.49
N ALA A 36 -44.37 -1.32 14.76
CA ALA A 36 -43.29 -0.91 15.65
C ALA A 36 -41.97 -1.52 15.22
N ILE A 37 -42.01 -2.75 14.69
CA ILE A 37 -40.80 -3.32 14.12
C ILE A 37 -40.32 -2.49 12.95
N THR A 38 -41.20 -2.25 11.98
CA THR A 38 -40.79 -1.52 10.79
C THR A 38 -40.26 -0.15 11.15
N ALA A 39 -40.89 0.50 12.14
CA ALA A 39 -40.45 1.83 12.50
C ALA A 39 -39.00 1.86 12.99
N ALA A 40 -38.50 0.75 13.51
CA ALA A 40 -37.17 0.75 14.10
C ALA A 40 -36.09 0.32 13.11
N TYR A 41 -36.48 -0.01 11.87
CA TYR A 41 -35.57 -0.62 10.90
C TYR A 41 -34.25 0.11 10.82
N ARG A 42 -34.29 1.43 10.64
CA ARG A 42 -33.07 2.21 10.47
C ARG A 42 -32.99 3.34 11.49
N ARG A 43 -33.50 3.09 12.67
CA ARG A 43 -33.53 4.12 13.70
C ARG A 43 -32.12 4.54 14.06
N PRO A 44 -31.87 5.83 14.26
CA PRO A 44 -30.52 6.27 14.62
C PRO A 44 -30.02 5.52 15.84
N GLU A 45 -28.72 5.21 15.83
CA GLU A 45 -28.15 4.42 16.90
C GLU A 45 -28.28 5.12 18.26
N THR A 46 -28.15 6.45 18.28
CA THR A 46 -28.32 7.17 19.53
C THR A 46 -29.73 7.07 20.07
N GLU A 47 -30.70 6.79 19.23
CA GLU A 47 -32.07 6.59 19.68
C GLU A 47 -32.30 5.16 20.19
N CYS A 48 -31.57 4.19 19.65
CA CYS A 48 -31.82 2.81 20.03
C CYS A 48 -31.22 2.47 21.38
N LEU A 49 -30.05 3.03 21.71
CA LEU A 49 -29.33 2.50 22.85
C LEU A 49 -29.93 2.84 24.22
N PRO A 50 -30.42 4.04 24.46
CA PRO A 50 -30.85 4.38 25.84
C PRO A 50 -31.86 3.39 26.40
N PRO A 51 -32.89 3.00 25.65
CA PRO A 51 -33.81 2.01 26.20
C PRO A 51 -33.18 0.64 26.42
N LEU A 52 -32.23 0.25 25.57
CA LEU A 52 -31.54 -1.03 25.78
C LEU A 52 -30.67 -0.97 27.03
N VAL A 53 -29.92 0.12 27.23
CA VAL A 53 -29.18 0.30 28.48
C VAL A 53 -30.13 0.15 29.68
N GLU A 54 -31.30 0.78 29.62
CA GLU A 54 -32.23 0.71 30.74
C GLU A 54 -32.64 -0.74 31.01
N ALA A 55 -33.06 -1.47 29.96
CA ALA A 55 -33.55 -2.82 30.13
C ALA A 55 -32.45 -3.79 30.58
N ALA A 56 -31.19 -3.52 30.21
CA ALA A 56 -30.08 -4.39 30.52
C ALA A 56 -29.46 -4.11 31.89
N THR A 57 -29.91 -3.09 32.59
CA THR A 57 -29.32 -2.75 33.87
C THR A 57 -29.67 -3.80 34.91
N GLN A 58 -28.68 -4.14 35.74
CA GLN A 58 -28.86 -5.08 36.83
C GLN A 58 -28.26 -4.44 38.08
N SER A 59 -28.56 -5.03 39.23
CA SER A 59 -28.11 -4.48 40.49
C SER A 59 -26.60 -4.61 40.61
N LYS A 60 -26.04 -3.75 41.47
CA LYS A 60 -24.61 -3.83 41.76
C LYS A 60 -24.23 -5.22 42.26
N GLU A 61 -25.06 -5.83 43.10
CA GLU A 61 -24.78 -7.19 43.55
C GLU A 61 -24.73 -8.16 42.37
N ILE A 62 -25.67 -8.05 41.43
CA ILE A 62 -25.67 -8.95 40.29
C ILE A 62 -24.46 -8.68 39.39
N ARG A 63 -24.14 -7.40 39.16
CA ARG A 63 -22.98 -7.10 38.33
C ARG A 63 -21.70 -7.68 38.92
N ASP A 64 -21.51 -7.53 40.23
CA ASP A 64 -20.33 -8.12 40.86
C ASP A 64 -20.32 -9.63 40.76
N ALA A 65 -21.48 -10.28 40.99
CA ALA A 65 -21.52 -11.74 40.93
C ALA A 65 -21.29 -12.22 39.50
N ALA A 66 -21.84 -11.50 38.52
CA ALA A 66 -21.63 -11.90 37.13
C ALA A 66 -20.16 -11.74 36.75
N ALA A 67 -19.52 -10.65 37.18
CA ALA A 67 -18.11 -10.47 36.89
C ALA A 67 -17.30 -11.61 37.47
N SER A 68 -17.67 -12.06 38.66
CA SER A 68 -16.94 -13.15 39.29
C SER A 68 -17.11 -14.45 38.53
N THR A 69 -18.35 -14.78 38.17
CA THR A 69 -18.60 -15.95 37.34
C THR A 69 -17.85 -15.85 36.02
N ALA A 70 -17.93 -14.70 35.35
CA ALA A 70 -17.25 -14.53 34.06
C ALA A 70 -15.75 -14.72 34.23
N ARG A 71 -15.19 -14.21 35.33
CA ARG A 71 -13.76 -14.38 35.56
C ARG A 71 -13.42 -15.85 35.73
N LYS A 72 -14.20 -16.56 36.54
CA LYS A 72 -14.00 -17.98 36.75
C LYS A 72 -14.06 -18.74 35.44
N LEU A 73 -15.02 -18.41 34.57
CA LEU A 73 -15.12 -19.09 33.28
C LEU A 73 -13.92 -18.77 32.39
N ILE A 74 -13.50 -17.51 32.35
CA ILE A 74 -12.38 -17.11 31.49
C ILE A 74 -11.09 -17.71 32.02
N GLU A 75 -10.95 -17.81 33.34
CA GLU A 75 -9.75 -18.44 33.89
C GLU A 75 -9.69 -19.91 33.51
N ALA A 76 -10.81 -20.61 33.60
CA ALA A 76 -10.85 -22.01 33.15
C ALA A 76 -10.50 -22.12 31.67
N LEU A 77 -11.05 -21.24 30.84
CA LEU A 77 -10.80 -21.32 29.40
C LEU A 77 -9.30 -21.15 29.10
N ARG A 78 -8.66 -20.20 29.77
CA ARG A 78 -7.25 -19.88 29.48
C ARG A 78 -6.29 -20.91 30.07
N GLY A 79 -6.78 -21.85 30.87
CA GLY A 79 -5.94 -22.89 31.44
C GLY A 79 -6.20 -24.27 30.89
N LYS A 80 -6.63 -24.37 29.65
CA LYS A 80 -6.82 -25.68 29.01
C LYS A 80 -6.82 -25.52 27.50
N GLY A 85 -2.93 -26.95 17.12
CA GLY A 85 -3.31 -27.88 16.06
C GLY A 85 -2.57 -27.58 14.77
N VAL A 86 -3.16 -26.69 13.96
CA VAL A 86 -2.42 -26.11 12.83
C VAL A 86 -1.17 -25.41 13.36
N GLU A 87 -1.30 -24.69 14.47
CA GLU A 87 -0.14 -24.06 15.10
C GLU A 87 0.95 -25.08 15.38
N GLY A 88 0.56 -26.25 15.90
CA GLY A 88 1.54 -27.27 16.23
C GLY A 88 2.26 -27.78 15.00
N LEU A 89 1.53 -27.95 13.89
CA LEU A 89 2.12 -28.41 12.65
C LEU A 89 3.07 -27.36 12.08
N VAL A 90 2.62 -26.11 12.04
CA VAL A 90 3.49 -25.01 11.61
C VAL A 90 4.79 -24.99 12.40
N GLN A 91 4.70 -25.24 13.71
CA GLN A 91 5.89 -25.23 14.55
C GLN A 91 6.81 -26.40 14.25
N GLU A 92 6.25 -27.62 14.17
CA GLU A 92 7.08 -28.81 14.00
C GLU A 92 7.94 -28.73 12.74
N TYR A 93 7.36 -28.24 11.65
CA TYR A 93 8.04 -28.20 10.37
C TYR A 93 8.52 -26.81 9.99
N SER A 94 8.49 -25.88 10.94
CA SER A 94 8.99 -24.52 10.72
C SER A 94 8.40 -23.91 9.45
N LEU A 95 7.08 -24.04 9.32
CA LEU A 95 6.42 -23.56 8.12
C LEU A 95 6.19 -22.06 8.21
N SER A 96 6.40 -21.37 7.09
CA SER A 96 5.88 -20.03 6.98
C SER A 96 4.34 -20.06 6.89
N SER A 97 3.73 -18.90 6.96
CA SER A 97 2.28 -18.82 6.82
C SER A 97 1.83 -19.35 5.48
N GLN A 98 2.48 -18.90 4.41
CA GLN A 98 2.11 -19.35 3.08
C GLN A 98 2.32 -20.86 2.93
N GLU A 99 3.37 -21.40 3.54
CA GLU A 99 3.56 -22.84 3.51
C GLU A 99 2.44 -23.56 4.24
N GLY A 100 2.03 -23.04 5.40
CA GLY A 100 0.95 -23.68 6.10
C GLY A 100 -0.33 -23.67 5.29
N VAL A 101 -0.64 -22.52 4.67
CA VAL A 101 -1.82 -22.42 3.81
C VAL A 101 -1.71 -23.39 2.64
N ALA A 102 -0.56 -23.38 1.96
CA ALA A 102 -0.40 -24.24 0.79
C ALA A 102 -0.52 -25.71 1.18
N LEU A 103 0.03 -26.07 2.32
CA LEU A 103 -0.06 -27.45 2.79
C LEU A 103 -1.50 -27.85 3.00
N MET A 104 -2.29 -27.00 3.62
CA MET A 104 -3.69 -27.35 3.85
C MET A 104 -4.46 -27.44 2.54
N CYS A 105 -4.13 -26.57 1.57
CA CYS A 105 -4.74 -26.68 0.25
C CYS A 105 -4.39 -28.01 -0.40
N LEU A 106 -3.13 -28.44 -0.26
CA LEU A 106 -2.74 -29.74 -0.79
C LEU A 106 -3.48 -30.85 -0.06
N ALA A 107 -3.53 -30.79 1.27
CA ALA A 107 -4.27 -31.81 2.02
C ALA A 107 -5.72 -31.86 1.57
N GLU A 108 -6.35 -30.70 1.40
CA GLU A 108 -7.73 -30.66 0.89
C GLU A 108 -7.86 -31.39 -0.44
N ALA A 109 -6.95 -31.11 -1.37
CA ALA A 109 -7.00 -31.75 -2.68
C ALA A 109 -6.81 -33.25 -2.56
N LEU A 110 -5.84 -33.67 -1.73
CA LEU A 110 -5.58 -35.08 -1.52
C LEU A 110 -6.79 -35.79 -0.92
N LEU A 111 -7.56 -35.12 -0.07
CA LEU A 111 -8.74 -35.74 0.52
C LEU A 111 -9.90 -35.83 -0.47
N ARG A 112 -9.82 -35.10 -1.59
CA ARG A 112 -10.78 -35.32 -2.67
C ARG A 112 -10.61 -36.71 -3.27
N ILE A 113 -9.41 -37.29 -3.18
CA ILE A 113 -9.18 -38.64 -3.69
C ILE A 113 -9.90 -39.62 -2.76
N PRO A 114 -10.95 -40.30 -3.23
CA PRO A 114 -11.82 -41.01 -2.28
C PRO A 114 -11.15 -42.17 -1.57
N ASP A 115 -10.33 -42.94 -2.27
CA ASP A 115 -9.77 -44.17 -1.70
C ASP A 115 -8.47 -43.87 -0.96
N THR A 116 -8.37 -44.39 0.26
CA THR A 116 -7.21 -44.07 1.10
C THR A 116 -5.92 -44.62 0.50
N ALA A 117 -5.93 -45.88 0.05
CA ALA A 117 -4.70 -46.47 -0.50
C ALA A 117 -4.27 -45.75 -1.76
N THR A 118 -5.21 -45.34 -2.59
CA THR A 118 -4.85 -44.59 -3.79
C THR A 118 -4.21 -43.26 -3.41
N ARG A 119 -4.76 -42.59 -2.39
CA ARG A 119 -4.20 -41.33 -1.92
C ARG A 119 -2.82 -41.54 -1.34
N ASP A 120 -2.65 -42.57 -0.51
CA ASP A 120 -1.37 -42.78 0.15
C ASP A 120 -0.28 -43.13 -0.86
N ALA A 121 -0.64 -43.76 -1.98
CA ALA A 121 0.34 -44.06 -3.00
C ALA A 121 0.71 -42.82 -3.81
N LEU A 122 -0.28 -42.01 -4.18
CA LEU A 122 0.03 -40.74 -4.84
C LEU A 122 0.98 -39.92 -4.00
N ILE A 123 0.68 -39.77 -2.71
CA ILE A 123 1.59 -39.05 -1.81
C ILE A 123 2.98 -39.65 -1.86
N ARG A 124 3.07 -40.96 -1.60
CA ARG A 124 4.38 -41.59 -1.40
C ARG A 124 5.20 -41.65 -2.68
N ASP A 125 4.56 -41.93 -3.83
CA ASP A 125 5.28 -42.20 -5.06
C ASP A 125 5.38 -40.98 -5.98
N LYS A 126 4.53 -39.97 -5.80
CA LYS A 126 4.43 -38.89 -6.77
C LYS A 126 4.52 -37.51 -6.12
N ILE A 127 3.69 -37.24 -5.10
CA ILE A 127 3.67 -35.90 -4.51
C ILE A 127 4.93 -35.66 -3.69
N ALA A 128 5.29 -36.61 -2.83
CA ALA A 128 6.46 -36.44 -1.99
C ALA A 128 7.73 -36.36 -2.82
N ASP A 129 7.79 -37.13 -3.93
CA ASP A 129 8.97 -37.29 -4.76
C ASP A 129 9.13 -36.18 -5.79
N GLY A 130 8.54 -35.01 -5.56
CA GLY A 130 8.85 -33.85 -6.35
C GLY A 130 7.63 -33.16 -6.93
N ASN A 131 7.48 -33.23 -8.25
CA ASN A 131 6.45 -32.50 -8.97
C ASN A 131 5.07 -32.82 -8.43
N TRP A 132 4.54 -31.95 -7.56
CA TRP A 132 3.14 -32.07 -7.16
C TRP A 132 2.22 -31.49 -8.22
N LYS A 133 2.71 -30.50 -8.98
CA LYS A 133 1.92 -29.93 -10.05
C LYS A 133 1.53 -31.00 -11.05
N SER A 134 2.50 -31.84 -11.43
CA SER A 134 2.25 -32.90 -12.41
C SER A 134 0.97 -33.67 -12.12
N HIS A 135 0.65 -33.87 -10.83
CA HIS A 135 -0.38 -34.82 -10.44
C HIS A 135 -1.63 -34.20 -9.85
N LEU A 136 -1.62 -32.91 -9.51
CA LEU A 136 -2.80 -32.27 -8.93
C LEU A 136 -2.95 -30.85 -9.49
N SER A 139 -7.34 -28.68 -13.95
CA SER A 139 -8.66 -28.12 -14.23
C SER A 139 -9.20 -27.26 -13.08
N ARG A 140 -8.52 -27.30 -11.93
CA ARG A 140 -8.82 -26.40 -10.82
C ARG A 140 -7.57 -26.19 -9.98
N SER A 141 -7.28 -24.93 -9.69
CA SER A 141 -6.14 -24.62 -8.84
C SER A 141 -6.21 -25.42 -7.53
N LEU A 142 -5.04 -25.90 -7.06
CA LEU A 142 -5.03 -26.44 -5.73
C LEU A 142 -5.50 -25.43 -4.68
N PHE A 143 -5.44 -24.14 -5.00
CA PHE A 143 -5.53 -23.06 -4.04
C PHE A 143 -6.86 -22.34 -4.09
N VAL A 144 -7.88 -22.96 -4.68
CA VAL A 144 -9.17 -22.27 -4.80
C VAL A 144 -9.72 -21.85 -3.45
N ASN A 145 -9.48 -22.63 -2.40
CA ASN A 145 -10.02 -22.31 -1.08
C ASN A 145 -8.97 -21.74 -0.15
N ALA A 146 -7.88 -21.23 -0.70
CA ALA A 146 -6.80 -20.75 0.15
C ALA A 146 -7.21 -19.59 1.03
N ALA A 147 -8.19 -18.78 0.63
CA ALA A 147 -8.62 -17.70 1.52
C ALA A 147 -9.16 -18.28 2.81
N THR A 148 -9.89 -19.38 2.71
CA THR A 148 -10.38 -20.05 3.91
C THR A 148 -9.23 -20.60 4.74
N TRP A 149 -8.32 -21.35 4.11
CA TRP A 149 -7.18 -21.88 4.86
C TRP A 149 -6.30 -20.78 5.38
N GLY A 150 -6.22 -19.65 4.67
CA GLY A 150 -5.47 -18.52 5.21
C GLY A 150 -6.05 -18.04 6.53
N LEU A 151 -7.39 -18.00 6.63
CA LEU A 151 -8.02 -17.64 7.90
C LEU A 151 -7.67 -18.65 8.99
N VAL A 152 -7.64 -19.94 8.64
CA VAL A 152 -7.32 -20.97 9.62
C VAL A 152 -5.89 -20.81 10.12
N VAL A 153 -4.95 -20.54 9.20
CA VAL A 153 -3.53 -20.54 9.55
C VAL A 153 -3.12 -19.23 10.20
N THR A 154 -3.60 -18.10 9.66
CA THR A 154 -3.11 -16.80 10.06
C THR A 154 -4.13 -15.95 10.83
N GLY A 155 -5.39 -16.35 10.86
CA GLY A 155 -6.43 -15.50 11.43
C GLY A 155 -6.77 -14.27 10.61
N LYS A 156 -6.18 -14.10 9.43
CA LYS A 156 -6.46 -12.97 8.54
C LYS A 156 -7.14 -13.46 7.27
N LEU A 157 -8.04 -12.64 6.75
CA LEU A 157 -8.77 -12.94 5.53
C LEU A 157 -8.24 -12.08 4.40
N THR A 158 -7.73 -12.73 3.35
CA THR A 158 -7.39 -12.08 2.09
C THR A 158 -8.42 -12.48 1.04
N SER A 159 -9.01 -11.46 0.38
CA SER A 159 -10.11 -11.70 -0.53
C SER A 159 -9.74 -12.63 -1.69
N THR A 160 -8.53 -12.49 -2.22
CA THR A 160 -8.07 -13.30 -3.34
C THR A 160 -6.79 -14.01 -2.92
N VAL A 161 -6.39 -14.99 -3.73
CA VAL A 161 -5.36 -15.95 -3.40
C VAL A 161 -4.14 -15.62 -4.24
N ASN A 162 -2.98 -15.55 -3.60
CA ASN A 162 -1.76 -15.37 -4.38
C ASN A 162 -1.29 -16.77 -4.70
N ASP A 163 -1.78 -17.30 -5.81
CA ASP A 163 -1.55 -18.69 -6.14
C ASP A 163 -0.11 -18.95 -6.58
N ARG A 164 0.59 -17.93 -7.07
CA ARG A 164 1.98 -18.14 -7.37
C ARG A 164 2.83 -18.23 -6.10
N SER A 165 2.51 -17.41 -5.09
CA SER A 165 3.19 -17.52 -3.81
C SER A 165 2.92 -18.88 -3.16
N LEU A 166 1.66 -19.35 -3.21
CA LEU A 166 1.34 -20.63 -2.62
C LEU A 166 2.00 -21.77 -3.36
N ALA A 167 2.07 -21.67 -4.70
CA ALA A 167 2.71 -22.75 -5.45
C ALA A 167 4.20 -22.80 -5.08
N ALA A 168 4.82 -21.64 -4.94
CA ALA A 168 6.22 -21.61 -4.54
C ALA A 168 6.38 -22.19 -3.16
N ALA A 169 5.46 -21.85 -2.25
CA ALA A 169 5.58 -22.31 -0.87
C ALA A 169 5.38 -23.82 -0.78
N LEU A 170 4.50 -24.36 -1.60
CA LEU A 170 4.23 -25.78 -1.58
C LEU A 170 5.40 -26.58 -2.11
N THR A 171 5.99 -26.11 -3.21
CA THR A 171 7.20 -26.75 -3.71
C THR A 171 8.29 -26.69 -2.65
N ARG A 172 8.46 -25.52 -2.04
CA ARG A 172 9.53 -25.37 -1.05
C ARG A 172 9.32 -26.32 0.12
N LEU A 173 8.09 -26.41 0.64
CA LEU A 173 7.92 -27.21 1.84
C LEU A 173 8.03 -28.69 1.53
N ILE A 174 7.53 -29.11 0.35
CA ILE A 174 7.65 -30.52 -0.01
C ILE A 174 9.11 -30.88 -0.26
N SER A 175 9.83 -30.03 -1.00
CA SER A 175 11.23 -30.34 -1.27
C SER A 175 12.06 -30.32 0.02
N ARG A 176 11.63 -29.59 1.02
CA ARG A 176 12.38 -29.51 2.26
C ARG A 176 12.04 -30.63 3.21
N CYS A 177 10.75 -30.99 3.32
CA CYS A 177 10.33 -31.92 4.35
C CYS A 177 9.66 -33.19 3.83
N GLY A 178 9.23 -33.23 2.57
CA GLY A 178 8.88 -34.51 2.00
C GLY A 178 7.59 -35.12 2.53
N GLU A 179 7.53 -36.45 2.46
CA GLU A 179 6.27 -37.12 2.78
C GLU A 179 5.79 -36.88 4.20
N PRO A 180 6.64 -36.81 5.23
CA PRO A 180 6.09 -36.62 6.57
C PRO A 180 5.23 -35.38 6.74
N VAL A 181 5.61 -34.26 6.13
CA VAL A 181 4.81 -33.06 6.31
C VAL A 181 3.48 -33.19 5.59
N ILE A 182 3.49 -33.83 4.42
CA ILE A 182 2.25 -34.04 3.68
C ILE A 182 1.32 -34.92 4.49
N ARG A 183 1.85 -36.01 5.05
CA ARG A 183 1.09 -36.90 5.92
C ARG A 183 0.43 -36.12 7.06
N ARG A 184 1.21 -35.28 7.74
CA ARG A 184 0.65 -34.55 8.87
C ARG A 184 -0.40 -33.55 8.40
N GLY A 185 -0.19 -32.94 7.24
CA GLY A 185 -1.18 -32.01 6.73
C GLY A 185 -2.48 -32.71 6.39
N VAL A 186 -2.39 -33.86 5.73
CA VAL A 186 -3.59 -34.62 5.39
C VAL A 186 -4.35 -35.00 6.65
N ASP A 187 -3.66 -35.49 7.65
CA ASP A 187 -4.34 -35.95 8.86
C ASP A 187 -4.99 -34.78 9.58
N MET A 188 -4.29 -33.65 9.64
CA MET A 188 -4.84 -32.42 10.22
C MET A 188 -6.07 -31.97 9.46
N ALA A 189 -5.98 -31.86 8.14
CA ALA A 189 -7.13 -31.40 7.36
C ALA A 189 -8.30 -32.37 7.51
N MET A 190 -8.02 -33.67 7.51
CA MET A 190 -9.09 -34.66 7.69
C MET A 190 -9.82 -34.44 9.01
N ARG A 191 -9.06 -34.24 10.10
CA ARG A 191 -9.68 -33.99 11.40
C ARG A 191 -10.49 -32.71 11.39
N MET A 192 -9.92 -31.63 10.87
CA MET A 192 -10.62 -30.35 10.89
C MET A 192 -11.88 -30.38 10.03
N MET A 193 -11.78 -30.94 8.81
CA MET A 193 -12.94 -30.90 7.92
C MET A 193 -13.99 -31.96 8.27
N GLY A 194 -13.57 -33.07 8.88
CA GLY A 194 -14.49 -34.14 9.18
C GLY A 194 -15.06 -34.11 10.58
N GLU A 195 -14.38 -33.41 11.51
CA GLU A 195 -14.73 -33.47 12.90
C GLU A 195 -14.82 -32.12 13.63
N GLN A 196 -14.10 -31.10 13.14
CA GLN A 196 -14.05 -29.81 13.83
C GLN A 196 -14.97 -28.78 13.21
N PHE A 197 -14.96 -28.66 11.89
CA PHE A 197 -15.81 -27.69 11.21
C PHE A 197 -17.21 -28.22 10.99
N VAL A 198 -17.36 -29.52 11.03
CA VAL A 198 -18.67 -30.17 10.98
C VAL A 198 -18.70 -31.18 12.11
N THR A 199 -19.90 -31.45 12.61
CA THR A 199 -20.05 -32.55 13.54
C THR A 199 -19.95 -33.89 12.81
N GLY A 200 -20.36 -33.92 11.56
CA GLY A 200 -20.21 -35.10 10.73
C GLY A 200 -20.48 -34.76 9.29
N GLU A 201 -20.06 -35.65 8.39
CA GLU A 201 -20.27 -35.40 6.97
C GLU A 201 -21.73 -35.62 6.58
N THR A 202 -22.41 -36.55 7.28
CA THR A 202 -23.80 -36.88 7.04
C THR A 202 -24.53 -36.81 8.37
N ILE A 203 -25.85 -36.74 8.31
CA ILE A 203 -26.62 -36.62 9.55
C ILE A 203 -26.41 -37.84 10.43
N ARG A 204 -26.30 -39.03 9.82
CA ARG A 204 -26.09 -40.23 10.63
C ARG A 204 -24.76 -40.18 11.36
N GLU A 205 -23.72 -39.75 10.66
CA GLU A 205 -22.42 -39.64 11.30
C GLU A 205 -22.47 -38.59 12.40
N ALA A 206 -23.14 -37.47 12.14
CA ALA A 206 -23.21 -36.42 13.14
C ALA A 206 -23.95 -36.90 14.36
N LEU A 207 -25.05 -37.64 14.17
CA LEU A 207 -25.79 -38.18 15.28
C LEU A 207 -24.94 -39.13 16.10
N LYS A 208 -24.20 -40.01 15.43
CA LYS A 208 -23.36 -40.96 16.16
C LYS A 208 -22.38 -40.22 17.05
N ARG A 209 -21.81 -39.12 16.56
CA ARG A 209 -20.81 -38.38 17.32
C ARG A 209 -21.41 -37.48 18.39
N SER A 210 -22.72 -37.31 18.42
CA SER A 210 -23.34 -36.45 19.44
C SER A 210 -23.57 -37.16 20.75
N LYS A 211 -23.52 -38.50 20.77
CA LYS A 211 -23.83 -39.25 21.99
C LYS A 211 -22.93 -38.83 23.14
N GLU A 212 -21.64 -38.66 22.87
CA GLU A 212 -20.70 -38.40 23.96
C GLU A 212 -21.11 -37.18 24.76
N LEU A 213 -21.43 -36.06 24.09
CA LEU A 213 -21.76 -34.84 24.82
C LEU A 213 -23.20 -34.82 25.30
N GLU A 214 -24.11 -35.54 24.63
CA GLU A 214 -25.45 -35.68 25.18
C GLU A 214 -25.44 -36.38 26.54
N GLU A 215 -24.50 -37.34 26.72
CA GLU A 215 -24.34 -37.98 28.02
C GLU A 215 -23.84 -37.02 29.08
N LYS A 216 -23.13 -35.97 28.68
CA LYS A 216 -22.62 -34.96 29.60
C LYS A 216 -23.62 -33.84 29.88
N GLY A 217 -24.81 -33.89 29.28
CA GLY A 217 -25.84 -32.91 29.52
C GLY A 217 -26.07 -31.91 28.39
N PHE A 218 -25.35 -32.03 27.28
CA PHE A 218 -25.61 -31.15 26.15
C PHE A 218 -26.73 -31.71 25.29
N SER A 219 -27.27 -30.86 24.43
CA SER A 219 -28.20 -31.25 23.38
C SER A 219 -27.64 -30.70 22.07
N TYR A 220 -28.36 -30.98 20.96
CA TYR A 220 -27.93 -30.62 19.62
C TYR A 220 -29.04 -30.02 18.80
N SER A 221 -28.65 -29.13 17.88
CA SER A 221 -29.50 -28.68 16.79
C SER A 221 -28.65 -28.80 15.53
N TYR A 222 -29.09 -29.56 14.57
CA TYR A 222 -28.28 -29.85 13.39
C TYR A 222 -28.59 -28.89 12.27
N ASP A 223 -27.55 -28.40 11.61
CA ASP A 223 -27.61 -27.46 10.49
C ASP A 223 -27.03 -28.16 9.27
N MET A 224 -27.88 -28.46 8.31
CA MET A 224 -27.45 -29.07 7.04
C MET A 224 -26.90 -27.95 6.18
N LEU A 225 -25.57 -27.82 6.18
CA LEU A 225 -24.92 -26.68 5.55
C LEU A 225 -25.44 -26.50 4.13
N GLY A 226 -25.89 -25.29 3.84
CA GLY A 226 -26.70 -25.01 2.67
C GLY A 226 -27.62 -23.82 2.88
N GLU A 227 -27.44 -22.80 2.05
CA GLU A 227 -28.26 -21.61 2.08
C GLU A 227 -28.40 -21.15 0.63
N ALA A 228 -29.32 -20.21 0.41
CA ALA A 228 -29.39 -19.57 -0.88
C ALA A 228 -29.55 -20.59 -2.02
N ALA A 229 -30.75 -21.14 -2.16
CA ALA A 229 -31.07 -21.84 -3.39
C ALA A 229 -31.06 -20.84 -4.54
N THR A 230 -30.43 -21.23 -5.65
CA THR A 230 -30.40 -20.45 -6.88
C THR A 230 -31.43 -20.92 -7.88
N THR A 231 -31.86 -22.18 -7.80
CA THR A 231 -32.76 -22.74 -8.76
C THR A 231 -33.84 -23.52 -8.02
N ALA A 232 -34.94 -23.77 -8.70
CA ALA A 232 -35.98 -24.62 -8.14
C ALA A 232 -35.40 -25.99 -7.75
N ALA A 233 -34.54 -26.54 -8.60
CA ALA A 233 -33.99 -27.86 -8.33
C ALA A 233 -33.13 -27.84 -7.07
N ASP A 234 -32.39 -26.76 -6.84
CA ASP A 234 -31.57 -26.69 -5.65
C ASP A 234 -32.43 -26.52 -4.41
N ALA A 235 -33.53 -25.80 -4.50
CA ALA A 235 -34.41 -25.69 -3.35
C ALA A 235 -35.04 -27.03 -3.04
N GLU A 236 -35.36 -27.79 -4.07
CA GLU A 236 -35.93 -29.12 -3.90
C GLU A 236 -34.91 -30.07 -3.26
N ARG A 237 -33.63 -29.95 -3.64
CA ARG A 237 -32.60 -30.76 -3.01
C ARG A 237 -32.42 -30.39 -1.54
N TYR A 238 -32.41 -29.11 -1.22
CA TYR A 238 -32.30 -28.73 0.17
C TYR A 238 -33.52 -29.19 0.96
N TYR A 239 -34.72 -29.14 0.35
CA TYR A 239 -35.90 -29.63 1.05
C TYR A 239 -35.76 -31.11 1.38
N ARG A 240 -35.33 -31.92 0.40
CA ARG A 240 -35.26 -33.35 0.69
C ARG A 240 -34.12 -33.64 1.67
N ASP A 241 -33.08 -32.80 1.70
CA ASP A 241 -32.02 -32.97 2.68
C ASP A 241 -32.54 -32.69 4.09
N TYR A 242 -33.30 -31.60 4.26
CA TYR A 242 -33.92 -31.33 5.55
C TYR A 242 -34.90 -32.42 5.96
N GLU A 243 -35.73 -32.87 5.02
CA GLU A 243 -36.70 -33.89 5.34
C GLU A 243 -35.99 -35.14 5.82
N SER A 244 -34.96 -35.57 5.09
CA SER A 244 -34.25 -36.78 5.48
C SER A 244 -33.53 -36.57 6.82
N ALA A 245 -32.99 -35.39 7.06
CA ALA A 245 -32.37 -35.13 8.36
C ALA A 245 -33.40 -35.17 9.49
N ILE A 246 -34.58 -34.59 9.27
CA ILE A 246 -35.59 -34.64 10.32
C ILE A 246 -35.90 -36.08 10.71
N HIS A 247 -36.05 -36.97 9.71
CA HIS A 247 -36.33 -38.36 10.04
C HIS A 247 -35.22 -38.95 10.90
N ALA A 248 -33.98 -38.72 10.49
CA ALA A 248 -32.86 -39.29 11.22
C ALA A 248 -32.77 -38.73 12.62
N ILE A 249 -32.98 -37.42 12.75
CA ILE A 249 -32.93 -36.79 14.07
C ILE A 249 -34.10 -37.26 14.92
N GLY A 250 -35.29 -37.36 14.31
CA GLY A 250 -36.45 -37.80 15.06
C GLY A 250 -36.33 -39.24 15.52
N LYS A 251 -35.80 -40.10 14.65
CA LYS A 251 -35.58 -41.48 15.04
C LYS A 251 -34.63 -41.55 16.21
N ALA A 252 -33.57 -40.74 16.16
CA ALA A 252 -32.57 -40.76 17.21
C ALA A 252 -33.11 -40.15 18.49
N SER A 253 -33.90 -39.09 18.35
CA SER A 253 -34.46 -38.43 19.52
C SER A 253 -35.20 -39.44 20.36
N ALA A 254 -35.95 -40.32 19.70
CA ALA A 254 -36.66 -41.42 20.35
C ALA A 254 -37.51 -40.95 21.53
N GLY A 255 -38.27 -39.88 21.31
CA GLY A 255 -39.21 -39.42 22.31
C GLY A 255 -38.63 -38.57 23.42
N ARG A 256 -37.38 -38.12 23.30
CA ARG A 256 -36.81 -37.28 24.34
C ARG A 256 -37.45 -35.89 24.39
N GLY A 257 -38.14 -35.48 23.34
CA GLY A 257 -38.83 -34.22 23.34
C GLY A 257 -37.96 -33.06 22.88
N ILE A 258 -38.55 -31.87 22.92
CA ILE A 258 -37.91 -30.73 22.27
C ILE A 258 -36.81 -30.07 23.08
N TYR A 259 -36.75 -30.31 24.38
CA TYR A 259 -35.73 -29.70 25.24
C TYR A 259 -34.54 -30.62 25.49
N GLU A 260 -34.77 -31.87 25.88
CA GLU A 260 -33.66 -32.79 26.06
C GLU A 260 -33.15 -33.35 24.74
N GLY A 261 -34.04 -33.52 23.77
CA GLY A 261 -33.68 -34.17 22.53
C GLY A 261 -33.23 -33.21 21.46
N PRO A 262 -32.62 -33.77 20.42
CA PRO A 262 -32.06 -32.94 19.34
C PRO A 262 -33.16 -32.31 18.50
N GLY A 263 -32.75 -31.26 17.79
CA GLY A 263 -33.62 -30.57 16.84
C GLY A 263 -32.88 -30.27 15.56
N ILE A 264 -33.56 -29.56 14.67
CA ILE A 264 -32.96 -29.17 13.41
C ILE A 264 -33.09 -27.65 13.25
N SER A 265 -32.16 -27.06 12.52
CA SER A 265 -32.21 -25.66 12.15
C SER A 265 -32.28 -25.59 10.64
N ILE A 266 -33.10 -24.69 10.12
CA ILE A 266 -33.26 -24.55 8.67
C ILE A 266 -33.08 -23.09 8.30
N LYS A 267 -32.72 -22.88 7.04
CA LYS A 267 -32.63 -21.53 6.49
C LYS A 267 -33.68 -21.42 5.41
N LEU A 268 -34.53 -20.39 5.50
CA LEU A 268 -35.61 -20.26 4.53
C LEU A 268 -35.08 -20.03 3.13
N SER A 269 -33.95 -19.33 3.01
CA SER A 269 -33.40 -19.08 1.69
C SER A 269 -32.94 -20.35 1.02
N ALA A 270 -32.73 -21.43 1.78
CA ALA A 270 -32.45 -22.73 1.17
C ALA A 270 -33.65 -23.33 0.47
N LEU A 271 -34.86 -22.92 0.83
CA LEU A 271 -36.06 -23.63 0.45
C LEU A 271 -36.83 -22.96 -0.67
N HIS A 272 -36.32 -21.82 -1.17
CA HIS A 272 -36.96 -21.20 -2.30
C HIS A 272 -35.94 -20.33 -2.99
N PRO A 273 -35.85 -20.34 -4.31
CA PRO A 273 -34.83 -19.52 -4.97
C PRO A 273 -35.15 -18.05 -5.04
N ARG A 274 -36.36 -17.64 -4.71
CA ARG A 274 -36.69 -16.22 -4.72
C ARG A 274 -37.29 -15.82 -3.37
N TYR A 275 -36.52 -16.05 -2.31
CA TYR A 275 -36.95 -15.70 -0.95
C TYR A 275 -36.62 -14.24 -0.73
N SER A 276 -37.60 -13.38 -0.97
CA SER A 276 -37.42 -11.95 -0.84
C SER A 276 -38.80 -11.29 -0.71
N ARG A 277 -38.79 -10.09 -0.12
CA ARG A 277 -40.00 -9.30 -0.02
C ARG A 277 -40.59 -9.04 -1.40
N ALA A 278 -39.75 -8.79 -2.40
CA ALA A 278 -40.29 -8.49 -3.71
C ALA A 278 -41.12 -9.64 -4.26
N GLN A 279 -40.80 -10.86 -3.84
CA GLN A 279 -41.51 -12.05 -4.27
C GLN A 279 -42.35 -12.62 -3.14
N ALA A 280 -42.89 -11.75 -2.29
CA ALA A 280 -43.62 -12.22 -1.11
C ALA A 280 -44.75 -13.18 -1.48
N ALA A 281 -45.49 -12.91 -2.55
CA ALA A 281 -46.60 -13.79 -2.90
C ALA A 281 -46.10 -15.18 -3.24
N ARG A 282 -44.98 -15.27 -3.95
CA ARG A 282 -44.42 -16.60 -4.22
C ARG A 282 -43.95 -17.25 -2.92
N VAL A 283 -43.37 -16.45 -2.04
CA VAL A 283 -42.87 -17.01 -0.78
C VAL A 283 -44.02 -17.61 0.01
N MET A 284 -45.11 -16.85 0.16
CA MET A 284 -46.23 -17.37 0.93
C MET A 284 -46.91 -18.53 0.22
N GLY A 285 -46.94 -18.52 -1.12
CA GLY A 285 -47.63 -19.57 -1.83
C GLY A 285 -46.83 -20.82 -2.00
N GLU A 286 -45.50 -20.70 -2.06
CA GLU A 286 -44.66 -21.83 -2.44
C GLU A 286 -43.70 -22.23 -1.35
N LEU A 287 -43.10 -21.28 -0.66
CA LEU A 287 -42.16 -21.61 0.42
C LEU A 287 -42.90 -22.02 1.67
N LEU A 288 -43.94 -21.28 2.05
CA LEU A 288 -44.67 -21.60 3.29
C LEU A 288 -45.12 -23.05 3.35
N PRO A 289 -45.74 -23.61 2.31
CA PRO A 289 -46.14 -25.02 2.40
C PRO A 289 -45.00 -25.96 2.64
N ARG A 290 -43.83 -25.65 2.12
CA ARG A 290 -42.69 -26.53 2.33
C ARG A 290 -42.24 -26.48 3.77
N VAL A 291 -42.17 -25.29 4.36
CA VAL A 291 -41.83 -25.20 5.77
C VAL A 291 -42.87 -25.92 6.60
N LYS A 292 -44.14 -25.76 6.25
CA LYS A 292 -45.20 -26.45 6.98
C LYS A 292 -45.00 -27.95 6.92
N ALA A 293 -44.65 -28.48 5.74
CA ALA A 293 -44.45 -29.92 5.65
C ALA A 293 -43.32 -30.38 6.55
N LEU A 294 -42.21 -29.63 6.57
CA LEU A 294 -41.11 -30.03 7.42
C LEU A 294 -41.51 -29.93 8.89
N ALA A 295 -42.27 -28.88 9.22
CA ALA A 295 -42.72 -28.69 10.59
C ALA A 295 -43.65 -29.80 11.03
N LEU A 296 -44.52 -30.26 10.13
CA LEU A 296 -45.41 -31.37 10.46
C LEU A 296 -44.61 -32.61 10.79
N LEU A 297 -43.51 -32.84 10.07
CA LEU A 297 -42.68 -34.00 10.37
C LEU A 297 -41.94 -33.82 11.69
N ALA A 298 -41.43 -32.61 11.96
CA ALA A 298 -40.80 -32.35 13.24
C ALA A 298 -41.78 -32.55 14.38
N LYS A 299 -43.02 -32.09 14.19
CA LYS A 299 -44.06 -32.29 15.19
C LYS A 299 -44.28 -33.76 15.45
N ASN A 300 -44.32 -34.59 14.38
CA ASN A 300 -44.60 -36.00 14.61
C ASN A 300 -43.51 -36.67 15.45
N TYR A 301 -42.26 -36.29 15.26
CA TYR A 301 -41.20 -36.83 16.09
C TYR A 301 -40.99 -36.07 17.38
N ASP A 302 -41.66 -34.93 17.55
CA ASP A 302 -41.53 -34.05 18.70
C ASP A 302 -40.09 -33.57 18.89
N ILE A 303 -39.55 -32.97 17.83
CA ILE A 303 -38.23 -32.37 17.86
C ILE A 303 -38.38 -30.87 17.60
N GLY A 304 -37.34 -30.13 17.96
CA GLY A 304 -37.29 -28.71 17.61
C GLY A 304 -37.00 -28.50 16.14
N LEU A 305 -37.60 -27.45 15.59
CA LEU A 305 -37.33 -26.98 14.23
C LEU A 305 -37.15 -25.47 14.34
N ASN A 306 -35.93 -25.01 14.11
CA ASN A 306 -35.60 -23.60 14.31
C ASN A 306 -35.43 -22.96 12.94
N ILE A 307 -36.06 -21.82 12.74
CA ILE A 307 -35.82 -21.01 11.55
C ILE A 307 -34.66 -20.05 11.79
N ASP A 308 -33.58 -20.25 11.04
CA ASP A 308 -32.40 -19.43 11.21
C ASP A 308 -32.68 -18.03 10.66
N ALA A 309 -31.99 -17.04 11.22
CA ALA A 309 -32.14 -15.66 10.80
C ALA A 309 -31.05 -15.30 9.80
N GLU A 310 -31.44 -14.54 8.77
CA GLU A 310 -30.51 -14.24 7.68
C GLU A 310 -30.35 -12.73 7.54
N GLU A 311 -30.39 -12.25 6.31
CA GLU A 311 -30.14 -10.84 6.09
C GLU A 311 -31.27 -9.98 6.63
N ALA A 312 -30.95 -8.72 6.88
CA ALA A 312 -31.91 -7.83 7.50
C ALA A 312 -33.15 -7.67 6.64
N ASP A 313 -33.01 -7.71 5.33
CA ASP A 313 -34.15 -7.52 4.44
C ASP A 313 -35.05 -8.73 4.36
N ARG A 314 -34.73 -9.81 5.06
CA ARG A 314 -35.58 -10.99 5.14
C ARG A 314 -36.25 -11.12 6.49
N LEU A 315 -35.90 -10.28 7.46
CA LEU A 315 -36.44 -10.44 8.81
C LEU A 315 -37.96 -10.34 8.81
N GLU A 316 -38.51 -9.25 8.30
CA GLU A 316 -39.95 -9.07 8.46
C GLU A 316 -40.73 -10.06 7.61
N LEU A 317 -40.22 -10.40 6.43
CA LEU A 317 -40.85 -11.44 5.62
C LEU A 317 -40.94 -12.75 6.40
N SER A 318 -39.87 -13.10 7.12
CA SER A 318 -39.85 -14.35 7.85
C SER A 318 -40.91 -14.35 8.95
N LEU A 319 -41.24 -13.17 9.48
CA LEU A 319 -42.28 -13.08 10.50
C LEU A 319 -43.64 -13.47 9.93
N ASP A 320 -43.88 -13.17 8.66
CA ASP A 320 -45.15 -13.57 8.07
C ASP A 320 -45.27 -15.08 7.99
N LEU A 321 -44.17 -15.78 7.70
CA LEU A 321 -44.22 -17.23 7.71
C LEU A 321 -44.41 -17.75 9.12
N LEU A 322 -43.68 -17.19 10.07
CA LEU A 322 -43.78 -17.62 11.46
C LEU A 322 -45.20 -17.46 11.97
N GLU A 323 -45.83 -16.33 11.65
CA GLU A 323 -47.22 -16.10 12.05
C GLU A 323 -48.15 -17.17 11.47
N VAL A 324 -48.06 -17.45 10.18
CA VAL A 324 -48.96 -18.43 9.59
C VAL A 324 -48.75 -19.80 10.22
N LEU A 325 -47.49 -20.19 10.40
CA LEU A 325 -47.22 -21.52 10.94
C LEU A 325 -47.75 -21.64 12.37
N CYS A 326 -47.54 -20.61 13.19
CA CYS A 326 -47.98 -20.71 14.58
C CYS A 326 -49.49 -20.65 14.73
N LEU A 327 -50.20 -20.15 13.74
CA LEU A 327 -51.66 -20.10 13.75
C LEU A 327 -52.28 -21.28 13.03
N ASP A 328 -51.48 -22.15 12.44
CA ASP A 328 -51.97 -23.26 11.64
C ASP A 328 -52.33 -24.41 12.56
N GLY A 329 -53.62 -24.72 12.62
CA GLY A 329 -54.09 -25.74 13.53
C GLY A 329 -53.43 -27.09 13.31
N ASP A 330 -52.95 -27.37 12.09
CA ASP A 330 -52.36 -28.66 11.84
C ASP A 330 -51.06 -28.87 12.63
N LEU A 331 -50.44 -27.80 13.08
CA LEU A 331 -49.19 -27.86 13.85
C LEU A 331 -49.44 -27.76 15.35
N SER A 332 -50.71 -27.73 15.76
CA SER A 332 -51.00 -27.57 17.17
C SER A 332 -50.56 -28.80 17.97
N GLY A 333 -50.24 -28.58 19.25
CA GLY A 333 -49.81 -29.65 20.13
C GLY A 333 -48.31 -29.83 20.17
N TRP A 334 -47.58 -29.08 19.38
CA TRP A 334 -46.13 -29.17 19.32
C TRP A 334 -45.57 -27.80 19.60
N ASN A 335 -44.59 -27.75 20.50
CA ASN A 335 -43.92 -26.51 20.89
C ASN A 335 -42.49 -26.43 20.35
N GLY A 336 -42.18 -27.22 19.34
CA GLY A 336 -40.84 -27.23 18.77
C GLY A 336 -40.50 -26.15 17.80
N MET A 337 -41.46 -25.37 17.33
CA MET A 337 -41.15 -24.33 16.35
CA MET A 337 -41.13 -24.34 16.35
C MET A 337 -40.26 -23.29 17.00
N GLY A 338 -39.13 -23.00 16.35
CA GLY A 338 -38.15 -22.08 16.86
C GLY A 338 -37.83 -20.99 15.87
N PHE A 339 -37.27 -19.90 16.36
CA PHE A 339 -37.03 -18.73 15.52
C PHE A 339 -35.89 -17.92 16.09
N VAL A 340 -34.95 -17.55 15.23
CA VAL A 340 -33.79 -16.79 15.64
C VAL A 340 -34.08 -15.30 15.54
N VAL A 341 -33.58 -14.55 16.52
CA VAL A 341 -33.59 -13.08 16.45
C VAL A 341 -32.18 -12.60 16.72
N GLN A 342 -31.75 -11.62 15.93
CA GLN A 342 -30.39 -11.11 15.96
C GLN A 342 -30.29 -9.81 16.76
N ALA A 343 -29.55 -9.86 17.86
CA ALA A 343 -29.42 -8.69 18.73
C ALA A 343 -28.64 -7.54 18.10
N TYR A 344 -27.85 -7.79 17.06
CA TYR A 344 -27.21 -6.66 16.41
C TYR A 344 -28.19 -5.82 15.61
N GLY A 345 -29.43 -6.30 15.47
CA GLY A 345 -30.43 -5.59 14.71
C GLY A 345 -31.22 -4.63 15.58
N LYS A 346 -31.47 -3.44 15.02
CA LYS A 346 -32.17 -2.39 15.72
C LYS A 346 -33.62 -2.75 15.99
N ARG A 347 -34.19 -3.69 15.25
CA ARG A 347 -35.55 -4.13 15.47
C ARG A 347 -35.69 -5.22 16.52
N CYS A 348 -34.62 -5.78 17.02
CA CYS A 348 -34.67 -6.96 17.87
C CYS A 348 -35.71 -6.90 19.00
N PRO A 349 -35.67 -5.89 19.88
CA PRO A 349 -36.67 -5.89 20.97
C PRO A 349 -38.10 -5.85 20.48
N PHE A 350 -38.35 -5.18 19.36
CA PHE A 350 -39.72 -5.10 18.84
C PHE A 350 -40.12 -6.40 18.16
N VAL A 351 -39.16 -7.04 17.49
CA VAL A 351 -39.39 -8.41 17.00
C VAL A 351 -39.74 -9.33 18.15
N LEU A 352 -39.00 -9.23 19.26
CA LEU A 352 -39.32 -10.08 20.40
C LEU A 352 -40.70 -9.77 20.96
N ASP A 353 -41.08 -8.48 21.04
CA ASP A 353 -42.45 -8.18 21.48
C ASP A 353 -43.46 -8.87 20.58
N PHE A 354 -43.21 -8.83 19.26
CA PHE A 354 -44.14 -9.45 18.33
C PHE A 354 -44.19 -10.95 18.54
N ILE A 355 -43.03 -11.58 18.70
CA ILE A 355 -42.99 -13.03 18.86
C ILE A 355 -43.66 -13.45 20.15
N ILE A 356 -43.37 -12.73 21.24
CA ILE A 356 -43.96 -13.09 22.52
C ILE A 356 -45.46 -12.99 22.44
N ASP A 357 -45.95 -11.93 21.80
CA ASP A 357 -47.40 -11.80 21.63
C ASP A 357 -47.96 -12.90 20.75
N LEU A 358 -47.23 -13.25 19.67
CA LEU A 358 -47.69 -14.35 18.83
C LEU A 358 -47.73 -15.65 19.63
N ALA A 359 -46.72 -15.90 20.46
CA ALA A 359 -46.75 -17.08 21.31
C ALA A 359 -47.96 -17.08 22.22
N ARG A 360 -48.31 -15.91 22.77
CA ARG A 360 -49.50 -15.80 23.62
C ARG A 360 -50.77 -16.10 22.84
N ARG A 361 -50.90 -15.50 21.65
CA ARG A 361 -52.10 -15.70 20.84
C ARG A 361 -52.23 -17.15 20.38
N SER A 362 -51.14 -17.75 19.94
CA SER A 362 -51.21 -19.09 19.39
C SER A 362 -51.18 -20.15 20.47
N GLY A 363 -50.76 -19.82 21.69
CA GLY A 363 -50.50 -20.82 22.68
C GLY A 363 -49.31 -21.71 22.43
N ARG A 364 -48.45 -21.35 21.49
CA ARG A 364 -47.26 -22.13 21.15
C ARG A 364 -46.09 -21.50 21.90
N ARG A 365 -45.34 -22.30 22.63
CA ARG A 365 -44.19 -21.80 23.36
C ARG A 365 -43.02 -21.75 22.39
N ILE A 366 -42.91 -20.62 21.70
CA ILE A 366 -41.95 -20.50 20.61
C ILE A 366 -40.55 -20.56 21.19
N MET A 367 -39.70 -21.34 20.56
CA MET A 367 -38.30 -21.42 20.96
C MET A 367 -37.58 -20.26 20.30
N VAL A 368 -37.05 -19.34 21.09
CA VAL A 368 -36.47 -18.13 20.56
C VAL A 368 -34.97 -18.20 20.79
N ARG A 369 -34.21 -18.32 19.70
CA ARG A 369 -32.76 -18.33 19.78
C ARG A 369 -32.27 -16.90 19.59
N LEU A 370 -31.67 -16.35 20.63
CA LEU A 370 -31.12 -15.01 20.59
C LEU A 370 -29.66 -15.13 20.21
N VAL A 371 -29.29 -14.55 19.08
CA VAL A 371 -27.93 -14.54 18.59
C VAL A 371 -27.52 -13.09 18.48
N LYS A 372 -26.23 -12.84 18.31
CA LYS A 372 -25.84 -11.46 18.05
C LYS A 372 -26.04 -11.08 16.58
N GLY A 373 -25.57 -11.91 15.66
CA GLY A 373 -25.85 -11.72 14.24
C GLY A 373 -24.64 -12.05 13.35
N ALA A 374 -24.85 -12.69 12.21
CA ALA A 374 -23.76 -13.26 11.44
C ALA A 374 -23.38 -12.50 10.17
N TYR A 375 -24.11 -11.43 9.83
CA TYR A 375 -23.98 -10.80 8.52
C TYR A 375 -23.52 -9.35 8.63
N TRP A 376 -22.81 -9.01 9.68
CA TRP A 376 -22.59 -7.59 9.99
C TRP A 376 -21.91 -6.87 8.84
N ASP A 377 -20.76 -7.37 8.39
CA ASP A 377 -20.02 -6.73 7.31
C ASP A 377 -20.91 -6.51 6.11
N ALA A 378 -21.67 -7.53 5.74
CA ALA A 378 -22.52 -7.45 4.57
C ALA A 378 -23.62 -6.42 4.73
N GLU A 379 -24.16 -6.29 5.94
CA GLU A 379 -25.20 -5.30 6.17
C GLU A 379 -24.64 -3.89 6.02
N ILE A 380 -23.42 -3.65 6.48
CA ILE A 380 -22.82 -2.32 6.33
C ILE A 380 -22.66 -1.99 4.85
N LYS A 381 -22.12 -2.93 4.08
CA LYS A 381 -21.91 -2.69 2.66
C LYS A 381 -23.23 -2.45 1.96
N ARG A 382 -24.24 -3.25 2.23
CA ARG A 382 -25.49 -3.13 1.48
C ARG A 382 -26.16 -1.79 1.74
N ALA A 383 -26.13 -1.32 2.97
CA ALA A 383 -26.82 -0.06 3.26
C ALA A 383 -26.09 1.08 2.59
N GLN A 384 -24.76 1.00 2.55
CA GLN A 384 -23.99 2.02 1.85
C GLN A 384 -24.29 1.95 0.36
N LEU A 385 -24.27 0.75 -0.24
CA LEU A 385 -24.53 0.64 -1.67
C LEU A 385 -25.90 1.22 -2.01
N ASP A 386 -26.87 0.99 -1.15
CA ASP A 386 -28.25 1.33 -1.46
C ASP A 386 -28.58 2.76 -1.05
N GLY A 387 -27.63 3.45 -0.42
CA GLY A 387 -27.85 4.85 -0.05
C GLY A 387 -28.96 5.04 0.95
N LEU A 388 -29.10 4.11 1.88
CA LEU A 388 -30.23 4.19 2.81
C LEU A 388 -29.90 5.08 3.99
N ALA A 389 -30.95 5.40 4.76
CA ALA A 389 -30.83 6.42 5.77
C ALA A 389 -29.86 6.02 6.87
N ASP A 390 -29.74 4.73 7.15
CA ASP A 390 -28.90 4.29 8.25
C ASP A 390 -28.77 2.78 8.10
N PHE A 391 -28.06 2.20 9.01
CA PHE A 391 -27.86 0.76 9.02
C PHE A 391 -28.98 0.08 9.77
N PRO A 392 -29.28 -1.18 9.40
CA PRO A 392 -30.26 -1.95 10.17
C PRO A 392 -29.64 -2.72 11.33
N VAL A 393 -28.34 -2.52 11.56
CA VAL A 393 -27.60 -3.15 12.63
C VAL A 393 -26.78 -2.07 13.32
N PHE A 394 -26.36 -2.38 14.54
CA PHE A 394 -25.47 -1.47 15.24
C PHE A 394 -24.12 -1.44 14.53
N THR A 395 -23.35 -0.39 14.84
CA THR A 395 -22.03 -0.26 14.26
C THR A 395 -20.93 -0.33 15.30
N ARG A 396 -21.26 -0.35 16.58
CA ARG A 396 -20.30 -0.61 17.64
C ARG A 396 -20.65 -1.94 18.28
N LYS A 397 -19.66 -2.81 18.40
CA LYS A 397 -19.89 -4.14 18.94
C LYS A 397 -20.50 -4.08 20.34
N ILE A 398 -20.06 -3.12 21.15
CA ILE A 398 -20.60 -3.03 22.50
C ILE A 398 -22.10 -2.75 22.47
N HIS A 399 -22.58 -2.08 21.42
CA HIS A 399 -24.02 -1.85 21.30
C HIS A 399 -24.77 -3.16 21.13
N THR A 400 -24.24 -4.05 20.30
CA THR A 400 -24.84 -5.36 20.15
C THR A 400 -24.85 -6.12 21.46
N ASP A 401 -23.78 -6.01 22.23
CA ASP A 401 -23.73 -6.69 23.52
C ASP A 401 -24.82 -6.17 24.46
N VAL A 402 -24.99 -4.84 24.51
CA VAL A 402 -26.03 -4.27 25.35
C VAL A 402 -27.39 -4.72 24.86
N SER A 403 -27.60 -4.68 23.55
CA SER A 403 -28.86 -5.11 22.96
C SER A 403 -29.15 -6.55 23.32
N TYR A 404 -28.13 -7.41 23.21
CA TYR A 404 -28.30 -8.80 23.57
C TYR A 404 -28.79 -8.94 25.01
N ILE A 405 -28.17 -8.20 25.93
CA ILE A 405 -28.51 -8.37 27.33
C ILE A 405 -29.89 -7.79 27.59
N ALA A 406 -30.23 -6.68 26.93
CA ALA A 406 -31.56 -6.12 27.09
C ALA A 406 -32.62 -7.08 26.58
N CYS A 407 -32.36 -7.69 25.42
CA CYS A 407 -33.32 -8.64 24.87
C CYS A 407 -33.41 -9.92 25.70
N ALA A 408 -32.31 -10.32 26.34
CA ALA A 408 -32.35 -11.42 27.27
C ALA A 408 -33.26 -11.12 28.45
N ALA A 409 -33.22 -9.89 28.95
CA ALA A 409 -34.10 -9.53 30.06
C ALA A 409 -35.56 -9.66 29.65
N LYS A 410 -35.87 -9.23 28.41
CA LYS A 410 -37.23 -9.33 27.92
C LYS A 410 -37.64 -10.79 27.79
N LEU A 411 -36.74 -11.63 27.27
CA LEU A 411 -37.04 -13.04 27.14
C LEU A 411 -37.21 -13.71 28.50
N LEU A 412 -36.35 -13.40 29.46
CA LEU A 412 -36.42 -14.06 30.76
C LEU A 412 -37.68 -13.69 31.52
N ALA A 413 -38.31 -12.57 31.18
CA ALA A 413 -39.58 -12.22 31.79
C ALA A 413 -40.75 -12.97 31.17
N ALA A 414 -40.52 -13.72 30.10
CA ALA A 414 -41.60 -14.34 29.35
C ALA A 414 -41.37 -15.83 29.18
N THR A 415 -40.68 -16.47 30.14
CA THR A 415 -40.41 -17.90 30.00
C THR A 415 -41.66 -18.76 30.10
N ASP A 416 -42.78 -18.23 30.59
CA ASP A 416 -44.00 -19.01 30.54
C ASP A 416 -44.52 -19.14 29.11
N VAL A 417 -44.17 -18.19 28.23
CA VAL A 417 -44.76 -18.18 26.90
C VAL A 417 -43.77 -18.49 25.79
N VAL A 418 -42.48 -18.29 26.01
CA VAL A 418 -41.46 -18.63 25.03
C VAL A 418 -40.37 -19.39 25.75
N PHE A 419 -39.54 -20.07 24.97
CA PHE A 419 -38.38 -20.77 25.48
C PHE A 419 -37.12 -20.06 25.00
N PRO A 420 -36.48 -19.24 25.85
CA PRO A 420 -35.30 -18.51 25.40
C PRO A 420 -34.10 -19.43 25.23
N GLN A 421 -33.31 -19.16 24.19
CA GLN A 421 -32.14 -19.94 23.87
C GLN A 421 -31.02 -18.94 23.60
N PHE A 422 -30.08 -18.85 24.52
CA PHE A 422 -29.07 -17.81 24.53
C PHE A 422 -27.81 -18.35 23.85
N ALA A 423 -27.71 -18.07 22.56
CA ALA A 423 -26.63 -18.56 21.73
C ALA A 423 -25.50 -17.55 21.79
N THR A 424 -24.44 -17.89 22.52
CA THR A 424 -23.30 -17.01 22.59
C THR A 424 -22.10 -17.78 23.12
N HIS A 425 -20.92 -17.37 22.69
CA HIS A 425 -19.67 -17.86 23.24
C HIS A 425 -19.00 -16.85 24.15
N ASN A 426 -19.65 -15.73 24.41
CA ASN A 426 -19.07 -14.65 25.23
C ASN A 426 -19.35 -14.93 26.70
N ALA A 427 -18.27 -15.19 27.45
CA ALA A 427 -18.43 -15.57 28.85
C ALA A 427 -19.02 -14.46 29.70
N GLN A 428 -18.79 -13.21 29.32
CA GLN A 428 -19.37 -12.10 30.04
C GLN A 428 -20.87 -12.01 29.79
N THR A 429 -21.26 -12.12 28.51
CA THR A 429 -22.67 -12.21 28.16
C THR A 429 -23.33 -13.36 28.91
N LEU A 430 -22.70 -14.54 28.86
CA LEU A 430 -23.25 -15.71 29.53
C LEU A 430 -23.45 -15.45 31.01
N ALA A 431 -22.41 -14.95 31.68
CA ALA A 431 -22.49 -14.78 33.12
C ALA A 431 -23.56 -13.76 33.48
N ALA A 432 -23.70 -12.71 32.66
CA ALA A 432 -24.70 -11.68 32.94
C ALA A 432 -26.10 -12.28 32.90
N ILE A 433 -26.34 -13.18 31.95
CA ILE A 433 -27.65 -13.79 31.77
C ILE A 433 -27.89 -14.85 32.84
N TYR A 434 -26.88 -15.64 33.15
CA TYR A 434 -26.97 -16.63 34.21
C TYR A 434 -27.43 -16.01 35.51
N HIS A 435 -26.82 -14.90 35.91
CA HIS A 435 -27.25 -14.26 37.14
C HIS A 435 -28.57 -13.53 36.96
N MET A 436 -28.83 -12.98 35.77
CA MET A 436 -30.12 -12.36 35.52
C MET A 436 -31.27 -13.34 35.69
N ALA A 437 -31.07 -14.60 35.27
CA ALA A 437 -32.15 -15.56 35.28
C ALA A 437 -32.45 -16.05 36.69
N GLY A 438 -31.49 -15.90 37.61
CA GLY A 438 -31.72 -16.20 39.01
C GLY A 438 -31.58 -17.67 39.34
N LYS A 439 -32.02 -18.00 40.55
CA LYS A 439 -31.79 -19.32 41.14
C LYS A 439 -32.82 -20.37 40.74
N ASP A 440 -34.02 -19.98 40.32
CA ASP A 440 -35.04 -20.96 39.96
C ASP A 440 -34.78 -21.44 38.55
N PHE A 441 -34.48 -22.72 38.39
CA PHE A 441 -34.26 -23.29 37.07
C PHE A 441 -34.87 -24.67 36.96
N HIS A 442 -35.41 -24.97 35.79
CA HIS A 442 -35.80 -26.33 35.47
C HIS A 442 -35.54 -26.50 33.98
N VAL A 443 -35.30 -27.74 33.56
CA VAL A 443 -35.07 -27.99 32.14
C VAL A 443 -36.35 -27.63 31.40
N GLY A 444 -36.20 -26.84 30.34
CA GLY A 444 -37.33 -26.28 29.64
C GLY A 444 -37.58 -24.83 29.94
N LYS A 445 -36.94 -24.27 30.96
CA LYS A 445 -37.14 -22.85 31.25
C LYS A 445 -36.41 -21.99 30.24
N TYR A 446 -35.12 -22.22 30.07
CA TYR A 446 -34.34 -21.61 29.01
C TYR A 446 -33.09 -22.46 28.84
N GLU A 447 -32.30 -22.15 27.82
CA GLU A 447 -31.02 -22.85 27.67
C GLU A 447 -30.02 -21.89 27.06
N PHE A 448 -28.75 -22.26 27.15
CA PHE A 448 -27.71 -21.66 26.36
C PHE A 448 -27.49 -22.48 25.08
N GLN A 449 -26.83 -21.87 24.11
CA GLN A 449 -26.42 -22.57 22.90
C GLN A 449 -25.03 -22.13 22.48
N CYS A 450 -24.38 -23.00 21.74
CA CYS A 450 -23.06 -22.71 21.20
C CYS A 450 -22.88 -23.44 19.90
N LEU A 451 -21.79 -23.13 19.21
CA LEU A 451 -21.45 -23.78 17.94
C LEU A 451 -20.52 -24.96 18.21
N HIS A 452 -20.74 -26.04 17.48
CA HIS A 452 -19.87 -27.19 17.56
C HIS A 452 -18.43 -26.79 17.31
N GLY A 453 -17.52 -27.41 18.06
CA GLY A 453 -16.10 -27.22 17.85
C GLY A 453 -15.58 -25.87 18.26
N MET A 454 -16.39 -25.04 18.90
CA MET A 454 -16.02 -23.67 19.22
C MET A 454 -16.44 -23.38 20.65
N GLY A 455 -17.65 -23.77 21.01
CA GLY A 455 -18.14 -23.43 22.33
C GLY A 455 -18.00 -24.48 23.42
N GLU A 456 -17.62 -25.71 23.09
CA GLU A 456 -17.58 -26.73 24.12
C GLU A 456 -16.60 -26.40 25.24
N PRO A 457 -15.42 -25.81 24.99
CA PRO A 457 -14.56 -25.41 26.12
C PRO A 457 -15.27 -24.55 27.16
N LEU A 458 -16.01 -23.55 26.72
CA LEU A 458 -16.72 -22.68 27.65
C LEU A 458 -17.85 -23.44 28.33
N TYR A 459 -18.67 -24.12 27.55
CA TYR A 459 -19.88 -24.71 28.11
C TYR A 459 -19.61 -25.96 28.91
N GLU A 460 -18.43 -26.58 28.75
CA GLU A 460 -18.06 -27.60 29.72
C GLU A 460 -17.78 -27.01 31.09
N GLU A 461 -17.72 -25.69 31.21
CA GLU A 461 -17.69 -25.03 32.50
C GLU A 461 -19.08 -24.56 32.95
N VAL A 462 -20.11 -24.92 32.21
CA VAL A 462 -21.47 -24.45 32.44
C VAL A 462 -22.38 -25.64 32.71
N VAL A 463 -22.40 -26.58 31.77
CA VAL A 463 -23.29 -27.73 31.84
C VAL A 463 -22.91 -28.64 32.99
N GLY A 464 -23.93 -29.12 33.71
CA GLY A 464 -23.77 -30.18 34.68
C GLY A 464 -23.89 -29.68 36.11
N ARG A 465 -24.18 -30.64 37.01
CA ARG A 465 -24.40 -30.29 38.41
C ARG A 465 -23.13 -29.82 39.10
N GLY A 466 -21.97 -30.25 38.61
CA GLY A 466 -20.72 -29.76 39.14
C GLY A 466 -20.36 -28.36 38.71
N LYS A 467 -20.94 -27.87 37.62
CA LYS A 467 -20.63 -26.54 37.12
C LYS A 467 -21.75 -25.56 37.48
N LEU A 468 -22.36 -24.92 36.47
CA LEU A 468 -23.49 -24.02 36.71
C LEU A 468 -24.84 -24.69 36.52
N ASP A 469 -24.85 -25.93 36.06
CA ASP A 469 -26.06 -26.73 35.96
C ASP A 469 -27.09 -26.03 35.10
N ARG A 470 -26.63 -25.50 33.97
CA ARG A 470 -27.49 -24.95 32.95
C ARG A 470 -27.20 -25.66 31.64
N PRO A 471 -28.24 -26.02 30.88
CA PRO A 471 -28.03 -26.79 29.66
C PRO A 471 -27.55 -25.94 28.51
N CYS A 472 -26.92 -26.61 27.56
CA CYS A 472 -26.42 -25.95 26.37
C CYS A 472 -26.70 -26.85 25.19
N ARG A 473 -27.26 -26.27 24.15
CA ARG A 473 -27.51 -26.92 22.88
C ARG A 473 -26.41 -26.55 21.90
N ILE A 474 -25.82 -27.56 21.29
CA ILE A 474 -24.73 -27.38 20.34
C ILE A 474 -25.33 -27.31 18.95
N TYR A 475 -25.05 -26.22 18.24
CA TYR A 475 -25.42 -26.08 16.83
C TYR A 475 -24.38 -26.83 16.01
N ALA A 476 -24.84 -27.84 15.30
CA ALA A 476 -23.95 -28.85 14.72
C ALA A 476 -24.03 -28.79 13.21
N PRO A 477 -23.04 -28.23 12.54
CA PRO A 477 -23.03 -28.26 11.08
C PRO A 477 -22.83 -29.68 10.60
N VAL A 478 -23.52 -30.01 9.52
CA VAL A 478 -23.45 -31.33 8.90
C VAL A 478 -23.24 -31.14 7.42
N GLY A 479 -22.23 -31.79 6.85
CA GLY A 479 -22.01 -31.63 5.44
C GLY A 479 -20.66 -32.15 4.99
N THR A 480 -20.53 -32.40 3.69
CA THR A 480 -19.27 -32.82 3.11
C THR A 480 -18.27 -31.66 3.10
N HIS A 481 -17.00 -32.01 2.84
CA HIS A 481 -15.97 -30.98 2.72
C HIS A 481 -16.39 -29.85 1.79
N GLU A 482 -16.90 -30.21 0.60
CA GLU A 482 -17.25 -29.20 -0.39
C GLU A 482 -18.28 -28.23 0.14
N THR A 483 -19.44 -28.73 0.59
CA THR A 483 -20.45 -27.86 1.17
C THR A 483 -19.88 -27.06 2.33
N LEU A 484 -19.08 -27.70 3.17
CA LEU A 484 -18.49 -27.01 4.31
C LEU A 484 -17.75 -25.75 3.86
N LEU A 485 -16.84 -25.90 2.90
CA LEU A 485 -15.98 -24.78 2.50
C LEU A 485 -16.76 -23.61 1.94
N ALA A 486 -18.01 -23.82 1.51
CA ALA A 486 -18.74 -22.78 0.78
C ALA A 486 -18.89 -21.51 1.61
N TYR A 487 -19.35 -21.64 2.86
CA TYR A 487 -19.59 -20.49 3.72
C TYR A 487 -18.83 -20.61 5.04
N LEU A 488 -17.65 -21.23 5.00
CA LEU A 488 -16.86 -21.40 6.21
C LEU A 488 -16.17 -20.10 6.64
N VAL A 489 -15.89 -19.20 5.69
CA VAL A 489 -15.33 -17.90 6.04
C VAL A 489 -16.28 -17.14 6.96
N ARG A 490 -17.54 -16.95 6.52
CA ARG A 490 -18.50 -16.25 7.36
C ARG A 490 -18.57 -16.87 8.75
N ARG A 491 -18.57 -18.21 8.81
CA ARG A 491 -18.59 -18.89 10.12
C ARG A 491 -17.38 -18.50 10.96
N LEU A 492 -16.19 -18.52 10.36
CA LEU A 492 -14.99 -18.20 11.12
C LEU A 492 -15.03 -16.76 11.65
N LEU A 493 -15.47 -15.81 10.83
CA LEU A 493 -15.36 -14.39 11.19
C LEU A 493 -16.08 -14.06 12.50
N GLU A 494 -17.08 -14.83 12.87
CA GLU A 494 -17.71 -14.62 14.19
C GLU A 494 -16.74 -14.92 15.35
N ASN A 495 -15.47 -15.22 15.06
CA ASN A 495 -14.54 -15.58 16.11
C ASN A 495 -13.09 -15.24 15.79
N GLY A 496 -12.80 -14.53 14.70
CA GLY A 496 -11.45 -14.11 14.38
C GLY A 496 -11.31 -12.60 14.39
N ALA A 497 -12.45 -11.91 14.25
CA ALA A 497 -12.46 -10.45 14.27
C ALA A 497 -11.82 -9.94 15.56
N ASN A 498 -11.15 -8.78 15.45
CA ASN A 498 -10.54 -8.15 16.62
C ASN A 498 -11.57 -7.93 17.74
N SER A 499 -12.84 -7.79 17.37
CA SER A 499 -13.91 -7.59 18.34
C SER A 499 -14.42 -8.89 18.95
N SER A 500 -14.18 -10.03 18.32
CA SER A 500 -14.76 -11.28 18.77
C SER A 500 -14.21 -11.70 20.13
N PHE A 501 -15.11 -12.16 21.01
CA PHE A 501 -14.69 -12.69 22.29
C PHE A 501 -13.66 -13.80 22.12
N VAL A 502 -13.92 -14.72 21.19
CA VAL A 502 -13.05 -15.89 21.07
C VAL A 502 -11.66 -15.45 20.62
N HIS A 503 -11.58 -14.40 19.80
CA HIS A 503 -10.30 -13.85 19.41
C HIS A 503 -9.62 -13.17 20.59
N ARG A 504 -10.38 -12.40 21.37
CA ARG A 504 -9.79 -11.69 22.50
C ARG A 504 -9.33 -12.65 23.59
N ILE A 505 -10.12 -13.69 23.86
CA ILE A 505 -9.74 -14.59 24.95
C ILE A 505 -8.43 -15.31 24.66
N ASN A 506 -8.06 -15.43 23.38
CA ASN A 506 -6.75 -15.96 23.01
C ASN A 506 -5.65 -14.91 23.02
N ASP A 507 -6.00 -13.65 22.86
CA ASP A 507 -5.02 -12.57 22.86
C ASP A 507 -4.45 -12.43 24.27
N PRO A 508 -3.19 -12.79 24.52
CA PRO A 508 -2.65 -12.62 25.88
C PRO A 508 -2.46 -11.17 26.26
N LYS A 509 -2.45 -10.26 25.28
CA LYS A 509 -2.43 -8.83 25.55
C LYS A 509 -3.75 -8.30 26.09
N VAL A 510 -4.78 -9.13 26.16
CA VAL A 510 -6.10 -8.74 26.67
C VAL A 510 -6.25 -9.37 28.04
N SER A 511 -6.46 -8.55 29.06
CA SER A 511 -6.61 -9.06 30.41
C SER A 511 -8.00 -9.62 30.61
N ILE A 512 -8.14 -10.42 31.67
CA ILE A 512 -9.46 -10.89 32.07
C ILE A 512 -10.33 -9.70 32.45
N ASP A 513 -9.75 -8.73 33.17
CA ASP A 513 -10.49 -7.53 33.56
C ASP A 513 -11.15 -6.89 32.35
N GLU A 514 -10.41 -6.77 31.25
CA GLU A 514 -10.99 -6.24 30.01
C GLU A 514 -12.11 -7.14 29.49
N LEU A 515 -11.93 -8.45 29.61
CA LEU A 515 -12.92 -9.37 29.07
C LEU A 515 -14.22 -9.35 29.88
N ILE A 516 -14.14 -9.08 31.17
CA ILE A 516 -15.31 -9.11 32.02
C ILE A 516 -15.92 -7.74 32.18
N ALA A 517 -15.40 -6.76 31.46
CA ALA A 517 -15.97 -5.43 31.45
C ALA A 517 -17.43 -5.50 31.04
N ASP A 518 -18.25 -4.80 31.78
CA ASP A 518 -19.70 -4.80 31.59
C ASP A 518 -20.10 -3.82 30.49
N PRO A 519 -20.56 -4.32 29.35
CA PRO A 519 -20.86 -3.38 28.24
C PRO A 519 -21.97 -2.40 28.57
N VAL A 520 -22.92 -2.79 29.43
CA VAL A 520 -24.00 -1.87 29.80
C VAL A 520 -23.43 -0.62 30.46
N GLU A 521 -22.54 -0.81 31.43
CA GLU A 521 -21.97 0.34 32.12
C GLU A 521 -21.00 1.11 31.24
N VAL A 522 -20.29 0.42 30.35
CA VAL A 522 -19.39 1.11 29.43
C VAL A 522 -20.18 2.04 28.51
N VAL A 523 -21.27 1.53 27.96
CA VAL A 523 -22.08 2.36 27.09
C VAL A 523 -22.72 3.50 27.89
N ARG A 524 -23.20 3.20 29.09
CA ARG A 524 -23.88 4.23 29.86
C ARG A 524 -22.98 5.44 30.07
N ALA A 525 -21.68 5.21 30.27
CA ALA A 525 -20.74 6.25 30.65
C ALA A 525 -20.06 6.91 29.47
N MET A 526 -20.46 6.59 28.24
CA MET A 526 -19.86 7.23 27.10
C MET A 526 -20.41 8.65 26.95
N PRO A 527 -19.69 9.53 26.26
CA PRO A 527 -20.16 10.92 26.15
C PRO A 527 -21.49 11.03 25.44
N VAL A 528 -21.58 10.44 24.24
CA VAL A 528 -22.82 10.34 23.48
C VAL A 528 -23.23 8.87 23.54
N VAL A 529 -24.30 8.57 24.27
CA VAL A 529 -24.76 7.18 24.37
C VAL A 529 -25.24 6.75 22.99
N GLY A 530 -24.65 5.65 22.49
CA GLY A 530 -25.12 5.09 21.25
C GLY A 530 -24.58 5.72 20.00
N ALA A 531 -23.51 6.50 20.09
CA ALA A 531 -22.96 7.11 18.88
C ALA A 531 -22.53 6.04 17.88
N LYS A 532 -22.75 6.35 16.60
CA LYS A 532 -22.26 5.52 15.51
C LYS A 532 -20.75 5.36 15.61
N HIS A 533 -20.25 4.22 15.17
CA HIS A 533 -18.81 4.03 15.04
C HIS A 533 -18.17 5.16 14.26
N ASP A 534 -17.08 5.71 14.82
CA ASP A 534 -16.43 6.86 14.21
C ASP A 534 -15.91 6.56 12.80
N ARG A 535 -15.59 5.30 12.52
CA ARG A 535 -14.90 4.95 11.29
C ARG A 535 -15.80 4.28 10.26
N ILE A 536 -17.11 4.31 10.45
CA ILE A 536 -18.03 3.76 9.46
C ILE A 536 -18.91 4.91 9.02
N ALA A 537 -18.90 5.18 7.71
CA ALA A 537 -19.68 6.28 7.18
C ALA A 537 -21.13 5.86 6.99
N LEU A 538 -22.04 6.74 7.40
CA LEU A 538 -23.42 6.59 6.99
C LEU A 538 -23.46 6.64 5.46
N PRO A 539 -24.44 6.01 4.84
CA PRO A 539 -24.47 6.02 3.38
C PRO A 539 -24.44 7.42 2.80
N ALA A 540 -25.14 8.37 3.42
CA ALA A 540 -25.16 9.75 2.91
C ALA A 540 -23.78 10.38 2.92
N GLU A 541 -22.85 9.88 3.73
CA GLU A 541 -21.56 10.51 3.98
C GLU A 541 -20.42 9.77 3.31
N LEU A 542 -20.74 8.90 2.33
CA LEU A 542 -19.71 8.08 1.73
C LEU A 542 -18.62 8.92 1.09
N PHE A 543 -18.95 10.13 0.65
CA PHE A 543 -17.98 10.96 -0.07
C PHE A 543 -17.48 12.08 0.81
N GLY A 544 -17.83 12.08 2.09
CA GLY A 544 -17.29 13.07 2.99
C GLY A 544 -17.64 14.48 2.55
N ASP A 545 -16.63 15.36 2.60
CA ASP A 545 -16.86 16.78 2.34
C ASP A 545 -16.98 17.10 0.86
N ALA A 546 -16.71 16.13 -0.01
CA ALA A 546 -16.76 16.39 -1.45
C ALA A 546 -18.19 16.62 -1.91
N ARG A 547 -19.13 15.80 -1.45
CA ARG A 547 -20.50 15.95 -1.91
C ARG A 547 -21.35 14.96 -1.15
N THR A 548 -22.64 15.20 -1.19
CA THR A 548 -23.60 14.38 -0.48
C THR A 548 -24.03 13.26 -1.40
N ASN A 549 -23.91 12.04 -0.92
CA ASN A 549 -24.39 10.90 -1.67
C ASN A 549 -25.89 11.01 -1.86
N SER A 550 -26.35 10.54 -3.01
CA SER A 550 -27.79 10.43 -3.22
C SER A 550 -28.34 9.40 -2.28
N ALA A 551 -29.64 9.54 -1.96
CA ALA A 551 -30.34 8.62 -1.09
C ALA A 551 -31.28 7.76 -1.91
N GLY A 552 -31.34 6.48 -1.57
CA GLY A 552 -32.24 5.55 -2.21
C GLY A 552 -33.47 5.31 -1.36
N LEU A 553 -34.13 4.21 -1.65
CA LEU A 553 -35.35 3.83 -0.96
C LEU A 553 -35.29 2.34 -0.69
N ASP A 554 -35.82 1.92 0.45
CA ASP A 554 -35.71 0.54 0.91
C ASP A 554 -36.99 -0.20 0.52
N LEU A 555 -36.90 -1.01 -0.54
CA LEU A 555 -38.08 -1.72 -1.02
C LEU A 555 -38.42 -2.94 -0.17
N SER A 556 -37.71 -3.15 0.93
CA SER A 556 -38.12 -4.14 1.93
C SER A 556 -38.83 -3.50 3.11
N ASN A 557 -38.96 -2.18 3.13
CA ASN A 557 -39.57 -1.48 4.24
C ASN A 557 -41.04 -1.23 3.94
N GLU A 558 -41.92 -1.78 4.78
CA GLU A 558 -43.34 -1.71 4.45
C GLU A 558 -43.87 -0.28 4.46
N GLU A 559 -43.31 0.58 5.33
CA GLU A 559 -43.73 1.98 5.29
C GLU A 559 -43.33 2.61 3.97
N THR A 560 -42.11 2.34 3.52
CA THR A 560 -41.68 2.85 2.23
C THR A 560 -42.56 2.32 1.11
N LEU A 561 -42.86 1.02 1.13
CA LEU A 561 -43.69 0.46 0.09
C LEU A 561 -45.06 1.10 0.08
N ALA A 562 -45.63 1.34 1.27
CA ALA A 562 -46.95 1.93 1.32
C ALA A 562 -46.93 3.36 0.80
N SER A 563 -45.94 4.14 1.24
CA SER A 563 -45.84 5.53 0.78
C SER A 563 -45.57 5.58 -0.72
N LEU A 564 -44.71 4.70 -1.21
CA LEU A 564 -44.36 4.67 -2.61
C LEU A 564 -45.55 4.24 -3.45
N THR A 565 -46.33 3.28 -2.96
CA THR A 565 -47.52 2.88 -3.68
C THR A 565 -48.39 4.09 -3.98
N GLU A 566 -48.61 4.93 -2.98
CA GLU A 566 -49.47 6.09 -3.19
C GLU A 566 -48.82 7.10 -4.13
N ALA A 567 -47.53 7.36 -3.97
CA ALA A 567 -46.89 8.35 -4.84
C ALA A 567 -46.86 7.85 -6.29
N LEU A 568 -46.60 6.55 -6.47
CA LEU A 568 -46.59 5.98 -7.81
C LEU A 568 -47.95 6.07 -8.47
N ARG A 569 -49.01 5.71 -7.74
CA ARG A 569 -50.35 5.89 -8.27
C ARG A 569 -50.61 7.34 -8.64
N GLU A 570 -50.19 8.27 -7.77
CA GLU A 570 -50.40 9.69 -8.05
C GLU A 570 -49.65 10.10 -9.30
N SER A 571 -48.45 9.54 -9.51
CA SER A 571 -47.68 9.91 -10.68
C SER A 571 -48.36 9.47 -11.95
N ALA A 572 -49.11 8.37 -11.92
CA ALA A 572 -49.75 7.87 -13.12
C ALA A 572 -51.03 8.65 -13.44
N ALA A 573 -51.52 9.45 -12.51
CA ALA A 573 -52.68 10.29 -12.79
C ALA A 573 -52.27 11.63 -13.42
N MET A 574 -50.98 11.93 -13.45
CA MET A 574 -50.52 13.24 -13.89
C MET A 574 -50.49 13.30 -15.41
N LYS A 575 -50.75 14.49 -15.94
CA LYS A 575 -50.81 14.70 -17.38
C LYS A 575 -49.43 15.12 -17.90
N TRP A 576 -48.51 14.15 -17.90
CA TRP A 576 -47.15 14.41 -18.33
C TRP A 576 -47.12 14.87 -19.78
N THR A 577 -46.35 15.92 -20.03
CA THR A 577 -46.14 16.38 -21.40
C THR A 577 -44.68 16.75 -21.58
N ALA A 578 -44.24 16.75 -22.84
CA ALA A 578 -42.94 17.24 -23.25
C ALA A 578 -43.18 18.11 -24.47
N LEU A 579 -42.62 19.30 -24.47
CA LEU A 579 -42.84 20.25 -25.55
C LEU A 579 -41.51 20.81 -25.96
N PRO A 580 -41.40 21.34 -27.15
CA PRO A 580 -40.19 22.07 -27.53
C PRO A 580 -40.12 23.34 -26.71
N GLN A 581 -39.21 23.39 -25.74
CA GLN A 581 -39.10 24.51 -24.80
C GLN A 581 -37.96 25.37 -25.30
N LEU A 582 -38.29 26.35 -26.14
CA LEU A 582 -37.28 27.26 -26.68
C LEU A 582 -37.01 28.39 -25.68
N ALA A 583 -36.00 29.18 -25.98
CA ALA A 583 -35.64 30.26 -25.05
C ALA A 583 -36.80 31.24 -24.90
N THR A 584 -37.65 31.33 -25.90
CA THR A 584 -38.72 32.30 -25.95
C THR A 584 -40.05 31.74 -25.47
N GLY A 585 -40.07 30.47 -25.09
CA GLY A 585 -41.29 29.81 -24.68
C GLY A 585 -41.54 28.54 -25.47
N PRO A 586 -42.56 27.80 -25.08
CA PRO A 586 -42.86 26.54 -25.77
C PRO A 586 -43.25 26.82 -27.20
N ALA A 587 -42.84 25.94 -28.09
CA ALA A 587 -43.17 26.06 -29.49
C ALA A 587 -44.21 25.02 -29.87
N ALA A 588 -45.01 25.35 -30.88
CA ALA A 588 -45.95 24.39 -31.43
C ALA A 588 -45.21 23.32 -32.22
N GLY A 589 -45.87 22.17 -32.38
CA GLY A 589 -45.31 21.08 -33.16
C GLY A 589 -46.34 19.97 -33.29
N GLU A 590 -45.90 18.87 -33.90
CA GLU A 590 -46.76 17.72 -34.07
C GLU A 590 -46.79 16.94 -32.77
N THR A 591 -47.99 16.61 -32.29
CA THR A 591 -48.18 16.04 -30.96
C THR A 591 -48.65 14.59 -31.05
N ARG A 592 -48.10 13.73 -30.20
CA ARG A 592 -48.52 12.34 -30.15
C ARG A 592 -48.45 11.84 -28.72
N THR A 593 -49.09 10.69 -28.48
CA THR A 593 -49.08 10.11 -27.16
C THR A 593 -47.78 9.30 -26.93
N VAL A 594 -47.42 9.18 -25.66
CA VAL A 594 -46.31 8.34 -25.24
C VAL A 594 -46.93 7.17 -24.49
N LEU A 595 -46.62 5.96 -24.94
CA LEU A 595 -47.24 4.74 -24.44
C LEU A 595 -46.27 3.97 -23.57
N ASN A 596 -46.81 3.26 -22.60
CA ASN A 596 -46.02 2.38 -21.73
C ASN A 596 -45.55 1.21 -22.56
N PRO A 597 -44.23 0.95 -22.65
CA PRO A 597 -43.78 -0.19 -23.45
C PRO A 597 -44.28 -1.52 -22.95
N GLY A 598 -44.69 -1.60 -21.70
CA GLY A 598 -45.18 -2.83 -21.14
C GLY A 598 -46.65 -3.04 -21.34
N ASP A 599 -47.34 -2.03 -21.83
CA ASP A 599 -48.78 -2.12 -22.04
C ASP A 599 -49.21 -0.88 -22.79
N HIS A 600 -49.34 -1.00 -24.11
CA HIS A 600 -49.58 0.14 -24.97
C HIS A 600 -50.93 0.79 -24.71
N ARG A 601 -51.79 0.11 -23.96
CA ARG A 601 -53.06 0.70 -23.55
C ARG A 601 -52.86 1.78 -22.50
N ASP A 602 -51.72 1.80 -21.83
CA ASP A 602 -51.45 2.73 -20.73
C ASP A 602 -50.75 3.94 -21.35
N VAL A 603 -51.52 5.00 -21.58
CA VAL A 603 -50.98 6.25 -22.12
C VAL A 603 -50.29 6.99 -20.98
N VAL A 604 -49.02 7.30 -21.16
CA VAL A 604 -48.27 7.96 -20.10
C VAL A 604 -48.32 9.46 -20.24
N GLY A 605 -48.32 9.95 -21.48
CA GLY A 605 -48.34 11.38 -21.69
C GLY A 605 -48.37 11.71 -23.16
N SER A 606 -48.06 12.96 -23.47
CA SER A 606 -48.10 13.48 -24.81
C SER A 606 -46.80 14.26 -25.04
N VAL A 607 -46.23 14.07 -26.22
CA VAL A 607 -45.03 14.79 -26.60
C VAL A 607 -45.33 15.60 -27.84
N THR A 608 -44.87 16.84 -27.84
CA THR A 608 -44.92 17.69 -29.02
C THR A 608 -43.49 17.77 -29.54
N GLU A 609 -43.30 17.39 -30.78
CA GLU A 609 -41.96 17.24 -31.30
C GLU A 609 -41.56 18.49 -32.06
N THR A 610 -40.25 18.68 -32.20
CA THR A 610 -39.68 19.93 -32.69
C THR A 610 -39.55 19.87 -34.20
N SER A 611 -40.00 20.92 -34.87
CA SER A 611 -39.70 21.06 -36.29
C SER A 611 -38.21 21.32 -36.49
N GLU A 612 -37.71 20.95 -37.68
CA GLU A 612 -36.30 21.22 -37.96
C GLU A 612 -36.02 22.71 -37.91
N GLU A 613 -37.00 23.51 -38.35
CA GLU A 613 -36.86 24.96 -38.29
C GLU A 613 -36.65 25.44 -36.87
N ASP A 614 -37.46 24.96 -35.93
CA ASP A 614 -37.32 25.40 -34.54
C ASP A 614 -36.05 24.88 -33.91
N ALA A 615 -35.59 23.68 -34.33
CA ALA A 615 -34.33 23.19 -33.82
C ALA A 615 -33.20 24.13 -34.21
N ARG A 616 -33.21 24.60 -35.46
CA ARG A 616 -32.18 25.56 -35.85
C ARG A 616 -32.36 26.88 -35.13
N ARG A 617 -33.62 27.28 -34.91
CA ARG A 617 -33.86 28.51 -34.17
C ARG A 617 -33.33 28.40 -32.75
N ALA A 618 -33.53 27.24 -32.11
CA ALA A 618 -33.05 27.04 -30.75
C ALA A 618 -31.54 27.22 -30.66
N VAL A 619 -30.80 26.74 -31.66
CA VAL A 619 -29.36 26.90 -31.62
C VAL A 619 -28.98 28.38 -31.71
N ARG A 620 -29.70 29.15 -32.54
CA ARG A 620 -29.40 30.57 -32.65
C ARG A 620 -29.69 31.28 -31.33
N LEU A 621 -30.80 30.93 -30.68
CA LEU A 621 -31.10 31.52 -29.39
C LEU A 621 -30.04 31.15 -28.37
N ALA A 622 -29.59 29.90 -28.38
CA ALA A 622 -28.52 29.49 -27.49
C ALA A 622 -27.26 30.30 -27.75
N ALA A 623 -26.92 30.50 -29.02
CA ALA A 623 -25.72 31.26 -29.35
C ALA A 623 -25.84 32.69 -28.83
N ASP A 624 -27.00 33.30 -28.98
CA ASP A 624 -27.16 34.69 -28.56
C ASP A 624 -27.20 34.82 -27.04
N ALA A 625 -27.58 33.77 -26.34
CA ALA A 625 -27.59 33.77 -24.89
C ALA A 625 -26.30 33.24 -24.28
N ALA A 626 -25.37 32.76 -25.09
CA ALA A 626 -24.17 32.16 -24.52
C ALA A 626 -23.40 33.10 -23.61
N PRO A 627 -23.16 34.38 -23.97
CA PRO A 627 -22.42 35.26 -23.04
C PRO A 627 -23.05 35.39 -21.68
N ASP A 628 -24.38 35.51 -21.61
CA ASP A 628 -25.05 35.74 -20.34
C ASP A 628 -24.91 34.53 -19.42
N TRP A 629 -24.94 33.31 -20.00
CA TRP A 629 -24.75 32.13 -19.18
C TRP A 629 -23.28 31.95 -18.81
N ALA A 630 -22.37 32.19 -19.77
CA ALA A 630 -20.96 32.08 -19.44
C ALA A 630 -20.59 33.03 -18.32
N ALA A 631 -21.29 34.15 -18.21
CA ALA A 631 -20.94 35.13 -17.20
C ALA A 631 -21.49 34.80 -15.83
N VAL A 632 -22.36 33.81 -15.72
CA VAL A 632 -22.76 33.33 -14.39
C VAL A 632 -21.55 32.61 -13.81
N PRO A 633 -21.06 33.00 -12.64
CA PRO A 633 -19.84 32.41 -12.09
C PRO A 633 -19.97 30.92 -11.90
N PRO A 634 -18.89 30.15 -12.12
CA PRO A 634 -18.97 28.70 -11.98
C PRO A 634 -19.59 28.24 -10.68
N SER A 635 -19.28 28.88 -9.55
CA SER A 635 -19.83 28.45 -8.28
C SER A 635 -21.35 28.57 -8.29
N GLU A 636 -21.87 29.62 -8.93
CA GLU A 636 -23.33 29.79 -9.00
C GLU A 636 -23.95 28.82 -10.00
N ARG A 637 -23.27 28.55 -11.11
CA ARG A 637 -23.74 27.48 -11.99
C ARG A 637 -23.80 26.17 -11.23
N ALA A 638 -22.77 25.89 -10.42
CA ALA A 638 -22.77 24.63 -9.67
C ALA A 638 -23.86 24.64 -8.61
N ALA A 639 -24.17 25.80 -8.05
CA ALA A 639 -25.28 25.90 -7.10
C ALA A 639 -26.60 25.52 -7.76
N CYS A 640 -26.78 25.87 -9.05
CA CYS A 640 -27.98 25.43 -9.75
C CYS A 640 -28.04 23.92 -9.82
N LEU A 641 -26.92 23.28 -10.11
CA LEU A 641 -26.91 21.83 -10.20
C LEU A 641 -27.25 21.22 -8.85
N ASP A 642 -26.66 21.74 -7.77
CA ASP A 642 -26.96 21.20 -6.45
C ASP A 642 -28.43 21.41 -6.11
N ARG A 643 -29.00 22.54 -6.51
CA ARG A 643 -30.42 22.75 -6.23
C ARG A 643 -31.26 21.77 -7.03
N ALA A 644 -30.87 21.51 -8.27
CA ALA A 644 -31.58 20.54 -9.08
C ALA A 644 -31.51 19.15 -8.45
N ALA A 645 -30.37 18.79 -7.86
CA ALA A 645 -30.23 17.50 -7.21
C ALA A 645 -31.14 17.41 -5.99
N GLU A 646 -31.21 18.48 -5.19
CA GLU A 646 -32.15 18.48 -4.06
C GLU A 646 -33.58 18.27 -4.56
N LEU A 647 -33.92 18.91 -5.67
CA LEU A 647 -35.27 18.79 -6.19
C LEU A 647 -35.56 17.38 -6.68
N MET A 648 -34.60 16.78 -7.40
CA MET A 648 -34.82 15.42 -7.87
C MET A 648 -34.88 14.44 -6.70
N GLN A 649 -34.09 14.68 -5.66
CA GLN A 649 -34.16 13.79 -4.50
C GLN A 649 -35.53 13.86 -3.86
N ALA A 650 -36.08 15.07 -3.74
CA ALA A 650 -37.38 15.25 -3.10
C ALA A 650 -38.48 14.67 -3.95
N ARG A 651 -38.31 14.72 -5.26
CA ARG A 651 -39.29 14.27 -6.22
C ARG A 651 -39.08 12.82 -6.62
N MET A 652 -38.13 12.12 -6.01
CA MET A 652 -37.78 10.78 -6.49
C MET A 652 -38.98 9.87 -6.66
N PRO A 653 -39.92 9.79 -5.73
CA PRO A 653 -41.04 8.85 -5.93
C PRO A 653 -41.83 9.13 -7.19
N THR A 654 -42.14 10.40 -7.47
CA THR A 654 -42.86 10.74 -8.69
C THR A 654 -42.02 10.45 -9.92
N LEU A 655 -40.73 10.79 -9.85
CA LEU A 655 -39.84 10.49 -10.97
C LEU A 655 -39.76 8.99 -11.22
N LEU A 656 -39.69 8.18 -10.15
CA LEU A 656 -39.70 6.73 -10.29
C LEU A 656 -40.90 6.28 -11.11
N GLY A 657 -42.08 6.79 -10.73
CA GLY A 657 -43.28 6.35 -11.37
C GLY A 657 -43.28 6.65 -12.84
N LEU A 658 -42.74 7.82 -13.22
CA LEU A 658 -42.69 8.17 -14.62
C LEU A 658 -41.74 7.27 -15.37
N ILE A 659 -40.57 7.01 -14.79
CA ILE A 659 -39.58 6.17 -15.45
C ILE A 659 -40.11 4.75 -15.62
N ILE A 660 -40.76 4.22 -14.59
CA ILE A 660 -41.31 2.87 -14.66
C ILE A 660 -42.25 2.76 -15.87
N ARG A 661 -43.17 3.70 -16.02
CA ARG A 661 -44.18 3.60 -17.05
C ARG A 661 -43.68 4.06 -18.41
N GLU A 662 -42.82 5.07 -18.47
CA GLU A 662 -42.40 5.55 -19.78
C GLU A 662 -41.32 4.68 -20.41
N ALA A 663 -40.42 4.15 -19.59
CA ALA A 663 -39.23 3.46 -20.08
C ALA A 663 -39.26 1.98 -19.75
N GLY A 664 -40.30 1.53 -19.05
CA GLY A 664 -40.46 0.12 -18.77
C GLY A 664 -39.50 -0.42 -17.75
N LYS A 665 -39.09 0.39 -16.79
CA LYS A 665 -38.12 0.00 -15.79
C LYS A 665 -38.81 -0.53 -14.56
N SER A 666 -38.13 -1.44 -13.86
CA SER A 666 -38.57 -1.84 -12.55
C SER A 666 -38.32 -0.71 -11.55
N ALA A 667 -38.99 -0.79 -10.40
CA ALA A 667 -38.83 0.25 -9.40
C ALA A 667 -37.39 0.32 -8.91
N LEU A 668 -36.78 -0.84 -8.64
CA LEU A 668 -35.40 -0.88 -8.17
C LEU A 668 -34.49 -0.15 -9.14
N ASN A 669 -34.65 -0.43 -10.43
CA ASN A 669 -33.79 0.20 -11.42
C ASN A 669 -34.08 1.69 -11.55
N ALA A 670 -35.36 2.08 -11.45
CA ALA A 670 -35.72 3.50 -11.52
C ALA A 670 -35.14 4.26 -10.34
N ILE A 671 -35.17 3.67 -9.14
CA ILE A 671 -34.53 4.30 -7.99
C ILE A 671 -33.07 4.58 -8.30
N ALA A 672 -32.37 3.57 -8.82
CA ALA A 672 -30.95 3.70 -9.11
C ALA A 672 -30.72 4.76 -10.16
N GLU A 673 -31.65 4.85 -11.11
CA GLU A 673 -31.50 5.86 -12.16
C GLU A 673 -31.65 7.26 -11.60
N VAL A 674 -32.65 7.50 -10.75
CA VAL A 674 -32.80 8.82 -10.17
C VAL A 674 -31.59 9.13 -9.30
N ARG A 675 -31.11 8.14 -8.55
CA ARG A 675 -29.91 8.34 -7.76
C ARG A 675 -28.76 8.80 -8.63
N GLU A 676 -28.59 8.13 -9.77
CA GLU A 676 -27.48 8.47 -10.68
C GLU A 676 -27.62 9.90 -11.18
N ALA A 677 -28.85 10.34 -11.47
CA ALA A 677 -29.04 11.71 -11.92
C ALA A 677 -28.64 12.68 -10.83
N ILE A 678 -29.04 12.40 -9.60
CA ILE A 678 -28.66 13.23 -8.48
C ILE A 678 -27.15 13.27 -8.35
N ASP A 679 -26.51 12.10 -8.47
CA ASP A 679 -25.07 12.00 -8.35
C ASP A 679 -24.34 12.77 -9.45
N PHE A 680 -24.83 12.70 -10.70
CA PHE A 680 -24.22 13.50 -11.76
C PHE A 680 -24.26 14.97 -11.39
N LEU A 681 -25.44 15.45 -10.98
CA LEU A 681 -25.59 16.86 -10.69
C LEU A 681 -24.61 17.28 -9.62
N ARG A 682 -24.51 16.50 -8.53
CA ARG A 682 -23.67 16.89 -7.41
C ARG A 682 -22.20 16.68 -7.72
N TYR A 683 -21.89 15.67 -8.53
CA TYR A 683 -20.49 15.42 -8.89
C TYR A 683 -19.97 16.50 -9.81
N TYR A 684 -20.74 16.84 -10.85
CA TYR A 684 -20.22 17.88 -11.73
C TYR A 684 -20.22 19.23 -11.05
N ALA A 685 -21.12 19.44 -10.09
CA ALA A 685 -21.07 20.68 -9.31
C ALA A 685 -19.78 20.74 -8.52
N GLU A 686 -19.42 19.62 -7.87
CA GLU A 686 -18.19 19.61 -7.07
C GLU A 686 -16.97 19.70 -7.97
N GLN A 687 -16.98 18.98 -9.08
CA GLN A 687 -15.84 19.08 -10.00
C GLN A 687 -15.66 20.52 -10.48
N THR A 688 -16.77 21.22 -10.72
CA THR A 688 -16.70 22.61 -11.11
C THR A 688 -16.06 23.46 -10.00
N ARG A 689 -16.54 23.28 -8.77
CA ARG A 689 -15.98 24.05 -7.65
C ARG A 689 -14.48 23.78 -7.49
N ARG A 690 -14.04 22.59 -7.88
CA ARG A 690 -12.62 22.26 -7.78
C ARG A 690 -11.78 22.83 -8.91
N THR A 691 -12.40 23.20 -10.06
CA THR A 691 -11.56 23.41 -11.25
C THR A 691 -11.79 24.71 -11.99
N LEU A 692 -13.02 25.14 -12.21
CA LEU A 692 -13.27 26.09 -13.28
C LEU A 692 -13.03 27.54 -12.87
N GLY A 693 -12.32 28.27 -13.72
CA GLY A 693 -12.05 29.66 -13.50
C GLY A 693 -12.22 30.43 -14.79
N PRO A 694 -11.84 31.71 -14.76
CA PRO A 694 -12.15 32.59 -15.90
C PRO A 694 -11.48 32.18 -17.20
N GLY A 695 -10.31 31.56 -17.14
CA GLY A 695 -9.63 31.14 -18.34
C GLY A 695 -10.13 29.86 -18.96
N HIS A 696 -11.11 29.19 -18.35
CA HIS A 696 -11.66 27.97 -18.92
C HIS A 696 -12.97 28.36 -19.60
N GLY A 697 -12.83 28.92 -20.79
CA GLY A 697 -13.98 29.50 -21.47
C GLY A 697 -14.86 28.45 -22.08
N PRO A 698 -16.17 28.69 -22.09
CA PRO A 698 -17.09 27.72 -22.67
C PRO A 698 -16.85 27.56 -24.17
N LEU A 699 -17.18 26.37 -24.66
CA LEU A 699 -17.19 26.15 -26.10
C LEU A 699 -18.26 27.00 -26.79
N GLY A 700 -19.45 27.06 -26.21
CA GLY A 700 -20.59 27.65 -26.89
C GLY A 700 -21.74 26.69 -26.85
N PRO A 701 -22.72 26.86 -27.72
CA PRO A 701 -23.91 25.98 -27.69
C PRO A 701 -23.49 24.53 -27.85
N ILE A 702 -23.94 23.69 -26.93
CA ILE A 702 -23.63 22.27 -26.95
C ILE A 702 -24.93 21.53 -27.18
N VAL A 703 -24.90 20.61 -28.12
CA VAL A 703 -26.04 19.75 -28.43
C VAL A 703 -25.86 18.47 -27.64
N CYS A 704 -26.83 18.17 -26.79
CA CYS A 704 -26.80 16.99 -25.95
C CYS A 704 -27.86 16.02 -26.48
N ILE A 705 -27.41 14.89 -26.98
CA ILE A 705 -28.30 13.88 -27.55
C ILE A 705 -28.15 12.64 -26.68
N SER A 706 -29.27 12.14 -26.18
CA SER A 706 -29.24 11.10 -25.18
C SER A 706 -30.07 9.90 -25.62
N PRO A 707 -29.81 8.75 -25.03
CA PRO A 707 -30.50 7.52 -25.39
C PRO A 707 -31.76 7.33 -24.55
N TRP A 708 -32.59 6.38 -24.98
CA TRP A 708 -33.85 6.14 -24.27
C TRP A 708 -33.64 5.40 -22.95
N ASN A 709 -32.54 4.66 -22.81
CA ASN A 709 -32.52 3.60 -21.80
C ASN A 709 -32.12 4.05 -20.42
N PHE A 710 -31.48 5.21 -20.28
CA PHE A 710 -31.35 5.90 -19.01
C PHE A 710 -31.86 7.29 -19.24
N PRO A 711 -33.18 7.42 -19.39
CA PRO A 711 -33.78 8.63 -19.92
C PRO A 711 -33.75 9.80 -18.98
N LEU A 712 -33.46 9.59 -17.71
CA LEU A 712 -33.20 10.69 -16.80
C LEU A 712 -31.72 10.86 -16.50
N ALA A 713 -31.01 9.78 -16.19
CA ALA A 713 -29.66 9.96 -15.66
C ALA A 713 -28.67 10.41 -16.73
N ILE A 714 -28.62 9.71 -17.87
CA ILE A 714 -27.66 10.09 -18.90
C ILE A 714 -28.06 11.43 -19.48
N PHE A 715 -29.35 11.62 -19.73
CA PHE A 715 -29.88 12.91 -20.14
C PHE A 715 -29.40 14.02 -19.19
N THR A 716 -29.62 13.84 -17.90
CA THR A 716 -29.23 14.87 -16.94
C THR A 716 -27.72 15.06 -16.90
N GLY A 717 -26.96 13.98 -16.91
CA GLY A 717 -25.53 14.10 -16.76
C GLY A 717 -24.89 14.92 -17.88
N GLN A 718 -25.29 14.66 -19.12
CA GLN A 718 -24.67 15.39 -20.21
C GLN A 718 -25.02 16.87 -20.12
N ILE A 719 -26.31 17.15 -19.86
CA ILE A 719 -26.75 18.54 -19.82
C ILE A 719 -26.13 19.25 -18.64
N ALA A 720 -26.08 18.60 -17.48
CA ALA A 720 -25.55 19.26 -16.30
C ALA A 720 -24.08 19.60 -16.52
N ALA A 721 -23.32 18.66 -17.08
CA ALA A 721 -21.91 18.92 -17.35
C ALA A 721 -21.76 20.10 -18.30
N ALA A 722 -22.48 20.07 -19.42
CA ALA A 722 -22.37 21.15 -20.39
C ALA A 722 -22.73 22.49 -19.74
N LEU A 723 -23.84 22.52 -18.99
CA LEU A 723 -24.28 23.75 -18.37
C LEU A 723 -23.28 24.29 -17.37
N VAL A 724 -22.74 23.41 -16.52
CA VAL A 724 -21.92 23.92 -15.43
C VAL A 724 -20.58 24.39 -15.96
N ALA A 725 -20.14 23.83 -17.08
CA ALA A 725 -18.96 24.34 -17.77
C ALA A 725 -19.22 25.65 -18.46
N GLY A 726 -20.43 26.21 -18.39
CA GLY A 726 -20.70 27.51 -18.92
C GLY A 726 -21.30 27.57 -20.31
N ASN A 727 -21.77 26.44 -20.84
CA ASN A 727 -22.34 26.40 -22.17
C ASN A 727 -23.86 26.34 -22.11
N PRO A 728 -24.54 27.08 -22.95
CA PRO A 728 -25.97 26.83 -23.14
C PRO A 728 -26.14 25.52 -23.89
N VAL A 729 -27.24 24.84 -23.59
CA VAL A 729 -27.48 23.47 -24.02
C VAL A 729 -28.76 23.40 -24.83
N LEU A 730 -28.71 22.60 -25.89
CA LEU A 730 -29.87 22.15 -26.64
C LEU A 730 -30.02 20.67 -26.30
N ALA A 731 -31.07 20.34 -25.56
CA ALA A 731 -31.27 18.98 -25.08
C ALA A 731 -32.21 18.25 -26.01
N LYS A 732 -31.73 17.18 -26.64
CA LYS A 732 -32.55 16.39 -27.57
C LYS A 732 -32.70 14.99 -26.98
N PRO A 733 -33.77 14.72 -26.24
CA PRO A 733 -33.94 13.39 -25.66
C PRO A 733 -34.37 12.40 -26.71
N ALA A 734 -34.12 11.14 -26.43
CA ALA A 734 -34.59 10.07 -27.29
C ALA A 734 -36.08 10.18 -27.52
N GLU A 735 -36.50 9.85 -28.74
CA GLU A 735 -37.91 9.95 -29.08
C GLU A 735 -38.78 9.05 -28.22
N GLU A 736 -38.23 7.95 -27.72
CA GLU A 736 -39.02 7.02 -26.93
C GLU A 736 -39.36 7.57 -25.56
N THR A 737 -38.55 8.48 -25.00
CA THR A 737 -38.63 8.84 -23.57
C THR A 737 -38.52 10.35 -23.36
N PRO A 738 -39.39 11.13 -23.99
CA PRO A 738 -39.33 12.60 -23.82
C PRO A 738 -39.91 13.10 -22.51
N LEU A 739 -40.79 12.34 -21.86
CA LEU A 739 -41.53 12.93 -20.74
C LEU A 739 -40.61 13.15 -19.55
N ILE A 740 -39.83 12.12 -19.19
CA ILE A 740 -38.91 12.27 -18.06
C ILE A 740 -37.86 13.31 -18.38
N ALA A 741 -37.46 13.41 -19.65
CA ALA A 741 -36.53 14.47 -20.04
C ALA A 741 -37.13 15.84 -19.81
N ALA A 742 -38.39 16.02 -20.21
CA ALA A 742 -39.06 17.31 -20.00
C ALA A 742 -39.12 17.64 -18.52
N GLU A 743 -39.37 16.64 -17.69
CA GLU A 743 -39.43 16.86 -16.24
C GLU A 743 -38.04 17.21 -15.69
N GLY A 744 -36.99 16.55 -16.18
CA GLY A 744 -35.64 16.92 -15.81
C GLY A 744 -35.31 18.36 -16.19
N VAL A 745 -35.71 18.78 -17.39
CA VAL A 745 -35.51 20.18 -17.77
C VAL A 745 -36.34 21.10 -16.90
N ARG A 746 -37.57 20.72 -16.59
CA ARG A 746 -38.36 21.56 -15.70
C ARG A 746 -37.66 21.76 -14.37
N ILE A 747 -37.11 20.68 -13.82
CA ILE A 747 -36.40 20.74 -12.54
C ILE A 747 -35.17 21.63 -12.64
N LEU A 748 -34.39 21.46 -13.72
CA LEU A 748 -33.18 22.28 -13.87
C LEU A 748 -33.54 23.75 -13.97
N ARG A 749 -34.57 24.07 -14.75
CA ARG A 749 -35.05 25.44 -14.81
C ARG A 749 -35.52 25.93 -13.44
N GLU A 750 -36.28 25.10 -12.72
CA GLU A 750 -36.70 25.52 -11.38
C GLU A 750 -35.49 25.81 -10.50
N ALA A 751 -34.42 25.02 -10.67
CA ALA A 751 -33.19 25.18 -9.90
C ALA A 751 -32.42 26.43 -10.28
N GLY A 752 -32.83 27.13 -11.33
CA GLY A 752 -32.23 28.40 -11.67
C GLY A 752 -31.54 28.44 -13.01
N ILE A 753 -31.48 27.34 -13.76
CA ILE A 753 -30.94 27.38 -15.11
C ILE A 753 -31.87 28.23 -15.96
N PRO A 754 -31.38 29.31 -16.58
CA PRO A 754 -32.26 30.14 -17.41
C PRO A 754 -32.81 29.38 -18.61
N ALA A 755 -34.01 29.79 -19.06
CA ALA A 755 -34.59 29.12 -20.23
C ALA A 755 -33.71 29.26 -21.46
N SER A 756 -32.97 30.36 -21.58
CA SER A 756 -32.11 30.54 -22.72
C SER A 756 -30.89 29.63 -22.64
N ALA A 757 -30.52 29.21 -21.43
CA ALA A 757 -29.38 28.32 -21.27
C ALA A 757 -29.73 26.85 -21.43
N LEU A 758 -31.01 26.47 -21.32
CA LEU A 758 -31.41 25.07 -21.41
C LEU A 758 -32.71 24.96 -22.18
N GLN A 759 -32.63 24.56 -23.45
CA GLN A 759 -33.78 24.39 -24.32
C GLN A 759 -33.99 22.91 -24.57
N LEU A 760 -35.26 22.48 -24.56
CA LEU A 760 -35.62 21.09 -24.74
C LEU A 760 -36.24 20.94 -26.12
N LEU A 761 -35.72 20.02 -26.92
CA LEU A 761 -36.16 19.82 -28.30
C LEU A 761 -36.54 18.35 -28.47
N PRO A 762 -37.75 17.98 -28.11
CA PRO A 762 -38.16 16.58 -28.31
C PRO A 762 -38.27 16.25 -29.78
N GLY A 763 -38.10 14.97 -30.09
CA GLY A 763 -38.18 14.53 -31.47
C GLY A 763 -37.22 13.39 -31.71
N ASP A 764 -37.18 12.99 -32.98
CA ASP A 764 -36.39 11.83 -33.37
C ASP A 764 -35.01 12.24 -33.86
N GLY A 765 -34.35 11.34 -34.60
CA GLY A 765 -33.00 11.61 -35.03
C GLY A 765 -32.86 12.81 -35.95
N ARG A 766 -33.93 13.19 -36.64
CA ARG A 766 -33.87 14.37 -37.48
C ARG A 766 -33.68 15.64 -36.67
N VAL A 767 -34.28 15.69 -35.48
CA VAL A 767 -34.06 16.84 -34.62
C VAL A 767 -32.63 16.82 -34.13
N GLY A 768 -32.14 15.64 -33.77
CA GLY A 768 -30.74 15.53 -33.40
C GLY A 768 -29.84 15.97 -34.53
N ALA A 769 -30.13 15.52 -35.75
CA ALA A 769 -29.26 15.83 -36.86
C ALA A 769 -29.32 17.31 -37.23
N ALA A 770 -30.52 17.90 -37.14
CA ALA A 770 -30.67 19.34 -37.40
C ALA A 770 -29.86 20.14 -36.41
N LEU A 771 -29.85 19.72 -35.15
CA LEU A 771 -29.07 20.41 -34.13
C LEU A 771 -27.57 20.27 -34.39
N VAL A 772 -27.13 19.06 -34.73
CA VAL A 772 -25.71 18.83 -34.99
C VAL A 772 -25.25 19.68 -36.17
N ALA A 773 -26.08 19.81 -37.20
CA ALA A 773 -25.70 20.52 -38.40
C ALA A 773 -25.74 22.03 -38.25
N ALA A 774 -26.32 22.55 -37.17
CA ALA A 774 -26.52 23.99 -37.07
C ALA A 774 -25.19 24.71 -36.89
N ALA A 775 -25.06 25.87 -37.54
CA ALA A 775 -23.75 26.48 -37.69
C ALA A 775 -23.12 26.86 -36.36
N GLU A 776 -23.95 27.29 -35.40
CA GLU A 776 -23.42 27.76 -34.13
C GLU A 776 -23.22 26.65 -33.11
N THR A 777 -23.52 25.41 -33.47
CA THR A 777 -23.23 24.29 -32.55
C THR A 777 -21.73 24.18 -32.34
N ALA A 778 -21.32 24.27 -31.08
CA ALA A 778 -19.91 24.33 -30.71
C ALA A 778 -19.39 23.02 -30.16
N GLY A 779 -20.27 22.08 -29.87
CA GLY A 779 -19.86 20.83 -29.29
C GLY A 779 -21.06 19.93 -29.23
N VAL A 780 -20.81 18.63 -29.28
CA VAL A 780 -21.85 17.63 -29.29
C VAL A 780 -21.53 16.59 -28.23
N MET A 781 -22.52 16.28 -27.42
CA MET A 781 -22.40 15.19 -26.46
C MET A 781 -23.45 14.19 -26.87
N PHE A 782 -22.99 13.01 -27.27
CA PHE A 782 -23.84 11.95 -27.76
C PHE A 782 -23.64 10.70 -26.93
N THR A 783 -24.75 10.14 -26.46
CA THR A 783 -24.74 8.80 -25.92
C THR A 783 -25.82 8.04 -26.65
N GLY A 784 -25.46 6.88 -27.21
CA GLY A 784 -26.34 6.14 -28.08
C GLY A 784 -25.57 5.08 -28.81
N SER A 785 -26.15 4.59 -29.89
CA SER A 785 -25.53 3.51 -30.66
C SER A 785 -24.30 3.96 -31.43
N THR A 786 -23.37 3.04 -31.59
CA THR A 786 -22.19 3.32 -32.38
C THR A 786 -22.54 3.79 -33.79
N GLU A 787 -23.57 3.17 -34.39
CA GLU A 787 -23.91 3.47 -35.77
C GLU A 787 -24.36 4.91 -35.92
N VAL A 788 -25.17 5.38 -34.98
CA VAL A 788 -25.61 6.77 -35.03
C VAL A 788 -24.45 7.72 -34.75
N ALA A 789 -23.60 7.37 -33.78
CA ALA A 789 -22.44 8.20 -33.49
C ALA A 789 -21.61 8.39 -34.75
N ARG A 790 -21.52 7.34 -35.58
CA ARG A 790 -20.71 7.42 -36.79
C ARG A 790 -21.33 8.38 -37.80
N LEU A 791 -22.67 8.43 -37.86
CA LEU A 791 -23.35 9.41 -38.67
C LEU A 791 -23.08 10.83 -38.16
N ILE A 792 -23.08 11.02 -36.85
CA ILE A 792 -22.78 12.33 -36.30
C ILE A 792 -21.33 12.71 -36.59
N GLN A 793 -20.40 11.76 -36.43
CA GLN A 793 -18.99 12.01 -36.74
C GLN A 793 -18.84 12.48 -38.17
N ALA A 794 -19.56 11.84 -39.10
CA ALA A 794 -19.46 12.23 -40.50
C ALA A 794 -20.02 13.64 -40.70
N GLN A 795 -21.13 13.96 -40.05
CA GLN A 795 -21.69 15.30 -40.18
C GLN A 795 -20.74 16.35 -39.63
N LEU A 796 -20.09 16.07 -38.50
CA LEU A 796 -19.17 17.04 -37.93
C LEU A 796 -17.87 17.14 -38.71
N ALA A 797 -17.51 16.14 -39.50
CA ALA A 797 -16.24 16.19 -40.21
C ALA A 797 -16.23 17.33 -41.21
N ASP A 798 -17.41 17.79 -41.63
CA ASP A 798 -17.54 18.93 -42.52
C ASP A 798 -17.25 20.25 -41.82
N ARG A 799 -17.25 20.28 -40.49
CA ARG A 799 -17.37 21.52 -39.74
C ARG A 799 -16.08 21.88 -39.01
N LEU A 800 -15.84 23.19 -38.92
CA LEU A 800 -14.82 23.71 -38.02
C LEU A 800 -15.44 24.83 -37.16
N SER A 801 -14.87 25.02 -36.01
CA SER A 801 -15.24 26.17 -35.18
C SER A 801 -14.84 27.46 -35.90
N PRO A 802 -15.26 28.62 -35.43
CA PRO A 802 -14.76 29.87 -36.02
C PRO A 802 -13.25 30.00 -35.93
N ALA A 803 -12.61 29.33 -34.98
CA ALA A 803 -11.17 29.29 -34.83
C ALA A 803 -10.51 28.30 -35.78
N GLY A 804 -11.27 27.57 -36.57
CA GLY A 804 -10.71 26.62 -37.50
C GLY A 804 -10.35 25.26 -36.94
N ARG A 805 -11.00 24.84 -35.85
CA ARG A 805 -10.67 23.58 -35.21
C ARG A 805 -11.88 22.65 -35.17
N PRO A 806 -11.66 21.34 -35.01
CA PRO A 806 -12.79 20.40 -34.99
C PRO A 806 -13.77 20.71 -33.87
N ILE A 807 -15.04 20.45 -34.15
CA ILE A 807 -16.09 20.57 -33.15
C ILE A 807 -15.99 19.38 -32.21
N PRO A 808 -15.73 19.60 -30.92
CA PRO A 808 -15.60 18.46 -30.00
C PRO A 808 -16.84 17.58 -29.99
N LEU A 809 -16.60 16.26 -30.00
CA LEU A 809 -17.67 15.27 -29.90
C LEU A 809 -17.29 14.31 -28.78
N ILE A 810 -18.18 14.15 -27.81
CA ILE A 810 -18.11 13.06 -26.86
C ILE A 810 -19.16 12.09 -27.33
N ALA A 811 -18.74 10.86 -27.64
CA ALA A 811 -19.64 9.86 -28.18
C ALA A 811 -19.44 8.57 -27.40
N GLU A 812 -20.41 8.24 -26.57
CA GLU A 812 -20.35 7.09 -25.67
C GLU A 812 -21.35 6.08 -26.22
N THR A 813 -20.84 4.94 -26.67
CA THR A 813 -21.61 4.09 -27.57
C THR A 813 -21.75 2.67 -27.05
N GLY A 814 -21.91 1.70 -27.94
CA GLY A 814 -22.30 0.38 -27.52
C GLY A 814 -21.18 -0.47 -26.91
N GLY A 815 -21.58 -1.64 -26.43
CA GLY A 815 -20.66 -2.59 -25.86
C GLY A 815 -20.94 -3.99 -26.39
N GLN A 816 -19.94 -4.85 -26.24
CA GLN A 816 -20.11 -6.27 -26.49
C GLN A 816 -19.41 -6.95 -25.30
N ASN A 817 -20.03 -6.84 -24.15
CA ASN A 817 -19.33 -7.01 -22.89
C ASN A 817 -19.26 -8.46 -22.47
N ALA A 818 -18.06 -8.88 -22.08
CA ALA A 818 -17.80 -10.25 -21.67
C ALA A 818 -17.55 -10.33 -20.17
N MET A 819 -17.85 -11.50 -19.61
CA MET A 819 -17.40 -11.91 -18.29
C MET A 819 -16.68 -13.25 -18.43
N ILE A 820 -15.48 -13.35 -17.87
CA ILE A 820 -14.72 -14.59 -17.86
C ILE A 820 -14.82 -15.17 -16.47
N VAL A 821 -15.14 -16.46 -16.40
CA VAL A 821 -15.30 -17.18 -15.15
C VAL A 821 -14.41 -18.39 -15.20
N ASP A 822 -13.56 -18.55 -14.20
CA ASP A 822 -12.70 -19.74 -14.14
C ASP A 822 -13.21 -20.68 -13.08
N SER A 823 -12.52 -21.82 -12.93
CA SER A 823 -12.99 -22.87 -12.04
C SER A 823 -12.81 -22.56 -10.58
N SER A 824 -12.20 -21.42 -10.22
CA SER A 824 -12.08 -21.04 -8.84
C SER A 824 -13.24 -20.20 -8.36
N ALA A 825 -14.09 -19.72 -9.27
CA ALA A 825 -15.19 -18.86 -8.89
C ALA A 825 -16.28 -19.68 -8.20
N LEU A 826 -17.12 -18.99 -7.44
CA LEU A 826 -18.22 -19.58 -6.69
C LEU A 826 -19.47 -19.52 -7.56
N ALA A 827 -19.97 -20.70 -7.96
CA ALA A 827 -21.02 -20.76 -8.96
C ALA A 827 -22.19 -19.87 -8.59
N GLU A 828 -22.66 -19.94 -7.34
CA GLU A 828 -23.83 -19.18 -6.93
C GLU A 828 -23.59 -17.68 -7.07
N GLN A 829 -22.37 -17.22 -6.78
CA GLN A 829 -22.09 -15.80 -6.95
C GLN A 829 -22.08 -15.44 -8.42
N VAL A 830 -21.46 -16.30 -9.23
CA VAL A 830 -21.40 -16.08 -10.67
C VAL A 830 -22.82 -15.97 -11.21
N VAL A 831 -23.69 -16.93 -10.85
CA VAL A 831 -25.01 -16.93 -11.45
C VAL A 831 -25.77 -15.67 -11.10
N GLY A 832 -25.70 -15.26 -9.84
CA GLY A 832 -26.38 -14.03 -9.43
C GLY A 832 -25.86 -12.83 -10.21
N ASP A 833 -24.55 -12.76 -10.38
CA ASP A 833 -24.00 -11.62 -11.08
C ASP A 833 -24.29 -11.67 -12.58
N VAL A 834 -24.40 -12.87 -13.13
CA VAL A 834 -24.71 -13.03 -14.55
C VAL A 834 -26.16 -12.68 -14.82
N ILE A 835 -27.07 -13.22 -14.00
CA ILE A 835 -28.48 -12.91 -14.15
C ILE A 835 -28.72 -11.41 -14.07
N THR A 836 -28.13 -10.77 -13.07
CA THR A 836 -28.30 -9.32 -12.97
C THR A 836 -27.66 -8.62 -14.16
N SER A 837 -26.44 -8.97 -14.49
CA SER A 837 -25.73 -8.21 -15.52
C SER A 837 -26.36 -8.38 -16.89
N ALA A 838 -26.87 -9.57 -17.18
CA ALA A 838 -27.38 -9.83 -18.51
C ALA A 838 -28.83 -9.40 -18.66
N PHE A 839 -29.64 -9.51 -17.62
CA PHE A 839 -31.08 -9.39 -17.78
C PHE A 839 -31.73 -8.27 -17.01
N ASP A 840 -31.03 -7.64 -16.08
CA ASP A 840 -31.53 -6.42 -15.48
C ASP A 840 -31.87 -5.45 -16.60
N SER A 841 -32.99 -4.76 -16.47
CA SER A 841 -33.45 -3.81 -17.47
C SER A 841 -33.67 -4.47 -18.82
N ALA A 842 -33.92 -5.77 -18.83
CA ALA A 842 -34.04 -6.55 -20.06
C ALA A 842 -32.80 -6.39 -20.94
N GLY A 843 -31.64 -6.31 -20.31
CA GLY A 843 -30.40 -6.20 -21.06
C GLY A 843 -30.21 -4.88 -21.74
N GLN A 844 -31.06 -3.90 -21.45
CA GLN A 844 -31.03 -2.60 -22.12
C GLN A 844 -30.15 -1.62 -21.33
N ARG A 845 -28.92 -2.07 -21.11
CA ARG A 845 -27.85 -1.26 -20.57
C ARG A 845 -26.66 -1.42 -21.49
N SER A 846 -25.93 -0.32 -21.70
CA SER A 846 -24.75 -0.42 -22.53
C SER A 846 -23.74 -1.34 -21.90
N SER A 847 -23.77 -1.41 -20.57
CA SER A 847 -22.86 -2.21 -19.75
C SER A 847 -23.28 -3.67 -19.65
N ALA A 848 -24.44 -4.05 -20.19
CA ALA A 848 -24.99 -5.36 -19.88
C ALA A 848 -24.10 -6.48 -20.38
N LEU A 849 -24.14 -7.62 -19.68
CA LEU A 849 -23.33 -8.76 -20.04
C LEU A 849 -23.89 -9.42 -21.28
N ARG A 850 -23.07 -9.50 -22.34
CA ARG A 850 -23.48 -10.09 -23.59
C ARG A 850 -22.87 -11.45 -23.83
N VAL A 851 -21.64 -11.68 -23.33
CA VAL A 851 -20.91 -12.90 -23.61
C VAL A 851 -20.34 -13.43 -22.30
N LEU A 852 -20.87 -14.55 -21.83
CA LEU A 852 -20.34 -15.22 -20.66
C LEU A 852 -19.39 -16.31 -21.10
N CYS A 853 -18.17 -16.30 -20.56
CA CYS A 853 -17.13 -17.22 -20.95
C CYS A 853 -16.80 -18.09 -19.75
N LEU A 854 -17.08 -19.38 -19.87
CA LEU A 854 -17.01 -20.32 -18.76
C LEU A 854 -15.89 -21.31 -19.01
N GLN A 855 -15.00 -21.43 -18.04
CA GLN A 855 -13.97 -22.45 -18.14
C GLN A 855 -14.62 -23.82 -18.29
N GLU A 856 -14.06 -24.61 -19.21
CA GLU A 856 -14.70 -25.85 -19.64
C GLU A 856 -15.08 -26.73 -18.46
N ASP A 857 -14.21 -26.81 -17.44
CA ASP A 857 -14.41 -27.76 -16.34
C ASP A 857 -15.63 -27.43 -15.49
N VAL A 858 -16.03 -26.17 -15.46
CA VAL A 858 -17.17 -25.77 -14.65
C VAL A 858 -18.36 -25.34 -15.50
N ALA A 859 -18.24 -25.37 -16.82
CA ALA A 859 -19.27 -24.77 -17.67
C ALA A 859 -20.62 -25.45 -17.50
N ASP A 860 -20.64 -26.79 -17.51
CA ASP A 860 -21.93 -27.46 -17.47
C ASP A 860 -22.68 -27.17 -16.18
N ARG A 861 -21.96 -27.18 -15.05
CA ARG A 861 -22.63 -26.95 -13.78
C ARG A 861 -23.15 -25.52 -13.68
N ILE A 862 -22.33 -24.55 -14.09
CA ILE A 862 -22.78 -23.16 -14.02
C ILE A 862 -23.95 -22.95 -14.97
N LEU A 863 -23.87 -23.52 -16.16
CA LEU A 863 -24.93 -23.33 -17.15
C LEU A 863 -26.25 -23.91 -16.65
N THR A 864 -26.21 -25.10 -16.04
CA THR A 864 -27.41 -25.67 -15.46
C THR A 864 -27.99 -24.74 -14.41
N MET A 865 -27.13 -24.19 -13.57
CA MET A 865 -27.62 -23.28 -12.52
C MET A 865 -28.16 -22.00 -13.13
N LEU A 866 -27.47 -21.49 -14.15
CA LEU A 866 -27.93 -20.28 -14.80
C LEU A 866 -29.29 -20.46 -15.43
N LYS A 867 -29.50 -21.59 -16.14
CA LYS A 867 -30.80 -21.86 -16.74
C LYS A 867 -31.86 -21.95 -15.67
N GLY A 868 -31.56 -22.60 -14.56
CA GLY A 868 -32.51 -22.70 -13.47
C GLY A 868 -32.87 -21.33 -12.93
N ALA A 869 -31.88 -20.46 -12.76
CA ALA A 869 -32.13 -19.13 -12.25
C ALA A 869 -32.91 -18.30 -13.25
N LEU A 870 -32.63 -18.47 -14.54
CA LEU A 870 -33.36 -17.76 -15.58
C LEU A 870 -34.86 -17.97 -15.44
N HIS A 871 -35.26 -19.19 -15.13
CA HIS A 871 -36.68 -19.50 -15.11
C HIS A 871 -37.37 -19.03 -13.83
N GLU A 872 -36.64 -18.45 -12.90
CA GLU A 872 -37.24 -17.85 -11.71
C GLU A 872 -37.54 -16.38 -11.90
N LEU A 873 -37.26 -15.83 -13.08
CA LEU A 873 -37.50 -14.42 -13.32
C LEU A 873 -38.94 -14.18 -13.72
N HIS A 874 -39.50 -13.09 -13.20
CA HIS A 874 -40.86 -12.68 -13.51
C HIS A 874 -40.77 -11.51 -14.49
N ILE A 875 -41.35 -11.69 -15.67
CA ILE A 875 -41.34 -10.69 -16.73
C ILE A 875 -42.76 -10.14 -16.86
N GLY A 876 -42.88 -8.83 -16.94
CA GLY A 876 -44.18 -8.23 -17.02
C GLY A 876 -44.13 -6.73 -16.95
N ARG A 877 -45.33 -6.12 -17.01
CA ARG A 877 -45.43 -4.68 -16.83
C ARG A 877 -44.83 -4.32 -15.48
N THR A 878 -44.05 -3.24 -15.44
CA THR A 878 -43.14 -3.01 -14.33
C THR A 878 -43.76 -2.23 -13.16
N ASP A 879 -45.06 -2.01 -13.15
CA ASP A 879 -45.72 -1.37 -12.03
C ASP A 879 -46.09 -2.35 -10.93
N ARG A 880 -45.35 -3.46 -10.84
CA ARG A 880 -45.46 -4.44 -9.77
C ARG A 880 -44.06 -4.72 -9.26
N LEU A 881 -43.91 -4.68 -7.92
CA LEU A 881 -42.62 -4.93 -7.29
C LEU A 881 -42.10 -6.33 -7.62
N SER A 882 -43.01 -7.27 -7.87
CA SER A 882 -42.60 -8.63 -8.16
C SER A 882 -42.04 -8.81 -9.57
N VAL A 883 -42.09 -7.80 -10.42
CA VAL A 883 -41.52 -7.92 -11.77
C VAL A 883 -40.02 -7.68 -11.73
N ASP A 884 -39.29 -8.64 -12.25
CA ASP A 884 -37.84 -8.56 -12.34
C ASP A 884 -37.37 -7.91 -13.62
N VAL A 885 -38.04 -8.21 -14.72
CA VAL A 885 -37.60 -7.85 -16.06
C VAL A 885 -38.80 -7.28 -16.78
N GLY A 886 -38.63 -6.08 -17.29
CA GLY A 886 -39.68 -5.40 -18.01
C GLY A 886 -39.58 -5.58 -19.50
N PRO A 887 -40.31 -4.74 -20.23
CA PRO A 887 -40.37 -4.89 -21.69
C PRO A 887 -39.13 -4.30 -22.33
N VAL A 888 -38.98 -4.59 -23.62
CA VAL A 888 -38.10 -3.77 -24.44
C VAL A 888 -38.85 -2.54 -24.94
N ILE A 889 -38.09 -1.52 -25.36
CA ILE A 889 -38.67 -0.19 -25.46
C ILE A 889 -39.68 -0.05 -26.60
N THR A 890 -39.50 -0.79 -27.69
CA THR A 890 -40.37 -0.62 -28.85
C THR A 890 -40.55 -1.95 -29.55
N SER A 891 -41.57 -2.01 -30.40
CA SER A 891 -41.75 -3.18 -31.23
C SER A 891 -40.58 -3.35 -32.21
N GLU A 892 -39.95 -2.24 -32.63
CA GLU A 892 -38.79 -2.34 -33.51
C GLU A 892 -37.61 -2.97 -32.79
N ALA A 893 -37.38 -2.57 -31.54
CA ALA A 893 -36.32 -3.20 -30.78
C ALA A 893 -36.62 -4.67 -30.57
N LYS A 894 -37.85 -5.01 -30.22
CA LYS A 894 -38.23 -6.40 -30.07
C LYS A 894 -37.98 -7.18 -31.34
N ASP A 895 -38.39 -6.63 -32.49
CA ASP A 895 -38.20 -7.35 -33.74
C ASP A 895 -36.73 -7.55 -34.05
N ASN A 896 -35.90 -6.53 -33.82
CA ASN A 896 -34.47 -6.64 -34.04
C ASN A 896 -33.85 -7.74 -33.17
N ILE A 897 -34.20 -7.74 -31.88
CA ILE A 897 -33.67 -8.74 -30.96
C ILE A 897 -34.14 -10.13 -31.35
N GLU A 898 -35.42 -10.27 -31.67
CA GLU A 898 -35.96 -11.60 -31.99
C GLU A 898 -35.38 -12.15 -33.28
N LYS A 899 -35.11 -11.28 -34.26
CA LYS A 899 -34.44 -11.74 -35.47
C LYS A 899 -33.10 -12.35 -35.12
N HIS A 900 -32.37 -11.73 -34.19
CA HIS A 900 -31.06 -12.25 -33.82
C HIS A 900 -31.22 -13.62 -33.17
N ILE A 901 -32.17 -13.75 -32.26
CA ILE A 901 -32.39 -15.03 -31.58
C ILE A 901 -32.70 -16.11 -32.59
N GLU A 902 -33.54 -15.79 -33.56
CA GLU A 902 -33.96 -16.79 -34.53
C GLU A 902 -32.83 -17.19 -35.46
N ARG A 903 -32.01 -16.23 -35.89
CA ARG A 903 -30.83 -16.58 -36.67
C ARG A 903 -29.95 -17.55 -35.90
N MET A 904 -29.65 -17.24 -34.64
CA MET A 904 -28.86 -18.13 -33.80
C MET A 904 -29.52 -19.50 -33.71
N ARG A 905 -30.82 -19.54 -33.46
CA ARG A 905 -31.52 -20.81 -33.36
C ARG A 905 -31.46 -21.56 -34.67
N GLY A 906 -31.50 -20.82 -35.78
CA GLY A 906 -31.45 -21.45 -37.08
C GLY A 906 -30.11 -22.08 -37.37
N LEU A 907 -29.04 -21.51 -36.83
CA LEU A 907 -27.72 -22.13 -36.95
C LEU A 907 -27.56 -23.36 -36.09
N GLY A 908 -28.58 -23.73 -35.33
CA GLY A 908 -28.50 -24.88 -34.47
C GLY A 908 -27.92 -24.60 -33.10
N ARG A 909 -27.75 -23.34 -32.72
CA ARG A 909 -27.26 -23.04 -31.38
C ARG A 909 -28.36 -23.30 -30.35
N LYS A 910 -27.95 -23.81 -29.19
CA LYS A 910 -28.92 -24.10 -28.15
C LYS A 910 -29.43 -22.80 -27.55
N VAL A 911 -30.76 -22.67 -27.47
CA VAL A 911 -31.42 -21.42 -27.05
C VAL A 911 -32.36 -21.76 -25.91
N GLU A 912 -32.17 -21.11 -24.78
CA GLU A 912 -33.03 -21.26 -23.61
C GLU A 912 -33.79 -19.96 -23.44
N GLN A 913 -35.11 -20.05 -23.27
CA GLN A 913 -35.90 -18.85 -23.07
C GLN A 913 -36.97 -19.12 -22.03
N ILE A 914 -37.22 -18.14 -21.18
CA ILE A 914 -38.34 -18.25 -20.26
C ILE A 914 -39.64 -18.08 -21.04
N GLY A 915 -40.68 -18.78 -20.60
CA GLY A 915 -41.98 -18.59 -21.21
C GLY A 915 -42.62 -17.33 -20.65
N LEU A 916 -43.20 -16.54 -21.55
CA LEU A 916 -43.81 -15.28 -21.16
C LEU A 916 -45.30 -15.48 -20.90
N ALA A 917 -45.82 -14.72 -19.93
CA ALA A 917 -47.24 -14.77 -19.63
C ALA A 917 -48.04 -14.10 -20.73
N SER A 918 -49.30 -14.54 -20.89
CA SER A 918 -50.15 -13.97 -21.93
C SER A 918 -50.29 -12.47 -21.76
N GLU A 919 -50.20 -11.97 -20.53
CA GLU A 919 -50.38 -10.55 -20.27
C GLU A 919 -49.31 -9.69 -20.94
N THR A 920 -48.21 -10.29 -21.37
CA THR A 920 -47.19 -9.50 -22.06
C THR A 920 -47.62 -9.11 -23.45
N GLY A 921 -48.67 -9.74 -24.00
CA GLY A 921 -49.07 -9.45 -25.35
C GLY A 921 -49.42 -8.00 -25.59
N VAL A 922 -49.81 -7.26 -24.54
CA VAL A 922 -50.22 -5.87 -24.72
C VAL A 922 -49.04 -4.92 -24.81
N GLY A 923 -47.82 -5.41 -24.57
CA GLY A 923 -46.62 -4.61 -24.67
C GLY A 923 -45.59 -5.28 -25.56
N THR A 924 -44.36 -4.83 -25.50
CA THR A 924 -43.32 -5.34 -26.38
C THR A 924 -42.26 -6.00 -25.49
N PHE A 925 -42.35 -7.32 -25.33
CA PHE A 925 -41.47 -8.03 -24.44
C PHE A 925 -40.64 -9.06 -25.21
N VAL A 926 -39.40 -9.25 -24.76
CA VAL A 926 -38.53 -10.31 -25.23
C VAL A 926 -38.19 -11.16 -24.02
N PRO A 927 -38.38 -12.46 -24.03
CA PRO A 927 -38.02 -13.24 -22.87
C PRO A 927 -36.51 -13.27 -22.69
N PRO A 928 -36.03 -13.18 -21.45
CA PRO A 928 -34.63 -13.51 -21.18
C PRO A 928 -34.23 -14.80 -21.86
N THR A 929 -33.07 -14.77 -22.53
CA THR A 929 -32.66 -15.78 -23.46
C THR A 929 -31.18 -16.06 -23.24
N ILE A 930 -30.82 -17.34 -23.23
CA ILE A 930 -29.44 -17.78 -23.17
C ILE A 930 -29.17 -18.54 -24.45
N ILE A 931 -28.09 -18.16 -25.14
CA ILE A 931 -27.69 -18.76 -26.41
C ILE A 931 -26.28 -19.29 -26.24
N GLU A 932 -26.09 -20.57 -26.53
CA GLU A 932 -24.78 -21.19 -26.42
C GLU A 932 -24.06 -21.08 -27.77
N LEU A 933 -22.95 -20.36 -27.77
CA LEU A 933 -22.17 -20.15 -28.99
C LEU A 933 -20.97 -21.08 -29.01
N GLU A 934 -20.47 -21.34 -30.22
CA GLU A 934 -19.23 -22.10 -30.37
C GLU A 934 -18.00 -21.21 -30.31
N LYS A 935 -18.11 -19.96 -30.77
CA LYS A 935 -16.98 -19.06 -30.84
C LYS A 935 -17.50 -17.64 -30.66
N LEU A 936 -16.66 -16.79 -30.08
CA LEU A 936 -17.05 -15.38 -29.91
C LEU A 936 -17.36 -14.72 -31.25
N SER A 937 -16.68 -15.14 -32.32
CA SER A 937 -16.92 -14.58 -33.64
C SER A 937 -18.33 -14.86 -34.16
N ASP A 938 -19.07 -15.78 -33.52
CA ASP A 938 -20.46 -15.99 -33.89
C ASP A 938 -21.31 -14.74 -33.69
N LEU A 939 -20.79 -13.75 -32.96
CA LEU A 939 -21.51 -12.52 -32.63
C LEU A 939 -20.92 -11.38 -33.45
N GLN A 940 -21.79 -10.58 -34.06
CA GLN A 940 -21.34 -9.50 -34.93
C GLN A 940 -21.42 -8.14 -34.26
N ARG A 941 -22.62 -7.62 -34.04
CA ARG A 941 -22.80 -6.32 -33.41
C ARG A 941 -23.56 -6.48 -32.09
N GLU A 942 -23.62 -5.38 -31.34
CA GLU A 942 -24.34 -5.37 -30.08
C GLU A 942 -25.81 -5.71 -30.30
N VAL A 943 -26.32 -6.63 -29.49
CA VAL A 943 -27.75 -6.98 -29.46
C VAL A 943 -28.29 -6.41 -28.16
N PHE A 944 -29.01 -5.29 -28.27
CA PHE A 944 -29.38 -4.50 -27.09
C PHE A 944 -30.69 -5.03 -26.55
N GLY A 945 -30.60 -6.17 -25.86
CA GLY A 945 -31.77 -6.82 -25.31
C GLY A 945 -31.35 -7.92 -24.36
N PRO A 946 -32.30 -8.72 -23.91
CA PRO A 946 -32.02 -9.66 -22.80
C PRO A 946 -31.52 -10.99 -23.33
N VAL A 947 -30.34 -10.95 -23.95
CA VAL A 947 -29.82 -12.09 -24.69
C VAL A 947 -28.39 -12.31 -24.25
N LEU A 948 -28.18 -13.38 -23.48
CA LEU A 948 -26.86 -13.75 -22.98
C LEU A 948 -26.32 -14.84 -23.87
N HIS A 949 -25.09 -14.65 -24.33
CA HIS A 949 -24.41 -15.66 -25.12
C HIS A 949 -23.37 -16.29 -24.22
N VAL A 950 -23.19 -17.60 -24.36
CA VAL A 950 -22.30 -18.38 -23.51
C VAL A 950 -21.30 -19.09 -24.38
N ILE A 951 -20.01 -18.94 -24.08
CA ILE A 951 -18.97 -19.70 -24.74
C ILE A 951 -18.14 -20.38 -23.67
N ARG A 952 -17.50 -21.47 -24.05
CA ARG A 952 -16.66 -22.24 -23.14
C ARG A 952 -15.21 -22.14 -23.62
N TYR A 953 -14.28 -22.21 -22.68
CA TYR A 953 -12.87 -22.13 -23.01
C TYR A 953 -12.07 -23.07 -22.12
N ARG A 954 -10.99 -23.62 -22.72
CA ARG A 954 -9.99 -24.38 -21.96
C ARG A 954 -9.04 -23.41 -21.26
N ARG A 955 -8.64 -23.74 -20.03
CA ARG A 955 -7.85 -22.77 -19.25
C ARG A 955 -6.60 -22.33 -20.00
N ASP A 956 -5.94 -23.24 -20.69
CA ASP A 956 -4.73 -22.83 -21.41
C ASP A 956 -5.01 -21.83 -22.52
N ASP A 957 -6.25 -21.71 -22.97
CA ASP A 957 -6.62 -20.74 -24.00
C ASP A 957 -7.17 -19.44 -23.43
N LEU A 958 -6.95 -19.18 -22.14
CA LEU A 958 -7.44 -17.92 -21.57
C LEU A 958 -6.88 -16.72 -22.33
N ASP A 959 -5.58 -16.70 -22.59
CA ASP A 959 -5.00 -15.53 -23.23
C ASP A 959 -5.60 -15.32 -24.60
N ARG A 960 -5.83 -16.40 -25.35
CA ARG A 960 -6.45 -16.27 -26.66
C ARG A 960 -7.89 -15.79 -26.52
N LEU A 961 -8.57 -16.20 -25.46
CA LEU A 961 -9.94 -15.74 -25.23
C LEU A 961 -9.95 -14.24 -25.03
N VAL A 962 -9.04 -13.72 -24.21
CA VAL A 962 -8.96 -12.28 -24.01
C VAL A 962 -8.74 -11.59 -25.34
N ASP A 963 -7.89 -12.15 -26.18
CA ASP A 963 -7.73 -11.64 -27.54
C ASP A 963 -9.07 -11.59 -28.27
N ASP A 964 -9.80 -12.70 -28.23
CA ASP A 964 -11.10 -12.77 -28.89
C ASP A 964 -12.04 -11.69 -28.39
N VAL A 965 -12.02 -11.45 -27.08
CA VAL A 965 -12.89 -10.41 -26.50
C VAL A 965 -12.50 -9.05 -27.03
N ASN A 966 -11.18 -8.77 -27.03
CA ASN A 966 -10.69 -7.51 -27.55
C ASN A 966 -10.97 -7.37 -29.03
N ALA A 967 -11.03 -8.49 -29.76
CA ALA A 967 -11.11 -8.47 -31.21
C ALA A 967 -12.46 -7.98 -31.72
N THR A 968 -13.48 -7.92 -30.88
CA THR A 968 -14.74 -7.36 -31.33
C THR A 968 -14.59 -5.89 -31.69
N GLY A 969 -13.64 -5.20 -31.08
CA GLY A 969 -13.46 -3.79 -31.27
C GLY A 969 -14.17 -2.93 -30.25
N TYR A 970 -15.07 -3.52 -29.47
CA TYR A 970 -15.69 -2.83 -28.36
C TYR A 970 -14.76 -2.84 -27.16
N GLY A 971 -15.15 -2.11 -26.14
CA GLY A 971 -14.28 -1.97 -24.99
C GLY A 971 -14.96 -1.24 -23.88
N LEU A 972 -16.16 -1.69 -23.49
CA LEU A 972 -16.96 -0.98 -22.51
C LEU A 972 -16.80 -1.61 -21.12
N THR A 973 -17.62 -2.60 -20.77
CA THR A 973 -17.49 -3.26 -19.49
C THR A 973 -16.93 -4.66 -19.69
N PHE A 974 -16.31 -5.14 -18.61
CA PHE A 974 -15.73 -6.47 -18.63
C PHE A 974 -15.70 -6.97 -17.19
N GLY A 975 -16.08 -8.24 -17.03
CA GLY A 975 -16.07 -8.87 -15.72
C GLY A 975 -15.15 -10.08 -15.68
N LEU A 976 -14.58 -10.31 -14.50
CA LEU A 976 -13.79 -11.49 -14.24
C LEU A 976 -14.20 -12.03 -12.88
N HIS A 977 -14.53 -13.33 -12.84
CA HIS A 977 -14.78 -14.04 -11.60
C HIS A 977 -13.69 -15.07 -11.43
N THR A 978 -12.83 -14.83 -10.45
CA THR A 978 -11.75 -15.72 -10.10
C THR A 978 -11.30 -15.36 -8.70
N ARG A 979 -10.74 -16.33 -8.01
CA ARG A 979 -10.11 -16.08 -6.74
C ARG A 979 -8.60 -15.96 -6.87
N LEU A 980 -8.06 -16.09 -8.07
CA LEU A 980 -6.63 -16.35 -8.26
C LEU A 980 -5.93 -15.09 -8.75
N ASP A 981 -4.96 -14.61 -7.97
CA ASP A 981 -4.30 -13.37 -8.33
C ASP A 981 -3.57 -13.45 -9.66
N GLU A 982 -2.95 -14.60 -9.99
CA GLU A 982 -2.27 -14.69 -11.28
C GLU A 982 -3.25 -14.48 -12.43
N THR A 983 -4.47 -14.98 -12.29
CA THR A 983 -5.44 -14.81 -13.35
C THR A 983 -5.94 -13.38 -13.39
N ILE A 984 -6.14 -12.76 -12.22
CA ILE A 984 -6.52 -11.35 -12.19
C ILE A 984 -5.47 -10.53 -12.91
N ALA A 985 -4.20 -10.74 -12.56
CA ALA A 985 -3.12 -9.94 -13.14
C ALA A 985 -3.05 -10.12 -14.64
N HIS A 986 -3.12 -11.37 -15.09
CA HIS A 986 -3.07 -11.66 -16.51
C HIS A 986 -4.23 -11.02 -17.25
N VAL A 987 -5.44 -11.33 -16.82
CA VAL A 987 -6.59 -10.89 -17.59
C VAL A 987 -6.71 -9.38 -17.56
N THR A 988 -6.50 -8.76 -16.40
CA THR A 988 -6.71 -7.32 -16.34
C THR A 988 -5.61 -6.54 -17.04
N SER A 989 -4.42 -7.12 -17.18
CA SER A 989 -3.38 -6.46 -17.94
C SER A 989 -3.61 -6.56 -19.45
N ARG A 990 -4.37 -7.54 -19.91
CA ARG A 990 -4.50 -7.82 -21.35
C ARG A 990 -5.82 -7.36 -21.92
N ILE A 991 -6.88 -7.32 -21.12
CA ILE A 991 -8.17 -6.83 -21.58
C ILE A 991 -8.06 -5.34 -21.89
N LYS A 992 -8.79 -4.90 -22.88
CA LYS A 992 -8.83 -3.50 -23.27
C LYS A 992 -10.28 -3.00 -23.17
N ALA A 993 -10.66 -2.56 -21.99
CA ALA A 993 -12.01 -2.08 -21.74
C ALA A 993 -11.96 -0.99 -20.69
N GLY A 994 -12.99 -0.12 -20.71
CA GLY A 994 -12.98 1.03 -19.87
C GLY A 994 -13.43 0.81 -18.45
N ASN A 995 -14.26 -0.19 -18.23
CA ASN A 995 -14.81 -0.48 -16.90
C ASN A 995 -14.67 -1.96 -16.60
N LEU A 996 -13.82 -2.28 -15.64
CA LEU A 996 -13.55 -3.64 -15.24
C LEU A 996 -14.19 -3.92 -13.90
N TYR A 997 -14.60 -5.17 -13.71
CA TYR A 997 -15.29 -5.58 -12.50
C TYR A 997 -14.80 -6.96 -12.13
N ILE A 998 -14.33 -7.10 -10.90
CA ILE A 998 -13.79 -8.34 -10.40
C ILE A 998 -14.70 -8.87 -9.31
N ASN A 999 -15.24 -10.07 -9.53
CA ASN A 999 -16.04 -10.80 -8.56
C ASN A 999 -17.32 -10.06 -8.16
N ARG A 1000 -17.95 -9.42 -9.15
CA ARG A 1000 -19.19 -8.70 -8.94
C ARG A 1000 -19.87 -8.58 -10.30
N ASN A 1001 -21.05 -7.97 -10.30
CA ASN A 1001 -21.69 -7.75 -11.60
C ASN A 1001 -20.94 -6.65 -12.34
N ILE A 1002 -21.31 -6.44 -13.60
CA ILE A 1002 -20.61 -5.50 -14.49
C ILE A 1002 -21.45 -4.29 -14.82
N ILE A 1003 -22.54 -4.05 -14.10
N ILE A 1003 -22.47 -4.00 -13.98
CA ILE A 1003 -23.42 -2.95 -14.44
CA ILE A 1003 -23.47 -2.97 -14.28
C ILE A 1003 -23.12 -1.70 -13.63
C ILE A 1003 -23.67 -2.04 -13.09
N GLY A 1004 -21.99 -1.67 -12.93
N GLY A 1004 -24.42 -0.97 -13.36
CA GLY A 1004 -21.71 -0.60 -11.98
CA GLY A 1004 -24.67 0.01 -12.30
C GLY A 1004 -21.24 0.65 -12.66
C GLY A 1004 -23.43 0.79 -11.89
N ALA A 1005 -21.89 1.76 -12.36
N ALA A 1005 -22.61 1.18 -12.86
CA ALA A 1005 -21.49 3.06 -12.91
CA ALA A 1005 -21.46 2.02 -12.54
C ALA A 1005 -21.75 4.15 -11.89
C ALA A 1005 -21.94 3.29 -11.85
N VAL A 1006 -21.43 3.86 -10.63
N VAL A 1006 -21.20 3.70 -10.83
CA VAL A 1006 -21.58 4.84 -9.55
CA VAL A 1006 -21.60 4.76 -9.93
C VAL A 1006 -20.72 6.04 -9.90
C VAL A 1006 -20.73 5.98 -10.19
N VAL A 1007 -21.38 7.16 -10.22
CA VAL A 1007 -20.71 8.40 -10.53
C VAL A 1007 -19.59 8.67 -9.54
N GLY A 1008 -18.40 9.00 -10.07
CA GLY A 1008 -17.28 9.35 -9.22
C GLY A 1008 -16.66 8.18 -8.48
N VAL A 1009 -17.18 6.97 -8.69
CA VAL A 1009 -16.70 5.75 -8.04
C VAL A 1009 -16.28 4.72 -9.07
N GLN A 1010 -17.16 4.41 -10.03
CA GLN A 1010 -16.77 3.79 -11.29
C GLN A 1010 -17.09 4.77 -12.41
N PRO A 1011 -16.26 5.80 -12.61
CA PRO A 1011 -16.43 6.63 -13.81
C PRO A 1011 -16.59 5.72 -15.01
N PHE A 1012 -17.58 6.03 -15.83
CA PHE A 1012 -18.11 5.08 -16.79
C PHE A 1012 -17.78 5.51 -18.21
N GLY A 1013 -17.25 4.60 -18.97
CA GLY A 1013 -17.09 4.82 -20.41
C GLY A 1013 -15.94 3.99 -20.92
N GLY A 1014 -16.09 3.63 -22.21
CA GLY A 1014 -15.18 2.70 -22.81
C GLY A 1014 -14.39 3.27 -23.96
N ARG A 1015 -13.77 2.37 -24.71
CA ARG A 1015 -12.84 2.72 -25.77
C ARG A 1015 -13.27 1.98 -27.02
N GLY A 1016 -12.51 2.20 -28.09
CA GLY A 1016 -12.83 1.48 -29.31
C GLY A 1016 -14.21 1.88 -29.79
N LEU A 1017 -14.97 0.87 -30.22
CA LEU A 1017 -16.34 1.08 -30.71
C LEU A 1017 -17.27 1.52 -29.60
N SER A 1018 -16.78 1.54 -28.35
CA SER A 1018 -17.62 1.86 -27.20
C SER A 1018 -17.54 3.31 -26.78
N GLY A 1019 -16.61 4.08 -27.30
CA GLY A 1019 -16.57 5.46 -26.88
C GLY A 1019 -15.34 6.23 -27.28
N THR A 1020 -15.47 7.55 -27.24
CA THR A 1020 -14.33 8.44 -27.39
C THR A 1020 -13.74 8.84 -26.05
N GLY A 1021 -14.53 8.77 -24.99
CA GLY A 1021 -14.21 9.44 -23.76
C GLY A 1021 -14.30 10.95 -23.97
N PRO A 1022 -14.00 11.70 -22.92
CA PRO A 1022 -13.67 11.22 -21.57
C PRO A 1022 -14.89 10.58 -20.89
N LYS A 1023 -14.63 9.90 -19.78
CA LYS A 1023 -15.69 9.19 -19.09
C LYS A 1023 -16.68 10.14 -18.42
N ALA A 1024 -17.96 9.85 -18.60
CA ALA A 1024 -18.98 10.47 -17.78
C ALA A 1024 -18.80 10.05 -16.32
N GLY A 1025 -19.07 10.97 -15.41
CA GLY A 1025 -18.93 10.67 -14.01
C GLY A 1025 -17.51 10.56 -13.58
N GLY A 1026 -16.59 11.11 -14.37
CA GLY A 1026 -15.17 11.11 -14.09
C GLY A 1026 -14.60 12.50 -14.18
N PRO A 1027 -13.32 12.64 -13.82
CA PRO A 1027 -12.75 13.96 -13.59
C PRO A 1027 -12.26 14.67 -14.85
N LEU A 1028 -12.18 13.98 -15.97
CA LEU A 1028 -11.76 14.61 -17.22
C LEU A 1028 -12.93 15.13 -18.02
N TYR A 1029 -14.16 14.90 -17.58
CA TYR A 1029 -15.31 15.16 -18.42
C TYR A 1029 -15.53 16.64 -18.67
N LEU A 1030 -15.53 17.43 -17.61
CA LEU A 1030 -15.87 18.84 -17.78
C LEU A 1030 -14.82 19.53 -18.62
N GLY A 1031 -13.57 19.06 -18.56
CA GLY A 1031 -12.51 19.70 -19.30
C GLY A 1031 -12.69 19.64 -20.80
N ARG A 1032 -13.47 18.70 -21.29
CA ARG A 1032 -13.75 18.56 -22.71
C ARG A 1032 -14.76 19.60 -23.20
N LEU A 1033 -15.46 20.26 -22.27
CA LEU A 1033 -16.57 21.16 -22.60
C LEU A 1033 -16.19 22.61 -22.44
N VAL A 1034 -14.89 22.90 -22.33
CA VAL A 1034 -14.36 24.25 -22.31
C VAL A 1034 -13.25 24.32 -23.33
N THR A 1035 -12.88 25.54 -23.70
CA THR A 1035 -11.85 25.72 -24.71
C THR A 1035 -10.46 25.45 -24.16
N THR A 1036 -10.22 25.77 -22.89
CA THR A 1036 -8.95 25.47 -22.22
C THR A 1036 -9.28 24.57 -21.03
N ALA A 1037 -8.84 23.33 -21.08
CA ALA A 1037 -9.14 22.38 -20.02
C ALA A 1037 -8.44 22.76 -18.72
N PRO A 1038 -9.13 22.68 -17.59
CA PRO A 1038 -8.47 22.84 -16.29
C PRO A 1038 -7.70 21.57 -15.96
N VAL A 1039 -6.89 21.67 -14.91
CA VAL A 1039 -6.25 20.50 -14.33
C VAL A 1039 -7.25 19.81 -13.39
N PRO A 1040 -7.65 18.57 -13.65
CA PRO A 1040 -8.62 17.95 -12.77
C PRO A 1040 -8.02 17.67 -11.40
N PRO A 1041 -8.86 17.51 -10.40
CA PRO A 1041 -8.37 17.06 -9.10
C PRO A 1041 -7.60 15.77 -9.23
N GLN A 1042 -6.49 15.69 -8.51
CA GLN A 1042 -5.66 14.50 -8.39
C GLN A 1042 -5.02 14.08 -9.70
N HIS A 1043 -5.04 14.92 -10.71
CA HIS A 1043 -4.63 14.53 -12.05
C HIS A 1043 -3.18 14.92 -12.27
N SER A 1044 -2.31 13.96 -12.02
CA SER A 1044 -0.88 14.11 -12.23
C SER A 1044 -0.26 12.72 -12.17
N SER A 1045 0.98 12.61 -12.65
CA SER A 1045 1.69 11.36 -12.50
C SER A 1045 3.18 11.66 -12.35
N VAL A 1046 3.85 10.93 -11.46
CA VAL A 1046 5.27 11.10 -11.30
C VAL A 1046 6.05 10.26 -12.30
N HIS A 1047 5.38 9.47 -13.13
CA HIS A 1047 6.03 8.54 -14.03
C HIS A 1047 6.22 9.17 -15.38
N THR A 1048 7.38 8.92 -15.98
CA THR A 1048 7.72 9.49 -17.27
C THR A 1048 7.89 8.33 -18.23
N ASP A 1049 7.23 8.41 -19.35
CA ASP A 1049 7.32 7.34 -20.32
C ASP A 1049 8.76 7.25 -20.82
N PRO A 1050 9.36 6.05 -20.86
CA PRO A 1050 10.78 5.97 -21.18
C PRO A 1050 11.05 6.15 -22.68
N VAL A 1051 10.07 5.83 -23.51
CA VAL A 1051 10.26 6.04 -24.93
C VAL A 1051 10.24 7.53 -25.21
N LEU A 1052 9.37 8.27 -24.53
CA LEU A 1052 9.39 9.72 -24.60
C LEU A 1052 10.77 10.24 -24.26
N LEU A 1053 11.36 9.74 -23.16
CA LEU A 1053 12.68 10.20 -22.78
C LEU A 1053 13.73 9.87 -23.84
N ASP A 1054 13.65 8.67 -24.42
CA ASP A 1054 14.60 8.31 -25.47
C ASP A 1054 14.42 9.24 -26.66
N PHE A 1055 13.18 9.60 -26.96
CA PHE A 1055 12.93 10.50 -28.07
C PHE A 1055 13.47 11.89 -27.78
N ALA A 1056 13.25 12.39 -26.56
CA ALA A 1056 13.84 13.70 -26.22
C ALA A 1056 15.35 13.68 -26.38
N LYS A 1057 16.02 12.58 -26.01
CA LYS A 1057 17.48 12.53 -26.17
C LYS A 1057 17.86 12.52 -27.65
N TRP A 1058 17.10 11.77 -28.46
CA TRP A 1058 17.33 11.75 -29.89
C TRP A 1058 17.16 13.14 -30.49
N LEU A 1059 16.14 13.87 -30.05
CA LEU A 1059 15.95 15.23 -30.53
C LEU A 1059 17.14 16.10 -30.20
N ASP A 1060 17.61 16.02 -28.96
CA ASP A 1060 18.80 16.81 -28.60
C ASP A 1060 20.00 16.41 -29.44
N GLY A 1061 20.18 15.11 -29.68
CA GLY A 1061 21.26 14.66 -30.54
C GLY A 1061 21.17 15.18 -31.96
N LYS A 1062 19.95 15.38 -32.46
CA LYS A 1062 19.72 15.94 -33.80
C LYS A 1062 19.78 17.46 -33.82
N GLY A 1063 20.02 18.11 -32.69
CA GLY A 1063 20.01 19.56 -32.63
C GLY A 1063 18.65 20.21 -32.54
N ALA A 1064 17.59 19.42 -32.29
CA ALA A 1064 16.25 19.96 -32.14
C ALA A 1064 16.01 20.31 -30.67
N ARG A 1065 16.72 21.34 -30.22
CA ARG A 1065 16.81 21.64 -28.80
C ARG A 1065 15.48 22.08 -28.24
N ALA A 1066 14.79 23.01 -28.94
CA ALA A 1066 13.49 23.43 -28.46
C ALA A 1066 12.50 22.26 -28.41
N GLU A 1067 12.53 21.39 -29.42
CA GLU A 1067 11.60 20.27 -29.43
C GLU A 1067 11.95 19.28 -28.34
N ALA A 1068 13.25 19.07 -28.08
CA ALA A 1068 13.63 18.17 -27.00
C ALA A 1068 13.11 18.68 -25.66
N GLU A 1069 13.22 19.99 -25.43
CA GLU A 1069 12.67 20.59 -24.21
C GLU A 1069 11.16 20.39 -24.15
N ALA A 1070 10.47 20.62 -25.26
CA ALA A 1070 9.04 20.43 -25.27
C ALA A 1070 8.67 18.98 -25.00
N ALA A 1071 9.49 18.07 -25.50
CA ALA A 1071 9.23 16.65 -25.26
C ALA A 1071 9.41 16.30 -23.80
N ARG A 1072 10.48 16.79 -23.16
CA ARG A 1072 10.62 16.59 -21.73
C ARG A 1072 9.45 17.17 -20.97
N ASN A 1073 9.02 18.36 -21.36
CA ASN A 1073 7.87 18.97 -20.70
C ASN A 1073 6.62 18.12 -20.86
N ALA A 1074 6.41 17.54 -22.04
CA ALA A 1074 5.28 16.64 -22.24
C ALA A 1074 5.40 15.45 -21.35
N GLY A 1075 6.61 14.91 -21.21
CA GLY A 1075 6.82 13.74 -20.39
C GLY A 1075 6.42 14.00 -18.95
N SER A 1076 6.73 15.20 -18.44
CA SER A 1076 6.36 15.59 -17.08
C SER A 1076 4.87 15.89 -16.97
N SER A 1077 4.32 16.60 -17.96
CA SER A 1077 2.92 17.01 -17.85
CA SER A 1077 2.91 17.02 -17.90
C SER A 1077 1.96 15.84 -18.07
N SER A 1078 2.39 14.80 -18.78
CA SER A 1078 1.55 13.64 -18.96
C SER A 1078 1.09 13.07 -17.62
N ALA A 1079 -0.17 12.67 -17.56
CA ALA A 1079 -0.70 11.99 -16.39
C ALA A 1079 -0.76 10.49 -16.60
N LEU A 1080 -0.15 9.99 -17.66
CA LEU A 1080 -0.01 8.55 -17.83
C LEU A 1080 0.58 7.92 -16.59
N GLY A 1081 -0.05 6.86 -16.12
CA GLY A 1081 0.40 6.20 -14.91
C GLY A 1081 -0.33 6.63 -13.64
N LEU A 1082 -1.19 7.64 -13.72
CA LEU A 1082 -2.04 7.97 -12.58
C LEU A 1082 -2.76 6.71 -12.12
N ASP A 1083 -2.78 6.51 -10.80
CA ASP A 1083 -3.32 5.28 -10.24
C ASP A 1083 -3.94 5.65 -8.88
N LEU A 1084 -5.27 5.75 -8.83
CA LEU A 1084 -5.96 6.28 -7.69
C LEU A 1084 -7.01 5.29 -7.23
N GLU A 1085 -7.27 5.31 -5.93
CA GLU A 1085 -8.42 4.61 -5.38
C GLU A 1085 -9.45 5.68 -5.05
N LEU A 1086 -10.67 5.48 -5.50
CA LEU A 1086 -11.75 6.42 -5.32
C LEU A 1086 -12.60 6.03 -4.10
N PRO A 1087 -12.99 6.99 -3.29
CA PRO A 1087 -13.83 6.68 -2.14
C PRO A 1087 -15.12 6.02 -2.60
N GLY A 1088 -15.58 5.05 -1.81
CA GLY A 1088 -16.74 4.28 -2.15
C GLY A 1088 -17.21 3.48 -0.93
N PRO A 1089 -18.07 2.51 -1.18
CA PRO A 1089 -18.56 1.67 -0.09
C PRO A 1089 -17.49 0.76 0.45
N VAL A 1090 -17.71 0.32 1.68
CA VAL A 1090 -16.87 -0.72 2.26
C VAL A 1090 -17.02 -2.00 1.43
N GLY A 1091 -16.01 -2.86 1.50
CA GLY A 1091 -16.09 -4.14 0.84
C GLY A 1091 -15.89 -4.07 -0.66
N GLU A 1092 -15.38 -2.97 -1.17
CA GLU A 1092 -15.08 -2.82 -2.57
C GLU A 1092 -13.88 -1.89 -2.67
N ARG A 1093 -13.04 -2.13 -3.66
CA ARG A 1093 -11.95 -1.22 -3.99
C ARG A 1093 -12.21 -0.73 -5.40
N ASN A 1094 -12.28 0.57 -5.55
CA ASN A 1094 -12.63 1.20 -6.81
C ASN A 1094 -11.42 2.00 -7.25
N LEU A 1095 -10.84 1.56 -8.35
CA LEU A 1095 -9.59 2.12 -8.84
C LEU A 1095 -9.81 2.87 -10.14
N TYR A 1096 -8.98 3.88 -10.34
CA TYR A 1096 -9.07 4.71 -11.53
C TYR A 1096 -7.64 4.94 -11.98
N THR A 1097 -7.38 4.60 -13.22
CA THR A 1097 -6.01 4.63 -13.75
C THR A 1097 -6.00 5.24 -15.14
N LEU A 1098 -4.90 5.87 -15.51
CA LEU A 1098 -4.74 6.43 -16.85
C LEU A 1098 -3.66 5.64 -17.59
N HIS A 1099 -4.04 5.12 -18.76
CA HIS A 1099 -3.19 4.31 -19.59
C HIS A 1099 -3.02 4.95 -20.95
N ALA A 1100 -2.15 4.37 -21.78
CA ALA A 1100 -2.09 4.80 -23.17
C ALA A 1100 -3.39 4.44 -23.88
N ARG A 1101 -3.73 5.24 -24.89
CA ARG A 1101 -4.89 4.94 -25.71
C ARG A 1101 -4.63 3.82 -26.70
N GLY A 1102 -3.45 3.78 -27.29
CA GLY A 1102 -3.21 2.78 -28.32
C GLY A 1102 -2.30 3.37 -29.36
N ARG A 1103 -2.70 3.28 -30.62
CA ARG A 1103 -1.92 3.81 -31.72
C ARG A 1103 -2.60 5.09 -32.18
N ILE A 1104 -1.87 6.19 -32.12
CA ILE A 1104 -2.40 7.48 -32.53
C ILE A 1104 -1.96 7.76 -33.95
N LEU A 1105 -2.92 8.16 -34.78
CA LEU A 1105 -2.61 8.61 -36.13
C LEU A 1105 -2.06 10.02 -36.08
N LEU A 1106 -0.87 10.22 -36.64
CA LEU A 1106 -0.24 11.52 -36.71
C LEU A 1106 -0.30 12.00 -38.15
N VAL A 1107 -0.83 13.20 -38.34
CA VAL A 1107 -0.93 13.82 -39.66
C VAL A 1107 -0.19 15.15 -39.55
N PRO A 1108 1.12 15.14 -39.67
CA PRO A 1108 1.90 16.36 -39.51
C PRO A 1108 1.98 17.10 -40.83
N ALA A 1109 2.35 18.35 -40.72
CA ALA A 1109 2.66 19.18 -41.89
C ALA A 1109 4.11 19.62 -41.93
N THR A 1110 4.73 19.84 -40.77
CA THR A 1110 6.08 20.34 -40.68
C THR A 1110 6.89 19.39 -39.81
N GLU A 1111 8.21 19.52 -39.93
CA GLU A 1111 9.09 18.70 -39.10
C GLU A 1111 8.86 18.98 -37.62
N SER A 1112 8.85 20.26 -37.26
CA SER A 1112 8.65 20.61 -35.87
C SER A 1112 7.28 20.15 -35.40
N GLY A 1113 6.27 20.27 -36.25
CA GLY A 1113 4.96 19.75 -35.89
C GLY A 1113 5.00 18.27 -35.62
N LEU A 1114 5.65 17.50 -36.48
CA LEU A 1114 5.79 16.07 -36.25
C LEU A 1114 6.46 15.78 -34.92
N TYR A 1115 7.53 16.51 -34.61
CA TYR A 1115 8.23 16.25 -33.35
C TYR A 1115 7.34 16.55 -32.15
N HIS A 1116 6.57 17.66 -32.19
CA HIS A 1116 5.62 17.97 -31.13
C HIS A 1116 4.53 16.91 -31.05
N GLN A 1117 4.02 16.44 -32.20
CA GLN A 1117 2.99 15.41 -32.20
C GLN A 1117 3.53 14.12 -31.59
N LEU A 1118 4.72 13.72 -32.02
CA LEU A 1118 5.30 12.49 -31.51
C LEU A 1118 5.59 12.60 -30.03
N ALA A 1119 6.07 13.76 -29.58
CA ALA A 1119 6.31 13.95 -28.15
C ALA A 1119 5.00 13.78 -27.37
N ALA A 1120 3.92 14.39 -27.84
CA ALA A 1120 2.65 14.31 -27.13
C ALA A 1120 2.20 12.86 -27.03
N ALA A 1121 2.28 12.14 -28.15
CA ALA A 1121 1.81 10.77 -28.19
C ALA A 1121 2.68 9.85 -27.34
N LEU A 1122 4.00 10.00 -27.44
CA LEU A 1122 4.89 9.12 -26.69
C LEU A 1122 4.80 9.40 -25.19
N ALA A 1123 4.67 10.66 -24.81
CA ALA A 1123 4.60 11.00 -23.39
C ALA A 1123 3.38 10.39 -22.74
N THR A 1124 2.36 10.07 -23.54
CA THR A 1124 1.14 9.46 -23.04
C THR A 1124 1.11 7.97 -23.33
N GLY A 1125 2.23 7.39 -23.69
CA GLY A 1125 2.42 5.94 -23.74
C GLY A 1125 2.03 5.31 -25.03
N ASN A 1126 1.64 6.09 -26.01
CA ASN A 1126 1.08 5.57 -27.24
C ASN A 1126 2.16 5.21 -28.23
N SER A 1127 1.78 4.34 -29.15
CA SER A 1127 2.45 4.21 -30.43
C SER A 1127 1.77 5.13 -31.42
N VAL A 1128 2.39 5.26 -32.60
CA VAL A 1128 1.89 6.19 -33.61
C VAL A 1128 1.95 5.55 -34.98
N ALA A 1129 1.10 6.03 -35.86
CA ALA A 1129 1.22 5.77 -37.28
C ALA A 1129 1.25 7.15 -37.91
N ILE A 1130 2.32 7.45 -38.63
CA ILE A 1130 2.55 8.77 -39.17
C ILE A 1130 2.13 8.76 -40.64
N ASP A 1131 1.40 9.78 -41.06
CA ASP A 1131 0.95 9.88 -42.44
C ASP A 1131 2.13 9.96 -43.39
N ALA A 1132 2.28 8.92 -44.21
CA ALA A 1132 3.39 8.85 -45.16
C ALA A 1132 3.28 9.94 -46.22
N ALA A 1133 2.06 10.42 -46.49
CA ALA A 1133 1.87 11.49 -47.48
C ALA A 1133 2.48 12.82 -47.02
N SER A 1134 2.87 12.92 -45.76
CA SER A 1134 3.45 14.16 -45.29
C SER A 1134 4.82 14.42 -45.88
N GLY A 1135 5.49 13.38 -46.39
CA GLY A 1135 6.83 13.53 -46.90
C GLY A 1135 7.89 13.82 -45.86
N LEU A 1136 7.64 13.53 -44.59
CA LEU A 1136 8.57 13.89 -43.52
C LEU A 1136 9.42 12.73 -43.05
N GLN A 1137 9.45 11.64 -43.82
CA GLN A 1137 10.21 10.47 -43.42
C GLN A 1137 11.67 10.80 -43.09
N ALA A 1138 12.28 11.72 -43.86
CA ALA A 1138 13.67 12.05 -43.57
C ALA A 1138 13.84 12.81 -42.26
N SER A 1139 12.76 13.24 -41.61
CA SER A 1139 12.89 13.92 -40.35
C SER A 1139 13.06 12.96 -39.19
N LEU A 1140 12.90 11.66 -39.41
CA LEU A 1140 12.97 10.67 -38.34
C LEU A 1140 14.03 9.62 -38.60
N LYS A 1141 15.17 10.06 -39.12
CA LYS A 1141 16.28 9.15 -39.38
C LYS A 1141 17.01 8.77 -38.10
N ASN A 1142 17.40 7.51 -38.01
CA ASN A 1142 18.30 7.05 -36.95
C ASN A 1142 17.61 7.01 -35.59
N LEU A 1143 16.34 6.62 -35.54
CA LEU A 1143 15.65 6.64 -34.25
C LEU A 1143 16.20 5.54 -33.35
N PRO A 1144 16.30 5.79 -32.05
CA PRO A 1144 16.55 4.68 -31.12
C PRO A 1144 15.55 3.57 -31.39
N GLN A 1145 15.98 2.33 -31.21
CA GLN A 1145 15.07 1.22 -31.48
C GLN A 1145 13.84 1.29 -30.59
N THR A 1146 13.97 1.78 -29.35
CA THR A 1146 12.83 1.88 -28.47
C THR A 1146 11.76 2.77 -29.07
N VAL A 1147 12.18 3.88 -29.69
CA VAL A 1147 11.20 4.75 -30.33
C VAL A 1147 10.73 4.15 -31.64
N GLY A 1148 11.65 3.59 -32.44
CA GLY A 1148 11.23 3.00 -33.69
C GLY A 1148 10.16 1.95 -33.52
N LEU A 1149 10.24 1.16 -32.44
CA LEU A 1149 9.24 0.14 -32.20
C LEU A 1149 7.85 0.73 -32.05
N ARG A 1150 7.75 1.98 -31.58
CA ARG A 1150 6.47 2.64 -31.45
C ARG A 1150 6.03 3.39 -32.71
N VAL A 1151 6.88 3.46 -33.73
CA VAL A 1151 6.62 4.29 -34.90
C VAL A 1151 6.38 3.41 -36.12
N SER A 1152 5.29 3.67 -36.82
CA SER A 1152 5.06 3.14 -38.15
C SER A 1152 4.64 4.30 -39.06
N TRP A 1153 4.84 4.10 -40.35
CA TRP A 1153 4.42 5.05 -41.36
C TRP A 1153 3.28 4.44 -42.13
N SER A 1154 2.27 5.24 -42.43
CA SER A 1154 1.06 4.72 -43.03
C SER A 1154 0.77 5.48 -44.31
N LYS A 1155 0.72 4.75 -45.44
CA LYS A 1155 0.18 5.31 -46.66
C LYS A 1155 -1.34 5.21 -46.67
N ASP A 1156 -1.85 4.04 -46.30
CA ASP A 1156 -3.29 3.78 -46.35
C ASP A 1156 -3.77 3.71 -44.91
N TRP A 1157 -4.30 4.83 -44.40
CA TRP A 1157 -4.67 4.88 -42.98
C TRP A 1157 -5.72 3.82 -42.64
N ALA A 1158 -6.65 3.54 -43.57
CA ALA A 1158 -7.74 2.62 -43.28
C ALA A 1158 -7.26 1.18 -43.15
N ALA A 1159 -6.06 0.88 -43.63
CA ALA A 1159 -5.50 -0.45 -43.53
C ALA A 1159 -4.72 -0.66 -42.25
N ASP A 1160 -4.28 0.43 -41.62
CA ASP A 1160 -3.34 0.37 -40.52
C ASP A 1160 -3.99 0.63 -39.16
N GLY A 1161 -5.30 0.76 -39.11
CA GLY A 1161 -5.98 0.96 -37.87
C GLY A 1161 -6.32 -0.35 -37.18
N PRO A 1162 -7.15 -0.30 -36.15
CA PRO A 1162 -7.85 0.89 -35.65
C PRO A 1162 -6.88 1.78 -34.91
N PHE A 1163 -7.11 3.06 -35.02
CA PHE A 1163 -6.37 4.02 -34.21
C PHE A 1163 -7.21 4.31 -32.98
N ALA A 1164 -6.58 4.98 -32.02
CA ALA A 1164 -7.24 5.36 -30.78
C ALA A 1164 -7.31 6.87 -30.60
N GLY A 1165 -6.90 7.63 -31.59
CA GLY A 1165 -6.94 9.07 -31.56
C GLY A 1165 -6.12 9.57 -32.74
N ALA A 1166 -6.10 10.90 -32.92
CA ALA A 1166 -5.34 11.46 -34.02
C ALA A 1166 -4.86 12.85 -33.62
N LEU A 1167 -3.71 13.21 -34.17
CA LEU A 1167 -3.15 14.54 -34.03
C LEU A 1167 -2.90 15.07 -35.43
N VAL A 1168 -3.38 16.27 -35.70
CA VAL A 1168 -3.35 16.85 -37.03
C VAL A 1168 -2.75 18.23 -36.97
N GLU A 1169 -1.87 18.51 -37.93
CA GLU A 1169 -1.29 19.83 -38.09
C GLU A 1169 -1.66 20.37 -39.45
N GLY A 1170 -2.12 21.60 -39.48
CA GLY A 1170 -2.38 22.22 -40.76
C GLY A 1170 -3.18 23.49 -40.62
N ASP A 1171 -3.37 24.14 -41.75
CA ASP A 1171 -4.31 25.25 -41.78
C ASP A 1171 -5.74 24.73 -41.77
N ALA A 1172 -6.69 25.66 -41.69
CA ALA A 1172 -8.06 25.28 -41.48
C ALA A 1172 -8.53 24.31 -42.56
N GLU A 1173 -8.22 24.58 -43.83
CA GLU A 1173 -8.73 23.71 -44.88
C GLU A 1173 -8.02 22.36 -44.87
N ARG A 1174 -6.76 22.32 -44.46
CA ARG A 1174 -6.07 21.05 -44.34
C ARG A 1174 -6.69 20.24 -43.21
N ILE A 1175 -6.99 20.90 -42.09
CA ILE A 1175 -7.62 20.22 -40.96
C ILE A 1175 -8.97 19.65 -41.38
N ARG A 1176 -9.76 20.44 -42.10
CA ARG A 1176 -11.08 19.96 -42.51
C ARG A 1176 -10.95 18.73 -43.40
N ALA A 1177 -10.02 18.77 -44.34
CA ALA A 1177 -9.82 17.65 -45.27
C ALA A 1177 -9.38 16.40 -44.52
N VAL A 1178 -8.42 16.54 -43.61
CA VAL A 1178 -7.94 15.39 -42.87
C VAL A 1178 -9.05 14.85 -42.00
N ASN A 1179 -9.81 15.74 -41.38
CA ASN A 1179 -10.90 15.32 -40.50
C ASN A 1179 -11.92 14.48 -41.25
N LYS A 1180 -12.21 14.85 -42.51
CA LYS A 1180 -13.11 14.05 -43.33
C LYS A 1180 -12.50 12.69 -43.66
N ALA A 1181 -11.20 12.66 -44.00
CA ALA A 1181 -10.54 11.39 -44.22
C ALA A 1181 -10.57 10.53 -42.97
N ILE A 1182 -10.35 11.14 -41.80
CA ILE A 1182 -10.31 10.34 -40.57
C ILE A 1182 -11.70 9.79 -40.27
N ALA A 1183 -12.74 10.59 -40.49
CA ALA A 1183 -14.08 10.12 -40.17
C ALA A 1183 -14.42 8.92 -41.03
N ALA A 1184 -13.84 8.86 -42.24
CA ALA A 1184 -14.14 7.77 -43.17
C ALA A 1184 -13.41 6.49 -42.82
N LEU A 1185 -12.51 6.51 -41.84
CA LEU A 1185 -11.81 5.29 -41.51
C LEU A 1185 -12.80 4.31 -40.87
N PRO A 1186 -12.65 3.01 -41.12
CA PRO A 1186 -13.57 2.05 -40.52
C PRO A 1186 -13.33 1.99 -39.02
N GLY A 1187 -14.38 1.62 -38.31
CA GLY A 1187 -14.26 1.27 -36.91
C GLY A 1187 -14.55 2.41 -35.96
N PRO A 1188 -13.68 2.60 -34.97
CA PRO A 1188 -14.03 3.49 -33.87
C PRO A 1188 -14.00 4.94 -34.27
N LEU A 1189 -14.83 5.73 -33.59
CA LEU A 1189 -14.72 7.17 -33.70
C LEU A 1189 -13.39 7.55 -33.10
N LEU A 1190 -12.68 8.46 -33.74
CA LEU A 1190 -11.38 8.88 -33.25
C LEU A 1190 -11.50 10.27 -32.64
N LEU A 1191 -10.93 10.42 -31.46
CA LEU A 1191 -10.81 11.74 -30.83
C LEU A 1191 -9.64 12.44 -31.49
N VAL A 1192 -9.96 13.43 -32.32
CA VAL A 1192 -8.98 14.15 -33.13
C VAL A 1192 -8.69 15.49 -32.47
N GLN A 1193 -7.40 15.83 -32.42
CA GLN A 1193 -6.96 17.17 -32.02
C GLN A 1193 -6.17 17.78 -33.17
N ALA A 1194 -6.45 19.03 -33.47
CA ALA A 1194 -5.82 19.70 -34.60
C ALA A 1194 -5.21 20.99 -34.12
N ALA A 1195 -4.19 21.43 -34.86
CA ALA A 1195 -3.51 22.66 -34.55
C ALA A 1195 -2.80 23.13 -35.80
N SER A 1196 -2.66 24.44 -35.92
CA SER A 1196 -1.83 24.98 -36.99
C SER A 1196 -0.38 24.95 -36.56
N SER A 1197 0.52 25.07 -37.52
CA SER A 1197 1.93 25.15 -37.19
C SER A 1197 2.20 26.30 -36.23
N GLY A 1198 1.53 27.42 -36.44
CA GLY A 1198 1.75 28.56 -35.57
C GLY A 1198 1.25 28.34 -34.16
N GLU A 1199 0.13 27.62 -34.01
CA GLU A 1199 -0.37 27.27 -32.70
C GLU A 1199 0.58 26.31 -32.01
N ILE A 1200 1.17 25.37 -32.76
CA ILE A 1200 2.15 24.49 -32.15
C ILE A 1200 3.34 25.30 -31.63
N ALA A 1201 3.72 26.34 -32.37
CA ALA A 1201 4.85 27.15 -31.94
C ALA A 1201 4.50 28.00 -30.72
N ARG A 1202 3.27 28.48 -30.64
CA ARG A 1202 2.86 29.41 -29.60
C ARG A 1202 2.38 28.74 -28.32
N ASN A 1203 1.70 27.60 -28.45
CA ASN A 1203 0.98 26.99 -27.33
C ASN A 1203 1.56 25.63 -27.02
N PRO A 1204 2.31 25.48 -25.92
CA PRO A 1204 2.81 24.15 -25.56
C PRO A 1204 1.73 23.11 -25.40
N ASP A 1205 0.48 23.53 -25.14
CA ASP A 1205 -0.64 22.61 -24.98
C ASP A 1205 -1.50 22.58 -26.23
N ALA A 1206 -0.97 22.98 -27.37
CA ALA A 1206 -1.72 22.89 -28.63
C ALA A 1206 -2.40 21.53 -28.74
N TYR A 1207 -1.69 20.48 -28.37
CA TYR A 1207 -2.27 19.14 -28.30
C TYR A 1207 -2.38 18.81 -26.82
N CYS A 1208 -3.59 18.64 -26.35
CA CYS A 1208 -3.85 18.45 -24.93
C CYS A 1208 -3.64 16.99 -24.57
N LEU A 1209 -2.80 16.76 -23.57
CA LEU A 1209 -2.47 15.41 -23.20
C LEU A 1209 -3.62 14.70 -22.48
N ASN A 1210 -4.63 15.45 -21.99
CA ASN A 1210 -5.79 14.82 -21.38
C ASN A 1210 -6.43 13.81 -22.33
N TRP A 1211 -6.41 14.11 -23.64
CA TRP A 1211 -7.18 13.33 -24.58
C TRP A 1211 -6.34 12.26 -25.27
N LEU A 1212 -5.09 12.10 -24.86
CA LEU A 1212 -4.18 11.09 -25.39
C LEU A 1212 -3.93 9.94 -24.42
N VAL A 1213 -4.59 9.96 -23.26
CA VAL A 1213 -4.60 8.82 -22.36
C VAL A 1213 -6.00 8.26 -22.34
N GLU A 1214 -6.09 7.05 -21.80
CA GLU A 1214 -7.34 6.34 -21.66
C GLU A 1214 -7.60 6.11 -20.19
N GLU A 1215 -8.81 6.42 -19.77
CA GLU A 1215 -9.21 6.14 -18.40
C GLU A 1215 -9.70 4.71 -18.27
N VAL A 1216 -9.28 4.06 -17.19
CA VAL A 1216 -9.78 2.74 -16.87
C VAL A 1216 -10.26 2.75 -15.44
N SER A 1217 -11.48 2.27 -15.22
CA SER A 1217 -12.04 2.08 -13.90
C SER A 1217 -12.10 0.60 -13.62
N ALA A 1218 -11.68 0.22 -12.42
CA ALA A 1218 -11.75 -1.18 -12.00
C ALA A 1218 -12.41 -1.23 -10.63
N SER A 1219 -13.41 -2.07 -10.50
CA SER A 1219 -14.11 -2.23 -9.23
C SER A 1219 -13.99 -3.68 -8.80
N ILE A 1220 -13.40 -3.88 -7.63
CA ILE A 1220 -13.10 -5.20 -7.10
C ILE A 1220 -13.96 -5.38 -5.86
N ASN A 1221 -14.74 -6.45 -5.86
CA ASN A 1221 -15.54 -6.83 -4.71
C ASN A 1221 -14.62 -7.55 -3.73
N THR A 1222 -14.18 -6.85 -2.71
CA THR A 1222 -13.23 -7.40 -1.76
C THR A 1222 -13.90 -8.19 -0.67
N ALA A 1223 -15.21 -8.26 -0.68
CA ALA A 1223 -15.95 -9.14 0.20
C ALA A 1223 -16.27 -10.48 -0.43
N ALA A 1224 -15.77 -10.74 -1.65
CA ALA A 1224 -16.21 -11.91 -2.41
C ALA A 1224 -15.83 -13.22 -1.74
N ALA A 1225 -14.75 -13.23 -0.95
CA ALA A 1225 -14.32 -14.46 -0.29
C ALA A 1225 -15.26 -14.88 0.84
N GLY A 1226 -16.20 -14.02 1.22
CA GLY A 1226 -17.17 -14.38 2.26
C GLY A 1226 -17.30 -13.35 3.34
N GLY A 1227 -16.43 -12.35 3.33
CA GLY A 1227 -16.44 -11.33 4.38
C GLY A 1227 -15.48 -10.21 4.06
N ASN A 1228 -15.50 -9.20 4.93
CA ASN A 1228 -14.75 -7.97 4.73
C ASN A 1228 -13.65 -7.87 5.79
N ALA A 1229 -12.42 -8.16 5.36
CA ALA A 1229 -11.28 -8.14 6.28
C ALA A 1229 -11.09 -6.76 6.94
N SER A 1230 -11.11 -5.69 6.14
CA SER A 1230 -10.92 -4.36 6.70
C SER A 1230 -11.85 -4.08 7.88
N LEU A 1231 -13.11 -4.49 7.76
CA LEU A 1231 -14.08 -4.30 8.83
C LEU A 1231 -13.92 -5.35 9.92
N ALA B 16 57.74 3.53 18.08
CA ALA B 16 56.34 3.47 17.64
C ALA B 16 55.40 3.42 18.83
N PRO B 17 54.37 4.29 18.84
CA PRO B 17 53.41 4.27 19.94
C PRO B 17 52.80 2.89 20.15
N ALA B 18 52.65 2.50 21.41
CA ALA B 18 52.10 1.17 21.70
C ALA B 18 50.68 1.07 21.15
N PRO B 19 50.31 -0.05 20.54
CA PRO B 19 48.96 -0.17 19.98
C PRO B 19 47.89 0.06 21.05
N PHE B 20 46.95 0.93 20.72
CA PHE B 20 45.77 1.24 21.54
C PHE B 20 46.10 1.89 22.86
N ALA B 21 47.34 2.33 23.07
CA ALA B 21 47.70 2.99 24.32
C ALA B 21 46.95 4.30 24.55
N ASP B 22 46.41 4.90 23.48
CA ASP B 22 45.66 6.15 23.58
C ASP B 22 44.35 6.03 22.83
N PHE B 23 43.65 4.91 23.02
CA PHE B 23 42.50 4.61 22.17
C PHE B 23 41.37 5.61 22.39
N ALA B 24 40.90 5.73 23.63
CA ALA B 24 39.75 6.58 23.94
C ALA B 24 39.77 6.99 25.39
N PRO B 25 40.84 7.64 25.85
CA PRO B 25 40.91 8.04 27.25
C PRO B 25 39.78 9.00 27.56
N PRO B 26 39.09 8.83 28.68
CA PRO B 26 38.02 9.78 29.01
C PRO B 26 38.56 11.17 29.31
N VAL B 27 37.69 12.14 29.15
CA VAL B 27 38.02 13.52 29.50
C VAL B 27 38.47 13.61 30.95
N ARG B 28 37.76 12.91 31.85
CA ARG B 28 38.12 12.93 33.26
C ARG B 28 37.80 11.57 33.86
N PRO B 29 38.43 11.23 34.98
CA PRO B 29 38.03 10.02 35.70
C PRO B 29 36.57 10.11 36.07
N GLN B 30 35.85 9.02 35.86
CA GLN B 30 34.41 9.00 36.06
C GLN B 30 34.10 8.82 37.53
N SER B 31 33.37 9.79 38.09
CA SER B 31 32.94 9.73 39.47
C SER B 31 31.84 8.68 39.64
N THR B 32 31.52 8.39 40.89
CA THR B 32 30.40 7.50 41.19
C THR B 32 29.13 7.99 40.50
N LEU B 33 28.83 9.29 40.59
CA LEU B 33 27.62 9.81 39.96
C LEU B 33 27.67 9.71 38.44
N ARG B 34 28.82 9.99 37.82
CA ARG B 34 28.91 9.84 36.36
C ARG B 34 28.77 8.37 35.96
N ARG B 35 29.34 7.47 36.76
CA ARG B 35 29.21 6.05 36.46
C ARG B 35 27.77 5.59 36.54
N ALA B 36 27.00 6.16 37.46
CA ALA B 36 25.60 5.76 37.57
C ALA B 36 24.80 6.21 36.34
N ILE B 37 25.15 7.35 35.76
CA ILE B 37 24.57 7.75 34.49
C ILE B 37 24.87 6.71 33.42
N THR B 38 26.14 6.39 33.23
CA THR B 38 26.53 5.52 32.14
C THR B 38 25.88 4.16 32.30
N ALA B 39 25.77 3.69 33.54
CA ALA B 39 25.18 2.38 33.80
C ALA B 39 23.73 2.31 33.34
N ALA B 40 23.04 3.43 33.26
CA ALA B 40 21.64 3.45 32.90
C ALA B 40 21.41 3.64 31.42
N TYR B 41 22.46 3.83 30.62
CA TYR B 41 22.33 4.31 29.24
C TYR B 41 21.27 3.52 28.48
N ARG B 42 21.35 2.19 28.57
CA ARG B 42 20.45 1.33 27.79
C ARG B 42 19.73 0.33 28.69
N ARG B 43 19.45 0.76 29.91
CA ARG B 43 18.80 -0.12 30.88
C ARG B 43 17.45 -0.59 30.34
N PRO B 44 17.11 -1.86 30.52
CA PRO B 44 15.81 -2.32 30.05
C PRO B 44 14.68 -1.47 30.61
N GLU B 45 13.66 -1.27 29.78
CA GLU B 45 12.55 -0.40 30.15
C GLU B 45 11.83 -0.90 31.38
N THR B 46 11.75 -2.22 31.55
CA THR B 46 11.10 -2.79 32.74
C THR B 46 11.90 -2.58 34.00
N GLU B 47 13.21 -2.31 33.91
CA GLU B 47 13.97 -1.91 35.09
C GLU B 47 13.90 -0.42 35.38
N CYS B 48 13.71 0.41 34.34
CA CYS B 48 13.67 1.84 34.57
C CYS B 48 12.37 2.29 35.18
N LEU B 49 11.27 1.65 34.85
CA LEU B 49 9.99 2.27 35.19
C LEU B 49 9.64 2.19 36.67
N PRO B 50 9.85 1.06 37.35
CA PRO B 50 9.30 0.95 38.73
C PRO B 50 9.80 2.06 39.66
N PRO B 51 11.08 2.42 39.65
CA PRO B 51 11.51 3.52 40.53
C PRO B 51 10.95 4.88 40.12
N LEU B 52 10.72 5.09 38.83
CA LEU B 52 10.09 6.33 38.37
C LEU B 52 8.62 6.39 38.78
N VAL B 53 7.90 5.27 38.64
CA VAL B 53 6.54 5.20 39.17
C VAL B 53 6.54 5.56 40.64
N GLU B 54 7.45 4.97 41.41
CA GLU B 54 7.50 5.26 42.85
C GLU B 54 7.72 6.73 43.11
N ALA B 55 8.63 7.35 42.35
CA ALA B 55 8.97 8.75 42.60
C ALA B 55 7.87 9.70 42.12
N ALA B 56 7.06 9.28 41.16
CA ALA B 56 6.03 10.12 40.59
C ALA B 56 4.69 9.96 41.28
N THR B 57 4.60 9.06 42.26
CA THR B 57 3.31 8.80 42.90
C THR B 57 2.90 9.99 43.73
N GLN B 58 1.62 10.36 43.64
CA GLN B 58 1.05 11.45 44.41
C GLN B 58 -0.22 10.95 45.09
N SER B 59 -0.60 11.66 46.16
CA SER B 59 -1.77 11.26 46.93
C SER B 59 -3.03 11.38 46.09
N LYS B 60 -4.10 10.72 46.54
CA LYS B 60 -5.39 10.87 45.88
C LYS B 60 -5.80 12.34 45.87
N GLU B 61 -5.55 13.06 46.97
CA GLU B 61 -5.92 14.47 47.04
C GLU B 61 -5.27 15.24 45.91
N ILE B 62 -3.95 15.16 45.80
CA ILE B 62 -3.24 15.90 44.77
C ILE B 62 -3.65 15.42 43.38
N ARG B 63 -3.80 14.11 43.20
CA ARG B 63 -4.16 13.59 41.89
C ARG B 63 -5.53 14.06 41.45
N ASP B 64 -6.48 14.15 42.39
CA ASP B 64 -7.76 14.74 42.04
C ASP B 64 -7.63 16.25 41.81
N ALA B 65 -6.83 16.92 42.64
CA ALA B 65 -6.62 18.36 42.46
C ALA B 65 -5.94 18.65 41.14
N ALA B 66 -4.95 17.83 40.76
CA ALA B 66 -4.25 18.05 39.50
C ALA B 66 -5.15 17.74 38.30
N ALA B 67 -5.96 16.69 38.39
CA ALA B 67 -6.86 16.37 37.29
C ALA B 67 -7.89 17.48 37.08
N SER B 68 -8.32 18.14 38.16
CA SER B 68 -9.26 19.25 37.99
C SER B 68 -8.57 20.44 37.35
N THR B 69 -7.36 20.76 37.81
CA THR B 69 -6.58 21.82 37.17
C THR B 69 -6.36 21.51 35.71
N ALA B 70 -6.02 20.25 35.39
CA ALA B 70 -5.80 19.87 34.00
C ALA B 70 -7.07 20.00 33.18
N ARG B 71 -8.22 19.65 33.78
CA ARG B 71 -9.49 19.75 33.06
C ARG B 71 -9.82 21.20 32.76
N LYS B 72 -9.58 22.10 33.73
CA LYS B 72 -9.83 23.53 33.54
C LYS B 72 -8.92 24.11 32.45
N LEU B 73 -7.65 23.70 32.44
CA LEU B 73 -6.73 24.18 31.40
C LEU B 73 -7.17 23.74 30.02
N ILE B 74 -7.55 22.46 29.88
CA ILE B 74 -7.90 21.93 28.58
C ILE B 74 -9.21 22.56 28.09
N GLU B 75 -10.22 22.57 28.95
CA GLU B 75 -11.46 23.27 28.64
C GLU B 75 -11.17 24.66 28.10
N ALA B 76 -10.41 25.46 28.86
CA ALA B 76 -10.02 26.79 28.42
C ALA B 76 -9.29 26.73 27.08
N LEU B 77 -8.29 25.85 26.97
CA LEU B 77 -7.58 25.73 25.70
C LEU B 77 -8.55 25.42 24.56
N ARG B 78 -9.47 24.49 24.79
CA ARG B 78 -10.38 24.10 23.72
C ARG B 78 -11.50 25.10 23.51
N GLY B 79 -11.72 26.00 24.46
CA GLY B 79 -12.71 27.05 24.30
C GLY B 79 -12.32 28.18 23.39
N LYS B 80 -11.13 28.12 22.80
CA LYS B 80 -10.62 29.22 21.99
C LYS B 80 -9.84 28.73 20.78
N GLY B 85 -5.86 29.53 11.12
CA GLY B 85 -5.00 30.42 10.37
C GLY B 85 -4.91 29.99 8.91
N VAL B 86 -4.07 29.00 8.64
CA VAL B 86 -4.08 28.39 7.32
C VAL B 86 -5.38 27.63 7.11
N GLU B 87 -5.92 27.01 8.17
CA GLU B 87 -7.24 26.39 8.07
C GLU B 87 -8.27 27.35 7.48
N GLY B 88 -8.21 28.63 7.88
CA GLY B 88 -9.17 29.59 7.38
C GLY B 88 -8.99 29.91 5.91
N LEU B 89 -7.73 30.01 5.49
CA LEU B 89 -7.44 30.20 4.06
C LEU B 89 -7.93 29.01 3.25
N VAL B 90 -7.68 27.80 3.75
CA VAL B 90 -8.11 26.59 3.06
C VAL B 90 -9.63 26.54 2.94
N GLN B 91 -10.34 26.96 4.00
CA GLN B 91 -11.80 26.97 3.92
C GLN B 91 -12.30 28.09 3.00
N GLU B 92 -11.73 29.28 3.09
CA GLU B 92 -12.25 30.40 2.31
C GLU B 92 -12.10 30.16 0.81
N TYR B 93 -11.04 29.48 0.39
CA TYR B 93 -10.81 29.27 -1.03
C TYR B 93 -11.07 27.83 -1.44
N SER B 94 -11.59 27.01 -0.53
CA SER B 94 -11.97 25.63 -0.81
C SER B 94 -10.77 24.87 -1.38
N LEU B 95 -9.66 24.97 -0.69
CA LEU B 95 -8.44 24.36 -1.15
C LEU B 95 -8.37 22.91 -0.71
N SER B 96 -7.88 22.07 -1.61
CA SER B 96 -7.47 20.76 -1.20
C SER B 96 -6.19 20.86 -0.36
N SER B 97 -5.81 19.76 0.28
CA SER B 97 -4.56 19.77 1.02
C SER B 97 -3.40 20.09 0.11
N GLN B 98 -3.31 19.42 -1.04
CA GLN B 98 -2.20 19.65 -1.94
C GLN B 98 -2.19 21.08 -2.45
N GLU B 99 -3.37 21.65 -2.69
CA GLU B 99 -3.43 23.06 -3.09
C GLU B 99 -2.93 23.95 -1.96
N GLY B 100 -3.31 23.64 -0.71
CA GLY B 100 -2.81 24.42 0.41
C GLY B 100 -1.30 24.35 0.54
N VAL B 101 -0.73 23.15 0.40
CA VAL B 101 0.71 23.00 0.46
C VAL B 101 1.37 23.78 -0.68
N ALA B 102 0.83 23.61 -1.89
CA ALA B 102 1.42 24.27 -3.05
C ALA B 102 1.35 25.78 -2.94
N LEU B 103 0.24 26.30 -2.41
CA LEU B 103 0.10 27.74 -2.22
C LEU B 103 1.14 28.26 -1.23
N MET B 104 1.38 27.54 -0.15
CA MET B 104 2.37 28.00 0.82
C MET B 104 3.77 27.94 0.22
N CYS B 105 4.04 26.95 -0.63
CA CYS B 105 5.32 26.90 -1.31
C CYS B 105 5.49 28.10 -2.22
N LEU B 106 4.43 28.46 -2.93
CA LEU B 106 4.48 29.63 -3.80
C LEU B 106 4.72 30.87 -2.97
N ALA B 107 4.02 30.97 -1.83
CA ALA B 107 4.14 32.12 -0.96
C ALA B 107 5.58 32.24 -0.45
N GLU B 108 6.14 31.12 0.02
CA GLU B 108 7.53 31.08 0.44
C GLU B 108 8.43 31.64 -0.65
N ALA B 109 8.26 31.16 -1.87
CA ALA B 109 9.09 31.64 -2.97
C ALA B 109 8.90 33.12 -3.20
N LEU B 110 7.65 33.60 -3.13
CA LEU B 110 7.41 35.02 -3.38
C LEU B 110 8.02 35.89 -2.28
N LEU B 111 8.12 35.36 -1.08
CA LEU B 111 8.73 36.11 0.02
C LEU B 111 10.25 36.15 -0.05
N ARG B 112 10.86 35.38 -0.96
CA ARG B 112 12.28 35.54 -1.21
C ARG B 112 12.56 36.79 -2.03
N ILE B 113 11.52 37.44 -2.55
CA ILE B 113 11.64 38.76 -3.16
C ILE B 113 11.49 39.78 -2.04
N PRO B 114 12.54 40.50 -1.66
CA PRO B 114 12.44 41.39 -0.49
C PRO B 114 11.59 42.63 -0.72
N ASP B 115 11.59 43.18 -1.91
CA ASP B 115 10.91 44.44 -2.19
C ASP B 115 9.43 44.15 -2.44
N THR B 116 8.58 44.71 -1.57
CA THR B 116 7.14 44.46 -1.66
C THR B 116 6.61 44.80 -3.04
N ALA B 117 7.15 45.86 -3.67
CA ALA B 117 6.58 46.29 -4.94
C ALA B 117 7.00 45.37 -6.08
N THR B 118 8.23 44.87 -6.07
CA THR B 118 8.63 43.92 -7.10
C THR B 118 7.81 42.65 -7.00
N ARG B 119 7.49 42.25 -5.77
CA ARG B 119 6.77 41.01 -5.54
C ARG B 119 5.30 41.15 -5.92
N ASP B 120 4.65 42.21 -5.47
CA ASP B 120 3.26 42.45 -5.85
C ASP B 120 3.13 42.61 -7.37
N ALA B 121 4.12 43.24 -8.00
CA ALA B 121 4.08 43.39 -9.45
C ALA B 121 4.15 42.03 -10.13
N LEU B 122 5.09 41.19 -9.69
CA LEU B 122 5.22 39.86 -10.27
C LEU B 122 3.94 39.06 -10.07
N ILE B 123 3.28 39.22 -8.92
CA ILE B 123 2.01 38.53 -8.68
C ILE B 123 0.95 39.01 -9.66
N ARG B 124 0.75 40.32 -9.72
CA ARG B 124 -0.32 40.88 -10.54
C ARG B 124 -0.07 40.65 -12.03
N ASP B 125 1.17 40.80 -12.47
CA ASP B 125 1.46 40.80 -13.89
C ASP B 125 1.96 39.46 -14.41
N LYS B 126 2.49 38.59 -13.55
CA LYS B 126 3.02 37.32 -14.00
C LYS B 126 2.33 36.11 -13.39
N ILE B 127 2.23 36.03 -12.05
CA ILE B 127 1.81 34.77 -11.43
C ILE B 127 0.31 34.54 -11.61
N ALA B 128 -0.49 35.58 -11.37
CA ALA B 128 -1.95 35.43 -11.37
C ALA B 128 -2.48 34.91 -12.70
N ASP B 129 -1.72 35.09 -13.79
CA ASP B 129 -2.02 34.52 -15.10
C ASP B 129 -1.33 33.17 -15.30
N GLY B 130 -1.24 32.34 -14.26
CA GLY B 130 -0.76 30.97 -14.37
C GLY B 130 0.69 30.78 -14.73
N ASN B 131 1.39 31.81 -15.21
CA ASN B 131 2.76 31.64 -15.67
C ASN B 131 3.73 31.49 -14.51
N TRP B 132 3.34 30.73 -13.48
CA TRP B 132 4.17 30.67 -12.28
C TRP B 132 5.45 29.88 -12.51
N LYS B 133 5.41 28.91 -13.44
CA LYS B 133 6.59 28.08 -13.66
C LYS B 133 7.78 28.92 -14.12
N SER B 134 7.59 29.72 -15.16
CA SER B 134 8.66 30.57 -15.69
C SER B 134 9.29 31.39 -14.57
N HIS B 135 8.50 32.28 -13.97
CA HIS B 135 9.01 33.36 -13.13
C HIS B 135 9.48 32.92 -11.75
N LEU B 136 9.34 31.64 -11.39
CA LEU B 136 9.81 31.16 -10.09
C LEU B 136 10.19 29.69 -10.21
N ARG B 140 15.34 26.24 -8.98
CA ARG B 140 15.04 25.23 -7.99
C ARG B 140 13.54 25.02 -7.93
N SER B 141 13.13 23.79 -7.63
CA SER B 141 11.71 23.51 -7.51
C SER B 141 11.07 24.49 -6.53
N LEU B 142 9.87 24.95 -6.88
CA LEU B 142 9.11 25.71 -5.93
C LEU B 142 8.79 24.90 -4.68
N PHE B 143 8.81 23.57 -4.81
CA PHE B 143 8.31 22.68 -3.78
C PHE B 143 9.42 22.03 -2.97
N VAL B 144 10.62 22.62 -2.94
CA VAL B 144 11.71 22.03 -2.18
C VAL B 144 11.32 21.78 -0.73
N ASN B 145 10.60 22.73 -0.12
CA ASN B 145 10.25 22.65 1.29
C ASN B 145 8.80 22.19 1.52
N ALA B 146 8.21 21.50 0.55
CA ALA B 146 6.80 21.16 0.70
C ALA B 146 6.56 20.12 1.78
N ALA B 147 7.55 19.30 2.15
CA ALA B 147 7.31 18.40 3.27
C ALA B 147 7.01 19.19 4.54
N THR B 148 7.69 20.31 4.73
CA THR B 148 7.42 21.14 5.89
C THR B 148 6.03 21.77 5.81
N TRP B 149 5.69 22.39 4.67
CA TRP B 149 4.35 22.94 4.53
C TRP B 149 3.28 21.86 4.59
N GLY B 150 3.61 20.65 4.14
CA GLY B 150 2.65 19.57 4.26
C GLY B 150 2.36 19.23 5.70
N LEU B 151 3.39 19.27 6.54
CA LEU B 151 3.16 19.10 7.97
C LEU B 151 2.29 20.23 8.51
N VAL B 152 2.57 21.46 8.08
CA VAL B 152 1.77 22.61 8.51
C VAL B 152 0.31 22.45 8.09
N VAL B 153 0.06 22.02 6.86
CA VAL B 153 -1.30 22.08 6.31
C VAL B 153 -2.11 20.84 6.68
N THR B 154 -1.50 19.66 6.67
CA THR B 154 -2.24 18.43 6.88
C THR B 154 -1.93 17.78 8.22
N GLY B 155 -0.86 18.20 8.89
CA GLY B 155 -0.41 17.50 10.07
C GLY B 155 0.30 16.21 9.81
N LYS B 156 0.58 15.87 8.55
CA LYS B 156 1.28 14.64 8.21
C LYS B 156 2.61 14.98 7.56
N LEU B 157 3.59 14.12 7.77
CA LEU B 157 4.91 14.29 7.20
C LEU B 157 5.16 13.19 6.19
N THR B 158 5.63 13.56 5.00
CA THR B 158 6.16 12.61 4.03
C THR B 158 7.61 12.99 3.77
N SER B 159 8.46 12.00 3.52
CA SER B 159 9.89 12.30 3.45
C SER B 159 10.25 12.98 2.14
N THR B 160 9.49 12.72 1.07
CA THR B 160 9.67 13.37 -0.21
C THR B 160 8.33 13.93 -0.70
N VAL B 161 8.41 14.75 -1.74
CA VAL B 161 7.33 15.60 -2.21
C VAL B 161 6.85 15.09 -3.55
N ASN B 162 5.53 15.03 -3.73
CA ASN B 162 4.98 14.69 -5.05
C ASN B 162 4.86 15.99 -5.82
N ASP B 163 5.95 16.36 -6.49
CA ASP B 163 6.04 17.64 -7.16
C ASP B 163 5.13 17.72 -8.37
N ARG B 164 4.78 16.58 -9.00
CA ARG B 164 3.80 16.68 -10.08
C ARG B 164 2.41 16.99 -9.55
N SER B 165 2.06 16.39 -8.41
CA SER B 165 0.78 16.69 -7.79
C SER B 165 0.71 18.13 -7.35
N LEU B 166 1.81 18.61 -6.78
CA LEU B 166 1.83 19.99 -6.29
C LEU B 166 1.80 20.98 -7.44
N ALA B 167 2.53 20.69 -8.52
CA ALA B 167 2.45 21.57 -9.69
C ALA B 167 1.03 21.63 -10.23
N ALA B 168 0.37 20.47 -10.32
CA ALA B 168 -1.01 20.41 -10.77
C ALA B 168 -1.91 21.21 -9.84
N ALA B 169 -1.74 21.04 -8.54
CA ALA B 169 -2.57 21.76 -7.57
C ALA B 169 -2.31 23.27 -7.64
N LEU B 170 -1.07 23.70 -7.84
CA LEU B 170 -0.82 25.13 -7.91
C LEU B 170 -1.43 25.73 -9.16
N THR B 171 -1.30 25.05 -10.30
CA THR B 171 -1.94 25.54 -11.51
C THR B 171 -3.44 25.61 -11.31
N ARG B 172 -4.00 24.58 -10.66
CA ARG B 172 -5.44 24.52 -10.52
C ARG B 172 -5.92 25.67 -9.64
N LEU B 173 -5.25 25.90 -8.53
CA LEU B 173 -5.74 26.93 -7.62
C LEU B 173 -5.56 28.32 -8.21
N ILE B 174 -4.47 28.56 -8.92
CA ILE B 174 -4.29 29.87 -9.52
C ILE B 174 -5.29 30.10 -10.64
N SER B 175 -5.47 29.09 -11.50
CA SER B 175 -6.43 29.26 -12.59
C SER B 175 -7.84 29.45 -12.05
N ARG B 176 -8.14 28.90 -10.86
CA ARG B 176 -9.47 29.00 -10.30
C ARG B 176 -9.67 30.29 -9.53
N CYS B 177 -8.66 30.74 -8.78
CA CYS B 177 -8.85 31.83 -7.84
C CYS B 177 -7.97 33.05 -8.09
N GLY B 178 -6.93 32.93 -8.88
CA GLY B 178 -6.21 34.10 -9.35
C GLY B 178 -5.49 34.85 -8.23
N GLU B 179 -5.29 36.15 -8.49
CA GLU B 179 -4.47 36.95 -7.58
C GLU B 179 -4.96 36.94 -6.15
N PRO B 180 -6.26 37.03 -5.86
CA PRO B 180 -6.68 37.07 -4.45
C PRO B 180 -6.18 35.91 -3.60
N VAL B 181 -6.17 34.68 -4.12
CA VAL B 181 -5.67 33.61 -3.28
C VAL B 181 -4.16 33.71 -3.10
N ILE B 182 -3.45 34.18 -4.11
CA ILE B 182 -1.99 34.32 -4.00
C ILE B 182 -1.66 35.33 -2.92
N ARG B 183 -2.36 36.47 -2.94
CA ARG B 183 -2.20 37.51 -1.93
C ARG B 183 -2.45 36.97 -0.54
N ARG B 184 -3.57 36.27 -0.34
CA ARG B 184 -3.86 35.70 0.96
C ARG B 184 -2.79 34.70 1.37
N GLY B 185 -2.27 33.91 0.43
CA GLY B 185 -1.22 32.97 0.80
C GLY B 185 0.06 33.66 1.22
N VAL B 186 0.45 34.70 0.47
CA VAL B 186 1.66 35.45 0.82
C VAL B 186 1.52 36.04 2.22
N ASP B 187 0.40 36.71 2.49
CA ASP B 187 0.19 37.35 3.79
C ASP B 187 0.20 36.32 4.91
N MET B 188 -0.40 35.15 4.67
CA MET B 188 -0.36 34.05 5.64
C MET B 188 1.06 33.56 5.87
N ALA B 189 1.78 33.22 4.81
CA ALA B 189 3.15 32.78 4.98
C ALA B 189 3.97 33.84 5.72
N MET B 190 3.78 35.10 5.37
CA MET B 190 4.55 36.16 6.02
C MET B 190 4.34 36.14 7.53
N ARG B 191 3.08 36.03 7.96
CA ARG B 191 2.78 36.02 9.38
C ARG B 191 3.39 34.80 10.05
N MET B 192 3.26 33.63 9.43
CA MET B 192 3.73 32.42 10.06
C MET B 192 5.25 32.41 10.16
N MET B 193 5.93 32.74 9.06
CA MET B 193 7.39 32.68 9.06
C MET B 193 8.02 33.87 9.76
N GLY B 194 7.30 34.97 9.93
CA GLY B 194 7.86 36.16 10.53
C GLY B 194 7.47 36.37 11.98
N GLU B 195 6.39 35.72 12.42
CA GLU B 195 5.81 36.02 13.73
C GLU B 195 5.38 34.83 14.55
N GLN B 196 5.22 33.63 13.97
CA GLN B 196 4.77 32.45 14.70
C GLN B 196 5.85 31.39 14.79
N PHE B 197 6.48 31.05 13.69
CA PHE B 197 7.60 30.12 13.74
C PHE B 197 8.81 30.75 14.42
N VAL B 198 8.95 32.07 14.33
CA VAL B 198 9.99 32.82 15.03
C VAL B 198 9.34 33.98 15.77
N THR B 199 9.97 34.39 16.87
CA THR B 199 9.53 35.60 17.54
C THR B 199 9.91 36.82 16.74
N GLY B 200 10.99 36.75 15.99
CA GLY B 200 11.34 37.79 15.05
C GLY B 200 12.49 37.30 14.18
N GLU B 201 12.71 38.04 13.10
CA GLU B 201 13.76 37.65 12.17
C GLU B 201 15.13 38.05 12.67
N THR B 202 15.21 39.10 13.49
CA THR B 202 16.44 39.55 14.12
C THR B 202 16.22 39.64 15.63
N ILE B 203 17.31 39.65 16.39
CA ILE B 203 17.21 39.73 17.84
C ILE B 203 16.57 41.05 18.24
N ARG B 204 16.82 42.12 17.48
CA ARG B 204 16.22 43.42 17.77
C ARG B 204 14.71 43.35 17.69
N GLU B 205 14.20 42.69 16.65
CA GLU B 205 12.76 42.55 16.45
C GLU B 205 12.17 41.61 17.49
N ALA B 206 12.85 40.51 17.76
CA ALA B 206 12.35 39.56 18.77
C ALA B 206 12.25 40.24 20.13
N LEU B 207 13.26 41.05 20.49
CA LEU B 207 13.24 41.74 21.78
C LEU B 207 12.10 42.74 21.85
N LYS B 208 11.86 43.47 20.77
CA LYS B 208 10.76 44.45 20.77
C LYS B 208 9.42 43.74 20.95
N ARG B 209 9.20 42.63 20.27
CA ARG B 209 7.96 41.90 20.36
C ARG B 209 7.79 41.15 21.67
N SER B 210 8.86 41.01 22.44
CA SER B 210 8.78 40.29 23.71
C SER B 210 8.18 41.14 24.81
N LYS B 211 8.16 42.46 24.64
CA LYS B 211 7.71 43.33 25.70
C LYS B 211 6.26 43.04 26.11
N GLU B 212 5.40 42.68 25.16
CA GLU B 212 3.97 42.59 25.46
C GLU B 212 3.71 41.50 26.50
N LEU B 213 4.28 40.30 26.27
CA LEU B 213 4.07 39.19 27.20
C LEU B 213 4.94 39.30 28.43
N GLU B 214 6.09 39.98 28.35
CA GLU B 214 6.88 40.23 29.56
C GLU B 214 6.07 41.06 30.56
N GLU B 215 5.32 42.05 30.07
CA GLU B 215 4.49 42.86 30.95
C GLU B 215 3.43 42.03 31.65
N LYS B 216 3.06 40.89 31.07
CA LYS B 216 2.09 40.00 31.68
C LYS B 216 2.71 39.00 32.65
N GLY B 217 4.03 38.93 32.73
CA GLY B 217 4.72 38.03 33.64
C GLY B 217 5.47 36.91 32.96
N PHE B 218 5.47 36.86 31.62
CA PHE B 218 6.31 35.90 30.91
C PHE B 218 7.75 36.40 30.88
N SER B 219 8.66 35.45 30.62
CA SER B 219 10.06 35.76 30.36
C SER B 219 10.43 35.04 29.07
N TYR B 220 11.68 35.19 28.64
CA TYR B 220 12.08 34.71 27.33
C TYR B 220 13.44 34.06 27.37
N SER B 221 13.65 33.11 26.47
CA SER B 221 14.95 32.52 26.21
C SER B 221 15.06 32.43 24.71
N TYR B 222 16.01 33.15 24.12
CA TYR B 222 16.10 33.26 22.66
C TYR B 222 17.00 32.19 22.08
N ASP B 223 16.55 31.63 20.96
CA ASP B 223 17.22 30.57 20.21
C ASP B 223 17.58 31.15 18.85
N MET B 224 18.88 31.36 18.63
CA MET B 224 19.36 31.89 17.35
C MET B 224 19.46 30.69 16.42
N LEU B 225 18.45 30.53 15.57
CA LEU B 225 18.31 29.31 14.77
C LEU B 225 19.53 29.08 13.90
N GLU B 227 22.44 25.42 14.58
CA GLU B 227 22.74 24.07 15.01
C GLU B 227 23.57 23.28 13.99
N ALA B 228 24.29 22.27 14.49
CA ALA B 228 25.04 21.34 13.65
C ALA B 228 25.92 22.10 12.63
N ALA B 229 26.95 22.77 13.18
CA ALA B 229 28.03 23.25 12.32
C ALA B 229 28.58 22.09 11.50
N THR B 230 28.74 22.34 10.20
CA THR B 230 29.37 21.40 9.29
C THR B 230 30.84 21.74 9.08
N THR B 231 31.18 23.02 9.10
CA THR B 231 32.53 23.48 8.87
C THR B 231 32.97 24.38 10.01
N ALA B 232 34.27 24.64 10.03
CA ALA B 232 34.82 25.59 10.99
C ALA B 232 34.19 26.97 10.83
N ALA B 233 33.96 27.38 9.58
CA ALA B 233 33.37 28.69 9.32
C ALA B 233 31.96 28.78 9.86
N ASP B 234 31.21 27.66 9.78
CA ASP B 234 29.88 27.63 10.36
C ASP B 234 29.96 27.85 11.86
N ALA B 235 30.86 27.10 12.51
CA ALA B 235 30.94 27.17 13.96
C ALA B 235 31.34 28.57 14.40
N GLU B 236 32.28 29.19 13.68
CA GLU B 236 32.72 30.52 14.04
C GLU B 236 31.59 31.51 13.85
N ARG B 237 30.82 31.34 12.78
CA ARG B 237 29.70 32.24 12.54
C ARG B 237 28.67 32.10 13.65
N TYR B 238 28.33 30.85 14.02
CA TYR B 238 27.31 30.66 15.06
C TYR B 238 27.80 31.23 16.38
N TYR B 239 29.10 31.08 16.68
CA TYR B 239 29.65 31.71 17.88
C TYR B 239 29.43 33.22 17.85
N ARG B 240 29.84 33.86 16.75
CA ARG B 240 29.67 35.30 16.68
C ARG B 240 28.21 35.70 16.75
N ASP B 241 27.32 34.89 16.17
CA ASP B 241 25.89 35.21 16.24
C ASP B 241 25.39 35.11 17.68
N TYR B 242 25.80 34.07 18.42
CA TYR B 242 25.43 34.00 19.82
C TYR B 242 26.02 35.18 20.60
N GLU B 243 27.27 35.54 20.32
CA GLU B 243 27.91 36.63 21.05
C GLU B 243 27.14 37.93 20.82
N SER B 244 26.78 38.19 19.56
CA SER B 244 26.01 39.39 19.26
CA SER B 244 26.02 39.39 19.27
C SER B 244 24.65 39.36 19.96
N ALA B 245 24.00 38.20 19.93
CA ALA B 245 22.71 38.09 20.61
C ALA B 245 22.85 38.32 22.10
N ILE B 246 23.88 37.77 22.73
CA ILE B 246 24.05 37.98 24.16
C ILE B 246 24.14 39.47 24.49
N HIS B 247 24.96 40.21 23.73
CA HIS B 247 25.04 41.65 23.96
C HIS B 247 23.66 42.28 23.87
N ALA B 248 22.87 41.90 22.86
CA ALA B 248 21.57 42.53 22.70
C ALA B 248 20.62 42.11 23.81
N ILE B 249 20.56 40.81 24.09
CA ILE B 249 19.69 40.33 25.16
C ILE B 249 20.13 40.92 26.50
N GLY B 250 21.44 40.98 26.74
CA GLY B 250 21.91 41.49 28.01
C GLY B 250 21.60 42.96 28.21
N LYS B 251 21.76 43.75 27.15
CA LYS B 251 21.43 45.18 27.27
C LYS B 251 19.94 45.34 27.48
N ALA B 252 19.13 44.53 26.80
CA ALA B 252 17.68 44.60 26.97
C ALA B 252 17.28 44.16 28.37
N SER B 253 17.92 43.13 28.90
CA SER B 253 17.64 42.68 30.26
C SER B 253 17.76 43.84 31.25
N ALA B 254 18.82 44.64 31.10
CA ALA B 254 19.00 45.88 31.85
C ALA B 254 18.90 45.64 33.34
N GLY B 255 19.59 44.58 33.79
CA GLY B 255 19.66 44.28 35.20
C GLY B 255 18.46 43.56 35.79
N ARG B 256 17.55 43.04 34.97
CA ARG B 256 16.41 42.33 35.53
C ARG B 256 16.79 40.98 36.14
N GLY B 257 18.01 40.49 35.90
CA GLY B 257 18.43 39.23 36.46
C GLY B 257 17.90 38.04 35.67
N ILE B 258 18.26 36.86 36.17
CA ILE B 258 18.06 35.64 35.38
C ILE B 258 16.63 35.11 35.42
N TYR B 259 15.80 35.53 36.38
CA TYR B 259 14.44 35.00 36.45
C TYR B 259 13.43 35.88 35.70
N GLU B 260 13.38 37.17 36.00
CA GLU B 260 12.47 38.07 35.29
C GLU B 260 12.99 38.34 33.88
N GLY B 261 14.30 38.51 33.74
CA GLY B 261 14.87 38.95 32.51
C GLY B 261 15.15 37.82 31.55
N PRO B 262 15.43 38.19 30.30
CA PRO B 262 15.57 37.19 29.25
C PRO B 262 16.92 36.50 29.33
N GLY B 263 16.98 35.34 28.67
CA GLY B 263 18.20 34.58 28.55
C GLY B 263 18.40 34.12 27.11
N ILE B 264 19.42 33.29 26.91
CA ILE B 264 19.71 32.74 25.60
C ILE B 264 19.88 31.24 25.77
N SER B 265 19.56 30.50 24.72
CA SER B 265 19.75 29.07 24.63
C SER B 265 20.70 28.79 23.48
N ILE B 266 21.65 27.88 23.72
CA ILE B 266 22.60 27.54 22.69
C ILE B 266 22.62 26.04 22.50
N LYS B 267 23.10 25.62 21.34
CA LYS B 267 23.38 24.22 21.04
C LYS B 267 24.89 24.06 20.87
N LEU B 268 25.48 23.16 21.64
CA LEU B 268 26.91 22.89 21.49
C LEU B 268 27.27 22.41 20.10
N SER B 269 26.38 21.69 19.41
CA SER B 269 26.69 21.28 18.06
C SER B 269 26.81 22.46 17.10
N ALA B 270 26.29 23.63 17.44
CA ALA B 270 26.51 24.80 16.60
C ALA B 270 27.93 25.32 16.71
N LEU B 271 28.64 24.98 17.79
CA LEU B 271 29.87 25.67 18.12
C LEU B 271 31.11 24.90 17.74
N HIS B 272 30.94 23.69 17.19
CA HIS B 272 32.09 22.96 16.73
C HIS B 272 31.62 21.96 15.69
N PRO B 273 32.37 21.78 14.60
CA PRO B 273 31.92 20.86 13.55
C PRO B 273 32.14 19.40 13.91
N ARG B 274 32.86 19.09 14.99
CA ARG B 274 33.09 17.71 15.41
C ARG B 274 32.75 17.53 16.85
N TYR B 275 31.53 17.91 17.21
CA TYR B 275 31.02 17.75 18.56
C TYR B 275 30.57 16.32 18.76
N SER B 276 31.49 15.49 19.25
CA SER B 276 31.23 14.07 19.42
C SER B 276 32.22 13.49 20.40
N ARG B 277 31.81 12.40 21.05
CA ARG B 277 32.72 11.71 21.97
C ARG B 277 34.01 11.30 21.28
N ALA B 278 33.94 10.93 19.99
CA ALA B 278 35.15 10.49 19.32
C ALA B 278 36.16 11.61 19.21
N GLN B 279 35.70 12.85 19.25
CA GLN B 279 36.57 14.01 19.18
C GLN B 279 36.59 14.76 20.50
N ALA B 280 36.48 14.05 21.60
CA ALA B 280 36.34 14.69 22.91
C ALA B 280 37.48 15.65 23.17
N ALA B 281 38.71 15.30 22.77
CA ALA B 281 39.83 16.18 23.03
C ALA B 281 39.67 17.51 22.30
N ARG B 282 39.25 17.47 21.03
CA ARG B 282 38.98 18.72 20.32
C ARG B 282 37.81 19.47 20.93
N VAL B 283 36.83 18.76 21.44
CA VAL B 283 35.70 19.42 22.07
C VAL B 283 36.17 20.19 23.28
N MET B 284 36.92 19.53 24.16
CA MET B 284 37.37 20.22 25.37
C MET B 284 38.38 21.31 25.04
N GLY B 285 39.12 21.15 23.96
CA GLY B 285 40.16 22.11 23.63
C GLY B 285 39.67 23.32 22.86
N GLU B 286 38.64 23.14 22.05
CA GLU B 286 38.22 24.13 21.07
C GLU B 286 36.80 24.61 21.28
N LEU B 287 35.87 23.72 21.64
CA LEU B 287 34.49 24.09 21.89
C LEU B 287 34.35 24.70 23.28
N LEU B 288 34.89 24.03 24.30
CA LEU B 288 34.75 24.55 25.66
C LEU B 288 35.13 26.02 25.79
N PRO B 289 36.26 26.48 25.24
CA PRO B 289 36.58 27.91 25.40
C PRO B 289 35.55 28.83 24.78
N ARG B 290 34.88 28.38 23.70
CA ARG B 290 33.88 29.23 23.08
C ARG B 290 32.67 29.34 23.98
N VAL B 291 32.24 28.21 24.57
CA VAL B 291 31.13 28.25 25.50
C VAL B 291 31.49 29.12 26.70
N LYS B 292 32.71 28.96 27.21
CA LYS B 292 33.09 29.73 28.39
C LYS B 292 33.02 31.22 28.10
N ALA B 293 33.51 31.63 26.93
CA ALA B 293 33.45 33.04 26.56
C ALA B 293 32.01 33.53 26.50
N LEU B 294 31.10 32.74 25.93
CA LEU B 294 29.71 33.13 25.87
C LEU B 294 29.12 33.19 27.26
N ALA B 295 29.45 32.21 28.10
CA ALA B 295 28.96 32.24 29.47
C ALA B 295 29.48 33.45 30.22
N LEU B 296 30.74 33.83 29.99
CA LEU B 296 31.27 35.00 30.66
C LEU B 296 30.54 36.26 30.26
N LEU B 297 30.16 36.37 28.99
CA LEU B 297 29.35 37.52 28.59
C LEU B 297 27.98 37.48 29.25
N ALA B 298 27.35 36.30 29.27
CA ALA B 298 26.06 36.18 29.91
C ALA B 298 26.17 36.53 31.38
N LYS B 299 27.24 36.08 32.03
CA LYS B 299 27.45 36.45 33.43
C LYS B 299 27.51 37.97 33.57
N ASN B 300 28.29 38.62 32.71
CA ASN B 300 28.50 40.06 32.85
C ASN B 300 27.20 40.82 32.76
N TYR B 301 26.27 40.33 31.96
CA TYR B 301 24.96 40.95 31.86
C TYR B 301 23.96 40.37 32.84
N ASP B 302 24.37 39.37 33.61
CA ASP B 302 23.52 38.58 34.48
C ASP B 302 22.24 38.12 33.78
N ILE B 303 22.43 37.40 32.67
CA ILE B 303 21.35 36.72 31.98
C ILE B 303 21.59 35.22 32.09
N GLY B 304 20.53 34.46 31.83
CA GLY B 304 20.68 33.02 31.74
C GLY B 304 21.27 32.59 30.42
N LEU B 305 22.06 31.53 30.45
CA LEU B 305 22.60 30.90 29.25
C LEU B 305 22.37 29.42 29.38
N ASN B 306 21.58 28.87 28.48
CA ASN B 306 21.08 27.50 28.59
C ASN B 306 21.71 26.66 27.50
N ILE B 307 22.21 25.50 27.87
CA ILE B 307 22.74 24.53 26.93
C ILE B 307 21.63 23.54 26.57
N ASP B 308 21.14 23.62 25.33
CA ASP B 308 20.10 22.71 24.87
C ASP B 308 20.64 21.29 24.82
N ALA B 309 19.74 20.32 25.02
CA ALA B 309 20.11 18.92 24.96
C ALA B 309 19.85 18.38 23.56
N GLU B 310 20.78 17.58 23.07
CA GLU B 310 20.69 17.09 21.69
C GLU B 310 20.57 15.57 21.69
N GLU B 311 21.29 14.88 20.81
CA GLU B 311 21.18 13.45 20.67
C GLU B 311 21.73 12.76 21.93
N ALA B 312 21.27 11.54 22.15
CA ALA B 312 21.64 10.79 23.33
C ALA B 312 23.15 10.60 23.43
N ASP B 313 23.85 10.44 22.31
CA ASP B 313 25.29 10.21 22.34
C ASP B 313 26.08 11.47 22.60
N ARG B 314 25.44 12.59 22.85
CA ARG B 314 26.13 13.80 23.26
C ARG B 314 25.86 14.14 24.71
N LEU B 315 24.94 13.43 25.36
CA LEU B 315 24.55 13.79 26.72
C LEU B 315 25.75 13.81 27.65
N GLU B 316 26.45 12.69 27.76
CA GLU B 316 27.49 12.62 28.79
C GLU B 316 28.65 13.53 28.45
N LEU B 317 28.98 13.63 27.16
CA LEU B 317 30.01 14.61 26.75
C LEU B 317 29.65 16.02 27.21
N SER B 318 28.38 16.41 27.06
CA SER B 318 28.03 17.76 27.45
C SER B 318 28.24 18.00 28.95
N LEU B 319 28.11 16.94 29.78
CA LEU B 319 28.33 17.10 31.20
C LEU B 319 29.78 17.45 31.52
N ASP B 320 30.72 17.01 30.70
CA ASP B 320 32.10 17.38 30.95
C ASP B 320 32.30 18.87 30.75
N LEU B 321 31.56 19.46 29.82
CA LEU B 321 31.62 20.91 29.69
C LEU B 321 30.94 21.59 30.86
N LEU B 322 29.76 21.10 31.25
CA LEU B 322 29.06 21.72 32.37
C LEU B 322 29.94 21.70 33.62
N GLU B 323 30.64 20.60 33.84
CA GLU B 323 31.50 20.49 35.01
C GLU B 323 32.53 21.61 35.04
N VAL B 324 33.21 21.83 33.91
CA VAL B 324 34.24 22.85 33.86
C VAL B 324 33.64 24.23 34.08
N LEU B 325 32.55 24.53 33.40
CA LEU B 325 31.94 25.85 33.55
C LEU B 325 31.55 26.12 35.00
N CYS B 326 30.97 25.12 35.68
CA CYS B 326 30.50 25.38 37.03
C CYS B 326 31.64 25.56 38.03
N LEU B 327 32.84 25.06 37.73
CA LEU B 327 34.02 25.21 38.59
C LEU B 327 34.93 26.35 38.14
N ASP B 328 34.56 27.08 37.10
CA ASP B 328 35.38 28.18 36.56
C ASP B 328 35.12 29.44 37.37
N GLY B 329 36.16 29.91 38.09
CA GLY B 329 35.99 31.07 38.96
C GLY B 329 35.61 32.34 38.24
N ASP B 330 35.96 32.45 36.95
CA ASP B 330 35.53 33.62 36.20
C ASP B 330 34.02 33.76 36.20
N LEU B 331 33.28 32.67 36.42
CA LEU B 331 31.83 32.71 36.43
C LEU B 331 31.26 32.73 37.85
N SER B 332 32.10 33.08 38.83
CA SER B 332 31.71 33.04 40.24
C SER B 332 30.40 33.77 40.50
N GLY B 333 29.51 33.12 41.26
CA GLY B 333 28.28 33.76 41.71
C GLY B 333 27.18 33.89 40.67
N TRP B 334 27.41 33.46 39.44
CA TRP B 334 26.41 33.56 38.39
C TRP B 334 25.52 32.34 38.46
N ASN B 335 24.22 32.54 38.64
CA ASN B 335 23.30 31.41 38.71
C ASN B 335 22.54 31.22 37.42
N GLY B 336 23.04 31.80 36.34
CA GLY B 336 22.38 31.71 35.07
C GLY B 336 22.79 30.58 34.17
N MET B 337 23.77 29.76 34.54
CA MET B 337 24.10 28.59 33.73
C MET B 337 22.91 27.66 33.71
N GLY B 338 22.45 27.32 32.51
CA GLY B 338 21.29 26.47 32.32
C GLY B 338 21.66 25.21 31.57
N PHE B 339 20.91 24.15 31.87
CA PHE B 339 21.19 22.87 31.26
C PHE B 339 19.92 22.07 31.11
N VAL B 340 19.69 21.57 29.91
CA VAL B 340 18.51 20.77 29.59
C VAL B 340 18.77 19.31 29.90
N VAL B 341 17.77 18.65 30.46
CA VAL B 341 17.75 17.21 30.63
C VAL B 341 16.46 16.68 30.04
N GLN B 342 16.56 15.57 29.32
CA GLN B 342 15.46 15.01 28.55
C GLN B 342 14.85 13.82 29.29
N ALA B 343 13.58 13.96 29.64
CA ALA B 343 12.90 12.95 30.43
C ALA B 343 12.61 11.68 29.66
N TYR B 344 12.64 11.72 28.32
CA TYR B 344 12.50 10.49 27.58
C TYR B 344 13.75 9.62 27.68
N GLY B 345 14.81 10.12 28.31
CA GLY B 345 16.06 9.39 28.38
C GLY B 345 16.15 8.60 29.68
N LYS B 346 16.65 7.37 29.55
CA LYS B 346 16.76 6.50 30.70
C LYS B 346 17.74 7.01 31.73
N ARG B 347 18.69 7.85 31.33
CA ARG B 347 19.67 8.35 32.30
C ARG B 347 19.18 9.56 33.07
N CYS B 348 18.03 10.12 32.70
CA CYS B 348 17.60 11.41 33.23
C CYS B 348 17.69 11.56 34.74
N PRO B 349 17.11 10.68 35.57
CA PRO B 349 17.22 10.90 37.01
C PRO B 349 18.66 10.87 37.49
N PHE B 350 19.51 10.08 36.85
CA PHE B 350 20.91 9.97 37.26
C PHE B 350 21.70 11.19 36.81
N VAL B 351 21.35 11.75 35.66
CA VAL B 351 21.89 13.03 35.23
C VAL B 351 21.49 14.14 36.20
N LEU B 352 20.23 14.15 36.63
CA LEU B 352 19.78 15.14 37.61
C LEU B 352 20.53 14.99 38.93
N ASP B 353 20.76 13.75 39.39
CA ASP B 353 21.56 13.54 40.59
C ASP B 353 22.94 14.16 40.41
N PHE B 354 23.54 13.98 39.24
CA PHE B 354 24.86 14.52 38.98
C PHE B 354 24.84 16.05 38.99
N ILE B 355 23.84 16.66 38.34
CA ILE B 355 23.76 18.12 38.27
C ILE B 355 23.47 18.70 39.64
N ILE B 356 22.54 18.09 40.38
CA ILE B 356 22.25 18.60 41.71
C ILE B 356 23.50 18.55 42.57
N ASP B 357 24.26 17.46 42.48
CA ASP B 357 25.48 17.36 43.25
C ASP B 357 26.49 18.39 42.80
N LEU B 358 26.61 18.60 41.49
CA LEU B 358 27.53 19.60 40.95
C LEU B 358 27.15 20.99 41.44
N ALA B 359 25.87 21.33 41.43
CA ALA B 359 25.44 22.63 41.91
C ALA B 359 25.81 22.80 43.38
N ARG B 360 25.57 21.77 44.19
CA ARG B 360 25.84 21.85 45.62
C ARG B 360 27.32 22.08 45.89
N ARG B 361 28.18 21.34 45.20
CA ARG B 361 29.60 21.44 45.48
C ARG B 361 30.27 22.63 44.82
N SER B 362 29.67 23.20 43.76
CA SER B 362 30.27 24.36 43.12
C SER B 362 29.72 25.70 43.60
N GLY B 363 28.67 25.71 44.42
CA GLY B 363 28.11 27.00 44.81
C GLY B 363 27.45 27.73 43.66
N ARG B 364 26.85 27.00 42.73
CA ARG B 364 26.14 27.55 41.59
C ARG B 364 24.73 27.01 41.65
N ARG B 365 23.74 27.86 41.58
CA ARG B 365 22.39 27.37 41.35
C ARG B 365 22.26 27.18 39.84
N ILE B 366 22.12 25.96 39.43
CA ILE B 366 22.04 25.62 38.02
C ILE B 366 20.58 25.63 37.61
N MET B 367 20.28 26.29 36.49
CA MET B 367 18.93 26.29 35.93
C MET B 367 18.77 25.00 35.13
N VAL B 368 17.80 24.17 35.49
CA VAL B 368 17.63 22.88 34.85
C VAL B 368 16.32 22.88 34.10
N ARG B 369 16.41 22.81 32.78
CA ARG B 369 15.21 22.75 31.95
C ARG B 369 14.88 21.28 31.74
N LEU B 370 13.77 20.86 32.28
CA LEU B 370 13.30 19.50 32.06
C LEU B 370 12.39 19.51 30.85
N VAL B 371 12.76 18.74 29.84
CA VAL B 371 11.98 18.58 28.63
C VAL B 371 11.73 17.10 28.50
N LYS B 372 10.78 16.75 27.64
CA LYS B 372 10.62 15.33 27.32
C LYS B 372 11.68 14.84 26.35
N GLY B 373 11.89 15.53 25.24
CA GLY B 373 12.93 15.08 24.31
C GLY B 373 12.49 15.25 22.88
N ALA B 374 13.36 15.82 22.03
CA ALA B 374 12.95 16.22 20.68
C ALA B 374 13.39 15.25 19.60
N TYR B 375 14.17 14.21 19.93
CA TYR B 375 14.84 13.41 18.93
C TYR B 375 14.37 11.96 18.93
N TRP B 376 13.15 11.72 19.39
CA TRP B 376 12.75 10.35 19.70
C TRP B 376 12.85 9.44 18.49
N ASP B 377 12.25 9.84 17.36
CA ASP B 377 12.23 8.97 16.21
C ASP B 377 13.65 8.66 15.77
N ALA B 378 14.53 9.65 15.83
CA ALA B 378 15.90 9.45 15.40
C ALA B 378 16.64 8.53 16.35
N GLU B 379 16.34 8.60 17.65
CA GLU B 379 17.03 7.71 18.59
C GLU B 379 16.60 6.28 18.39
N ILE B 380 15.32 6.05 18.05
CA ILE B 380 14.91 4.68 17.78
C ILE B 380 15.67 4.13 16.57
N LYS B 381 15.66 4.86 15.48
CA LYS B 381 16.32 4.41 14.28
C LYS B 381 17.82 4.18 14.54
N ARG B 382 18.48 5.11 15.21
CA ARG B 382 19.93 4.98 15.40
C ARG B 382 20.26 3.72 16.19
N ALA B 383 19.54 3.46 17.26
CA ALA B 383 19.83 2.29 18.08
C ALA B 383 19.60 1.01 17.28
N GLN B 384 18.54 0.99 16.47
CA GLN B 384 18.31 -0.15 15.58
C GLN B 384 19.44 -0.31 14.58
N LEU B 385 19.84 0.79 13.93
CA LEU B 385 20.91 0.71 12.95
C LEU B 385 22.20 0.18 13.56
N ASP B 386 22.49 0.60 14.79
CA ASP B 386 23.76 0.30 15.44
C ASP B 386 23.72 -1.03 16.17
N GLY B 387 22.59 -1.70 16.22
CA GLY B 387 22.51 -3.00 16.84
C GLY B 387 22.78 -2.97 18.32
N LEU B 388 22.39 -1.92 19.01
CA LEU B 388 22.79 -1.79 20.40
C LEU B 388 21.80 -2.48 21.31
N ALA B 389 22.19 -2.58 22.58
CA ALA B 389 21.50 -3.49 23.50
C ALA B 389 20.05 -3.09 23.70
N ASP B 390 19.79 -1.79 23.69
CA ASP B 390 18.44 -1.29 23.91
C ASP B 390 18.46 0.15 23.43
N PHE B 391 17.34 0.79 23.56
CA PHE B 391 17.26 2.20 23.27
C PHE B 391 17.75 3.02 24.44
N PRO B 392 18.23 4.24 24.18
CA PRO B 392 18.59 5.16 25.26
C PRO B 392 17.43 6.05 25.68
N VAL B 393 16.25 5.80 25.12
CA VAL B 393 15.03 6.52 25.41
C VAL B 393 13.95 5.48 25.61
N PHE B 394 12.87 5.92 26.24
CA PHE B 394 11.71 5.06 26.37
C PHE B 394 11.02 4.86 25.03
N THR B 395 10.18 3.82 24.97
CA THR B 395 9.48 3.49 23.73
C THR B 395 7.97 3.67 23.83
N ARG B 396 7.43 3.84 25.04
CA ARG B 396 6.03 4.21 25.23
C ARG B 396 5.98 5.64 25.73
N LYS B 397 5.11 6.45 25.13
CA LYS B 397 5.03 7.85 25.50
C LYS B 397 4.66 8.01 26.97
N ILE B 398 3.75 7.16 27.48
CA ILE B 398 3.41 7.27 28.90
C ILE B 398 4.63 7.04 29.78
N HIS B 399 5.63 6.32 29.29
CA HIS B 399 6.84 6.14 30.10
C HIS B 399 7.61 7.45 30.23
N THR B 400 7.70 8.20 29.12
CA THR B 400 8.32 9.50 29.17
C THR B 400 7.56 10.43 30.11
N ASP B 401 6.22 10.35 30.11
CA ASP B 401 5.43 11.20 30.99
C ASP B 401 5.68 10.86 32.45
N VAL B 402 5.71 9.56 32.78
CA VAL B 402 6.01 9.18 34.15
C VAL B 402 7.41 9.63 34.52
N SER B 403 8.37 9.44 33.60
CA SER B 403 9.74 9.85 33.86
C SER B 403 9.82 11.35 34.11
N TYR B 404 9.08 12.14 33.34
CA TYR B 404 9.08 13.59 33.53
C TYR B 404 8.58 13.95 34.92
N ILE B 405 7.48 13.33 35.34
CA ILE B 405 6.91 13.68 36.64
C ILE B 405 7.82 13.23 37.78
N ALA B 406 8.42 12.04 37.66
CA ALA B 406 9.36 11.60 38.67
C ALA B 406 10.56 12.53 38.77
N CYS B 407 11.07 12.99 37.63
CA CYS B 407 12.20 13.90 37.61
C CYS B 407 11.81 15.27 38.12
N ALA B 408 10.59 15.71 37.84
CA ALA B 408 10.09 16.95 38.42
C ALA B 408 10.01 16.84 39.93
N ALA B 409 9.64 15.66 40.44
CA ALA B 409 9.63 15.46 41.88
C ALA B 409 11.03 15.61 42.47
N LYS B 410 12.03 15.06 41.79
CA LYS B 410 13.41 15.23 42.24
C LYS B 410 13.81 16.69 42.18
N LEU B 411 13.43 17.37 41.10
CA LEU B 411 13.82 18.75 40.95
C LEU B 411 13.14 19.64 41.99
N LEU B 412 11.84 19.43 42.22
CA LEU B 412 11.13 20.23 43.21
C LEU B 412 11.68 20.04 44.61
N ALA B 413 12.37 18.92 44.89
CA ALA B 413 12.97 18.69 46.19
C ALA B 413 14.35 19.31 46.32
N ALA B 414 14.89 19.87 45.23
CA ALA B 414 16.24 20.42 45.23
C ALA B 414 16.25 21.88 44.80
N THR B 415 15.11 22.58 44.92
CA THR B 415 15.02 23.98 44.47
C THR B 415 16.00 24.88 45.20
N ASP B 416 16.60 24.41 46.29
CA ASP B 416 17.58 25.21 47.00
C ASP B 416 18.91 25.27 46.29
N VAL B 417 19.23 24.31 45.41
CA VAL B 417 20.47 24.37 44.64
C VAL B 417 20.26 24.27 43.14
N VAL B 418 19.03 24.04 42.66
CA VAL B 418 18.76 24.11 41.23
C VAL B 418 17.46 24.86 41.01
N PHE B 419 17.37 25.52 39.84
CA PHE B 419 16.17 26.24 39.43
C PHE B 419 15.44 25.41 38.39
N PRO B 420 14.37 24.68 38.75
CA PRO B 420 13.69 23.79 37.80
C PRO B 420 12.86 24.58 36.81
N GLN B 421 12.99 24.25 35.54
CA GLN B 421 12.23 24.91 34.49
C GLN B 421 11.48 23.82 33.76
N PHE B 422 10.18 23.74 33.98
CA PHE B 422 9.40 22.66 33.42
C PHE B 422 8.87 23.03 32.05
N ALA B 423 9.58 22.60 31.03
CA ALA B 423 9.23 22.90 29.66
C ALA B 423 8.29 21.83 29.14
N THR B 424 7.03 22.18 28.98
CA THR B 424 6.06 21.22 28.44
C THR B 424 4.82 21.97 28.01
N HIS B 425 4.19 21.47 26.95
CA HIS B 425 2.90 21.99 26.49
C HIS B 425 1.76 21.11 26.96
N ASN B 426 2.04 20.11 27.78
CA ASN B 426 1.04 19.12 28.18
C ASN B 426 0.42 19.56 29.49
N ALA B 427 -0.90 19.84 29.45
CA ALA B 427 -1.59 20.40 30.60
C ALA B 427 -1.73 19.41 31.73
N GLN B 428 -1.79 18.12 31.41
CA GLN B 428 -1.77 17.09 32.45
C GLN B 428 -0.44 17.10 33.18
N THR B 429 0.68 17.04 32.44
CA THR B 429 1.98 17.15 33.07
C THR B 429 2.09 18.41 33.90
N LEU B 430 1.67 19.55 33.32
CA LEU B 430 1.72 20.83 34.01
C LEU B 430 0.91 20.78 35.29
N ALA B 431 -0.34 20.33 35.18
CA ALA B 431 -1.19 20.31 36.36
C ALA B 431 -0.58 19.44 37.45
N ALA B 432 -0.01 18.30 37.05
CA ALA B 432 0.59 17.39 38.04
C ALA B 432 1.73 18.08 38.78
N ILE B 433 2.57 18.82 38.06
CA ILE B 433 3.70 19.48 38.72
C ILE B 433 3.22 20.69 39.53
N TYR B 434 2.25 21.43 39.00
CA TYR B 434 1.73 22.58 39.72
C TYR B 434 1.24 22.18 41.11
N HIS B 435 0.52 21.07 41.19
CA HIS B 435 0.06 20.62 42.49
C HIS B 435 1.16 19.96 43.30
N MET B 436 2.02 19.18 42.64
CA MET B 436 3.12 18.54 43.35
C MET B 436 4.00 19.57 44.04
N ALA B 437 4.13 20.75 43.46
CA ALA B 437 5.03 21.76 44.03
C ALA B 437 4.46 22.38 45.29
N GLY B 438 3.16 22.26 45.50
CA GLY B 438 2.55 22.76 46.72
C GLY B 438 2.21 24.23 46.65
N LYS B 439 1.75 24.73 47.79
CA LYS B 439 1.19 26.07 47.87
C LYS B 439 2.23 27.17 47.99
N ASP B 440 3.45 26.86 48.41
CA ASP B 440 4.45 27.90 48.66
C ASP B 440 5.16 28.21 47.35
N PHE B 441 4.84 29.35 46.73
CA PHE B 441 5.49 29.70 45.48
C PHE B 441 6.01 31.14 45.49
N HIS B 442 7.14 31.33 44.83
CA HIS B 442 7.66 32.67 44.57
C HIS B 442 8.46 32.59 43.28
N VAL B 443 8.58 33.75 42.61
CA VAL B 443 9.41 33.81 41.42
C VAL B 443 10.85 33.47 41.79
N GLY B 444 11.44 32.53 41.08
CA GLY B 444 12.76 32.07 41.41
C GLY B 444 12.79 30.70 42.06
N LYS B 445 11.64 30.19 42.52
CA LYS B 445 11.58 28.83 43.02
C LYS B 445 11.69 27.84 41.86
N TYR B 446 10.80 27.98 40.88
CA TYR B 446 10.81 27.22 39.64
C TYR B 446 9.94 27.99 38.66
N GLU B 447 9.97 27.59 37.39
CA GLU B 447 9.09 28.14 36.39
C GLU B 447 8.66 27.06 35.41
N PHE B 448 7.67 27.39 34.62
CA PHE B 448 7.34 26.64 33.42
C PHE B 448 8.02 27.26 32.21
N GLN B 449 8.06 26.51 31.12
CA GLN B 449 8.57 27.02 29.86
C GLN B 449 7.74 26.47 28.72
N CYS B 450 7.67 27.24 27.64
CA CYS B 450 6.97 26.79 26.47
C CYS B 450 7.64 27.37 25.24
N LEU B 451 7.18 26.94 24.09
CA LEU B 451 7.71 27.38 22.81
C LEU B 451 6.85 28.52 22.26
N HIS B 452 7.52 29.51 21.68
CA HIS B 452 6.82 30.63 21.09
C HIS B 452 5.86 30.16 20.01
N GLY B 453 4.70 30.80 19.94
CA GLY B 453 3.76 30.46 18.87
C GLY B 453 3.25 29.05 18.95
N MET B 454 3.15 28.49 20.15
CA MET B 454 2.72 27.13 20.37
C MET B 454 2.16 27.02 21.77
N GLY B 455 2.92 27.53 22.73
CA GLY B 455 2.58 27.37 24.13
C GLY B 455 1.77 28.49 24.75
N GLU B 456 1.65 29.63 24.08
CA GLU B 456 0.98 30.76 24.71
C GLU B 456 -0.47 30.45 25.08
N PRO B 457 -1.28 29.80 24.24
CA PRO B 457 -2.64 29.47 24.69
C PRO B 457 -2.69 28.80 26.06
N LEU B 458 -1.85 27.80 26.31
CA LEU B 458 -1.90 27.13 27.60
C LEU B 458 -1.41 28.04 28.70
N TYR B 459 -0.28 28.71 28.46
CA TYR B 459 0.37 29.42 29.56
C TYR B 459 -0.26 30.76 29.87
N GLU B 460 -1.09 31.29 29.01
CA GLU B 460 -1.84 32.47 29.44
C GLU B 460 -2.87 32.09 30.50
N GLU B 461 -3.18 30.80 30.63
CA GLU B 461 -4.01 30.27 31.70
C GLU B 461 -3.20 29.96 32.97
N VAL B 462 -1.93 30.35 33.02
CA VAL B 462 -1.03 29.97 34.10
C VAL B 462 -0.37 31.19 34.71
N VAL B 463 0.21 32.07 33.88
CA VAL B 463 0.93 33.21 34.44
C VAL B 463 -0.06 34.25 34.94
N GLY B 464 0.27 34.88 36.06
CA GLY B 464 -0.50 36.01 36.53
C GLY B 464 -1.32 35.67 37.77
N ARG B 465 -1.52 36.69 38.62
CA ARG B 465 -2.26 36.50 39.87
C ARG B 465 -3.68 36.00 39.62
N GLY B 466 -4.23 36.24 38.43
CA GLY B 466 -5.56 35.79 38.09
C GLY B 466 -5.65 34.40 37.51
N LYS B 467 -4.51 33.79 37.22
CA LYS B 467 -4.48 32.44 36.65
C LYS B 467 -3.96 31.49 37.72
N LEU B 468 -2.86 30.80 37.44
CA LEU B 468 -2.20 30.00 38.47
C LEU B 468 -1.07 30.74 39.15
N ASP B 469 -0.74 31.93 38.67
CA ASP B 469 0.30 32.76 39.29
C ASP B 469 1.65 32.06 39.26
N ARG B 470 1.93 31.39 38.15
CA ARG B 470 3.20 30.75 37.91
C ARG B 470 3.83 31.30 36.63
N PRO B 471 5.12 31.58 36.63
CA PRO B 471 5.75 32.19 35.45
C PRO B 471 6.02 31.16 34.37
N CYS B 472 6.22 31.68 33.17
CA CYS B 472 6.54 30.84 32.04
C CYS B 472 7.55 31.57 31.18
N ARG B 473 8.64 30.89 30.86
CA ARG B 473 9.66 31.42 29.96
C ARG B 473 9.41 30.88 28.58
N ILE B 474 9.34 31.77 27.62
CA ILE B 474 9.04 31.42 26.24
C ILE B 474 10.35 31.22 25.53
N TYR B 475 10.53 30.04 24.96
CA TYR B 475 11.64 29.70 24.09
C TYR B 475 11.32 30.30 22.73
N ALA B 476 12.14 31.26 22.34
CA ALA B 476 11.81 32.15 21.24
C ALA B 476 12.83 32.01 20.12
N PRO B 477 12.47 31.32 19.03
CA PRO B 477 13.38 31.24 17.89
C PRO B 477 13.51 32.59 17.22
N VAL B 478 14.71 32.84 16.72
CA VAL B 478 15.04 34.08 16.07
C VAL B 478 15.77 33.75 14.78
N GLY B 479 15.26 34.22 13.66
CA GLY B 479 15.97 33.95 12.42
C GLY B 479 15.13 34.23 11.20
N THR B 480 15.84 34.24 10.06
CA THR B 480 15.26 34.44 8.74
C THR B 480 14.48 33.21 8.30
N HIS B 481 13.69 33.37 7.24
CA HIS B 481 12.88 32.27 6.72
C HIS B 481 13.74 31.05 6.41
N GLU B 482 14.87 31.25 5.70
CA GLU B 482 15.74 30.14 5.35
C GLU B 482 16.12 29.34 6.58
N THR B 483 16.52 30.02 7.66
CA THR B 483 16.89 29.31 8.88
C THR B 483 15.67 28.68 9.55
N LEU B 484 14.52 29.36 9.51
CA LEU B 484 13.32 28.81 10.16
C LEU B 484 12.95 27.47 9.55
N LEU B 485 13.03 27.36 8.22
CA LEU B 485 12.57 26.16 7.55
C LEU B 485 13.56 25.00 7.67
N ALA B 486 14.86 25.30 7.74
CA ALA B 486 15.88 24.27 7.66
C ALA B 486 15.52 23.04 8.48
N TYR B 487 15.35 23.22 9.80
CA TYR B 487 15.05 22.13 10.72
C TYR B 487 13.71 22.34 11.39
N LEU B 488 12.74 22.92 10.66
CA LEU B 488 11.42 23.13 11.26
C LEU B 488 10.69 21.82 11.49
N VAL B 489 10.96 20.80 10.67
CA VAL B 489 10.23 19.53 10.77
C VAL B 489 10.28 19.00 12.20
N ARG B 490 11.50 18.77 12.71
CA ARG B 490 11.66 18.30 14.09
C ARG B 490 10.91 19.20 15.05
N ARG B 491 11.02 20.52 14.88
CA ARG B 491 10.26 21.45 15.70
C ARG B 491 8.77 21.14 15.63
N LEU B 492 8.24 20.94 14.41
CA LEU B 492 6.80 20.72 14.24
C LEU B 492 6.40 19.33 14.75
N LEU B 493 7.30 18.35 14.71
CA LEU B 493 6.97 17.04 15.25
C LEU B 493 6.89 17.05 16.76
N GLU B 494 7.65 17.94 17.42
CA GLU B 494 7.61 18.00 18.88
C GLU B 494 6.17 18.05 19.39
N ASN B 495 5.37 18.95 18.84
CA ASN B 495 3.99 19.15 19.26
C ASN B 495 2.98 18.79 18.18
N GLY B 496 3.43 18.31 17.04
CA GLY B 496 2.54 18.00 15.94
C GLY B 496 2.24 16.52 15.81
N ALA B 497 3.13 15.68 16.31
CA ALA B 497 2.98 14.24 16.20
C ALA B 497 1.59 13.78 16.63
N ASN B 498 1.22 12.55 16.26
CA ASN B 498 -0.09 12.03 16.63
C ASN B 498 -0.26 12.00 18.13
N SER B 499 0.70 11.42 18.85
CA SER B 499 0.62 11.26 20.30
C SER B 499 0.97 12.54 21.06
N SER B 500 1.34 13.62 20.37
CA SER B 500 1.65 14.88 21.04
C SER B 500 0.39 15.47 21.65
N PHE B 501 0.55 16.05 22.85
CA PHE B 501 -0.60 16.66 23.52
C PHE B 501 -1.22 17.77 22.68
N VAL B 502 -0.38 18.58 22.02
CA VAL B 502 -0.91 19.70 21.25
C VAL B 502 -1.78 19.20 20.11
N HIS B 503 -1.30 18.21 19.35
CA HIS B 503 -2.12 17.67 18.28
C HIS B 503 -3.38 17.00 18.83
N ARG B 504 -3.26 16.30 19.96
CA ARG B 504 -4.41 15.59 20.52
C ARG B 504 -5.49 16.58 20.95
N ILE B 505 -5.08 17.74 21.47
CA ILE B 505 -6.05 18.73 21.95
C ILE B 505 -7.01 19.15 20.85
N ASN B 506 -6.54 19.12 19.60
CA ASN B 506 -7.34 19.56 18.46
C ASN B 506 -8.00 18.40 17.72
N ASP B 507 -7.95 17.19 18.29
CA ASP B 507 -8.67 16.07 17.72
C ASP B 507 -9.95 15.88 18.52
N PRO B 508 -11.13 16.12 17.93
CA PRO B 508 -12.37 16.00 18.72
C PRO B 508 -12.71 14.58 19.09
N LYS B 509 -12.05 13.58 18.52
CA LYS B 509 -12.25 12.19 18.92
C LYS B 509 -11.60 11.88 20.26
N VAL B 510 -10.85 12.81 20.84
CA VAL B 510 -10.17 12.62 22.12
C VAL B 510 -10.89 13.47 23.16
N SER B 511 -11.31 12.83 24.24
CA SER B 511 -12.08 13.48 25.28
C SER B 511 -11.15 14.16 26.28
N ILE B 512 -11.72 15.05 27.09
CA ILE B 512 -10.96 15.61 28.21
C ILE B 512 -10.49 14.49 29.11
N ASP B 513 -11.30 13.44 29.26
CA ASP B 513 -10.97 12.34 30.17
C ASP B 513 -9.70 11.62 29.71
N GLU B 514 -9.53 11.44 28.39
CA GLU B 514 -8.31 10.80 27.90
C GLU B 514 -7.10 11.69 28.11
N LEU B 515 -7.27 13.01 27.95
CA LEU B 515 -6.14 13.92 28.08
C LEU B 515 -5.74 14.13 29.53
N ILE B 516 -6.68 13.96 30.46
CA ILE B 516 -6.40 14.15 31.88
C ILE B 516 -6.06 12.82 32.58
N ALA B 517 -6.00 11.74 31.83
CA ALA B 517 -5.55 10.46 32.38
C ALA B 517 -4.17 10.60 33.02
N ASP B 518 -3.99 9.97 34.17
CA ASP B 518 -2.76 10.09 34.93
C ASP B 518 -1.79 9.02 34.43
N PRO B 519 -0.71 9.38 33.73
CA PRO B 519 0.16 8.33 33.21
C PRO B 519 0.74 7.45 34.31
N VAL B 520 0.95 8.00 35.49
CA VAL B 520 1.57 7.25 36.58
C VAL B 520 0.69 6.08 36.95
N GLU B 521 -0.61 6.32 37.09
CA GLU B 521 -1.51 5.23 37.47
C GLU B 521 -1.81 4.31 36.30
N VAL B 522 -1.77 4.81 35.08
CA VAL B 522 -1.89 3.93 33.92
C VAL B 522 -0.71 2.96 33.88
N VAL B 523 0.50 3.48 34.07
CA VAL B 523 1.67 2.59 34.07
C VAL B 523 1.57 1.61 35.23
N ARG B 524 1.22 2.11 36.41
CA ARG B 524 1.20 1.26 37.60
C ARG B 524 0.33 0.04 37.38
N ALA B 525 -0.74 0.17 36.61
CA ALA B 525 -1.72 -0.89 36.46
C ALA B 525 -1.44 -1.80 35.27
N MET B 526 -0.35 -1.61 34.56
CA MET B 526 -0.07 -2.48 33.43
C MET B 526 0.37 -3.85 33.95
N PRO B 527 0.07 -4.92 33.21
CA PRO B 527 0.50 -6.26 33.64
C PRO B 527 2.00 -6.35 33.88
N VAL B 528 2.79 -5.72 33.03
CA VAL B 528 4.23 -5.67 33.19
C VAL B 528 4.59 -4.20 33.19
N VAL B 529 4.92 -3.67 34.36
CA VAL B 529 5.33 -2.27 34.43
C VAL B 529 6.57 -2.04 33.57
N GLY B 530 6.48 -1.05 32.67
CA GLY B 530 7.63 -0.70 31.87
C GLY B 530 7.86 -1.53 30.64
N ALA B 531 6.91 -2.34 30.22
CA ALA B 531 7.11 -3.12 29.00
C ALA B 531 7.37 -2.22 27.80
N LYS B 532 8.30 -2.65 26.96
CA LYS B 532 8.60 -1.97 25.71
C LYS B 532 7.35 -1.90 24.85
N HIS B 533 7.27 -0.85 24.06
CA HIS B 533 6.21 -0.74 23.06
C HIS B 533 6.14 -2.02 22.23
N ASP B 534 4.92 -2.53 22.06
CA ASP B 534 4.77 -3.82 21.40
C ASP B 534 5.04 -3.77 19.91
N ARG B 535 5.14 -2.59 19.33
CA ARG B 535 5.31 -2.46 17.89
C ARG B 535 6.65 -1.83 17.52
N ILE B 536 7.59 -1.75 18.46
CA ILE B 536 8.93 -1.25 18.18
C ILE B 536 9.91 -2.36 18.55
N ALA B 537 10.67 -2.81 17.58
CA ALA B 537 11.58 -3.89 17.82
C ALA B 537 12.83 -3.40 18.52
N LEU B 538 13.27 -4.15 19.53
CA LEU B 538 14.63 -3.96 20.01
C LEU B 538 15.57 -4.19 18.84
N PRO B 539 16.76 -3.57 18.86
CA PRO B 539 17.69 -3.82 17.75
C PRO B 539 17.93 -5.28 17.50
N ALA B 540 18.05 -6.09 18.54
CA ALA B 540 18.33 -7.50 18.35
C ALA B 540 17.19 -8.23 17.65
N GLU B 541 15.98 -7.68 17.70
CA GLU B 541 14.76 -8.36 17.26
C GLU B 541 14.25 -7.80 15.94
N LEU B 542 15.10 -7.07 15.20
CA LEU B 542 14.64 -6.44 13.97
C LEU B 542 14.11 -7.43 12.96
N PHE B 543 14.59 -8.68 12.99
CA PHE B 543 14.20 -9.71 12.04
C PHE B 543 13.25 -10.72 12.64
N GLY B 544 12.79 -10.47 13.84
CA GLY B 544 11.77 -11.33 14.43
C GLY B 544 12.28 -12.74 14.62
N ASP B 545 11.40 -13.71 14.35
CA ASP B 545 11.76 -15.11 14.56
C ASP B 545 12.73 -15.64 13.51
N ALA B 546 13.00 -14.88 12.43
CA ALA B 546 13.90 -15.38 11.39
C ALA B 546 15.33 -15.58 11.90
N ARG B 547 15.86 -14.59 12.61
CA ARG B 547 17.23 -14.66 13.07
C ARG B 547 17.45 -13.49 14.01
N THR B 548 18.47 -13.62 14.80
CA THR B 548 18.88 -12.57 15.72
C THR B 548 19.84 -11.62 15.03
N ASN B 549 19.54 -10.34 15.12
CA ASN B 549 20.40 -9.31 14.53
C ASN B 549 21.74 -9.31 15.27
N SER B 550 22.80 -9.05 14.53
CA SER B 550 24.07 -8.84 15.18
C SER B 550 24.02 -7.60 16.06
N ALA B 551 24.85 -7.61 17.09
CA ALA B 551 24.93 -6.51 18.03
C ALA B 551 26.23 -5.76 17.80
N GLY B 552 26.18 -4.44 17.90
CA GLY B 552 27.36 -3.64 17.84
C GLY B 552 27.84 -3.27 19.23
N LEU B 553 28.62 -2.19 19.26
CA LEU B 553 29.22 -1.67 20.49
C LEU B 553 29.01 -0.18 20.44
N ASP B 554 28.71 0.41 21.59
CA ASP B 554 28.39 1.83 21.67
C ASP B 554 29.65 2.60 22.02
N LEU B 555 30.25 3.24 21.02
CA LEU B 555 31.50 3.96 21.22
C LEU B 555 31.27 5.30 21.88
N SER B 556 30.04 5.58 22.35
CA SER B 556 29.80 6.73 23.21
C SER B 556 29.67 6.33 24.67
N ASN B 557 29.74 5.04 24.98
CA ASN B 557 29.55 4.54 26.32
C ASN B 557 30.92 4.38 26.98
N GLU B 558 31.14 5.09 28.09
CA GLU B 558 32.45 5.08 28.71
C GLU B 558 32.81 3.70 29.22
N GLU B 559 31.83 2.92 29.70
CA GLU B 559 32.13 1.56 30.14
C GLU B 559 32.64 0.75 28.94
N THR B 560 31.95 0.90 27.81
CA THR B 560 32.35 0.17 26.62
C THR B 560 33.73 0.60 26.15
N LEU B 561 33.99 1.90 26.16
CA LEU B 561 35.30 2.38 25.73
C LEU B 561 36.41 1.85 26.64
N ALA B 562 36.15 1.80 27.94
CA ALA B 562 37.18 1.33 28.85
C ALA B 562 37.42 -0.16 28.68
N SER B 563 36.36 -0.96 28.51
CA SER B 563 36.56 -2.40 28.34
C SER B 563 37.17 -2.69 26.99
N LEU B 564 36.73 -1.99 25.97
CA LEU B 564 37.28 -2.16 24.64
C LEU B 564 38.76 -1.80 24.62
N THR B 565 39.14 -0.70 25.28
CA THR B 565 40.54 -0.32 25.34
C THR B 565 41.37 -1.50 25.84
N GLU B 566 40.92 -2.15 26.89
CA GLU B 566 41.71 -3.24 27.46
C GLU B 566 41.74 -4.42 26.51
N ALA B 567 40.61 -4.71 25.87
CA ALA B 567 40.56 -5.85 24.97
C ALA B 567 41.40 -5.61 23.72
N LEU B 568 41.42 -4.37 23.26
CA LEU B 568 42.21 -4.05 22.07
C LEU B 568 43.68 -4.14 22.39
N ARG B 569 44.10 -3.57 23.52
CA ARG B 569 45.48 -3.72 23.98
C ARG B 569 45.85 -5.19 24.08
N GLU B 570 45.00 -5.99 24.71
CA GLU B 570 45.27 -7.41 24.87
C GLU B 570 45.37 -8.10 23.52
N SER B 571 44.59 -7.64 22.54
CA SER B 571 44.62 -8.26 21.22
C SER B 571 45.97 -8.05 20.56
N ALA B 572 46.60 -6.92 20.83
CA ALA B 572 47.89 -6.63 20.23
C ALA B 572 49.00 -7.45 20.86
N ALA B 573 48.82 -8.01 22.05
CA ALA B 573 49.82 -8.87 22.67
C ALA B 573 49.72 -10.33 22.25
N MET B 574 48.72 -10.68 21.48
CA MET B 574 48.55 -12.07 21.07
C MET B 574 49.47 -12.38 19.89
N LYS B 575 49.86 -13.63 19.77
CA LYS B 575 50.61 -14.06 18.60
C LYS B 575 49.61 -14.47 17.53
N TRP B 576 49.48 -13.65 16.50
CA TRP B 576 48.59 -13.89 15.42
C TRP B 576 49.34 -14.54 14.28
N THR B 577 48.84 -15.68 13.84
CA THR B 577 49.45 -16.42 12.75
C THR B 577 48.36 -16.83 11.77
N ALA B 578 48.79 -17.14 10.55
CA ALA B 578 47.94 -17.67 9.52
C ALA B 578 48.78 -18.67 8.75
N LEU B 579 48.29 -19.88 8.65
CA LEU B 579 49.04 -20.99 8.09
C LEU B 579 48.19 -21.69 7.04
N PRO B 580 48.81 -22.44 6.15
CA PRO B 580 48.03 -23.35 5.29
C PRO B 580 47.44 -24.44 6.15
N GLN B 581 46.17 -24.32 6.43
CA GLN B 581 45.46 -25.27 7.31
C GLN B 581 44.75 -26.27 6.44
N LEU B 582 45.43 -27.38 6.14
CA LEU B 582 44.84 -28.46 5.37
C LEU B 582 44.08 -29.40 6.31
N ALA B 583 43.32 -30.33 5.73
CA ALA B 583 42.54 -31.25 6.53
C ALA B 583 43.41 -32.04 7.49
N THR B 584 44.65 -32.30 7.11
CA THR B 584 45.56 -33.14 7.87
C THR B 584 46.42 -32.36 8.82
N GLY B 585 46.26 -31.04 8.87
CA GLY B 585 47.06 -30.20 9.73
C GLY B 585 47.71 -29.07 8.95
N PRO B 586 48.39 -28.20 9.66
CA PRO B 586 49.06 -27.07 9.00
C PRO B 586 50.24 -27.55 8.20
N ALA B 587 50.41 -26.96 7.02
CA ALA B 587 51.52 -27.26 6.12
C ALA B 587 52.63 -26.23 6.25
N ALA B 588 53.84 -26.66 5.94
CA ALA B 588 54.98 -25.78 5.88
C ALA B 588 54.87 -24.89 4.66
N GLY B 589 55.54 -23.74 4.72
CA GLY B 589 55.50 -22.83 3.60
C GLY B 589 56.43 -21.67 3.86
N GLU B 590 56.41 -20.70 2.94
CA GLU B 590 57.23 -19.51 3.12
C GLU B 590 56.52 -18.56 4.08
N THR B 591 57.25 -18.04 5.06
CA THR B 591 56.65 -17.19 6.08
C THR B 591 57.17 -15.77 5.98
N ARG B 592 56.26 -14.83 6.16
CA ARG B 592 56.59 -13.43 6.24
C ARG B 592 55.72 -12.77 7.30
N THR B 593 56.13 -11.57 7.68
CA THR B 593 55.37 -10.78 8.63
C THR B 593 54.23 -10.04 7.95
N VAL B 594 53.20 -9.78 8.73
CA VAL B 594 52.08 -8.93 8.34
C VAL B 594 52.23 -7.65 9.13
N LEU B 595 52.19 -6.51 8.43
CA LEU B 595 52.47 -5.21 9.00
C LEU B 595 51.23 -4.33 8.97
N ASN B 596 51.12 -3.48 9.96
CA ASN B 596 50.01 -2.53 10.02
C ASN B 596 50.13 -1.55 8.87
N PRO B 597 49.11 -1.42 8.00
CA PRO B 597 49.26 -0.47 6.89
C PRO B 597 49.40 0.95 7.35
N GLY B 598 48.95 1.26 8.57
CA GLY B 598 49.06 2.61 9.08
C GLY B 598 50.38 2.91 9.73
N ASP B 599 51.20 1.89 9.90
CA ASP B 599 52.50 2.03 10.57
C ASP B 599 53.25 0.73 10.39
N HIS B 600 54.15 0.69 9.43
CA HIS B 600 54.82 -0.57 9.13
C HIS B 600 55.74 -1.02 10.26
N ARG B 601 55.97 -0.18 11.28
CA ARG B 601 56.75 -0.59 12.42
C ARG B 601 55.97 -1.49 13.36
N ASP B 602 54.64 -1.53 13.19
CA ASP B 602 53.73 -2.31 14.04
C ASP B 602 53.54 -3.65 13.33
N VAL B 603 54.23 -4.66 13.82
CA VAL B 603 54.12 -6.01 13.26
C VAL B 603 52.90 -6.64 13.91
N VAL B 604 51.93 -7.00 13.08
CA VAL B 604 50.67 -7.57 13.57
C VAL B 604 50.79 -9.06 13.75
N GLY B 605 51.47 -9.75 12.85
CA GLY B 605 51.51 -11.20 12.94
C GLY B 605 52.37 -11.77 11.85
N SER B 606 52.17 -13.06 11.58
CA SER B 606 53.01 -13.77 10.61
CA SER B 606 53.01 -13.80 10.64
C SER B 606 52.12 -14.70 9.80
N VAL B 607 52.40 -14.79 8.51
CA VAL B 607 51.64 -15.63 7.61
C VAL B 607 52.60 -16.60 6.93
N THR B 608 52.22 -17.86 6.90
CA THR B 608 52.90 -18.89 6.13
C THR B 608 52.03 -19.18 4.92
N GLU B 609 52.60 -18.99 3.74
CA GLU B 609 51.83 -19.04 2.51
C GLU B 609 51.89 -20.42 1.88
N THR B 610 50.87 -20.72 1.12
CA THR B 610 50.62 -22.07 0.64
C THR B 610 51.37 -22.32 -0.67
N SER B 611 52.03 -23.45 -0.77
CA SER B 611 52.59 -23.84 -2.06
C SER B 611 51.47 -24.24 -3.01
N GLU B 612 51.74 -24.09 -4.31
CA GLU B 612 50.75 -24.51 -5.30
C GLU B 612 50.48 -26.01 -5.18
N GLU B 613 51.51 -26.80 -4.86
CA GLU B 613 51.29 -28.24 -4.63
C GLU B 613 50.35 -28.50 -3.45
N ASP B 614 50.52 -27.75 -2.36
CA ASP B 614 49.62 -27.95 -1.24
C ASP B 614 48.23 -27.42 -1.55
N ALA B 615 48.13 -26.39 -2.38
CA ALA B 615 46.80 -25.94 -2.79
C ALA B 615 46.06 -27.08 -3.48
N ARG B 616 46.74 -27.78 -4.40
CA ARG B 616 46.12 -28.90 -5.08
C ARG B 616 45.83 -30.03 -4.11
N ARG B 617 46.74 -30.29 -3.19
CA ARG B 617 46.48 -31.33 -2.20
C ARG B 617 45.22 -31.00 -1.40
N ALA B 618 45.05 -29.74 -1.03
CA ALA B 618 43.87 -29.39 -0.26
C ALA B 618 42.58 -29.67 -1.04
N VAL B 619 42.57 -29.38 -2.33
CA VAL B 619 41.36 -29.63 -3.10
C VAL B 619 41.07 -31.13 -3.14
N ARG B 620 42.11 -31.95 -3.27
CA ARG B 620 41.87 -33.39 -3.28
C ARG B 620 41.31 -33.84 -1.93
N LEU B 621 41.83 -33.28 -0.83
CA LEU B 621 41.32 -33.60 0.50
C LEU B 621 39.87 -33.15 0.65
N ALA B 622 39.54 -31.96 0.13
CA ALA B 622 38.16 -31.51 0.15
C ALA B 622 37.26 -32.46 -0.63
N ALA B 623 37.73 -32.90 -1.80
CA ALA B 623 36.95 -33.84 -2.61
C ALA B 623 36.72 -35.15 -1.87
N ASP B 624 37.74 -35.63 -1.17
CA ASP B 624 37.60 -36.90 -0.44
C ASP B 624 36.56 -36.79 0.65
N ALA B 625 36.48 -35.64 1.29
CA ALA B 625 35.55 -35.44 2.40
C ALA B 625 34.24 -34.83 1.97
N ALA B 626 34.04 -34.58 0.68
CA ALA B 626 32.81 -33.94 0.23
C ALA B 626 31.57 -34.73 0.62
N PRO B 627 31.51 -36.05 0.41
CA PRO B 627 30.28 -36.78 0.79
C PRO B 627 29.96 -36.72 2.27
N ASP B 628 30.97 -36.75 3.15
CA ASP B 628 30.70 -36.72 4.57
C ASP B 628 30.08 -35.39 4.99
N TRP B 629 30.53 -34.29 4.39
CA TRP B 629 29.98 -33.00 4.77
C TRP B 629 28.58 -32.84 4.16
N ALA B 630 28.39 -33.29 2.93
CA ALA B 630 27.07 -33.19 2.32
C ALA B 630 26.04 -33.97 3.12
N ALA B 631 26.46 -35.05 3.80
CA ALA B 631 25.53 -35.85 4.55
C ALA B 631 25.20 -35.26 5.92
N VAL B 632 25.85 -34.18 6.34
CA VAL B 632 25.44 -33.50 7.56
C VAL B 632 24.14 -32.79 7.23
N PRO B 633 23.05 -33.01 7.96
CA PRO B 633 21.78 -32.41 7.59
C PRO B 633 21.89 -30.90 7.50
N PRO B 634 21.17 -30.28 6.58
CA PRO B 634 21.25 -28.81 6.45
C PRO B 634 21.00 -28.09 7.77
N SER B 635 20.05 -28.54 8.59
CA SER B 635 19.80 -27.84 9.84
C SER B 635 21.02 -27.90 10.75
N GLU B 636 21.78 -28.98 10.70
CA GLU B 636 22.97 -29.07 11.53
C GLU B 636 24.13 -28.27 10.93
N ARG B 637 24.20 -28.19 9.60
CA ARG B 637 25.18 -27.28 9.00
C ARG B 637 24.85 -25.85 9.38
N ALA B 638 23.55 -25.50 9.34
CA ALA B 638 23.13 -24.18 9.76
C ALA B 638 23.44 -23.93 11.23
N ALA B 639 23.32 -24.95 12.07
CA ALA B 639 23.62 -24.75 13.48
C ALA B 639 25.10 -24.42 13.68
N CYS B 640 25.98 -24.96 12.83
CA CYS B 640 27.39 -24.59 12.89
C CYS B 640 27.57 -23.11 12.61
N LEU B 641 26.90 -22.60 11.57
CA LEU B 641 26.99 -21.18 11.27
C LEU B 641 26.50 -20.37 12.45
N ASP B 642 25.37 -20.76 13.03
CA ASP B 642 24.82 -19.99 14.15
C ASP B 642 25.77 -20.01 15.34
N ARG B 643 26.38 -21.15 15.63
CA ARG B 643 27.39 -21.19 16.70
C ARG B 643 28.56 -20.29 16.37
N ALA B 644 28.99 -20.27 15.12
CA ALA B 644 30.10 -19.41 14.76
C ALA B 644 29.74 -17.96 14.99
N ALA B 645 28.50 -17.58 14.70
CA ALA B 645 28.06 -16.22 14.90
C ALA B 645 28.13 -15.86 16.36
N GLU B 646 27.71 -16.78 17.23
CA GLU B 646 27.75 -16.53 18.66
C GLU B 646 29.19 -16.30 19.12
N LEU B 647 30.13 -17.06 18.56
CA LEU B 647 31.53 -16.86 18.95
C LEU B 647 32.07 -15.54 18.43
N MET B 648 31.77 -15.18 17.17
CA MET B 648 32.23 -13.89 16.68
C MET B 648 31.63 -12.76 17.49
N GLN B 649 30.36 -12.88 17.85
CA GLN B 649 29.74 -11.83 18.66
C GLN B 649 30.45 -11.66 20.00
N ALA B 650 30.74 -12.79 20.66
CA ALA B 650 31.35 -12.72 21.98
C ALA B 650 32.80 -12.25 21.89
N ARG B 651 33.46 -12.55 20.78
CA ARG B 651 34.86 -12.23 20.58
C ARG B 651 35.07 -10.95 19.80
N MET B 652 33.98 -10.22 19.52
CA MET B 652 34.08 -9.02 18.71
C MET B 652 35.19 -8.07 19.17
N PRO B 653 35.37 -7.78 20.45
CA PRO B 653 36.44 -6.83 20.82
C PRO B 653 37.81 -7.25 20.34
N THR B 654 38.14 -8.53 20.47
CA THR B 654 39.43 -9.03 19.99
C THR B 654 39.51 -8.99 18.47
N LEU B 655 38.45 -9.42 17.80
CA LEU B 655 38.44 -9.37 16.35
C LEU B 655 38.61 -7.94 15.85
N LEU B 656 37.97 -6.98 16.51
CA LEU B 656 38.14 -5.59 16.15
C LEU B 656 39.61 -5.20 16.18
N GLY B 657 40.31 -5.55 17.25
CA GLY B 657 41.70 -5.15 17.39
C GLY B 657 42.52 -5.67 16.24
N LEU B 658 42.25 -6.91 15.81
CA LEU B 658 42.99 -7.44 14.69
C LEU B 658 42.62 -6.74 13.39
N ILE B 659 41.34 -6.48 13.16
CA ILE B 659 40.92 -5.82 11.93
C ILE B 659 41.48 -4.42 11.85
N ILE B 660 41.46 -3.70 12.97
CA ILE B 660 42.00 -2.35 12.99
C ILE B 660 43.45 -2.34 12.54
N ARG B 661 44.25 -3.25 13.08
CA ARG B 661 45.69 -3.23 12.88
C ARG B 661 46.12 -3.91 11.60
N GLU B 662 45.42 -4.97 11.17
CA GLU B 662 45.84 -5.68 9.96
C GLU B 662 45.31 -5.00 8.71
N ALA B 663 44.09 -4.50 8.77
CA ALA B 663 43.43 -3.96 7.59
C ALA B 663 43.36 -2.44 7.58
N GLY B 664 43.82 -1.77 8.64
CA GLY B 664 43.80 -0.31 8.64
C GLY B 664 42.44 0.29 8.82
N LYS B 665 41.53 -0.41 9.47
CA LYS B 665 40.18 0.09 9.62
C LYS B 665 40.01 0.85 10.92
N SER B 666 39.06 1.78 10.93
CA SER B 666 38.68 2.43 12.15
C SER B 666 37.83 1.49 13.01
N ALA B 667 37.72 1.80 14.30
CA ALA B 667 36.95 0.96 15.21
C ALA B 667 35.50 0.83 14.74
N LEU B 668 34.91 1.95 14.31
CA LEU B 668 33.51 1.90 13.89
C LEU B 668 33.36 0.96 12.70
N ASN B 669 34.30 1.04 11.76
CA ASN B 669 34.18 0.19 10.59
C ASN B 669 34.50 -1.25 10.93
N ALA B 670 35.38 -1.47 11.89
CA ALA B 670 35.68 -2.84 12.29
C ALA B 670 34.47 -3.46 12.96
N ILE B 671 33.75 -2.69 13.77
CA ILE B 671 32.53 -3.20 14.38
C ILE B 671 31.54 -3.60 13.28
N ALA B 672 31.33 -2.72 12.31
CA ALA B 672 30.41 -3.01 11.22
C ALA B 672 30.82 -4.27 10.50
N GLU B 673 32.13 -4.44 10.31
CA GLU B 673 32.61 -5.63 9.61
C GLU B 673 32.29 -6.90 10.39
N VAL B 674 32.62 -6.95 11.67
CA VAL B 674 32.30 -8.14 12.45
C VAL B 674 30.79 -8.37 12.46
N ARG B 675 30.02 -7.30 12.58
CA ARG B 675 28.58 -7.47 12.57
C ARG B 675 28.14 -8.13 11.28
N GLU B 676 28.68 -7.66 10.15
CA GLU B 676 28.28 -8.20 8.86
C GLU B 676 28.64 -9.68 8.76
N ALA B 677 29.80 -10.07 9.28
CA ALA B 677 30.15 -11.49 9.30
C ALA B 677 29.13 -12.30 10.10
N ILE B 678 28.72 -11.77 11.25
CA ILE B 678 27.72 -12.44 12.09
C ILE B 678 26.43 -12.54 11.33
N ASP B 679 26.04 -11.46 10.66
CA ASP B 679 24.80 -11.44 9.91
C ASP B 679 24.83 -12.41 8.74
N PHE B 680 25.96 -12.50 8.01
CA PHE B 680 26.00 -13.50 6.95
C PHE B 680 25.79 -14.90 7.53
N LEU B 681 26.48 -15.20 8.63
CA LEU B 681 26.36 -16.52 9.22
C LEU B 681 24.91 -16.82 9.56
N ARG B 682 24.25 -15.88 10.23
CA ARG B 682 22.91 -16.13 10.70
C ARG B 682 21.90 -16.09 9.55
N TYR B 683 22.15 -15.27 8.56
CA TYR B 683 21.25 -15.17 7.42
C TYR B 683 21.31 -16.44 6.58
N TYR B 684 22.54 -16.89 6.23
CA TYR B 684 22.62 -18.10 5.43
C TYR B 684 22.14 -19.32 6.22
N ALA B 685 22.29 -19.31 7.55
CA ALA B 685 21.72 -20.39 8.35
C ALA B 685 20.21 -20.40 8.22
N GLU B 686 19.58 -19.24 8.37
CA GLU B 686 18.13 -19.20 8.29
C GLU B 686 17.66 -19.54 6.88
N GLN B 687 18.32 -18.99 5.86
CA GLN B 687 17.90 -19.32 4.50
C GLN B 687 18.00 -20.81 4.26
N THR B 688 19.04 -21.46 4.82
CA THR B 688 19.15 -22.91 4.71
C THR B 688 17.96 -23.60 5.36
N ARG B 689 17.63 -23.21 6.59
CA ARG B 689 16.49 -23.80 7.29
C ARG B 689 15.18 -23.59 6.54
N ARG B 690 15.09 -22.51 5.77
CA ARG B 690 13.89 -22.30 4.97
C ARG B 690 13.85 -23.06 3.66
N THR B 691 14.96 -23.57 3.17
CA THR B 691 14.98 -24.05 1.79
C THR B 691 15.58 -25.43 1.54
N LEU B 692 16.68 -25.79 2.17
CA LEU B 692 17.45 -26.91 1.66
C LEU B 692 16.92 -28.27 2.12
N GLY B 693 16.72 -29.17 1.15
CA GLY B 693 16.31 -30.51 1.42
C GLY B 693 17.14 -31.49 0.64
N PRO B 694 16.73 -32.76 0.65
CA PRO B 694 17.62 -33.80 0.12
C PRO B 694 17.90 -33.69 -1.35
N GLY B 695 17.01 -33.13 -2.16
CA GLY B 695 17.27 -32.99 -3.58
C GLY B 695 18.07 -31.79 -4.00
N HIS B 696 18.57 -30.99 -3.05
CA HIS B 696 19.42 -29.84 -3.35
C HIS B 696 20.85 -30.25 -3.03
N GLY B 697 21.40 -31.06 -3.91
CA GLY B 697 22.70 -31.63 -3.67
C GLY B 697 23.78 -30.59 -3.84
N PRO B 698 24.88 -30.77 -3.15
CA PRO B 698 25.97 -29.80 -3.24
C PRO B 698 26.73 -29.91 -4.54
N LEU B 699 27.48 -28.87 -4.85
CA LEU B 699 28.30 -28.92 -6.04
C LEU B 699 29.54 -29.78 -5.82
N GLY B 700 30.12 -29.70 -4.63
CA GLY B 700 31.43 -30.26 -4.36
C GLY B 700 32.36 -29.18 -3.83
N PRO B 701 33.67 -29.43 -3.86
CA PRO B 701 34.61 -28.44 -3.30
C PRO B 701 34.45 -27.08 -3.95
N ILE B 702 34.29 -26.06 -3.12
CA ILE B 702 34.15 -24.70 -3.58
C ILE B 702 35.37 -23.91 -3.14
N VAL B 703 35.97 -23.22 -4.09
CA VAL B 703 37.09 -22.34 -3.83
C VAL B 703 36.53 -20.96 -3.59
N CYS B 704 36.84 -20.40 -2.41
CA CYS B 704 36.36 -19.08 -2.02
C CYS B 704 37.55 -18.16 -1.96
N ILE B 705 37.57 -17.18 -2.85
CA ILE B 705 38.65 -16.21 -2.99
C ILE B 705 38.08 -14.87 -2.61
N SER B 706 38.72 -14.22 -1.64
CA SER B 706 38.18 -13.03 -1.02
C SER B 706 39.14 -11.86 -1.09
N PRO B 707 38.61 -10.66 -0.96
CA PRO B 707 39.43 -9.44 -1.08
C PRO B 707 39.93 -9.01 0.28
N TRP B 708 40.84 -8.03 0.27
CA TRP B 708 41.45 -7.61 1.51
C TRP B 708 40.57 -6.61 2.24
N ASN B 709 39.60 -5.99 1.56
CA ASN B 709 39.02 -4.77 2.11
C ASN B 709 37.86 -5.03 3.05
N PHE B 710 37.23 -6.18 2.95
CA PHE B 710 36.34 -6.71 3.97
C PHE B 710 36.87 -8.08 4.33
N PRO B 711 38.01 -8.10 5.04
CA PRO B 711 38.77 -9.34 5.20
C PRO B 711 38.14 -10.32 6.15
N LEU B 712 37.13 -9.95 6.94
CA LEU B 712 36.35 -10.91 7.69
C LEU B 712 34.97 -11.11 7.14
N ALA B 713 34.29 -10.03 6.76
CA ALA B 713 32.88 -10.16 6.42
C ALA B 713 32.69 -10.89 5.10
N ILE B 714 33.35 -10.45 4.04
CA ILE B 714 33.14 -11.11 2.75
C ILE B 714 33.78 -12.48 2.78
N PHE B 715 34.94 -12.60 3.42
CA PHE B 715 35.56 -13.89 3.65
C PHE B 715 34.55 -14.85 4.26
N THR B 716 33.90 -14.44 5.36
CA THR B 716 33.01 -15.33 6.08
C THR B 716 31.76 -15.61 5.28
N GLY B 717 31.23 -14.60 4.62
CA GLY B 717 29.99 -14.76 3.89
C GLY B 717 30.11 -15.82 2.79
N GLN B 718 31.16 -15.73 1.99
CA GLN B 718 31.26 -16.69 0.89
C GLN B 718 31.43 -18.10 1.45
N ILE B 719 32.27 -18.23 2.46
CA ILE B 719 32.58 -19.53 3.03
C ILE B 719 31.36 -20.11 3.70
N ALA B 720 30.65 -19.30 4.46
CA ALA B 720 29.50 -19.78 5.18
C ALA B 720 28.44 -20.29 4.23
N ALA B 721 28.22 -19.57 3.13
CA ALA B 721 27.19 -19.97 2.20
C ALA B 721 27.56 -21.28 1.54
N ALA B 722 28.81 -21.38 1.09
CA ALA B 722 29.25 -22.61 0.45
C ALA B 722 29.11 -23.79 1.40
N LEU B 723 29.54 -23.60 2.65
CA LEU B 723 29.52 -24.67 3.63
C LEU B 723 28.10 -25.10 3.93
N VAL B 724 27.22 -24.12 4.15
CA VAL B 724 25.89 -24.47 4.60
C VAL B 724 25.11 -25.11 3.47
N ALA B 725 25.47 -24.83 2.23
CA ALA B 725 24.88 -25.49 1.08
C ALA B 725 25.40 -26.91 0.92
N GLY B 726 26.34 -27.33 1.75
CA GLY B 726 26.79 -28.69 1.76
C GLY B 726 28.11 -28.93 1.04
N ASN B 727 28.87 -27.87 0.78
CA ASN B 727 30.10 -27.96 0.05
C ASN B 727 31.30 -27.76 0.96
N PRO B 728 32.34 -28.58 0.84
CA PRO B 728 33.58 -28.25 1.51
C PRO B 728 34.23 -27.09 0.81
N VAL B 729 35.01 -26.33 1.59
CA VAL B 729 35.53 -25.06 1.12
C VAL B 729 37.04 -25.02 1.20
N LEU B 730 37.63 -24.46 0.17
CA LEU B 730 39.01 -24.03 0.14
C LEU B 730 39.00 -22.51 0.22
N ALA B 731 39.47 -21.98 1.33
CA ALA B 731 39.37 -20.55 1.56
C ALA B 731 40.72 -19.90 1.31
N LYS B 732 40.76 -19.00 0.32
CA LYS B 732 41.97 -18.32 -0.11
C LYS B 732 41.80 -16.84 0.16
N PRO B 733 42.27 -16.38 1.31
CA PRO B 733 42.11 -14.96 1.67
C PRO B 733 43.13 -14.12 0.93
N ALA B 734 42.82 -12.84 0.80
CA ALA B 734 43.74 -11.93 0.17
C ALA B 734 45.11 -11.97 0.87
N GLU B 735 46.17 -11.78 0.09
CA GLU B 735 47.51 -11.82 0.64
C GLU B 735 47.73 -10.75 1.71
N GLU B 736 47.01 -9.62 1.61
CA GLU B 736 47.22 -8.54 2.52
C GLU B 736 46.64 -8.80 3.91
N THR B 737 45.62 -9.63 4.02
CA THR B 737 44.86 -9.75 5.26
C THR B 737 44.62 -11.19 5.67
N PRO B 738 45.66 -11.99 5.79
CA PRO B 738 45.47 -13.40 6.14
C PRO B 738 45.13 -13.66 7.59
N LEU B 739 45.51 -12.76 8.50
CA LEU B 739 45.38 -13.09 9.92
C LEU B 739 43.92 -13.15 10.35
N ILE B 740 43.12 -12.17 9.94
CA ILE B 740 41.71 -12.19 10.33
C ILE B 740 41.00 -13.35 9.64
N ALA B 741 41.42 -13.70 8.43
CA ALA B 741 40.87 -14.88 7.77
C ALA B 741 41.17 -16.15 8.57
N ALA B 742 42.41 -16.28 9.05
CA ALA B 742 42.78 -17.43 9.86
C ALA B 742 41.90 -17.50 11.11
N GLU B 743 41.62 -16.35 11.70
CA GLU B 743 40.76 -16.30 12.88
C GLU B 743 39.34 -16.71 12.53
N GLY B 744 38.84 -16.26 11.37
CA GLY B 744 37.54 -16.72 10.93
C GLY B 744 37.47 -18.23 10.81
N VAL B 745 38.50 -18.84 10.24
CA VAL B 745 38.51 -20.29 10.08
C VAL B 745 38.58 -20.98 11.43
N ARG B 746 39.36 -20.41 12.37
CA ARG B 746 39.41 -20.99 13.71
C ARG B 746 38.02 -21.01 14.32
N ILE B 747 37.27 -19.92 14.15
CA ILE B 747 35.96 -19.82 14.77
C ILE B 747 34.99 -20.78 14.12
N LEU B 748 34.99 -20.85 12.79
CA LEU B 748 34.10 -21.78 12.11
C LEU B 748 34.42 -23.22 12.46
N ARG B 749 35.71 -23.57 12.56
CA ARG B 749 36.06 -24.92 13.00
C ARG B 749 35.61 -25.14 14.44
N GLU B 750 35.80 -24.15 15.32
CA GLU B 750 35.41 -24.32 16.71
C GLU B 750 33.92 -24.54 16.82
N ALA B 751 33.17 -23.92 15.91
CA ALA B 751 31.72 -24.00 15.88
C ALA B 751 31.22 -25.29 15.29
N GLY B 752 32.08 -26.12 14.74
CA GLY B 752 31.69 -27.46 14.29
C GLY B 752 31.99 -27.77 12.85
N ILE B 753 32.55 -26.86 12.05
CA ILE B 753 32.86 -27.19 10.67
C ILE B 753 34.11 -28.08 10.70
N PRO B 754 34.05 -29.29 10.14
CA PRO B 754 35.20 -30.18 10.18
C PRO B 754 36.39 -29.61 9.42
N ALA B 755 37.59 -30.01 9.85
CA ALA B 755 38.78 -29.49 9.19
C ALA B 755 38.81 -29.86 7.71
N SER B 756 38.28 -31.03 7.36
CA SER B 756 38.26 -31.41 5.95
C SER B 756 37.25 -30.60 5.16
N ALA B 757 36.27 -29.99 5.83
CA ALA B 757 35.29 -29.18 5.13
C ALA B 757 35.73 -27.73 4.98
N LEU B 758 36.75 -27.27 5.71
CA LEU B 758 37.15 -25.87 5.65
C LEU B 758 38.66 -25.79 5.84
N GLN B 759 39.35 -25.59 4.74
CA GLN B 759 40.80 -25.45 4.72
C GLN B 759 41.17 -24.04 4.32
N LEU B 760 42.20 -23.52 4.96
CA LEU B 760 42.66 -22.16 4.72
C LEU B 760 43.97 -22.23 3.97
N LEU B 761 44.05 -21.49 2.86
CA LEU B 761 45.23 -21.50 2.02
C LEU B 761 45.68 -20.07 1.84
N PRO B 762 46.45 -19.52 2.76
CA PRO B 762 46.95 -18.16 2.57
C PRO B 762 47.89 -18.11 1.41
N GLY B 763 47.97 -16.91 0.82
CA GLY B 763 48.93 -16.66 -0.24
C GLY B 763 48.38 -15.67 -1.24
N ASP B 764 49.13 -15.50 -2.32
CA ASP B 764 48.80 -14.48 -3.31
C ASP B 764 47.96 -15.10 -4.41
N GLY B 765 47.84 -14.39 -5.54
CA GLY B 765 46.95 -14.84 -6.59
C GLY B 765 47.35 -16.15 -7.23
N ARG B 766 48.64 -16.52 -7.14
CA ARG B 766 49.06 -17.82 -7.65
C ARG B 766 48.42 -18.96 -6.86
N VAL B 767 48.21 -18.75 -5.56
CA VAL B 767 47.50 -19.77 -4.79
C VAL B 767 46.06 -19.84 -5.23
N GLY B 768 45.42 -18.68 -5.42
CA GLY B 768 44.05 -18.68 -5.91
C GLY B 768 43.95 -19.37 -7.25
N ALA B 769 44.89 -19.09 -8.13
CA ALA B 769 44.83 -19.70 -9.46
C ALA B 769 45.01 -21.21 -9.39
N ALA B 770 45.88 -21.69 -8.52
CA ALA B 770 46.10 -23.12 -8.40
C ALA B 770 44.84 -23.80 -7.87
N LEU B 771 44.14 -23.15 -6.96
CA LEU B 771 42.91 -23.73 -6.47
C LEU B 771 41.87 -23.78 -7.58
N VAL B 772 41.72 -22.69 -8.31
CA VAL B 772 40.70 -22.60 -9.34
C VAL B 772 40.91 -23.67 -10.40
N ALA B 773 42.18 -23.92 -10.75
CA ALA B 773 42.51 -24.85 -11.82
C ALA B 773 42.46 -26.30 -11.39
N ALA B 774 42.37 -26.55 -10.09
CA ALA B 774 42.44 -27.92 -9.60
C ALA B 774 41.28 -28.76 -10.12
N ALA B 775 41.59 -30.03 -10.38
CA ALA B 775 40.67 -30.92 -11.07
C ALA B 775 39.33 -31.03 -10.37
N GLU B 776 39.33 -31.09 -9.04
CA GLU B 776 38.12 -31.39 -8.29
C GLU B 776 37.33 -30.13 -7.90
N THR B 777 37.82 -28.95 -8.24
CA THR B 777 37.09 -27.73 -7.93
C THR B 777 35.77 -27.71 -8.67
N ALA B 778 34.68 -27.55 -7.92
CA ALA B 778 33.31 -27.68 -8.42
C ALA B 778 32.57 -26.35 -8.47
N GLY B 779 33.17 -25.31 -7.92
CA GLY B 779 32.61 -23.97 -8.00
C GLY B 779 33.61 -22.99 -7.43
N VAL B 780 33.42 -21.72 -7.79
CA VAL B 780 34.30 -20.67 -7.32
C VAL B 780 33.46 -19.49 -6.91
N MET B 781 33.76 -18.95 -5.74
CA MET B 781 33.16 -17.73 -5.22
C MET B 781 34.29 -16.73 -5.12
N PHE B 782 34.18 -15.67 -5.89
CA PHE B 782 35.22 -14.68 -6.01
C PHE B 782 34.65 -13.31 -5.76
N THR B 783 35.34 -12.54 -4.94
CA THR B 783 35.06 -11.13 -4.75
C THR B 783 36.38 -10.40 -4.85
N GLY B 784 36.44 -9.43 -5.75
CA GLY B 784 37.69 -8.79 -6.07
C GLY B 784 37.56 -7.99 -7.35
N SER B 785 38.70 -7.77 -7.99
CA SER B 785 38.76 -6.95 -9.18
C SER B 785 38.11 -7.63 -10.39
N THR B 786 37.55 -6.83 -11.28
CA THR B 786 37.02 -7.39 -12.53
C THR B 786 38.11 -8.08 -13.36
N GLU B 787 39.33 -7.54 -13.38
CA GLU B 787 40.40 -8.16 -14.16
C GLU B 787 40.67 -9.59 -13.70
N VAL B 788 40.77 -9.79 -12.38
CA VAL B 788 41.05 -11.13 -11.87
C VAL B 788 39.88 -12.06 -12.13
N ALA B 789 38.65 -11.54 -11.94
CA ALA B 789 37.49 -12.37 -12.19
C ALA B 789 37.53 -12.93 -13.59
N ARG B 790 37.96 -12.10 -14.56
CA ARG B 790 37.99 -12.56 -15.95
C ARG B 790 38.99 -13.68 -16.14
N LEU B 791 40.13 -13.59 -15.47
CA LEU B 791 41.13 -14.66 -15.55
C LEU B 791 40.56 -15.95 -14.98
N ILE B 792 39.84 -15.85 -13.85
CA ILE B 792 39.25 -17.04 -13.26
C ILE B 792 38.20 -17.64 -14.18
N GLN B 793 37.35 -16.79 -14.72
CA GLN B 793 36.33 -17.25 -15.64
C GLN B 793 36.96 -18.01 -16.81
N ALA B 794 38.08 -17.50 -17.32
CA ALA B 794 38.71 -18.18 -18.46
C ALA B 794 39.29 -19.53 -18.04
N GLN B 795 39.89 -19.62 -16.86
CA GLN B 795 40.39 -20.91 -16.39
C GLN B 795 39.26 -21.90 -16.22
N LEU B 796 38.12 -21.45 -15.65
CA LEU B 796 37.02 -22.39 -15.42
C LEU B 796 36.40 -22.88 -16.72
N ALA B 797 36.40 -22.04 -17.76
CA ALA B 797 35.75 -22.40 -19.01
C ALA B 797 36.47 -23.55 -19.70
N ASP B 798 37.72 -23.82 -19.34
CA ASP B 798 38.43 -24.97 -19.88
C ASP B 798 37.93 -26.28 -19.31
N ARG B 799 37.15 -26.22 -18.22
CA ARG B 799 36.77 -27.41 -17.49
C ARG B 799 35.26 -27.57 -17.51
N LEU B 800 34.83 -28.80 -17.22
CA LEU B 800 33.44 -29.09 -16.99
C LEU B 800 33.32 -29.90 -15.70
N SER B 801 32.11 -29.87 -15.13
CA SER B 801 31.84 -30.65 -13.94
C SER B 801 31.82 -32.12 -14.33
N PRO B 802 31.88 -33.01 -13.35
CA PRO B 802 31.69 -34.44 -13.65
C PRO B 802 30.44 -34.70 -14.48
N ALA B 803 29.38 -33.92 -14.26
CA ALA B 803 28.13 -34.06 -14.97
C ALA B 803 28.09 -33.25 -16.26
N GLY B 804 29.24 -32.80 -16.76
CA GLY B 804 29.31 -32.16 -18.07
C GLY B 804 28.70 -30.78 -18.15
N ARG B 805 28.76 -30.01 -17.08
CA ARG B 805 28.16 -28.68 -17.08
C ARG B 805 29.17 -27.65 -16.60
N PRO B 806 28.96 -26.37 -16.94
CA PRO B 806 29.95 -25.36 -16.55
C PRO B 806 30.11 -25.31 -15.04
N ILE B 807 31.34 -25.06 -14.62
CA ILE B 807 31.64 -24.87 -13.20
C ILE B 807 31.11 -23.51 -12.80
N PRO B 808 30.26 -23.41 -11.79
CA PRO B 808 29.67 -22.11 -11.45
C PRO B 808 30.68 -21.15 -10.87
N LEU B 809 30.55 -19.89 -11.25
CA LEU B 809 31.39 -18.84 -10.70
C LEU B 809 30.47 -17.73 -10.23
N ILE B 810 30.60 -17.36 -8.95
CA ILE B 810 29.98 -16.14 -8.45
C ILE B 810 31.11 -15.14 -8.37
N ALA B 811 30.99 -14.02 -9.09
CA ALA B 811 32.09 -13.06 -9.13
C ALA B 811 31.49 -11.68 -8.86
N GLU B 812 31.86 -11.10 -7.74
CA GLU B 812 31.38 -9.78 -7.37
C GLU B 812 32.56 -8.85 -7.46
N THR B 813 32.45 -7.88 -8.35
CA THR B 813 33.63 -7.16 -8.79
C THR B 813 33.45 -5.68 -8.56
N GLY B 814 34.08 -4.85 -9.36
CA GLY B 814 34.17 -3.45 -9.00
C GLY B 814 32.87 -2.65 -9.17
N GLY B 815 32.97 -1.35 -8.81
CA GLY B 815 31.96 -0.39 -9.16
C GLY B 815 32.62 0.90 -9.61
N GLN B 816 31.80 1.74 -10.24
CA GLN B 816 32.16 3.12 -10.55
C GLN B 816 30.96 3.95 -10.12
N ASN B 817 30.77 4.04 -8.82
CA ASN B 817 29.48 4.39 -8.23
C ASN B 817 29.27 5.90 -8.19
N ALA B 818 28.10 6.31 -8.62
CA ALA B 818 27.75 7.72 -8.64
C ALA B 818 26.67 8.03 -7.62
N MET B 819 26.61 9.30 -7.24
CA MET B 819 25.49 9.84 -6.49
C MET B 819 25.07 11.08 -7.25
N ILE B 820 23.78 11.18 -7.56
CA ILE B 820 23.21 12.36 -8.21
C ILE B 820 22.50 13.18 -7.15
N VAL B 821 22.77 14.49 -7.14
CA VAL B 821 22.22 15.42 -6.15
C VAL B 821 21.60 16.55 -6.95
N ASP B 822 20.34 16.80 -6.73
CA ASP B 822 19.68 17.93 -7.38
C ASP B 822 19.57 19.11 -6.41
N SER B 823 18.97 20.20 -6.91
CA SER B 823 18.90 21.43 -6.13
C SER B 823 17.88 21.39 -5.01
N SER B 824 17.12 20.30 -4.86
CA SER B 824 16.21 20.18 -3.73
C SER B 824 16.84 19.47 -2.54
N ALA B 825 18.02 18.88 -2.72
CA ALA B 825 18.63 18.14 -1.64
C ALA B 825 19.11 19.08 -0.55
N LEU B 826 19.18 18.55 0.66
CA LEU B 826 19.66 19.32 1.80
C LEU B 826 21.18 19.18 1.87
N ALA B 827 21.88 20.29 1.69
CA ALA B 827 23.33 20.25 1.55
C ALA B 827 24.00 19.54 2.70
N GLU B 828 23.62 19.85 3.95
CA GLU B 828 24.28 19.21 5.08
C GLU B 828 24.16 17.69 5.01
N GLN B 829 22.99 17.19 4.62
CA GLN B 829 22.78 15.74 4.52
C GLN B 829 23.65 15.16 3.43
N VAL B 830 23.65 15.81 2.27
CA VAL B 830 24.48 15.39 1.16
C VAL B 830 25.92 15.27 1.61
N VAL B 831 26.41 16.33 2.26
CA VAL B 831 27.83 16.35 2.61
C VAL B 831 28.16 15.23 3.58
N GLY B 832 27.31 15.01 4.58
CA GLY B 832 27.55 13.89 5.48
C GLY B 832 27.58 12.56 4.75
N ASP B 833 26.67 12.37 3.80
CA ASP B 833 26.59 11.10 3.09
C ASP B 833 27.71 10.95 2.07
N VAL B 834 28.19 12.06 1.52
CA VAL B 834 29.32 12.02 0.60
C VAL B 834 30.59 11.67 1.33
N ILE B 835 30.83 12.33 2.46
CA ILE B 835 32.05 12.08 3.21
C ILE B 835 32.12 10.61 3.60
N THR B 836 31.00 10.08 4.12
CA THR B 836 30.95 8.67 4.50
C THR B 836 31.15 7.81 3.27
N SER B 837 30.39 8.06 2.23
CA SER B 837 30.40 7.16 1.09
C SER B 837 31.74 7.17 0.37
N ALA B 838 32.36 8.34 0.24
CA ALA B 838 33.56 8.47 -0.55
C ALA B 838 34.83 8.18 0.23
N PHE B 839 34.86 8.51 1.50
CA PHE B 839 36.11 8.53 2.22
C PHE B 839 36.18 7.60 3.42
N ASP B 840 35.05 7.11 3.93
CA ASP B 840 35.08 6.04 4.92
C ASP B 840 35.91 4.89 4.37
N SER B 841 36.75 4.32 5.23
CA SER B 841 37.61 3.21 4.85
C SER B 841 38.57 3.63 3.76
N ALA B 842 38.85 4.93 3.71
CA ALA B 842 39.73 5.52 2.69
C ALA B 842 39.25 5.12 1.30
N GLY B 843 37.93 5.05 1.14
CA GLY B 843 37.35 4.76 -0.17
C GLY B 843 37.54 3.33 -0.61
N GLN B 844 37.98 2.47 0.29
CA GLN B 844 38.32 1.09 -0.07
C GLN B 844 37.13 0.16 0.20
N ARG B 845 36.02 0.54 -0.39
CA ARG B 845 34.80 -0.27 -0.45
C ARG B 845 34.38 -0.35 -1.91
N SER B 846 33.93 -1.51 -2.34
CA SER B 846 33.40 -1.64 -3.69
C SER B 846 32.25 -0.66 -3.93
N SER B 847 31.50 -0.38 -2.87
CA SER B 847 30.32 0.47 -2.88
C SER B 847 30.66 1.95 -2.80
N ALA B 848 31.93 2.31 -2.64
CA ALA B 848 32.27 3.68 -2.31
C ALA B 848 31.87 4.63 -3.43
N LEU B 849 31.48 5.83 -3.02
CA LEU B 849 31.14 6.89 -3.98
C LEU B 849 32.37 7.36 -4.74
N ARG B 850 32.33 7.21 -6.06
CA ARG B 850 33.42 7.58 -6.95
C ARG B 850 33.11 8.84 -7.73
N VAL B 851 31.83 9.09 -8.06
CA VAL B 851 31.45 10.25 -8.88
C VAL B 851 30.26 10.95 -8.25
N LEU B 852 30.49 12.15 -7.77
CA LEU B 852 29.43 12.96 -7.20
C LEU B 852 28.95 13.90 -8.30
N CYS B 853 27.66 13.85 -8.62
CA CYS B 853 27.08 14.62 -9.70
C CYS B 853 26.14 15.65 -9.08
N LEU B 854 26.52 16.93 -9.21
CA LEU B 854 25.86 18.00 -8.52
C LEU B 854 25.17 18.87 -9.55
N GLN B 855 23.91 19.16 -9.33
CA GLN B 855 23.20 20.09 -10.21
C GLN B 855 23.94 21.43 -10.16
N GLU B 856 24.09 22.04 -11.34
CA GLU B 856 25.01 23.17 -11.48
C GLU B 856 24.69 24.26 -10.47
N ASP B 857 23.42 24.48 -10.20
CA ASP B 857 23.00 25.62 -9.38
C ASP B 857 23.39 25.49 -7.92
N VAL B 858 23.65 24.28 -7.43
CA VAL B 858 24.02 24.09 -6.03
C VAL B 858 25.42 23.56 -5.88
N ALA B 859 26.13 23.32 -6.98
CA ALA B 859 27.43 22.63 -6.90
C ALA B 859 28.43 23.39 -6.04
N ASP B 860 28.55 24.71 -6.24
CA ASP B 860 29.59 25.44 -5.51
C ASP B 860 29.33 25.44 -4.02
N ARG B 861 28.07 25.63 -3.61
CA ARG B 861 27.79 25.68 -2.18
C ARG B 861 28.04 24.31 -1.54
N ILE B 862 27.63 23.23 -2.21
CA ILE B 862 27.88 21.91 -1.67
C ILE B 862 29.37 21.61 -1.63
N LEU B 863 30.11 21.99 -2.68
CA LEU B 863 31.54 21.73 -2.69
C LEU B 863 32.26 22.50 -1.57
N THR B 864 31.86 23.75 -1.32
CA THR B 864 32.49 24.49 -0.24
C THR B 864 32.23 23.80 1.09
N MET B 865 31.00 23.36 1.30
CA MET B 865 30.66 22.70 2.55
C MET B 865 31.41 21.38 2.64
N LEU B 866 31.50 20.66 1.52
CA LEU B 866 32.21 19.38 1.53
C LEU B 866 33.67 19.56 1.88
N LYS B 867 34.30 20.57 1.29
CA LYS B 867 35.71 20.84 1.58
C LYS B 867 35.90 21.26 3.03
N GLY B 868 34.95 22.02 3.58
CA GLY B 868 35.08 22.43 4.97
C GLY B 868 34.96 21.24 5.90
N ALA B 869 34.04 20.34 5.60
CA ALA B 869 33.88 19.15 6.42
C ALA B 869 35.08 18.23 6.27
N LEU B 870 35.68 18.16 5.07
CA LEU B 870 36.85 17.31 4.91
C LEU B 870 38.02 17.79 5.75
N HIS B 871 38.16 19.09 5.94
CA HIS B 871 39.24 19.62 6.73
C HIS B 871 39.10 19.29 8.21
N GLU B 872 37.95 18.80 8.63
CA GLU B 872 37.80 18.38 10.01
C GLU B 872 38.09 16.92 10.24
N LEU B 873 38.46 16.16 9.21
CA LEU B 873 38.69 14.74 9.38
C LEU B 873 40.11 14.50 9.89
N HIS B 874 40.24 13.46 10.73
CA HIS B 874 41.53 13.04 11.27
C HIS B 874 41.97 11.79 10.52
N ILE B 875 43.11 11.86 9.84
CA ILE B 875 43.66 10.74 9.09
C ILE B 875 44.88 10.25 9.84
N GLY B 876 44.95 8.95 10.08
CA GLY B 876 46.10 8.41 10.78
C GLY B 876 45.92 6.95 11.11
N ARG B 877 46.85 6.47 11.93
CA ARG B 877 46.81 5.08 12.39
C ARG B 877 45.54 4.88 13.21
N THR B 878 44.81 3.81 12.92
CA THR B 878 43.42 3.71 13.34
C THR B 878 43.24 3.13 14.73
N ASP B 879 44.29 3.04 15.53
CA ASP B 879 44.13 2.58 16.90
C ASP B 879 43.84 3.72 17.87
N ARG B 880 43.22 4.78 17.38
CA ARG B 880 42.72 5.89 18.19
C ARG B 880 41.29 6.14 17.74
N LEU B 881 40.37 6.29 18.71
CA LEU B 881 38.98 6.55 18.39
C LEU B 881 38.81 7.83 17.57
N SER B 882 39.69 8.79 17.77
CA SER B 882 39.58 10.05 17.07
C SER B 882 39.95 9.96 15.60
N VAL B 883 40.44 8.83 15.11
CA VAL B 883 40.80 8.73 13.71
C VAL B 883 39.58 8.40 12.88
N ASP B 884 39.35 9.21 11.86
CA ASP B 884 38.23 9.05 10.94
C ASP B 884 38.58 8.22 9.72
N VAL B 885 39.78 8.39 9.18
CA VAL B 885 40.19 7.78 7.91
C VAL B 885 41.58 7.19 8.14
N GLY B 886 41.69 5.91 7.84
CA GLY B 886 42.92 5.19 7.97
C GLY B 886 43.70 5.13 6.67
N PRO B 887 44.67 4.22 6.64
CA PRO B 887 45.55 4.13 5.48
C PRO B 887 44.92 3.34 4.34
N VAL B 888 45.59 3.43 3.18
CA VAL B 888 45.33 2.47 2.12
C VAL B 888 46.19 1.23 2.39
N ILE B 889 45.79 0.11 1.79
CA ILE B 889 46.26 -1.17 2.31
C ILE B 889 47.73 -1.44 2.05
N THR B 890 48.27 -0.98 0.92
CA THR B 890 49.64 -1.24 0.59
C THR B 890 50.27 -0.06 -0.15
N SER B 891 51.59 -0.13 -0.27
CA SER B 891 52.30 0.87 -1.04
CA SER B 891 52.32 0.86 -1.05
C SER B 891 51.92 0.78 -2.52
N GLU B 892 51.69 -0.44 -3.02
CA GLU B 892 51.23 -0.61 -4.41
C GLU B 892 49.87 0.08 -4.62
N ALA B 893 48.93 -0.11 -3.68
CA ALA B 893 47.65 0.56 -3.80
C ALA B 893 47.83 2.07 -3.80
N LYS B 894 48.65 2.56 -2.87
CA LYS B 894 48.92 3.98 -2.80
C LYS B 894 49.49 4.49 -4.13
N ASP B 895 50.47 3.79 -4.67
CA ASP B 895 51.05 4.21 -5.95
C ASP B 895 50.01 4.21 -7.06
N ASN B 896 49.13 3.22 -7.07
CA ASN B 896 48.10 3.11 -8.10
C ASN B 896 47.17 4.30 -8.01
N ILE B 897 46.73 4.62 -6.79
CA ILE B 897 45.83 5.75 -6.59
C ILE B 897 46.52 7.04 -6.97
N GLU B 898 47.78 7.19 -6.54
CA GLU B 898 48.48 8.44 -6.85
C GLU B 898 48.75 8.58 -8.35
N LYS B 899 48.99 7.48 -9.05
CA LYS B 899 49.18 7.56 -10.50
C LYS B 899 47.94 8.13 -11.17
N HIS B 900 46.76 7.70 -10.72
CA HIS B 900 45.53 8.25 -11.26
C HIS B 900 45.40 9.73 -10.95
N ILE B 901 45.68 10.09 -9.69
CA ILE B 901 45.56 11.48 -9.29
C ILE B 901 46.49 12.34 -10.16
N GLU B 902 47.71 11.87 -10.36
CA GLU B 902 48.65 12.66 -11.15
C GLU B 902 48.27 12.65 -12.63
N ARG B 903 47.66 11.57 -13.13
CA ARG B 903 47.17 11.60 -14.50
C ARG B 903 46.09 12.66 -14.66
N MET B 904 45.17 12.73 -13.70
CA MET B 904 44.13 13.76 -13.74
C MET B 904 44.76 15.14 -13.65
N ARG B 905 45.69 15.33 -12.72
CA ARG B 905 46.39 16.61 -12.63
C ARG B 905 47.07 16.95 -13.95
N GLY B 906 47.81 16.00 -14.51
CA GLY B 906 48.49 16.25 -15.78
C GLY B 906 47.54 16.61 -16.90
N LEU B 907 46.32 16.07 -16.87
CA LEU B 907 45.32 16.40 -17.88
C LEU B 907 44.71 17.78 -17.67
N GLY B 908 45.05 18.48 -16.58
CA GLY B 908 44.54 19.79 -16.30
C GLY B 908 43.34 19.83 -15.37
N ARG B 909 42.80 18.67 -15.01
CA ARG B 909 41.66 18.64 -14.11
C ARG B 909 42.04 19.26 -12.78
N LYS B 910 41.09 19.96 -12.17
CA LYS B 910 41.29 20.52 -10.84
C LYS B 910 41.31 19.39 -9.82
N VAL B 911 42.41 19.31 -9.06
CA VAL B 911 42.62 18.29 -8.05
C VAL B 911 42.88 19.01 -6.73
N GLU B 912 42.10 18.66 -5.70
CA GLU B 912 42.29 19.19 -4.36
C GLU B 912 42.43 18.06 -3.36
N GLN B 913 43.32 18.25 -2.36
CA GLN B 913 43.52 17.24 -1.34
C GLN B 913 43.65 17.85 0.05
N ILE B 914 43.15 17.09 1.04
CA ILE B 914 43.44 17.36 2.45
C ILE B 914 44.92 17.19 2.78
N GLY B 915 45.32 17.75 3.94
CA GLY B 915 46.68 17.59 4.42
C GLY B 915 46.80 16.44 5.39
N LEU B 916 48.01 15.84 5.44
CA LEU B 916 48.25 14.69 6.28
C LEU B 916 49.32 15.01 7.32
N ALA B 917 49.13 14.50 8.53
CA ALA B 917 50.10 14.67 9.58
C ALA B 917 51.40 13.94 9.25
N SER B 918 52.51 14.46 9.78
CA SER B 918 53.80 13.82 9.56
C SER B 918 53.79 12.37 10.01
N GLU B 919 52.94 12.04 10.99
CA GLU B 919 52.90 10.69 11.52
C GLU B 919 52.46 9.66 10.49
N THR B 920 51.85 10.09 9.38
CA THR B 920 51.39 9.13 8.38
C THR B 920 52.54 8.56 7.56
N GLY B 921 53.74 9.16 7.65
CA GLY B 921 54.85 8.73 6.83
C GLY B 921 55.30 7.32 7.09
N VAL B 922 55.04 6.79 8.28
CA VAL B 922 55.42 5.41 8.60
C VAL B 922 54.43 4.39 8.03
N GLY B 923 53.30 4.85 7.49
CA GLY B 923 52.33 3.97 6.90
C GLY B 923 52.06 4.37 5.46
N THR B 924 51.04 3.78 4.83
CA THR B 924 50.71 4.12 3.46
C THR B 924 49.37 4.82 3.41
N PHE B 925 49.40 6.14 3.40
CA PHE B 925 48.18 6.92 3.38
C PHE B 925 48.04 7.73 2.10
N VAL B 926 46.79 7.90 1.67
CA VAL B 926 46.40 8.85 0.63
C VAL B 926 45.37 9.77 1.26
N PRO B 927 45.51 11.09 1.16
CA PRO B 927 44.50 11.97 1.73
C PRO B 927 43.22 11.94 0.88
N PRO B 928 42.08 12.19 1.50
CA PRO B 928 40.88 12.46 0.71
C PRO B 928 41.14 13.49 -0.36
N THR B 929 40.71 13.16 -1.56
CA THR B 929 41.04 13.88 -2.77
C THR B 929 39.75 14.12 -3.55
N ILE B 930 39.62 15.31 -4.12
CA ILE B 930 38.47 15.70 -4.93
C ILE B 930 38.98 16.15 -6.29
N ILE B 931 38.43 15.57 -7.34
CA ILE B 931 38.87 15.86 -8.69
C ILE B 931 37.66 16.26 -9.50
N GLU B 932 37.75 17.41 -10.18
CA GLU B 932 36.65 17.89 -11.01
C GLU B 932 36.82 17.35 -12.41
N LEU B 933 35.81 16.66 -12.89
CA LEU B 933 35.84 16.14 -14.25
C LEU B 933 34.96 17.02 -15.14
N GLU B 934 35.23 16.95 -16.44
CA GLU B 934 34.36 17.55 -17.42
C GLU B 934 33.27 16.58 -17.83
N LYS B 935 33.63 15.30 -17.96
CA LYS B 935 32.70 14.27 -18.38
C LYS B 935 33.03 13.00 -17.63
N LEU B 936 32.00 12.20 -17.34
CA LEU B 936 32.23 10.95 -16.64
C LEU B 936 33.19 10.04 -17.42
N SER B 937 33.17 10.11 -18.75
CA SER B 937 34.08 9.30 -19.54
C SER B 937 35.54 9.69 -19.32
N ASP B 938 35.79 10.82 -18.66
CA ASP B 938 37.15 11.14 -18.24
C ASP B 938 37.71 10.06 -17.33
N LEU B 939 36.83 9.31 -16.69
CA LEU B 939 37.19 8.31 -15.68
C LEU B 939 37.07 6.96 -16.36
N GLN B 940 38.19 6.26 -16.47
CA GLN B 940 38.28 5.06 -17.27
C GLN B 940 38.42 3.77 -16.46
N ARG B 941 38.67 3.86 -15.16
CA ARG B 941 38.93 2.67 -14.36
C ARG B 941 38.46 2.96 -12.94
N GLU B 942 38.11 1.90 -12.22
CA GLU B 942 37.82 2.02 -10.79
C GLU B 942 39.11 2.36 -10.07
N VAL B 943 39.11 3.46 -9.32
CA VAL B 943 40.24 3.89 -8.53
C VAL B 943 39.88 3.63 -7.08
N PHE B 944 40.53 2.64 -6.49
CA PHE B 944 40.06 2.06 -5.22
C PHE B 944 40.76 2.77 -4.07
N GLY B 945 40.34 4.00 -3.84
CA GLY B 945 40.93 4.79 -2.79
C GLY B 945 40.09 6.01 -2.53
N PRO B 946 40.62 6.95 -1.77
CA PRO B 946 39.78 8.06 -1.26
C PRO B 946 39.76 9.21 -2.27
N VAL B 947 39.23 8.94 -3.44
CA VAL B 947 39.32 9.85 -4.58
C VAL B 947 37.92 10.05 -5.10
N LEU B 948 37.34 11.20 -4.81
CA LEU B 948 35.99 11.54 -5.24
C LEU B 948 36.08 12.42 -6.47
N HIS B 949 35.38 12.02 -7.51
CA HIS B 949 35.29 12.83 -8.72
C HIS B 949 33.98 13.58 -8.69
N VAL B 950 34.00 14.81 -9.21
CA VAL B 950 32.83 15.67 -9.21
C VAL B 950 32.48 16.05 -10.64
N ILE B 951 31.21 15.91 -10.97
CA ILE B 951 30.64 16.32 -12.24
C ILE B 951 29.55 17.32 -11.92
N ARG B 952 29.45 18.38 -12.73
CA ARG B 952 28.32 19.30 -12.59
C ARG B 952 27.38 19.09 -13.76
N TYR B 953 26.08 19.19 -13.52
CA TYR B 953 25.13 18.94 -14.60
C TYR B 953 23.98 19.94 -14.57
N ARG B 954 23.44 20.20 -15.75
CA ARG B 954 22.22 20.98 -15.87
C ARG B 954 21.04 20.02 -15.73
N ARG B 955 19.98 20.48 -15.05
CA ARG B 955 18.87 19.56 -14.77
C ARG B 955 18.26 19.02 -16.05
N ASP B 956 18.28 19.79 -17.14
CA ASP B 956 17.75 19.33 -18.40
C ASP B 956 18.53 18.16 -18.96
N ASP B 957 19.74 17.94 -18.47
CA ASP B 957 20.60 16.88 -18.95
C ASP B 957 20.58 15.67 -18.03
N LEU B 958 19.66 15.62 -17.08
CA LEU B 958 19.65 14.51 -16.12
C LEU B 958 19.56 13.15 -16.80
N ASP B 959 18.71 13.00 -17.80
CA ASP B 959 18.59 11.69 -18.43
C ASP B 959 19.88 11.29 -19.09
N ARG B 960 20.57 12.23 -19.75
CA ARG B 960 21.85 11.95 -20.37
C ARG B 960 22.92 11.64 -19.33
N LEU B 961 22.88 12.31 -18.17
CA LEU B 961 23.79 11.99 -17.09
C LEU B 961 23.60 10.56 -16.63
N VAL B 962 22.35 10.12 -16.49
CA VAL B 962 22.12 8.74 -16.07
C VAL B 962 22.71 7.79 -17.11
N ASP B 963 22.55 8.11 -18.40
CA ASP B 963 23.21 7.33 -19.44
C ASP B 963 24.72 7.30 -19.22
N ASP B 964 25.31 8.46 -18.91
CA ASP B 964 26.75 8.53 -18.68
C ASP B 964 27.16 7.65 -17.50
N VAL B 965 26.34 7.62 -16.45
CA VAL B 965 26.65 6.75 -15.32
C VAL B 965 26.60 5.29 -15.77
N ASN B 966 25.54 4.93 -16.50
CA ASN B 966 25.42 3.55 -16.94
C ASN B 966 26.51 3.19 -17.93
N ALA B 967 27.04 4.18 -18.65
CA ALA B 967 27.93 3.87 -19.76
C ALA B 967 29.30 3.38 -19.31
N THR B 968 29.62 3.47 -18.02
CA THR B 968 30.89 2.92 -17.58
C THR B 968 30.92 1.41 -17.72
N GLY B 969 29.73 0.78 -17.76
CA GLY B 969 29.62 -0.66 -17.77
C GLY B 969 29.50 -1.28 -16.40
N TYR B 970 29.74 -0.52 -15.35
CA TYR B 970 29.54 -0.98 -13.99
C TYR B 970 28.09 -0.75 -13.56
N GLY B 971 27.73 -1.30 -12.40
CA GLY B 971 26.36 -1.17 -11.93
C GLY B 971 26.21 -1.75 -10.55
N LEU B 972 26.97 -1.20 -9.61
CA LEU B 972 26.98 -1.69 -8.24
C LEU B 972 26.08 -0.82 -7.38
N THR B 973 26.62 0.25 -6.79
CA THR B 973 25.80 1.14 -5.97
C THR B 973 25.54 2.44 -6.70
N PHE B 974 24.47 3.09 -6.26
CA PHE B 974 24.05 4.34 -6.85
C PHE B 974 23.25 5.08 -5.81
N GLY B 975 23.49 6.38 -5.68
CA GLY B 975 22.77 7.21 -4.74
C GLY B 975 22.09 8.39 -5.42
N LEU B 976 20.96 8.79 -4.85
CA LEU B 976 20.20 9.91 -5.35
C LEU B 976 19.75 10.71 -4.15
N HIS B 977 20.05 12.01 -4.16
CA HIS B 977 19.60 12.92 -3.13
C HIS B 977 18.69 13.93 -3.80
N THR B 978 17.42 13.82 -3.47
CA THR B 978 16.36 14.68 -3.99
C THR B 978 15.17 14.57 -3.08
N ARG B 979 14.38 15.63 -3.02
CA ARG B 979 13.12 15.54 -2.32
C ARG B 979 11.95 15.34 -3.25
N LEU B 980 12.21 15.24 -4.54
CA LEU B 980 11.16 15.31 -5.56
C LEU B 980 10.86 13.93 -6.11
N ASP B 981 9.62 13.51 -5.93
CA ASP B 981 9.20 12.19 -6.38
C ASP B 981 9.38 11.99 -7.87
N GLU B 982 9.12 13.01 -8.70
CA GLU B 982 9.30 12.82 -10.14
C GLU B 982 10.74 12.48 -10.46
N THR B 983 11.69 13.15 -9.81
CA THR B 983 13.10 12.87 -10.03
C THR B 983 13.46 11.47 -9.54
N ILE B 984 12.92 11.06 -8.40
CA ILE B 984 13.17 9.71 -7.92
C ILE B 984 12.68 8.67 -8.93
N ALA B 985 11.46 8.85 -9.43
CA ALA B 985 10.89 7.91 -10.38
C ALA B 985 11.72 7.87 -11.66
N HIS B 986 12.07 9.05 -12.18
CA HIS B 986 12.83 9.12 -13.41
C HIS B 986 14.16 8.42 -13.22
N VAL B 987 14.90 8.81 -12.19
CA VAL B 987 16.26 8.33 -12.06
C VAL B 987 16.28 6.84 -11.75
N THR B 988 15.42 6.39 -10.83
CA THR B 988 15.44 4.96 -10.46
C THR B 988 14.93 4.07 -11.58
N SER B 989 14.12 4.60 -12.49
CA SER B 989 13.66 3.81 -13.63
C SER B 989 14.74 3.69 -14.71
N ARG B 990 15.75 4.54 -14.71
CA ARG B 990 16.74 4.57 -15.79
C ARG B 990 18.13 4.13 -15.37
N ILE B 991 18.48 4.23 -14.09
CA ILE B 991 19.79 3.78 -13.64
C ILE B 991 19.81 2.25 -13.66
N LYS B 992 20.96 1.71 -13.99
CA LYS B 992 21.15 0.24 -14.06
C LYS B 992 22.21 -0.13 -13.02
N ALA B 993 21.78 -0.25 -11.77
CA ALA B 993 22.68 -0.59 -10.69
C ALA B 993 21.94 -1.53 -9.74
N GLY B 994 22.71 -2.36 -9.05
CA GLY B 994 22.10 -3.37 -8.21
C GLY B 994 21.66 -2.88 -6.84
N ASN B 995 22.25 -1.82 -6.34
CA ASN B 995 21.98 -1.30 -5.00
C ASN B 995 21.76 0.19 -5.13
N LEU B 996 20.52 0.61 -4.94
CA LEU B 996 20.13 2.00 -5.01
C LEU B 996 19.90 2.52 -3.60
N TYR B 997 20.21 3.80 -3.42
CA TYR B 997 20.10 4.44 -2.13
C TYR B 997 19.57 5.85 -2.34
N ILE B 998 18.51 6.16 -1.63
CA ILE B 998 17.79 7.43 -1.79
C ILE B 998 17.91 8.21 -0.49
N ASN B 999 18.54 9.38 -0.58
CA ASN B 999 18.62 10.30 0.54
C ASN B 999 19.40 9.74 1.72
N ARG B 1000 20.42 8.94 1.43
CA ARG B 1000 21.30 8.40 2.44
C ARG B 1000 22.62 8.07 1.76
N ASN B 1001 23.56 7.52 2.53
CA ASN B 1001 24.82 7.12 1.97
C ASN B 1001 24.63 5.85 1.14
N ILE B 1002 25.66 5.49 0.39
CA ILE B 1002 25.55 4.42 -0.58
C ILE B 1002 26.39 3.21 -0.18
N ILE B 1003 26.76 3.13 1.10
N ILE B 1003 26.77 3.08 1.08
CA ILE B 1003 27.69 2.12 1.60
CA ILE B 1003 27.62 1.97 1.48
C ILE B 1003 27.09 1.41 2.80
C ILE B 1003 26.82 0.87 2.20
N GLY B 1004 27.78 0.36 3.23
N GLY B 1004 25.49 0.94 2.13
CA GLY B 1004 27.34 -0.38 4.40
CA GLY B 1004 24.65 0.01 2.86
C GLY B 1004 26.07 -1.18 4.20
C GLY B 1004 24.66 -1.38 2.27
N ALA B 1005 25.91 -1.82 3.05
N ALA B 1005 25.04 -2.37 3.03
CA ALA B 1005 24.73 -2.64 2.83
CA ALA B 1005 24.98 -3.74 2.56
C ALA B 1005 24.61 -3.69 3.91
C ALA B 1005 24.53 -4.61 3.71
N VAL B 1006 23.38 -3.97 4.31
N VAL B 1006 23.55 -4.10 4.47
CA VAL B 1006 23.10 -4.85 5.44
CA VAL B 1006 23.03 -4.86 5.59
C VAL B 1006 22.53 -6.16 4.93
C VAL B 1006 22.44 -6.16 5.06
N VAL B 1007 23.04 -7.27 5.48
CA VAL B 1007 22.61 -8.58 5.02
C VAL B 1007 21.12 -8.76 5.19
N GLY B 1008 20.46 -9.24 4.14
CA GLY B 1008 19.05 -9.52 4.17
C GLY B 1008 18.16 -8.30 4.20
N VAL B 1009 18.75 -7.10 4.13
CA VAL B 1009 18.03 -5.84 4.17
C VAL B 1009 18.34 -5.01 2.93
N GLN B 1010 19.65 -4.84 2.63
CA GLN B 1010 20.10 -4.48 1.30
C GLN B 1010 20.97 -5.59 0.75
N PRO B 1011 20.38 -6.68 0.28
CA PRO B 1011 21.16 -7.70 -0.44
C PRO B 1011 22.07 -7.00 -1.45
N PHE B 1012 23.33 -7.37 -1.44
CA PHE B 1012 24.34 -6.55 -2.09
C PHE B 1012 24.90 -7.23 -3.33
N GLY B 1013 24.92 -6.49 -4.41
CA GLY B 1013 25.58 -6.93 -5.62
C GLY B 1013 24.99 -6.28 -6.82
N GLY B 1014 25.80 -6.21 -7.86
CA GLY B 1014 25.38 -5.52 -9.06
C GLY B 1014 25.50 -6.32 -10.32
N ARG B 1015 25.44 -5.61 -11.44
CA ARG B 1015 25.38 -6.20 -12.75
C ARG B 1015 26.49 -5.60 -13.61
N GLY B 1016 26.51 -6.00 -14.88
CA GLY B 1016 27.55 -5.52 -15.74
C GLY B 1016 28.92 -5.93 -15.22
N LEU B 1017 29.87 -5.00 -15.26
CA LEU B 1017 31.22 -5.20 -14.78
C LEU B 1017 31.28 -5.35 -13.27
N SER B 1018 30.16 -5.18 -12.57
CA SER B 1018 30.16 -5.26 -11.13
C SER B 1018 29.88 -6.66 -10.61
N GLY B 1019 29.38 -7.56 -11.44
CA GLY B 1019 29.13 -8.87 -10.86
C GLY B 1019 28.35 -9.79 -11.75
N THR B 1020 28.39 -11.08 -11.40
CA THR B 1020 27.50 -12.04 -12.02
C THR B 1020 26.19 -12.20 -11.25
N GLY B 1021 26.18 -11.83 -9.99
CA GLY B 1021 25.12 -12.25 -9.11
C GLY B 1021 25.25 -13.75 -8.86
N PRO B 1022 24.36 -14.29 -8.04
CA PRO B 1022 23.29 -13.60 -7.32
C PRO B 1022 23.88 -12.74 -6.19
N LYS B 1023 23.04 -11.90 -5.62
CA LYS B 1023 23.50 -11.01 -4.56
C LYS B 1023 23.86 -11.77 -3.29
N ALA B 1024 25.00 -11.40 -2.73
CA ALA B 1024 25.35 -11.82 -1.37
C ALA B 1024 24.37 -11.22 -0.37
N GLY B 1025 24.04 -11.98 0.66
CA GLY B 1025 23.13 -11.50 1.65
C GLY B 1025 21.72 -11.41 1.15
N GLY B 1026 21.40 -12.18 0.10
CA GLY B 1026 20.10 -12.19 -0.50
C GLY B 1026 19.64 -13.61 -0.75
N PRO B 1027 18.37 -13.74 -1.16
CA PRO B 1027 17.72 -15.05 -1.09
C PRO B 1027 18.04 -15.97 -2.24
N LEU B 1028 18.72 -15.49 -3.28
CA LEU B 1028 19.07 -16.37 -4.38
C LEU B 1028 20.45 -16.95 -4.25
N TYR B 1029 21.22 -16.53 -3.24
CA TYR B 1029 22.63 -16.85 -3.19
C TYR B 1029 22.87 -18.33 -3.00
N LEU B 1030 22.21 -18.94 -2.02
CA LEU B 1030 22.51 -20.35 -1.71
C LEU B 1030 22.17 -21.23 -2.89
N GLY B 1031 21.16 -20.86 -3.68
CA GLY B 1031 20.72 -21.70 -4.78
C GLY B 1031 21.77 -21.87 -5.85
N ARG B 1032 22.75 -20.98 -5.90
CA ARG B 1032 23.81 -21.10 -6.88
C ARG B 1032 24.86 -22.11 -6.46
N LEU B 1033 24.82 -22.54 -5.21
CA LEU B 1033 25.86 -23.38 -4.63
C LEU B 1033 25.40 -24.81 -4.47
N VAL B 1034 24.27 -25.15 -5.10
CA VAL B 1034 23.73 -26.49 -5.15
C VAL B 1034 23.41 -26.82 -6.60
N THR B 1035 23.31 -28.13 -6.90
CA THR B 1035 23.10 -28.55 -8.27
C THR B 1035 21.66 -28.35 -8.73
N THR B 1036 20.72 -28.38 -7.80
CA THR B 1036 19.33 -28.05 -8.08
C THR B 1036 18.90 -26.98 -7.09
N ALA B 1037 18.56 -25.81 -7.59
CA ALA B 1037 18.24 -24.68 -6.71
C ALA B 1037 16.87 -24.87 -6.06
N PRO B 1038 16.74 -24.49 -4.79
CA PRO B 1038 15.43 -24.48 -4.15
C PRO B 1038 14.68 -23.22 -4.52
N VAL B 1039 13.43 -23.18 -4.13
CA VAL B 1039 12.58 -22.00 -4.24
C VAL B 1039 12.88 -21.11 -3.03
N PRO B 1040 13.46 -19.95 -3.21
CA PRO B 1040 13.74 -19.12 -2.05
C PRO B 1040 12.47 -18.68 -1.35
N PRO B 1041 12.57 -18.27 -0.09
CA PRO B 1041 11.44 -17.64 0.57
C PRO B 1041 10.93 -16.45 -0.21
N GLN B 1042 9.61 -16.33 -0.26
CA GLN B 1042 8.90 -15.22 -0.89
C GLN B 1042 9.19 -15.07 -2.37
N HIS B 1043 9.74 -16.06 -3.03
CA HIS B 1043 10.22 -15.92 -4.40
C HIS B 1043 9.12 -16.38 -5.34
N SER B 1044 8.31 -15.44 -5.80
CA SER B 1044 7.25 -15.72 -6.76
C SER B 1044 6.78 -14.38 -7.30
N SER B 1045 5.98 -14.45 -8.36
CA SER B 1045 5.40 -13.25 -8.93
C SER B 1045 4.07 -13.60 -9.56
N VAL B 1046 3.08 -12.71 -9.40
CA VAL B 1046 1.79 -12.95 -10.04
C VAL B 1046 1.76 -12.44 -11.47
N HIS B 1047 2.82 -11.78 -11.91
CA HIS B 1047 2.83 -11.20 -13.24
C HIS B 1047 3.37 -12.20 -14.24
N THR B 1048 2.76 -12.21 -15.42
CA THR B 1048 3.22 -13.06 -16.50
C THR B 1048 3.68 -12.15 -17.64
N ASP B 1049 4.86 -12.43 -18.16
CA ASP B 1049 5.39 -11.59 -19.22
C ASP B 1049 4.49 -11.68 -20.45
N PRO B 1050 4.10 -10.55 -21.04
CA PRO B 1050 3.13 -10.62 -22.14
C PRO B 1050 3.73 -11.19 -23.40
N VAL B 1051 5.03 -11.03 -23.59
CA VAL B 1051 5.68 -11.57 -24.78
C VAL B 1051 5.79 -13.08 -24.66
N LEU B 1052 6.11 -13.58 -23.47
CA LEU B 1052 6.00 -15.00 -23.22
C LEU B 1052 4.62 -15.52 -23.62
N LEU B 1053 3.56 -14.81 -23.22
CA LEU B 1053 2.22 -15.30 -23.52
C LEU B 1053 1.99 -15.34 -25.03
N ASP B 1054 2.48 -14.33 -25.75
CA ASP B 1054 2.32 -14.32 -27.20
C ASP B 1054 3.10 -15.46 -27.83
N PHE B 1055 4.30 -15.72 -27.31
CA PHE B 1055 5.11 -16.83 -27.79
C PHE B 1055 4.38 -18.15 -27.59
N ALA B 1056 3.77 -18.35 -26.41
CA ALA B 1056 3.06 -19.59 -26.15
C ALA B 1056 1.91 -19.78 -27.13
N LYS B 1057 1.19 -18.71 -27.44
CA LYS B 1057 0.08 -18.81 -28.40
C LYS B 1057 0.60 -19.14 -29.80
N TRP B 1058 1.73 -18.55 -30.18
CA TRP B 1058 2.32 -18.87 -31.46
C TRP B 1058 2.72 -20.34 -31.52
N LEU B 1059 3.32 -20.84 -30.45
CA LEU B 1059 3.69 -22.25 -30.40
C LEU B 1059 2.46 -23.13 -30.51
N ASP B 1060 1.40 -22.78 -29.78
CA ASP B 1060 0.14 -23.50 -29.91
C ASP B 1060 -0.32 -23.55 -31.37
N GLY B 1061 -0.33 -22.41 -32.05
CA GLY B 1061 -0.75 -22.40 -33.44
C GLY B 1061 0.01 -23.40 -34.29
N LYS B 1062 1.28 -23.65 -33.96
CA LYS B 1062 2.11 -24.55 -34.74
C LYS B 1062 1.97 -26.00 -34.33
N GLY B 1063 1.15 -26.30 -33.33
CA GLY B 1063 1.09 -27.65 -32.82
C GLY B 1063 2.29 -28.06 -32.03
N ALA B 1064 3.09 -27.09 -31.56
CA ALA B 1064 4.22 -27.38 -30.68
C ALA B 1064 3.69 -27.44 -29.25
N ARG B 1065 2.91 -28.49 -29.00
CA ARG B 1065 2.11 -28.55 -27.77
C ARG B 1065 2.99 -28.66 -26.53
N ALA B 1066 4.00 -29.53 -26.56
CA ALA B 1066 4.87 -29.67 -25.42
C ALA B 1066 5.61 -28.37 -25.15
N GLU B 1067 6.09 -27.71 -26.21
CA GLU B 1067 6.81 -26.46 -26.01
C GLU B 1067 5.89 -25.36 -25.52
N ALA B 1068 4.66 -25.28 -26.07
CA ALA B 1068 3.72 -24.28 -25.56
C ALA B 1068 3.46 -24.49 -24.08
N GLU B 1069 3.32 -25.74 -23.64
CA GLU B 1069 3.11 -26.03 -22.23
C GLU B 1069 4.32 -25.62 -21.41
N ALA B 1070 5.52 -25.95 -21.89
CA ALA B 1070 6.72 -25.52 -21.17
C ALA B 1070 6.79 -24.01 -21.09
N ALA B 1071 6.34 -23.33 -22.14
CA ALA B 1071 6.36 -21.88 -22.13
C ALA B 1071 5.39 -21.32 -21.10
N ARG B 1072 4.17 -21.86 -21.05
CA ARG B 1072 3.22 -21.38 -20.05
C ARG B 1072 3.74 -21.65 -18.64
N ASN B 1073 4.37 -22.80 -18.42
CA ASN B 1073 4.91 -23.11 -17.11
C ASN B 1073 6.04 -22.16 -16.75
N ALA B 1074 6.88 -21.81 -17.71
CA ALA B 1074 7.93 -20.84 -17.43
C ALA B 1074 7.30 -19.49 -17.09
N GLY B 1075 6.24 -19.13 -17.82
CA GLY B 1075 5.56 -17.87 -17.57
C GLY B 1075 5.08 -17.80 -16.13
N SER B 1076 4.53 -18.90 -15.63
CA SER B 1076 4.05 -18.94 -14.26
C SER B 1076 5.21 -19.01 -13.25
N SER B 1077 6.24 -19.82 -13.52
CA SER B 1077 7.26 -20.03 -12.50
C SER B 1077 8.22 -18.85 -12.38
N SER B 1078 8.27 -18.01 -13.40
CA SER B 1078 9.13 -16.84 -13.37
C SER B 1078 8.76 -15.98 -12.18
N ALA B 1079 9.79 -15.44 -11.51
CA ALA B 1079 9.55 -14.49 -10.45
C ALA B 1079 9.76 -13.07 -10.91
N LEU B 1080 9.89 -12.85 -12.22
CA LEU B 1080 9.94 -11.49 -12.74
C LEU B 1080 8.78 -10.67 -12.20
N GLY B 1081 9.08 -9.50 -11.66
CA GLY B 1081 8.04 -8.65 -11.14
C GLY B 1081 7.91 -8.73 -9.63
N LEU B 1082 8.62 -9.65 -8.99
CA LEU B 1082 8.64 -9.69 -7.54
C LEU B 1082 8.99 -8.31 -7.02
N ASP B 1083 8.26 -7.87 -5.99
CA ASP B 1083 8.46 -6.55 -5.43
C ASP B 1083 8.15 -6.62 -3.95
N LEU B 1084 9.18 -6.69 -3.13
CA LEU B 1084 9.04 -6.96 -1.71
C LEU B 1084 9.65 -5.83 -0.89
N GLU B 1085 9.07 -5.59 0.28
CA GLU B 1085 9.72 -4.76 1.28
C GLU B 1085 10.35 -5.67 2.31
N LEU B 1086 11.61 -5.51 2.54
CA LEU B 1086 12.33 -6.35 3.50
C LEU B 1086 12.30 -5.73 4.89
N PRO B 1087 12.22 -6.56 5.94
CA PRO B 1087 12.24 -6.00 7.30
C PRO B 1087 13.57 -5.35 7.60
N GLY B 1088 13.51 -4.21 8.30
CA GLY B 1088 14.69 -3.45 8.62
C GLY B 1088 14.40 -2.41 9.68
N PRO B 1089 15.27 -1.43 9.82
CA PRO B 1089 15.09 -0.41 10.84
C PRO B 1089 13.95 0.53 10.47
N VAL B 1090 13.38 1.15 11.50
CA VAL B 1090 12.47 2.23 11.26
C VAL B 1090 13.17 3.38 10.54
N GLY B 1091 12.35 4.20 9.89
CA GLY B 1091 12.87 5.34 9.17
C GLY B 1091 13.56 5.01 7.89
N GLU B 1092 13.39 3.79 7.41
CA GLU B 1092 13.98 3.34 6.17
C GLU B 1092 12.98 2.39 5.54
N ARG B 1093 12.95 2.40 4.22
CA ARG B 1093 12.18 1.43 3.44
C ARG B 1093 13.19 0.71 2.55
N ASN B 1094 13.26 -0.61 2.70
CA ASN B 1094 14.24 -1.42 1.99
C ASN B 1094 13.48 -2.36 1.08
N LEU B 1095 13.68 -2.17 -0.22
CA LEU B 1095 12.90 -2.83 -1.24
C LEU B 1095 13.80 -3.77 -2.04
N TYR B 1096 13.19 -4.85 -2.50
CA TYR B 1096 13.88 -5.87 -3.26
C TYR B 1096 12.96 -6.26 -4.40
N THR B 1097 13.48 -6.20 -5.60
CA THR B 1097 12.68 -6.38 -6.80
C THR B 1097 13.45 -7.22 -7.80
N LEU B 1098 12.70 -7.95 -8.61
CA LEU B 1098 13.30 -8.78 -9.66
C LEU B 1098 12.88 -8.26 -11.02
N HIS B 1099 13.88 -7.94 -11.83
CA HIS B 1099 13.69 -7.40 -13.15
C HIS B 1099 14.29 -8.33 -14.18
N ALA B 1100 14.01 -8.02 -15.44
CA ALA B 1100 14.70 -8.69 -16.52
C ALA B 1100 16.19 -8.41 -16.43
N ARG B 1101 16.99 -9.38 -16.89
CA ARG B 1101 18.44 -9.18 -16.94
C ARG B 1101 18.88 -8.31 -18.10
N GLY B 1102 18.23 -8.43 -19.24
CA GLY B 1102 18.67 -7.74 -20.45
C GLY B 1102 18.52 -8.61 -21.68
N ARG B 1103 19.58 -8.72 -22.47
CA ARG B 1103 19.54 -9.55 -23.66
C ARG B 1103 20.32 -10.82 -23.35
N ILE B 1104 19.68 -11.96 -23.52
CA ILE B 1104 20.30 -13.25 -23.21
C ILE B 1104 20.82 -13.85 -24.50
N LEU B 1105 22.07 -14.32 -24.47
CA LEU B 1105 22.62 -15.04 -25.60
C LEU B 1105 22.09 -16.47 -25.58
N LEU B 1106 21.46 -16.88 -26.66
CA LEU B 1106 20.89 -18.20 -26.82
C LEU B 1106 21.78 -18.97 -27.79
N VAL B 1107 22.27 -20.12 -27.36
CA VAL B 1107 23.11 -20.96 -28.21
C VAL B 1107 22.37 -22.29 -28.31
N PRO B 1108 21.37 -22.39 -29.19
CA PRO B 1108 20.62 -23.65 -29.33
C PRO B 1108 21.34 -24.61 -30.25
N ALA B 1109 20.97 -25.87 -30.12
CA ALA B 1109 21.31 -26.91 -31.07
C ALA B 1109 20.13 -27.37 -31.90
N THR B 1110 18.95 -27.43 -31.30
CA THR B 1110 17.78 -28.01 -31.92
C THR B 1110 16.63 -27.00 -31.82
N GLU B 1111 15.65 -27.19 -32.69
CA GLU B 1111 14.48 -26.30 -32.69
C GLU B 1111 13.79 -26.33 -31.35
N SER B 1112 13.55 -27.53 -30.80
CA SER B 1112 12.89 -27.63 -29.52
C SER B 1112 13.71 -26.98 -28.42
N GLY B 1113 15.02 -27.21 -28.44
CA GLY B 1113 15.90 -26.51 -27.52
C GLY B 1113 15.72 -25.02 -27.62
N LEU B 1114 15.69 -24.50 -28.85
CA LEU B 1114 15.52 -23.06 -29.05
C LEU B 1114 14.22 -22.57 -28.44
N TYR B 1115 13.13 -23.29 -28.69
CA TYR B 1115 11.83 -22.87 -28.14
C TYR B 1115 11.88 -22.85 -26.62
N HIS B 1116 12.50 -23.86 -26.00
CA HIS B 1116 12.63 -23.88 -24.54
C HIS B 1116 13.50 -22.73 -24.06
N GLN B 1117 14.60 -22.44 -24.76
CA GLN B 1117 15.45 -21.33 -24.34
C GLN B 1117 14.70 -20.02 -24.45
N LEU B 1118 13.99 -19.82 -25.56
CA LEU B 1118 13.22 -18.61 -25.77
CA LEU B 1118 13.26 -18.58 -25.75
C LEU B 1118 12.19 -18.46 -24.67
N ALA B 1119 11.50 -19.54 -24.37
CA ALA B 1119 10.49 -19.52 -23.31
C ALA B 1119 11.08 -19.04 -22.00
N ALA B 1120 12.23 -19.63 -21.61
CA ALA B 1120 12.84 -19.26 -20.34
C ALA B 1120 13.22 -17.78 -20.36
N ALA B 1121 13.84 -17.33 -21.46
CA ALA B 1121 14.27 -15.95 -21.51
C ALA B 1121 13.10 -14.98 -21.57
N LEU B 1122 12.06 -15.31 -22.34
CA LEU B 1122 10.94 -14.38 -22.47
C LEU B 1122 10.15 -14.33 -21.16
N ALA B 1123 10.02 -15.47 -20.50
CA ALA B 1123 9.25 -15.53 -19.26
C ALA B 1123 9.84 -14.62 -18.19
N THR B 1124 11.14 -14.36 -18.26
CA THR B 1124 11.86 -13.52 -17.31
C THR B 1124 12.11 -12.12 -17.87
N GLY B 1125 11.39 -11.74 -18.93
CA GLY B 1125 11.36 -10.37 -19.39
C GLY B 1125 12.50 -9.97 -20.31
N ASN B 1126 13.32 -10.93 -20.74
CA ASN B 1126 14.53 -10.61 -21.46
C ASN B 1126 14.28 -10.61 -22.95
N SER B 1127 15.15 -9.93 -23.66
CA SER B 1127 15.30 -10.12 -25.09
C SER B 1127 16.38 -11.16 -25.31
N VAL B 1128 16.56 -11.55 -26.56
CA VAL B 1128 17.51 -12.62 -26.86
C VAL B 1128 18.33 -12.24 -28.08
N ALA B 1129 19.52 -12.80 -28.15
CA ALA B 1129 20.31 -12.85 -29.36
C ALA B 1129 20.59 -14.31 -29.59
N ILE B 1130 20.11 -14.84 -30.70
CA ILE B 1130 20.23 -16.26 -31.01
C ILE B 1130 21.42 -16.47 -31.93
N ASP B 1131 22.24 -17.45 -31.58
CA ASP B 1131 23.42 -17.78 -32.37
C ASP B 1131 23.00 -18.17 -33.77
N ALA B 1132 23.43 -17.36 -34.76
CA ALA B 1132 23.06 -17.64 -36.15
C ALA B 1132 23.65 -18.93 -36.62
N ALA B 1133 24.78 -19.36 -36.05
CA ALA B 1133 25.42 -20.59 -36.50
C ALA B 1133 24.59 -21.82 -36.20
N SER B 1134 23.58 -21.70 -35.34
CA SER B 1134 22.71 -22.82 -35.09
C SER B 1134 21.91 -23.23 -36.33
N GLY B 1135 21.75 -22.33 -37.28
CA GLY B 1135 21.01 -22.64 -38.49
C GLY B 1135 19.52 -22.83 -38.31
N LEU B 1136 18.96 -22.36 -37.20
CA LEU B 1136 17.57 -22.58 -36.85
C LEU B 1136 16.65 -21.42 -37.25
N GLN B 1137 17.10 -20.55 -38.16
CA GLN B 1137 16.33 -19.35 -38.48
C GLN B 1137 14.93 -19.70 -38.98
N ALA B 1138 14.80 -20.81 -39.71
CA ALA B 1138 13.49 -21.17 -40.24
C ALA B 1138 12.51 -21.53 -39.14
N SER B 1139 13.02 -21.85 -37.95
CA SER B 1139 12.17 -22.29 -36.85
C SER B 1139 11.34 -21.14 -36.28
N LEU B 1140 11.70 -19.90 -36.57
CA LEU B 1140 10.96 -18.72 -36.11
C LEU B 1140 10.26 -18.01 -37.27
N LYS B 1141 9.84 -18.76 -38.28
CA LYS B 1141 9.02 -18.20 -39.35
C LYS B 1141 7.63 -17.87 -38.80
N ASN B 1142 7.14 -16.68 -39.09
CA ASN B 1142 5.78 -16.26 -38.77
C ASN B 1142 5.62 -15.82 -37.32
N LEU B 1143 6.71 -15.50 -36.67
CA LEU B 1143 6.65 -15.10 -35.27
C LEU B 1143 5.87 -13.79 -35.16
N PRO B 1144 4.99 -13.66 -34.16
CA PRO B 1144 4.32 -12.37 -33.97
C PRO B 1144 5.33 -11.26 -33.74
N GLN B 1145 4.99 -10.07 -34.22
CA GLN B 1145 5.87 -8.91 -34.04
C GLN B 1145 6.19 -8.67 -32.58
N THR B 1146 5.23 -8.91 -31.68
CA THR B 1146 5.52 -8.70 -30.27
C THR B 1146 6.69 -9.55 -29.82
N VAL B 1147 6.77 -10.79 -30.32
CA VAL B 1147 7.90 -11.63 -29.94
C VAL B 1147 9.13 -11.25 -30.75
N GLY B 1148 8.93 -11.00 -32.05
CA GLY B 1148 10.05 -10.68 -32.91
C GLY B 1148 10.85 -9.48 -32.44
N LEU B 1149 10.18 -8.49 -31.86
CA LEU B 1149 10.90 -7.31 -31.40
C LEU B 1149 11.89 -7.63 -30.29
N ARG B 1150 11.74 -8.78 -29.62
CA ARG B 1150 12.68 -9.19 -28.59
C ARG B 1150 13.76 -10.12 -29.11
N VAL B 1151 13.70 -10.48 -30.38
CA VAL B 1151 14.55 -11.51 -30.95
C VAL B 1151 15.51 -10.87 -31.94
N SER B 1152 16.79 -11.13 -31.75
CA SER B 1152 17.78 -10.85 -32.80
C SER B 1152 18.59 -12.12 -33.03
N TRP B 1153 19.21 -12.18 -34.19
CA TRP B 1153 20.12 -13.26 -34.53
C TRP B 1153 21.52 -12.68 -34.61
N SER B 1154 22.49 -13.38 -34.04
CA SER B 1154 23.83 -12.87 -33.95
C SER B 1154 24.79 -13.80 -34.67
N LYS B 1155 25.56 -13.23 -35.62
CA LYS B 1155 26.67 -13.88 -36.29
C LYS B 1155 28.01 -13.44 -35.69
N ASP B 1156 27.99 -12.69 -34.61
CA ASP B 1156 29.20 -12.11 -34.04
C ASP B 1156 28.86 -11.76 -32.59
N TRP B 1157 29.05 -12.74 -31.70
CA TRP B 1157 28.60 -12.57 -30.33
C TRP B 1157 29.31 -11.40 -29.65
N ALA B 1158 30.61 -11.25 -29.90
CA ALA B 1158 31.34 -10.20 -29.19
C ALA B 1158 30.90 -8.81 -29.66
N ALA B 1159 30.53 -8.68 -30.93
CA ALA B 1159 30.09 -7.39 -31.45
C ALA B 1159 28.68 -7.05 -31.01
N ASP B 1160 27.86 -8.06 -30.76
CA ASP B 1160 26.44 -7.88 -30.53
C ASP B 1160 26.07 -7.78 -29.06
N GLY B 1161 27.01 -8.01 -28.16
CA GLY B 1161 26.82 -7.83 -26.75
C GLY B 1161 26.92 -6.37 -26.34
N PRO B 1162 27.01 -6.12 -25.03
CA PRO B 1162 27.11 -7.11 -23.97
C PRO B 1162 25.77 -7.76 -23.73
N PHE B 1163 25.82 -9.03 -23.39
CA PHE B 1163 24.66 -9.79 -22.99
C PHE B 1163 24.58 -9.77 -21.49
N ALA B 1164 23.50 -10.35 -20.95
CA ALA B 1164 23.32 -10.40 -19.51
C ALA B 1164 23.23 -11.83 -19.01
N GLY B 1165 23.42 -12.81 -19.87
CA GLY B 1165 23.37 -14.22 -19.52
C GLY B 1165 23.40 -15.04 -20.79
N ALA B 1166 23.46 -16.34 -20.62
CA ALA B 1166 23.49 -17.20 -21.79
C ALA B 1166 22.85 -18.52 -21.46
N LEU B 1167 22.13 -19.07 -22.43
CA LEU B 1167 21.60 -20.42 -22.36
C LEU B 1167 22.20 -21.20 -23.52
N VAL B 1168 22.72 -22.40 -23.21
CA VAL B 1168 23.45 -23.21 -24.17
C VAL B 1168 22.84 -24.60 -24.18
N GLU B 1169 22.67 -25.13 -25.38
CA GLU B 1169 22.22 -26.49 -25.60
C GLU B 1169 23.32 -27.23 -26.33
N GLY B 1170 23.65 -28.43 -25.86
CA GLY B 1170 24.58 -29.25 -26.59
C GLY B 1170 25.13 -30.37 -25.72
N ASP B 1171 25.93 -31.22 -26.36
CA ASP B 1171 26.64 -32.23 -25.59
C ASP B 1171 27.82 -31.58 -24.86
N ALA B 1172 28.53 -32.41 -24.09
CA ALA B 1172 29.59 -31.91 -23.23
C ALA B 1172 30.62 -31.10 -24.01
N GLU B 1173 31.09 -31.62 -25.15
CA GLU B 1173 32.16 -30.90 -25.83
C GLU B 1173 31.63 -29.61 -26.45
N ARG B 1174 30.38 -29.61 -26.91
CA ARG B 1174 29.77 -28.37 -27.37
C ARG B 1174 29.69 -27.36 -26.24
N ILE B 1175 29.27 -27.79 -25.07
CA ILE B 1175 29.14 -26.88 -23.95
C ILE B 1175 30.48 -26.26 -23.61
N ARG B 1176 31.52 -27.11 -23.54
CA ARG B 1176 32.84 -26.60 -23.24
C ARG B 1176 33.29 -25.55 -24.26
N ALA B 1177 33.10 -25.86 -25.55
CA ALA B 1177 33.53 -24.94 -26.59
C ALA B 1177 32.79 -23.63 -26.49
N VAL B 1178 31.48 -23.71 -26.21
CA VAL B 1178 30.69 -22.49 -26.13
C VAL B 1178 31.08 -21.72 -24.88
N ASN B 1179 31.27 -22.43 -23.76
CA ASN B 1179 31.63 -21.76 -22.52
C ASN B 1179 32.97 -21.05 -22.67
N LYS B 1180 33.94 -21.68 -23.34
CA LYS B 1180 35.19 -21.01 -23.60
C LYS B 1180 34.98 -19.76 -24.45
N ALA B 1181 34.13 -19.85 -25.47
CA ALA B 1181 33.89 -18.68 -26.31
C ALA B 1181 33.22 -17.56 -25.52
N ILE B 1182 32.28 -17.92 -24.65
CA ILE B 1182 31.62 -16.90 -23.84
C ILE B 1182 32.61 -16.25 -22.89
N ALA B 1183 33.50 -17.04 -22.29
CA ALA B 1183 34.49 -16.46 -21.39
C ALA B 1183 35.40 -15.48 -22.10
N ALA B 1184 35.57 -15.63 -23.41
CA ALA B 1184 36.40 -14.71 -24.17
C ALA B 1184 35.66 -13.45 -24.60
N LEU B 1185 34.38 -13.34 -24.32
CA LEU B 1185 33.66 -12.15 -24.77
C LEU B 1185 34.07 -10.95 -23.93
N PRO B 1186 34.16 -9.78 -24.53
CA PRO B 1186 34.50 -8.59 -23.75
C PRO B 1186 33.35 -8.20 -22.83
N GLY B 1187 33.70 -7.41 -21.82
CA GLY B 1187 32.72 -6.79 -20.98
C GLY B 1187 32.34 -7.66 -19.81
N PRO B 1188 31.05 -7.76 -19.52
CA PRO B 1188 30.64 -8.48 -18.30
C PRO B 1188 30.86 -9.97 -18.39
N LEU B 1189 31.05 -10.57 -17.21
CA LEU B 1189 31.09 -12.02 -17.09
C LEU B 1189 29.66 -12.54 -17.16
N LEU B 1190 29.40 -13.44 -18.10
CA LEU B 1190 28.05 -13.94 -18.25
C LEU B 1190 27.82 -15.16 -17.36
N LEU B 1191 26.65 -15.20 -16.76
CA LEU B 1191 26.16 -16.38 -16.08
C LEU B 1191 25.60 -17.31 -17.14
N VAL B 1192 26.28 -18.42 -17.36
CA VAL B 1192 25.96 -19.37 -18.41
C VAL B 1192 25.20 -20.54 -17.80
N GLN B 1193 24.10 -20.95 -18.45
CA GLN B 1193 23.41 -22.18 -18.12
C GLN B 1193 23.42 -23.09 -19.33
N ALA B 1194 23.71 -24.36 -19.11
CA ALA B 1194 23.82 -25.31 -20.20
C ALA B 1194 23.02 -26.56 -19.90
N ALA B 1195 22.60 -27.22 -20.97
CA ALA B 1195 21.80 -28.43 -20.87
C ALA B 1195 22.00 -29.20 -22.17
N SER B 1196 21.90 -30.52 -22.09
CA SER B 1196 21.83 -31.32 -23.30
C SER B 1196 20.42 -31.28 -23.85
N SER B 1197 20.28 -31.65 -25.12
CA SER B 1197 18.95 -31.77 -25.71
C SER B 1197 18.10 -32.75 -24.94
N GLY B 1198 18.70 -33.86 -24.49
CA GLY B 1198 17.94 -34.83 -23.72
C GLY B 1198 17.50 -34.27 -22.39
N GLU B 1199 18.36 -33.51 -21.74
CA GLU B 1199 17.98 -32.88 -20.48
C GLU B 1199 16.83 -31.91 -20.69
N ILE B 1200 16.91 -31.08 -21.72
CA ILE B 1200 15.80 -30.17 -22.01
C ILE B 1200 14.49 -30.93 -22.15
N ALA B 1201 14.55 -32.12 -22.73
CA ALA B 1201 13.33 -32.88 -22.97
C ALA B 1201 12.81 -33.51 -21.67
N ARG B 1202 13.71 -33.94 -20.80
CA ARG B 1202 13.33 -34.72 -19.63
C ARG B 1202 13.05 -33.85 -18.42
N ASN B 1203 13.76 -32.73 -18.29
CA ASN B 1203 13.74 -31.91 -17.09
C ASN B 1203 13.14 -30.55 -17.40
N PRO B 1204 11.92 -30.25 -16.94
CA PRO B 1204 11.37 -28.89 -17.18
C PRO B 1204 12.20 -27.79 -16.54
N ASP B 1205 13.06 -28.13 -15.58
CA ASP B 1205 13.90 -27.15 -14.91
C ASP B 1205 15.33 -27.13 -15.46
N ALA B 1206 15.53 -27.68 -16.67
CA ALA B 1206 16.86 -27.72 -17.28
C ALA B 1206 17.54 -26.37 -17.20
N TYR B 1207 16.82 -25.30 -17.53
CA TYR B 1207 17.30 -23.94 -17.37
C TYR B 1207 16.55 -23.30 -16.20
N CYS B 1208 17.28 -22.76 -15.25
CA CYS B 1208 16.70 -22.23 -14.03
C CYS B 1208 16.39 -20.74 -14.19
N LEU B 1209 15.14 -20.39 -13.99
CA LEU B 1209 14.71 -18.99 -14.14
C LEU B 1209 15.28 -18.08 -13.06
N ASN B 1210 15.82 -18.63 -11.98
CA ASN B 1210 16.42 -17.81 -10.94
C ASN B 1210 17.54 -16.95 -11.51
N TRP B 1211 18.26 -17.46 -12.48
CA TRP B 1211 19.45 -16.79 -12.97
C TRP B 1211 19.15 -15.94 -14.19
N LEU B 1212 17.89 -15.83 -14.58
CA LEU B 1212 17.52 -15.04 -15.75
C LEU B 1212 16.83 -13.74 -15.36
N VAL B 1213 16.80 -13.41 -14.07
CA VAL B 1213 16.29 -12.14 -13.60
C VAL B 1213 17.43 -11.44 -12.89
N GLU B 1214 17.31 -10.13 -12.80
CA GLU B 1214 18.24 -9.28 -12.11
C GLU B 1214 17.62 -8.77 -10.83
N GLU B 1215 18.35 -8.92 -9.73
CA GLU B 1215 17.91 -8.42 -8.45
C GLU B 1215 18.31 -6.96 -8.31
N VAL B 1216 17.38 -6.17 -7.77
CA VAL B 1216 17.68 -4.77 -7.44
C VAL B 1216 17.23 -4.51 -6.02
N SER B 1217 18.12 -3.93 -5.23
CA SER B 1217 17.81 -3.49 -3.88
C SER B 1217 17.77 -1.98 -3.89
N ALA B 1218 16.77 -1.42 -3.20
CA ALA B 1218 16.64 0.02 -3.07
C ALA B 1218 16.41 0.31 -1.60
N SER B 1219 17.19 1.25 -1.06
CA SER B 1219 17.05 1.64 0.33
C SER B 1219 16.73 3.12 0.38
N ILE B 1220 15.56 3.45 0.91
CA ILE B 1220 15.07 4.83 0.96
C ILE B 1220 15.05 5.26 2.41
N ASN B 1221 15.74 6.36 2.71
CA ASN B 1221 15.72 6.98 4.03
C ASN B 1221 14.44 7.80 4.14
N THR B 1222 13.46 7.28 4.86
CA THR B 1222 12.17 7.93 5.00
C THR B 1222 12.14 8.89 6.17
N ALA B 1223 13.25 9.06 6.86
CA ALA B 1223 13.39 10.14 7.82
C ALA B 1223 14.09 11.37 7.22
N ALA B 1224 14.31 11.38 5.91
CA ALA B 1224 15.18 12.38 5.31
C ALA B 1224 14.60 13.80 5.42
N ALA B 1225 13.27 13.95 5.49
CA ALA B 1225 12.72 15.29 5.60
C ALA B 1225 12.91 15.90 6.99
N GLY B 1226 13.33 15.12 7.97
CA GLY B 1226 13.65 15.68 9.28
C GLY B 1226 13.04 14.91 10.44
N GLY B 1227 12.34 13.83 10.12
CA GLY B 1227 11.72 13.01 11.15
C GLY B 1227 10.98 11.89 10.49
N ASN B 1228 10.35 11.07 11.31
CA ASN B 1228 9.72 9.83 10.85
C ASN B 1228 8.21 9.92 11.03
N ALA B 1229 7.50 9.76 9.92
CA ALA B 1229 6.03 9.84 9.89
C ALA B 1229 5.37 8.70 10.66
N SER B 1230 5.51 7.47 10.16
CA SER B 1230 4.87 6.31 10.77
C SER B 1230 4.96 6.33 12.29
N LEU B 1231 6.18 6.37 12.82
CA LEU B 1231 6.37 6.42 14.26
C LEU B 1231 5.70 7.67 14.83
N MET B 1232 5.40 7.63 16.13
CA MET B 1232 4.66 8.67 16.81
C MET B 1232 3.17 8.59 16.45
PA NAD C . -29.77 5.55 -30.63
O1A NAD C . -28.39 5.52 -31.30
O2A NAD C . -30.81 4.79 -31.26
O5B NAD C . -30.36 6.91 -30.33
C5B NAD C . -29.67 7.77 -29.46
C4B NAD C . -30.03 9.23 -29.66
O4B NAD C . -29.51 9.69 -30.92
C3B NAD C . -31.51 9.57 -29.67
O3B NAD C . -31.70 10.78 -29.01
C2B NAD C . -31.85 9.60 -31.11
O2B NAD C . -32.97 10.34 -31.36
C1B NAD C . -30.63 10.23 -31.64
N9A NAD C . -30.39 10.07 -33.05
C8A NAD C . -30.77 9.03 -33.84
N7A NAD C . -30.35 9.21 -35.08
C5A NAD C . -29.66 10.40 -35.16
C6A NAD C . -29.01 11.10 -36.15
N6A NAD C . -28.97 10.59 -37.47
N1A NAD C . -28.42 12.26 -35.86
C2A NAD C . -28.44 12.80 -34.62
N3A NAD C . -29.07 12.15 -33.61
C4A NAD C . -29.67 10.98 -33.85
O3 NAD C . -29.66 4.93 -29.23
PN NAD C . -30.72 4.44 -28.15
O1N NAD C . -31.46 3.26 -28.73
O2N NAD C . -31.55 5.57 -27.66
O5D NAD C . -29.80 3.89 -26.94
C5D NAD C . -29.27 2.60 -26.97
C4D NAD C . -27.79 2.60 -27.40
O4D NAD C . -27.10 3.57 -26.65
C3D NAD C . -27.12 1.29 -27.18
O3D NAD C . -26.31 0.99 -28.27
C2D NAD C . -26.30 1.51 -25.97
O2D NAD C . -25.23 0.62 -25.89
C1D NAD C . -25.96 2.95 -26.15
N1N NAD C . -25.65 3.52 -24.88
C2N NAD C . -24.32 3.76 -24.50
C3N NAD C . -24.08 4.26 -23.23
C7N NAD C . -22.70 4.53 -22.81
O7N NAD C . -22.49 5.21 -21.82
N7N NAD C . -21.66 3.99 -23.58
C4N NAD C . -25.13 4.50 -22.30
C5N NAD C . -26.44 4.26 -22.71
C6N NAD C . -26.71 3.74 -23.98
H51A NAD C . -28.71 7.66 -29.61
H52A NAD C . -29.89 7.52 -28.54
H4B NAD C . -29.67 9.69 -28.88
H3B NAD C . -32.04 8.89 -29.22
HO3A NAD C . -32.12 10.63 -28.26
H2B NAD C . -32.03 8.72 -31.47
HO2A NAD C . -33.52 9.89 -31.90
H1B NAD C . -30.79 11.19 -31.52
H8A NAD C . -31.28 8.26 -33.53
H61A NAD C . -28.58 11.07 -38.14
H62A NAD C . -29.34 9.76 -37.65
H2A NAD C . -28.00 13.65 -34.45
H51N NAD C . -29.32 2.21 -26.08
H52N NAD C . -29.78 2.06 -27.60
H4D NAD C . -27.73 2.78 -28.35
H3D NAD C . -27.77 0.58 -27.02
HO3N NAD C . -26.62 0.29 -28.69
H2D NAD C . -26.80 1.39 -25.15
HO2N NAD C . -25.30 0.14 -25.15
H1D NAD C . -25.22 3.04 -26.78
H2N NAD C . -23.58 3.60 -25.11
H71N NAD C . -20.79 4.14 -23.34
H72N NAD C . -21.84 3.49 -24.31
H4N NAD C . -24.94 4.82 -21.40
H5N NAD C . -27.18 4.45 -22.11
H6N NAD C . -27.62 3.55 -24.23
PA FDA D . -19.18 -11.95 20.57
O1A FDA D . -19.56 -11.55 22.02
O2A FDA D . -17.79 -11.88 20.13
O5B FDA D . -19.89 -11.16 19.54
C5B FDA D . -19.55 -11.13 18.16
C4B FDA D . -20.70 -10.47 17.41
O4B FDA D . -20.81 -9.09 17.69
C3B FDA D . -20.65 -10.54 15.92
O3B FDA D . -21.00 -11.79 15.46
C2B FDA D . -21.59 -9.48 15.53
O2B FDA D . -22.91 -9.88 15.67
C1B FDA D . -21.36 -8.43 16.56
N9A FDA D . -20.48 -7.37 16.15
C8A FDA D . -19.14 -7.46 15.81
N7A FDA D . -18.70 -6.24 15.48
C5A FDA D . -19.76 -5.33 15.57
C6A FDA D . -19.90 -3.97 15.36
N6A FDA D . -18.78 -3.17 14.93
N1A FDA D . -21.07 -3.37 15.55
C2A FDA D . -22.16 -4.08 15.95
N3A FDA D . -22.07 -5.40 16.18
C4A FDA D . -20.90 -6.04 16.01
N1 FDA D . -26.28 -15.72 13.54
C2 FDA D . -27.32 -15.29 12.66
O2 FDA D . -27.31 -14.10 12.15
N3 FDA D . -28.39 -16.13 12.35
C4 FDA D . -28.46 -17.41 12.90
O4 FDA D . -29.52 -18.20 12.57
C4X FDA D . -27.39 -17.85 13.79
N5 FDA D . -27.42 -19.13 14.40
C5X FDA D . -26.51 -19.33 15.51
C6 FDA D . -26.72 -20.48 16.40
C7 FDA D . -25.85 -20.66 17.49
C7M FDA D . -26.09 -21.86 18.39
C8 FDA D . -24.77 -19.76 17.77
C8M FDA D . -23.84 -19.98 18.94
C9 FDA D . -24.56 -18.66 16.91
C9A FDA D . -25.47 -18.48 15.78
N10 FDA D . -25.27 -17.36 14.92
C10 FDA D . -26.33 -17.02 14.05
C1' FDA D . -24.06 -16.53 14.93
C2' FDA D . -24.16 -15.39 15.90
O2' FDA D . -25.08 -14.49 15.39
C3' FDA D . -22.83 -14.70 16.18
O3' FDA D . -22.22 -14.25 15.02
C4' FDA D . -21.81 -15.57 16.92
O4' FDA D . -22.44 -16.48 17.77
C5' FDA D . -20.77 -14.77 17.67
O5' FDA D . -21.34 -14.02 18.70
P FDA D . -20.86 -14.29 20.20
O1P FDA D . -20.54 -15.77 20.55
O2P FDA D . -21.95 -13.57 21.08
O3P FDA D . -19.50 -13.36 20.20
H51A FDA D . -18.74 -10.63 18.03
H52A FDA D . -19.43 -12.04 17.84
H4B FDA D . -21.49 -10.93 17.69
H3B FDA D . -19.77 -10.36 15.55
HO3A FDA D . -20.59 -11.94 14.69
H2B FDA D . -21.38 -9.23 14.61
HO2A FDA D . -23.23 -10.08 14.87
H1B FDA D . -22.23 -8.04 16.77
H8A FDA D . -18.60 -8.28 15.81
H61A FDA D . -17.94 -3.55 14.87
H62A FDA D . -18.91 -2.28 14.73
H2A FDA D . -23.02 -3.61 16.08
HN1 FDA D . -25.61 -15.16 13.76
HN3 FDA D . -29.05 -15.84 11.79
HN5 FDA D . -27.97 -19.80 14.11
H6 FDA D . -27.45 -21.11 16.24
HM71 FDA D . -26.39 -21.53 19.28
HM72 FDA D . -25.25 -22.35 18.50
HM73 FDA D . -26.77 -22.43 18.00
HM81 FDA D . -23.66 -20.93 19.04
HM82 FDA D . -24.27 -19.64 19.75
HM83 FDA D . -23.01 -19.50 18.79
H9 FDA D . -23.82 -18.04 17.08
H1'1 FDA D . -23.32 -17.08 15.19
H1'2 FDA D . -23.92 -16.18 14.04
H2' FDA D . -24.45 -15.72 16.76
HO2' FDA D . -25.67 -14.28 16.01
H3' FDA D . -23.05 -13.91 16.71
H4' FDA D . -21.33 -16.09 16.24
HO4' FDA D . -21.87 -16.75 18.39
H5'1 FDA D . -20.33 -14.15 17.04
H5'2 FDA D . -20.10 -15.37 18.04
C1 PGE E . -1.42 2.58 -13.71
O1 PGE E . -0.62 1.64 -13.00
C2 PGE E . -1.27 2.29 -15.19
O2 PGE E . -0.08 2.90 -15.66
C3 PGE E . -0.08 3.08 -17.06
C4 PGE E . 1.33 3.36 -17.50
O4 PGE E . 4.58 3.04 -14.34
C6 PGE E . 4.36 2.44 -15.63
C5 PGE E . 3.36 3.30 -16.38
O3 PGE E . 2.22 2.55 -16.77
H1 PGE E . -1.10 3.61 -13.53
H12 PGE E . -2.49 2.50 -13.44
HO1 PGE E . 0.20 1.51 -13.51
H2 PGE E . -2.16 2.69 -15.72
H22 PGE E . -1.26 1.19 -15.35
H3 PGE E . -0.73 3.93 -17.35
H32 PGE E . -0.46 2.18 -17.58
H4 PGE E . 1.55 4.43 -17.33
H42 PGE E . 1.42 3.17 -18.58
HO4 PGE E . 3.73 3.31 -13.99
H6 PGE E . 3.94 1.42 -15.53
H62 PGE E . 5.29 2.38 -16.22
H5 PGE E . 3.87 3.73 -17.27
H52 PGE E . 3.07 4.15 -15.73
C1 PEG F . -45.16 -28.92 0.38
O1 PEG F . -46.14 -28.79 -0.64
C2 PEG F . -44.18 -30.02 0.07
O2 PEG F . -43.20 -29.58 -0.87
C3 PEG F . -42.26 -30.59 -1.19
C4 PEG F . -40.91 -29.97 -1.42
O4 PEG F . -40.89 -29.11 -2.55
H11 PEG F . -45.60 -29.12 1.22
H12 PEG F . -44.68 -28.08 0.45
HO1 PEG F . -46.73 -28.19 -0.49
H21 PEG F . -44.67 -30.77 -0.31
H22 PEG F . -43.74 -30.30 0.88
H31 PEG F . -42.54 -31.05 -2.00
H32 PEG F . -42.19 -31.22 -0.46
H41 PEG F . -40.26 -30.69 -1.57
H42 PEG F . -40.66 -29.47 -0.64
HO4 PEG F . -41.62 -28.69 -2.69
N A1AUG G . -23.52 3.33 -16.73
CA A1AUG G . -24.55 2.35 -16.96
C A1AUG G . -24.30 1.07 -16.16
CB A1AUG G . -24.50 1.98 -18.43
CG A1AUG G . -25.26 3.03 -19.22
CD A1AUG G . -26.44 2.25 -19.73
OE1 A1AUG G . -26.54 1.96 -20.80
O A1AUG G . -23.16 0.80 -15.72
OXT A1AUG G . -25.25 0.30 -15.94
H2 A1AUG G . -23.79 3.90 -16.09
H A1AUG G . -23.36 3.79 -17.48
HA A1AUG G . -25.39 2.73 -16.69
HB2 A1AUG G . -24.92 1.11 -18.56
HB3 A1AUG G . -23.59 1.94 -18.73
HG3 A1AUG G . -24.72 3.38 -19.94
HG2 A1AUG G . -25.53 3.76 -18.65
HD A1AUG G . -27.12 2.02 -19.14
C FMT H . -34.38 3.61 4.21
O1 FMT H . -33.71 4.62 4.16
O2 FMT H . -35.39 3.51 4.95
H FMT H . -34.03 2.70 3.72
MG MG I . -32.73 4.61 -32.20
MG MG J . -15.16 6.13 -39.45
S SO4 K . -5.78 17.59 -5.37
O1 SO4 K . -4.77 16.77 -6.02
O2 SO4 K . -6.19 17.00 -4.10
O3 SO4 K . -5.22 18.94 -5.17
O4 SO4 K . -6.86 17.64 -6.30
S SO4 L . -1.51 30.51 -37.38
O1 SO4 L . -1.15 29.46 -38.33
O2 SO4 L . -2.29 30.00 -36.26
O3 SO4 L . -0.26 31.11 -36.89
O4 SO4 L . -2.33 31.52 -38.07
S SO4 M . 19.32 13.94 -40.31
O1 SO4 M . 19.47 12.50 -40.48
O2 SO4 M . 18.19 14.21 -39.44
O3 SO4 M . 20.55 14.49 -39.73
O4 SO4 M . 19.10 14.56 -41.61
S SO4 N . -10.23 -27.01 -18.46
O1 SO4 N . -10.86 -27.83 -19.49
O2 SO4 N . -9.34 -26.05 -19.08
O3 SO4 N . -11.25 -26.36 -17.65
O4 SO4 N . -9.43 -27.89 -17.60
PA FDA O . 3.84 15.82 25.05
O1A FDA O . 3.25 15.52 26.45
O2A FDA O . 3.09 15.61 23.89
O5B FDA O . 5.02 14.93 24.74
C5B FDA O . 5.57 14.62 23.47
C4B FDA O . 6.91 13.96 23.72
O4B FDA O . 6.78 12.63 24.24
C3B FDA O . 7.83 13.81 22.55
O3B FDA O . 8.42 15.00 22.24
C2B FDA O . 8.77 12.78 23.03
O2B FDA O . 9.72 13.30 23.90
C1B FDA O . 7.90 11.86 23.80
N9A FDA O . 7.39 10.72 23.08
C8A FDA O . 6.55 10.65 21.99
N7A FDA O . 6.34 9.38 21.64
C5A FDA O . 7.05 8.55 22.50
C6A FDA O . 7.19 7.19 22.64
N6A FDA O . 6.54 6.28 21.78
N1A FDA O . 7.97 6.72 23.62
C2A FDA O . 8.61 7.52 24.46
N3A FDA O . 8.48 8.88 24.38
C4A FDA O . 7.72 9.39 23.43
N1 FDA O . 13.80 18.97 23.46
C2 FDA O . 15.16 18.54 23.50
O2 FDA O . 15.45 17.26 23.25
N3 FDA O . 16.20 19.38 23.81
C4 FDA O . 15.95 20.71 24.09
O4 FDA O . 17.00 21.49 24.39
C4X FDA O . 14.56 21.19 24.04
N5 FDA O . 14.30 22.55 24.38
C5X FDA O . 12.92 22.83 24.66
C6 FDA O . 12.59 24.09 25.34
C7 FDA O . 11.24 24.37 25.59
C7M FDA O . 10.84 25.64 26.29
C8 FDA O . 10.23 23.45 25.22
C8M FDA O . 8.77 23.74 25.48
C9 FDA O . 10.54 22.25 24.58
C9A FDA O . 11.93 21.97 24.30
N10 FDA O . 12.21 20.74 23.64
C10 FDA O . 13.55 20.33 23.72
C1' FDA O . 11.20 19.86 23.05
C2' FDA O . 10.64 18.89 24.04
O2' FDA O . 11.63 17.94 24.31
C3' FDA O . 9.42 18.17 23.55
O3' FDA O . 9.78 17.49 22.40
C4' FDA O . 8.21 19.05 23.28
O4' FDA O . 8.11 20.06 24.21
C5' FDA O . 6.94 18.20 23.31
O5' FDA O . 6.72 17.64 24.58
P FDA O . 5.43 18.16 25.39
O1P FDA O . 5.06 19.67 25.14
O2P FDA O . 5.83 17.83 26.84
O3P FDA O . 4.29 17.19 24.75
H51A FDA O . 5.68 15.43 22.95
H52A FDA O . 4.97 14.02 23.00
H4B FDA O . 7.37 14.52 24.35
H3B FDA O . 7.40 13.51 21.74
HO3A FDA O . 8.63 15.01 21.39
H2B FDA O . 9.21 12.40 22.26
HO2A FDA O . 10.49 13.38 23.47
H1B FDA O . 8.44 11.53 24.52
H8A FDA O . 6.16 11.42 21.55
H61A FDA O . 5.95 6.59 21.14
H62A FDA O . 6.72 5.37 21.84
H2A FDA O . 9.19 7.13 25.15
HN1 FDA O . 13.13 18.39 23.26
HN3 FDA O . 17.06 19.07 23.82
HN5 FDA O . 14.94 23.19 24.41
H6 FDA O . 13.29 24.73 25.59
HM71 FDA O . 11.60 25.96 26.84
HM72 FDA O . 10.07 25.46 26.87
HM73 FDA O . 10.60 26.32 25.63
HM81 FDA O . 8.59 23.59 26.44
HM82 FDA O . 8.22 23.13 24.95
HM83 FDA O . 8.57 24.66 25.25
H9 FDA O . 9.84 21.62 24.32
H1'1 FDA O . 10.48 20.40 22.71
H1'2 FDA O . 11.60 19.36 22.33
H2' FDA O . 10.38 19.39 24.83
HO2' FDA O . 11.94 18.07 25.14
H3' FDA O . 9.13 17.52 24.23
H4' FDA O . 8.30 19.46 22.41
HO4' FDA O . 7.26 20.27 24.34
H5'1 FDA O . 6.18 18.76 23.07
H5'2 FDA O . 7.03 17.48 22.66
C1 PGE P . 5.25 -5.41 -14.85
O1 PGE P . 4.32 -5.56 -13.78
C2 PGE P . 6.41 -6.33 -14.60
O2 PGE P . 7.62 -5.59 -14.55
C3 PGE P . 8.71 -6.45 -14.34
C4 PGE P . 9.64 -5.90 -13.29
O4 PGE P . 8.09 -3.69 -10.42
C6 PGE P . 9.05 -4.59 -9.92
C5 PGE P . 9.77 -5.23 -11.10
O3 PGE P . 8.88 -5.63 -12.13
H1 PGE P . 5.63 -4.38 -14.92
H12 PGE P . 4.80 -5.68 -15.82
HO1 PGE P . 4.79 -5.35 -12.96
H2 PGE P . 6.45 -7.09 -15.41
H22 PGE P . 6.25 -6.87 -13.65
H3 PGE P . 9.28 -6.59 -15.28
H32 PGE P . 8.36 -7.45 -14.01
H4 PGE P . 10.11 -4.97 -13.68
H42 PGE P . 10.43 -6.63 -13.09
HO4 PGE P . 8.04 -3.80 -11.38
H6 PGE P . 8.58 -5.39 -9.32
H62 PGE P . 9.79 -4.08 -9.29
H5 PGE P . 10.33 -6.10 -10.72
H52 PGE P . 10.51 -4.51 -11.49
N A1AUG Q . 29.19 -4.34 0.70
CA A1AUG Q . 30.05 -3.26 1.08
C A1AUG Q . 29.22 -2.00 1.33
CB A1AUG Q . 30.98 -2.90 -0.07
CG A1AUG Q . 31.84 -4.12 -0.32
CD A1AUG Q . 33.27 -3.64 -0.22
OE1 A1AUG Q . 33.98 -3.70 -1.15
O A1AUG Q . 28.00 -1.94 1.04
OXT A1AUG Q . 29.81 -1.04 1.82
H2 A1AUG Q . 29.02 -4.84 1.42
H A1AUG Q . 28.42 -4.02 0.39
HA A1AUG Q . 30.55 -3.54 1.86
HB2 A1AUG Q . 31.54 -2.15 0.17
HB3 A1AUG Q . 30.47 -2.69 -0.88
HG3 A1AUG Q . 31.66 -4.48 -1.20
HG2 A1AUG Q . 31.66 -4.80 0.35
HD A1AUG Q . 33.59 -3.30 0.59
C FMT R . 25.21 -1.04 23.85
O1 FMT R . 25.63 -0.59 24.90
O2 FMT R . 24.52 -2.04 23.79
H FMT R . 25.30 -0.43 22.94
PA NAD S . 41.73 -8.43 -6.03
PA NAD S . 42.47 -8.83 -6.83
O1A NAD S . 41.08 -8.82 -7.41
O1A NAD S . 41.24 -8.92 -7.77
O2A NAD S . 43.05 -7.82 -6.17
O2A NAD S . 43.79 -8.93 -7.38
O5B NAD S . 42.12 -9.59 -5.18
O5B NAD S . 42.52 -9.87 -5.73
C5B NAD S . 41.10 -10.43 -4.72
C5B NAD S . 41.36 -10.40 -5.13
C4B NAD S . 41.54 -11.86 -4.53
C4B NAD S . 41.58 -11.82 -4.64
O4B NAD S . 41.82 -12.55 -5.75
O4B NAD S . 41.82 -12.69 -5.75
C3B NAD S . 42.75 -12.01 -3.63
C3B NAD S . 42.72 -11.97 -3.69
O3B NAD S . 42.56 -13.04 -2.73
O3B NAD S . 42.45 -12.97 -2.75
C2B NAD S . 43.84 -12.30 -4.59
C2B NAD S . 43.84 -12.34 -4.58
O2B NAD S . 44.91 -12.98 -4.08
O2B NAD S . 44.84 -13.04 -3.96
C1B NAD S . 43.12 -13.13 -5.59
C1B NAD S . 43.14 -13.17 -5.58
N9A NAD S . 43.76 -13.26 -6.87
N9A NAD S . 43.78 -13.27 -6.87
C8A NAD S . 44.59 -12.36 -7.53
C8A NAD S . 44.60 -12.35 -7.50
N7A NAD S . 44.94 -12.86 -8.71
N7A NAD S . 44.96 -12.82 -8.70
C5A NAD S . 44.35 -14.10 -8.88
C5A NAD S . 44.38 -14.06 -8.89
C6A NAD S . 44.34 -15.05 -9.87
C6A NAD S . 44.37 -14.99 -9.90
N6A NAD S . 45.11 -14.81 -11.06
N6A NAD S . 45.13 -14.75 -11.09
N1A NAD S . 43.64 -16.18 -9.75
N1A NAD S . 43.67 -16.12 -9.80
C2A NAD S . 42.90 -16.40 -8.63
C2A NAD S . 42.95 -16.39 -8.68
N3A NAD S . 42.90 -15.50 -7.62
N3A NAD S . 42.93 -15.50 -7.66
C4A NAD S . 43.58 -14.36 -7.72
C4A NAD S . 43.61 -14.35 -7.74
O3 NAD S . 40.92 -7.54 -5.15
O3 NAD S . 42.56 -7.58 -6.04
PN NAD S . 41.20 -6.82 -3.78
PN NAD S . 43.79 -6.67 -5.61
O1N NAD S . 41.59 -7.82 -2.74
O1N NAD S . 43.88 -6.73 -4.12
O2N NAD S . 42.24 -5.76 -3.96
O2N NAD S . 45.07 -7.16 -6.16
O5D NAD S . 39.80 -6.19 -3.40
O5D NAD S . 43.40 -5.18 -5.99
C5D NAD S . 39.35 -4.95 -3.91
C5D NAD S . 43.38 -4.77 -7.32
C4D NAD S . 38.54 -5.15 -5.19
C4D NAD S . 42.16 -3.95 -7.58
O4D NAD S . 37.47 -6.05 -4.93
O4D NAD S . 41.04 -4.80 -7.50
C3D NAD S . 37.93 -3.93 -5.78
C3D NAD S . 41.88 -2.85 -6.60
O3D NAD S . 37.88 -4.02 -7.14
O3D NAD S . 42.62 -1.71 -6.80
C2D NAD S . 36.58 -3.96 -5.18
C2D NAD S . 40.44 -2.66 -6.83
O2D NAD S . 35.63 -3.19 -5.80
O2D NAD S . 40.17 -1.83 -7.90
C1D NAD S . 36.27 -5.43 -5.25
C1D NAD S . 39.94 -4.06 -7.06
N1N NAD S . 35.26 -5.79 -4.31
N1N NAD S . 39.38 -4.68 -5.87
C2N NAD S . 33.97 -6.12 -4.72
C2N NAD S . 37.98 -4.86 -5.76
C3N NAD S . 33.01 -6.41 -3.76
C3N NAD S . 37.44 -5.43 -4.61
C7N NAD S . 31.63 -6.77 -4.18
C7N NAD S . 35.97 -5.63 -4.50
O7N NAD S . 30.89 -7.27 -3.38
O7N NAD S . 35.43 -5.64 -3.41
N7N NAD S . 31.23 -6.53 -5.51
N7N NAD S . 35.21 -5.82 -5.70
C4N NAD S . 33.29 -6.38 -2.39
C4N NAD S . 38.26 -5.82 -3.55
C5N NAD S . 34.61 -6.09 -1.99
C5N NAD S . 39.66 -5.65 -3.65
C6N NAD S . 35.58 -5.78 -2.92
C6N NAD S . 40.21 -5.08 -4.80
H51A NAD S . 40.77 -10.08 -3.88
H51A NAD S . 41.12 -9.83 -4.36
H52A NAD S . 40.36 -10.42 -5.38
H52A NAD S . 40.63 -10.39 -5.77
H4B NAD S . 40.79 -12.29 -4.09
H4B NAD S . 40.77 -12.07 -4.15
H3B NAD S . 42.94 -11.19 -3.14
H3B NAD S . 42.91 -11.15 -3.20
HO3A NAD S . 42.26 -13.75 -3.17
HO3A NAD S . 43.13 -13.53 -2.72
H2B NAD S . 44.21 -11.47 -4.94
H2B NAD S . 44.25 -11.54 -4.95
HO2A NAD S . 45.16 -13.61 -4.65
HO2A NAD S . 45.06 -13.74 -4.48
H1B NAD S . 43.12 -14.03 -5.22
H1B NAD S . 43.19 -14.07 -5.19
H8A NAD S . 44.87 -11.50 -7.17
H8A NAD S . 44.88 -11.49 -7.13
H61A NAD S . 45.56 -14.02 -11.16
H61A NAD S . 45.58 -13.96 -11.20
H62A NAD S . 45.16 -15.45 -11.72
H62A NAD S . 45.17 -15.38 -11.75
H2A NAD S . 42.38 -17.23 -8.55
H2A NAD S . 42.44 -17.21 -8.61
H51N NAD S . 40.12 -4.40 -4.12
H51N NAD S . 43.37 -5.55 -7.90
H52N NAD S . 38.80 -4.51 -3.25
H52N NAD S . 44.17 -4.24 -7.51
H4D NAD S . 39.14 -5.49 -5.88
H4D NAD S . 42.27 -3.49 -8.42
H3D NAD S . 38.40 -3.12 -5.52
H3D NAD S . 42.06 -3.12 -5.68
HO3N NAD S . 37.08 -3.79 -7.42
HO3N NAD S . 43.02 -1.76 -7.59
H2D NAD S . 36.63 -3.64 -4.26
H2D NAD S . 40.03 -2.28 -6.04
HO2N NAD S . 34.94 -3.71 -6.05
HO2N NAD S . 40.92 -1.44 -8.18
H1D NAD S . 35.99 -5.68 -6.16
H1D NAD S . 39.25 -4.00 -7.75
H2N NAD S . 33.74 -6.15 -5.67
H2N NAD S . 37.40 -4.58 -6.48
H71N NAD S . 30.39 -6.73 -5.80
H71N NAD S . 35.63 -5.81 -6.49
H72N NAD S . 31.82 -6.14 -6.10
H72N NAD S . 34.31 -5.93 -5.65
H4N NAD S . 32.60 -6.56 -1.74
H4N NAD S . 37.88 -6.21 -2.74
H5N NAD S . 34.83 -6.09 -1.05
H5N NAD S . 40.23 -5.92 -2.92
H6N NAD S . 36.47 -5.56 -2.63
H6N NAD S . 41.18 -4.95 -4.87
MG MG T . 45.20 -7.55 -5.84
MG MG T . 45.76 -8.37 -7.60
S SO4 U . 7.13 -17.73 2.06
O1 SO4 U . 8.58 -17.84 2.03
O2 SO4 U . 6.54 -19.07 2.13
O3 SO4 U . 6.72 -16.95 3.19
O4 SO4 U . 6.70 -17.07 0.84
S SO4 V . 23.25 -35.54 -20.10
O1 SO4 V . 24.08 -34.77 -21.03
O2 SO4 V . 22.75 -36.72 -20.79
O3 SO4 V . 22.13 -34.72 -19.65
O4 SO4 V . 24.06 -35.93 -18.95
#